data_8URW
#
_entry.id   8URW
#
_cell.length_a   1.00
_cell.length_b   1.00
_cell.length_c   1.00
_cell.angle_alpha   90.00
_cell.angle_beta   90.00
_cell.angle_gamma   90.00
#
_symmetry.space_group_name_H-M   'P 1'
#
loop_
_entity.id
_entity.type
_entity.pdbx_description
1 polymer 'DNA-directed RNA polymerase subunit alpha'
2 polymer 'DNA-directed RNA polymerase subunit beta'
3 polymer 'DNA-directed RNA polymerase subunit gamma'
4 polymer 'DNA-directed RNA polymerase subunit omega'
5 polymer "DNA-directed RNA polymerase subunit beta'"
6 polymer 'Transcription termination/antitermination protein NusG'
7 polymer 'DNA (40-MER)'
8 polymer 'DNA (40-MER)'
9 polymer "RNA (5'-R(P*AP*AP*AP*GP*AP*GP*GP*AP*GP*AP*GP*GP*UP*A)-3')"
10 non-polymer 'MAGNESIUM ION'
11 non-polymer 'ZINC ION'
12 non-polymer "CYTIDINE-5'-TRIPHOSPHATE"
#
loop_
_entity_poly.entity_id
_entity_poly.type
_entity_poly.pdbx_seq_one_letter_code
_entity_poly.pdbx_strand_id
1 'polypeptide(L)'
;MTFQVECVESRTEADQGQYGRFSIEPLARGQGTTVGNALRRVLLSNLEGTAVTAVRIGGVNHEFATIPGVREDVLDILLN
VRELVVHAHSPQPQIGRLRVVGPATVTAADVDFGPEVEVINPNHYIASLSEGATLEMELKVEWGTGYRAIDRSHDETTAL
DFLQLDAVFMPVRRVNYSVEDARVGESTAIDRLVLEVWTNGSLSPQEALSQAASCLVALFEPLKNVSVGSTHTADPEPTP
ESQTPIEDLQLSVRAYNCLKRAQVNSVADLLSYTYEDLLEIKNFGQKSAEEVVEALERIGIKLQESKVS
;
A,B
2 'polypeptide(L)'
;MAEQTQLAPAAFHLPDLVAIQRNSFRWFLEEGLIEELESFSPITDYTGKLELHFLGKQYKLKRPKYDVDEAKRRDGTYSV
QMYVPTRLINKETGEIKEQEVFIGDLPLMTDRGTFIINGAERVIVNQIVRSPGVYYKSERDKNGRLTHNASLIPNRGAWL
KFETDKNGLVWVRIDKTRKLSAQVLLKALGLSDNEIYDKLRHPEYYQKTIDKEGQFSEDEALMELYRKLRPGEPPTVSGG
QQLLESRFFDPKRYDLGRVGRYKLNKKLGLNVADTVRTLTSEDILAAIDYLINLELDLGGCEVDDIDHLGNRRVRSVGEL
LQNQVRVGLNRLERIIRERMTVSDSDSLSPASLVNPKPLVAAIKEFFGSSQLSQFMDQTNPLAELTHKRRLSALGPGGLT
RERAGFAVRDIHPSHYGRICPIETPEGPNAGLIGSLATHARVNDYGFIETPFWRVEEGRVRKDLAPVYMTADQEDDLRVA
PGDVATDDAGYILGTTIPVRYRQDFTTTTPERVDYVALSPVQIISVATSLIPFLEHDDANRALMGSNMQRQAVPLLRPER
PLVGTGLEPQAARDSGMVITSPVDGTISYVDATHIEVTADTGEKYGYALQKYQRSNQDTCLNQRPIVFEGDRVQRGQVIA
DGSATEKGELALGQNILVAYMPWEGYNYEDAILISERLVYDDVYTSIHIEKFEIEARQTKLGPEEITREIPNVGEDALRQ
LDENGIIRVGAWVESGDILVGKVTPKGESDQPPEEKLLRAIFGEKARDVRDNSLRVPNGEKGRVVDVRLFTREQGDELPP
GANMVVRVYVAQKRKIQVGDKMAGRHGNKGIISRILPCEDMPYLPDGTPLDIVLNPLGVPSRMNVGQVFECMLGWAGQLL
DARFKVTPFDEMYGAEASRLTVNAKLSEAREQTGQPWVFSDDEPGKIQVYDGRTGEPFDRPVTVGRAYMLKLVHLVDDKI
HARSTGPYSLVTQQPLGGKAQQGGQRFGEMEVWALEAYGAAYILQELLTVKSDDMQGRNEALNAIVKGKAIPRPGTPESF
KVLMRELQSLCLDIAVYKASTEDYEEDKEVDLMADVNQRRTPSRPTYESMSVGDIDDDDD
;
C
3 'polypeptide(L)'
;MAKQEQRFDYVKIALASPERIRQWGERTLPNGQVVGEVTKPETINYRTLKPEMDGLFCEKIFGPAKDWECHCGKYKRVRH
RGIVCERCGVEVTESRVRRHRMGFIKLAAPVAHVWYLKGIPSYIAILLDMPLRDVEQIVYFNSYVVLNPGNHSELQYKQL
LNEDQWMEIEDQIYAEESDLEGIEVGIGAEALQQLLQDLNLNEESEKLRQEIAESKGQKRAKLIKRLRVIDNFIGTESRP
EWMVLNVIPVIPPDLRPMVQLDGGRFATSDLNDLYRRVINRNNRLARLQEILAPEIIVRNEKRMLQEAVDALIDNGRRGR
TVVGANNRPLKSLSDIIEGKQGRFRQNLLGKRVDYSGRSVIVVGPNLKIHQCGLPREMAIELFQPFVIHRLIKNHSINNI
KQAKKLIQKNDPLIWDVLEEVIEGHPVMLNRAPTLHRLGIQAFEPILVEGRAIQLHPLVCPAFNADFDGDQMAVHVPLSI
EAQAEARMLMLASGNILSPATGQPIVTPSQDMVLGCYYLTAENPGAQKGAGRYFANLEDAIRAFEQGSVDLHAWVWVRFD
GEVESEGESDEPESVVAADDGTVTKTYRFRRIRETEDGQRLSQYVKTTPGRILFNNTVQTALIH
;
D
4 'polypeptide(L)' MLQRFDLDSQDLLFKAESLIVNSTNRYHVTLQIARRAKQARYEEMENLSEETGIKPVLRAILEMSDELNQPEIIGG E
5 'polypeptide(L)'
;MAEAKSAPIFRNRVIDKKQLKKLIGWTFAHYGTAKTAVVADDLKALGFRYATRAGVSISIDDLKVPGSKAELLESAEKRI
QETEDRYTRGEITEVERFQKVIDTWANTNDELTDRVVKNFRESDPLNSVYMMAFSGARGNISQVRQLVGMRGLMANPQGE
IIDLPIKTNFREGLTVTEYIISSYGARKGLVDTALRTADSGYLTRRLVDVSQDVIIHEVDCGTSRGLFVEAMTDGDRILI
PISQRLLGRVTAEAVLDPSTDEVLAEAGQDINEDLANRIEKAGIKKVKVRSPLTCEAARSVCQKCYGWSLAHAQMVDMGE
AVGIIAAQSIGEPGTQLTMRTFHTGGVFTGETARLLRAPVAGTIKLGKKARTRPYRTRHGEEALLAEANFDLVLEGKGRK
ETFAILQGSTIFVQDGDKVAAEAILAEVPVSGRTKRTVEKATKDVATDLAGEIRFQDIVPEEKTDRQGNTTRIAQRGGLL
WVLAGDVYNLLPGAEPTVKNGDRVEVGDVLAETKLTTERGGTVRMGEDNGSSTHREVEIITASVVLDTATVKAEASQGRE
HYVIETKGGQRFNLLAAPGTKVTTGHVVAELIDSRYRTQTGGLLKYSGVEISKKGRAKAKQGYEVTKGGTLLWIPEETHE
VNKDISLLNVEDGQLVEAGTEVVKDIFCQTTGIVSVTQNNDILREIVIKPGDVHVLDDPDTAAKYDEGRLVNAGEEVFPG
LTAEQLVWAEAVDGTDGPLLLLRPVQELVIPDEPPVPSQDSSQESSSRSIRLRAVQRLQFQDGERIKSVEGVDLLRTQLV
LESEEGSSQLSADIELLPDSKDPETLRLQLVIIEPVVIRRDVASDTTHGSTHTELRVKDGQKVKPGAVIACTQIQCKEAG
VVRGIQEGSEAVRRLLVERERDCVTLDLDVTAATQLQPGSLIVAGTQLVDGIIAPESGEVRAIAPGQLQLRIARPYRVSQ
GAVLHVEDKGLVQRGDNLVLLVFERAKTGDIIQGLPRIEELLEARKPKEACILARRPGVAHINYSDDDAIDIQVIEADGT
QADYPVGPGQPLIISDGETVDAGQALTDGPANPHDLLEIYYDYFREQLGEDYEAALESLRRVQALLVNEVQSVYQSQGID
ISDKHIEVIVRQMTSKVRIDDGGDTIMLPGELHELREVYNSNNTMALTGMAPAQFTPVLLGITKASLNTNSFISAASFQE
TTRVLTEAAIEGKSDWLRGLKENVIIGRLIPAGTGFKAYEESLLTDVDGGYEDRVYDDDLADVVIDDRAARSYTLNEGRD
FSRSMTFAEGESMILDDGEELIDDSSASLRNLVDVDED
;
Z
6 'polypeptide(L)'
;MTDQYEEQLLSADDSVASEKARWYAVQVASGCEKRVKATLEQRVQTLDAANRILQVEIPETPIVKLKKDGSRQSAEEKVF
PGYVLVRMILDDDAWQIVRNTPHVINFVGAEQKRPYGRGRGHVKPMPLSPGEVGRIFKRAQEQKPTVKIDLAEGDQILVL
SGPFKDFEGTVIEVSPERSKLKALLSIFGRDTPVELEFNQVQKQN
;
G
7 'polydeoxyribonucleotide'
;(DG)(DG)(DG)(DC)(DG)(DC)(DA)(DT)(DG)(DC)(DT)(DG)(DC)(DT)(DC)(DT)(DA)(DG)(DG)(DA)
(DG)(DA)(DG)(DG)(DT)(DA)(DC)(DA)(DC)(DG)(DG)(DC)(DG)(DA)(DC)(DT)(DG)(DC)(DC)(DC)
;
N
8 'polydeoxyribonucleotide'
;(DG)(DG)(DG)(DC)(DA)(DG)(DT)(DC)(DG)(DC)(DC)(DG)(DT)(DG)(DT)(DA)(DC)(DC)(DT)(DC)
(DT)(DC)(DC)(DT)(DA)(DG)(DA)(DG)(DC)(DA)(DG)(DC)(DA)(DT)(DG)(DC)(DG)(DC)(DC)(DC)
;
T
9 'polyribonucleotide' AGCAUUCAAAGAGGAGAGGUA R
#
loop_
_chem_comp.id
_chem_comp.type
_chem_comp.name
_chem_comp.formula
A RNA linking ADENOSINE-5'-MONOPHOSPHATE 'C10 H14 N5 O7 P'
C RNA linking CYTIDINE-5'-MONOPHOSPHATE 'C9 H14 N3 O8 P'
CTP non-polymer CYTIDINE-5'-TRIPHOSPHATE 'C9 H16 N3 O14 P3'
DA DNA linking 2'-DEOXYADENOSINE-5'-MONOPHOSPHATE 'C10 H14 N5 O6 P'
DC DNA linking 2'-DEOXYCYTIDINE-5'-MONOPHOSPHATE 'C9 H14 N3 O7 P'
DG DNA linking 2'-DEOXYGUANOSINE-5'-MONOPHOSPHATE 'C10 H14 N5 O7 P'
DT DNA linking THYMIDINE-5'-MONOPHOSPHATE 'C10 H15 N2 O8 P'
G RNA linking GUANOSINE-5'-MONOPHOSPHATE 'C10 H14 N5 O8 P'
MG non-polymer 'MAGNESIUM ION' 'Mg 2'
U RNA linking URIDINE-5'-MONOPHOSPHATE 'C9 H13 N2 O9 P'
ZN non-polymer 'ZINC ION' 'Zn 2'
#
# COMPACT_ATOMS: atom_id res chain seq x y z
N MET A 1 -63.26 3.15 -40.70
CA MET A 1 -64.07 4.31 -41.06
C MET A 1 -65.49 4.18 -40.49
N THR A 2 -66.10 3.01 -40.61
CA THR A 2 -67.33 2.67 -39.90
C THR A 2 -67.11 1.35 -39.17
N PHE A 3 -67.33 1.36 -37.85
CA PHE A 3 -67.12 0.15 -37.07
C PHE A 3 -68.05 0.20 -35.85
N GLN A 4 -68.03 -0.88 -35.08
CA GLN A 4 -68.83 -1.01 -33.88
C GLN A 4 -67.93 -1.16 -32.67
N VAL A 5 -68.25 -0.41 -31.62
CA VAL A 5 -67.57 -0.46 -30.33
C VAL A 5 -68.59 -0.91 -29.29
N GLU A 6 -68.25 -1.94 -28.51
CA GLU A 6 -69.15 -2.50 -27.54
C GLU A 6 -68.42 -2.75 -26.23
N CYS A 7 -69.18 -2.78 -25.14
CA CYS A 7 -68.64 -3.07 -23.81
C CYS A 7 -69.00 -4.50 -23.44
N VAL A 8 -67.98 -5.27 -23.06
CA VAL A 8 -68.15 -6.71 -22.82
C VAL A 8 -68.32 -7.03 -21.35
N GLU A 9 -67.47 -6.46 -20.50
CA GLU A 9 -67.50 -6.74 -19.07
C GLU A 9 -67.34 -5.44 -18.29
N SER A 10 -67.99 -5.39 -17.14
CA SER A 10 -67.87 -4.24 -16.23
C SER A 10 -68.03 -4.74 -14.81
N ARG A 11 -67.01 -4.55 -13.98
CA ARG A 11 -67.03 -5.02 -12.61
C ARG A 11 -66.41 -3.96 -11.71
N THR A 12 -66.72 -4.05 -10.42
CA THR A 12 -66.21 -3.13 -9.41
C THR A 12 -65.48 -3.92 -8.34
N GLU A 13 -64.29 -3.46 -7.98
CA GLU A 13 -63.54 -4.02 -6.86
C GLU A 13 -64.11 -3.48 -5.55
N ALA A 14 -63.38 -3.61 -4.45
CA ALA A 14 -63.96 -3.33 -3.15
C ALA A 14 -64.19 -1.83 -2.97
N ASP A 15 -65.13 -1.29 -3.76
CA ASP A 15 -65.56 0.11 -3.69
C ASP A 15 -64.39 1.08 -3.83
N GLN A 16 -63.33 0.65 -4.53
CA GLN A 16 -62.14 1.47 -4.63
C GLN A 16 -61.50 1.43 -6.02
N GLY A 17 -62.20 0.91 -7.02
CA GLY A 17 -61.65 0.86 -8.37
C GLY A 17 -62.68 0.31 -9.32
N GLN A 18 -62.40 0.48 -10.62
CA GLN A 18 -63.32 0.00 -11.65
C GLN A 18 -62.55 -0.68 -12.76
N TYR A 19 -63.22 -1.59 -13.45
CA TYR A 19 -62.63 -2.35 -14.55
C TYR A 19 -63.57 -2.33 -15.75
N GLY A 20 -63.00 -2.19 -16.94
CA GLY A 20 -63.80 -2.18 -18.15
C GLY A 20 -63.12 -2.83 -19.34
N ARG A 21 -63.88 -3.56 -20.15
CA ARG A 21 -63.37 -4.21 -21.35
C ARG A 21 -64.24 -3.84 -22.54
N PHE A 22 -63.60 -3.41 -23.63
CA PHE A 22 -64.27 -2.96 -24.83
C PHE A 22 -63.73 -3.69 -26.04
N SER A 23 -64.60 -3.87 -27.03
CA SER A 23 -64.27 -4.53 -28.29
C SER A 23 -64.64 -3.61 -29.44
N ILE A 24 -63.69 -3.37 -30.34
CA ILE A 24 -63.86 -2.47 -31.47
C ILE A 24 -63.54 -3.23 -32.75
N GLU A 25 -64.49 -3.25 -33.68
CA GLU A 25 -64.27 -3.97 -34.94
C GLU A 25 -65.31 -3.56 -35.98
N PRO A 26 -64.99 -3.66 -37.28
CA PRO A 26 -63.74 -4.11 -37.92
C PRO A 26 -62.76 -2.98 -38.19
N LEU A 27 -61.49 -3.31 -38.43
CA LEU A 27 -60.46 -2.34 -38.76
C LEU A 27 -59.65 -2.86 -39.93
N ALA A 28 -58.71 -2.05 -40.40
CA ALA A 28 -57.88 -2.42 -41.55
C ALA A 28 -56.78 -3.37 -41.09
N ARG A 29 -55.80 -3.61 -41.96
CA ARG A 29 -54.80 -4.65 -41.69
C ARG A 29 -53.93 -4.30 -40.49
N GLY A 30 -53.49 -3.06 -40.38
CA GLY A 30 -52.57 -2.69 -39.32
C GLY A 30 -52.98 -1.51 -38.47
N GLN A 31 -54.27 -1.18 -38.48
CA GLN A 31 -54.77 -0.03 -37.74
C GLN A 31 -55.04 -0.33 -36.27
N GLY A 32 -55.05 -1.59 -35.87
CA GLY A 32 -55.29 -1.92 -34.47
C GLY A 32 -54.21 -1.37 -33.56
N THR A 33 -52.95 -1.57 -33.93
CA THR A 33 -51.85 -1.00 -33.15
C THR A 33 -51.90 0.52 -33.16
N THR A 34 -52.20 1.10 -34.33
CA THR A 34 -52.24 2.56 -34.44
C THR A 34 -53.27 3.16 -33.51
N VAL A 35 -54.46 2.56 -33.42
CA VAL A 35 -55.48 3.07 -32.52
C VAL A 35 -55.10 2.79 -31.06
N GLY A 36 -54.68 1.55 -30.77
CA GLY A 36 -54.47 1.15 -29.40
C GLY A 36 -53.34 1.88 -28.71
N ASN A 37 -52.21 2.05 -29.39
CA ASN A 37 -51.07 2.71 -28.75
C ASN A 37 -51.38 4.17 -28.48
N ALA A 38 -52.04 4.85 -29.42
CA ALA A 38 -52.42 6.24 -29.19
C ALA A 38 -53.40 6.37 -28.03
N LEU A 39 -54.38 5.47 -27.96
CA LEU A 39 -55.34 5.51 -26.86
C LEU A 39 -54.64 5.28 -25.52
N ARG A 40 -53.72 4.31 -25.46
CA ARG A 40 -52.98 4.05 -24.22
C ARG A 40 -52.15 5.26 -23.81
N ARG A 41 -51.42 5.85 -24.76
CA ARG A 41 -50.55 6.97 -24.45
C ARG A 41 -51.35 8.17 -23.95
N VAL A 42 -52.49 8.46 -24.59
CA VAL A 42 -53.30 9.59 -24.16
C VAL A 42 -53.95 9.31 -22.81
N LEU A 43 -54.41 8.07 -22.60
CA LEU A 43 -55.09 7.73 -21.36
C LEU A 43 -54.16 7.80 -20.16
N LEU A 44 -52.89 7.42 -20.34
CA LEU A 44 -52.01 7.31 -19.18
C LEU A 44 -51.34 8.62 -18.77
N SER A 45 -51.44 9.68 -19.58
CA SER A 45 -50.67 10.88 -19.25
C SER A 45 -51.43 12.20 -19.34
N ASN A 46 -52.48 12.26 -20.14
CA ASN A 46 -53.10 13.52 -20.52
C ASN A 46 -54.53 13.65 -20.01
N LEU A 47 -54.78 13.26 -18.77
CA LEU A 47 -56.09 13.36 -18.16
C LEU A 47 -56.02 14.17 -16.88
N GLU A 48 -57.11 14.89 -16.59
CA GLU A 48 -57.19 15.76 -15.43
C GLU A 48 -57.82 15.04 -14.25
N GLY A 49 -57.54 15.55 -13.05
CA GLY A 49 -58.05 14.94 -11.85
C GLY A 49 -57.98 15.90 -10.66
N THR A 50 -58.33 15.37 -9.50
CA THR A 50 -58.37 16.13 -8.25
C THR A 50 -57.51 15.42 -7.20
N ALA A 51 -56.93 16.21 -6.31
CA ALA A 51 -56.08 15.67 -5.25
C ALA A 51 -55.99 16.67 -4.11
N VAL A 52 -55.48 16.19 -2.98
CA VAL A 52 -55.25 17.03 -1.81
C VAL A 52 -53.84 17.60 -1.89
N THR A 53 -53.72 18.93 -1.77
CA THR A 53 -52.45 19.61 -1.94
C THR A 53 -51.95 20.33 -0.69
N ALA A 54 -52.76 20.45 0.36
CA ALA A 54 -52.33 21.15 1.56
C ALA A 54 -53.12 20.64 2.76
N VAL A 55 -52.44 20.52 3.89
CA VAL A 55 -53.02 20.01 5.12
C VAL A 55 -52.60 20.92 6.27
N ARG A 56 -53.54 21.18 7.19
CA ARG A 56 -53.27 21.96 8.39
C ARG A 56 -53.72 21.18 9.61
N ILE A 57 -52.81 21.00 10.57
CA ILE A 57 -53.08 20.27 11.80
C ILE A 57 -52.84 21.22 12.97
N GLY A 58 -53.79 21.24 13.91
CA GLY A 58 -53.66 22.12 15.06
C GLY A 58 -52.56 21.63 15.99
N GLY A 59 -51.68 22.55 16.37
CA GLY A 59 -50.60 22.25 17.30
C GLY A 59 -49.31 21.79 16.67
N VAL A 60 -49.24 21.67 15.35
CA VAL A 60 -48.05 21.22 14.65
C VAL A 60 -47.69 22.25 13.59
N ASN A 61 -46.38 22.55 13.48
CA ASN A 61 -45.91 23.51 12.50
C ASN A 61 -44.92 22.94 11.48
N HIS A 62 -44.32 21.79 11.74
CA HIS A 62 -43.46 21.12 10.77
C HIS A 62 -43.79 19.64 10.74
N GLU A 63 -43.07 18.90 9.89
CA GLU A 63 -43.42 17.52 9.57
C GLU A 63 -42.69 16.49 10.43
N PHE A 64 -41.83 16.92 11.34
CA PHE A 64 -41.04 16.00 12.16
C PHE A 64 -41.49 16.02 13.63
N ALA A 65 -42.75 16.30 13.88
CA ALA A 65 -43.30 16.39 15.23
C ALA A 65 -44.26 15.25 15.50
N THR A 66 -44.73 15.18 16.74
CA THR A 66 -45.68 14.17 17.19
C THR A 66 -46.77 14.81 18.01
N ILE A 67 -47.90 14.11 18.12
CA ILE A 67 -49.06 14.56 18.88
C ILE A 67 -49.27 13.57 20.01
N PRO A 68 -49.45 14.01 21.26
CA PRO A 68 -49.64 13.06 22.36
C PRO A 68 -50.98 12.34 22.25
N GLY A 69 -50.91 11.01 22.23
CA GLY A 69 -52.09 10.18 22.16
C GLY A 69 -52.36 9.57 20.80
N VAL A 70 -51.66 10.00 19.75
CA VAL A 70 -51.84 9.48 18.40
C VAL A 70 -50.77 8.43 18.13
N ARG A 71 -51.19 7.30 17.57
CA ARG A 71 -50.26 6.19 17.32
C ARG A 71 -49.26 6.50 16.22
N GLU A 72 -49.56 7.44 15.33
CA GLU A 72 -48.68 7.78 14.22
C GLU A 72 -48.16 9.21 14.38
N ASP A 73 -47.08 9.50 13.67
CA ASP A 73 -46.51 10.84 13.62
C ASP A 73 -46.99 11.55 12.36
N VAL A 74 -46.54 12.80 12.20
CA VAL A 74 -47.11 13.67 11.17
C VAL A 74 -46.78 13.15 9.77
N LEU A 75 -45.60 12.56 9.59
CA LEU A 75 -45.22 12.07 8.26
C LEU A 75 -46.15 10.95 7.80
N ASP A 76 -46.47 10.01 8.69
CA ASP A 76 -47.37 8.92 8.31
C ASP A 76 -48.77 9.43 8.03
N ILE A 77 -49.26 10.39 8.82
CA ILE A 77 -50.58 10.96 8.57
C ILE A 77 -50.62 11.67 7.23
N LEU A 78 -49.56 12.42 6.91
CA LEU A 78 -49.48 13.11 5.61
C LEU A 78 -49.45 12.12 4.47
N LEU A 79 -48.70 11.02 4.60
CA LEU A 79 -48.68 9.99 3.57
C LEU A 79 -50.06 9.35 3.42
N ASN A 80 -50.75 9.13 4.54
CA ASN A 80 -52.08 8.52 4.49
C ASN A 80 -53.08 9.43 3.78
N VAL A 81 -53.08 10.73 4.11
CA VAL A 81 -54.02 11.66 3.50
C VAL A 81 -53.64 12.06 2.09
N ARG A 82 -52.39 11.80 1.68
CA ARG A 82 -52.00 12.10 0.31
C ARG A 82 -52.72 11.21 -0.69
N GLU A 83 -52.95 9.95 -0.32
CA GLU A 83 -53.56 8.97 -1.22
C GLU A 83 -55.07 8.87 -1.03
N LEU A 84 -55.73 9.97 -0.66
CA LEU A 84 -57.19 9.99 -0.56
C LEU A 84 -57.78 10.38 -1.91
N VAL A 85 -58.84 9.68 -2.29
CA VAL A 85 -59.47 9.84 -3.60
C VAL A 85 -60.75 10.65 -3.42
N VAL A 86 -60.86 11.76 -4.17
CA VAL A 86 -62.03 12.63 -4.12
C VAL A 86 -62.41 13.01 -5.54
N HIS A 87 -63.65 13.47 -5.70
CA HIS A 87 -64.13 13.99 -6.97
C HIS A 87 -64.85 15.30 -6.72
N ALA A 88 -64.47 16.34 -7.44
CA ALA A 88 -65.02 17.68 -7.27
C ALA A 88 -65.87 18.05 -8.49
N HIS A 89 -67.03 18.65 -8.24
CA HIS A 89 -67.95 19.04 -9.28
C HIS A 89 -67.75 20.47 -9.76
N SER A 90 -66.85 21.23 -9.14
CA SER A 90 -66.64 22.62 -9.49
C SER A 90 -65.15 22.88 -9.66
N PRO A 91 -64.78 23.84 -10.52
CA PRO A 91 -63.35 24.12 -10.73
C PRO A 91 -62.69 24.86 -9.57
N GLN A 92 -63.46 25.52 -8.71
CA GLN A 92 -62.87 26.25 -7.61
C GLN A 92 -62.45 25.30 -6.49
N PRO A 93 -61.39 25.63 -5.75
CA PRO A 93 -61.00 24.81 -4.61
C PRO A 93 -61.98 24.93 -3.45
N GLN A 94 -62.06 23.87 -2.65
CA GLN A 94 -62.84 23.84 -1.41
C GLN A 94 -61.90 23.61 -0.23
N ILE A 95 -62.48 23.60 0.97
CA ILE A 95 -61.78 23.34 2.21
C ILE A 95 -62.59 22.34 3.01
N GLY A 96 -61.95 21.27 3.48
CA GLY A 96 -62.59 20.25 4.28
C GLY A 96 -62.07 20.29 5.71
N ARG A 97 -62.94 19.96 6.66
CA ARG A 97 -62.60 20.03 8.08
C ARG A 97 -62.86 18.70 8.76
N LEU A 98 -62.06 18.40 9.79
CA LEU A 98 -62.21 17.15 10.54
C LEU A 98 -61.89 17.43 12.01
N ARG A 99 -62.70 16.84 12.89
CA ARG A 99 -62.43 16.88 14.33
C ARG A 99 -62.92 15.59 14.97
N VAL A 100 -62.02 14.86 15.61
CA VAL A 100 -62.33 13.60 16.28
C VAL A 100 -61.76 13.65 17.69
N VAL A 101 -62.48 13.06 18.64
CA VAL A 101 -62.07 13.07 20.04
C VAL A 101 -62.33 11.70 20.66
N GLY A 102 -61.41 11.27 21.53
CA GLY A 102 -61.58 10.06 22.29
C GLY A 102 -60.89 8.86 21.67
N PRO A 103 -61.11 7.68 22.24
CA PRO A 103 -60.54 6.45 21.68
C PRO A 103 -61.29 6.05 20.42
N ALA A 104 -60.61 6.10 19.28
CA ALA A 104 -61.29 5.92 18.01
C ALA A 104 -60.30 5.50 16.94
N THR A 105 -60.84 5.03 15.82
CA THR A 105 -60.07 4.74 14.62
C THR A 105 -60.54 5.75 13.56
N VAL A 106 -59.73 6.78 13.33
CA VAL A 106 -60.09 7.84 12.40
C VAL A 106 -59.88 7.34 10.97
N THR A 107 -60.97 7.26 10.22
CA THR A 107 -60.98 6.90 8.81
C THR A 107 -61.42 8.10 7.98
N ALA A 108 -61.62 7.88 6.68
CA ALA A 108 -61.99 8.96 5.78
C ALA A 108 -63.48 9.29 5.81
N ALA A 109 -64.27 8.52 6.55
CA ALA A 109 -65.73 8.72 6.53
C ALA A 109 -66.17 9.96 7.29
N ASP A 110 -65.31 10.53 8.13
CA ASP A 110 -65.66 11.66 8.97
C ASP A 110 -64.96 12.95 8.54
N VAL A 111 -64.83 13.15 7.23
CA VAL A 111 -64.32 14.39 6.67
C VAL A 111 -65.47 15.10 5.98
N ASP A 112 -65.79 16.31 6.43
CA ASP A 112 -66.90 17.08 5.88
C ASP A 112 -66.36 18.01 4.80
N PHE A 113 -66.64 17.66 3.54
CA PHE A 113 -66.20 18.45 2.40
C PHE A 113 -67.27 19.36 1.83
N GLY A 114 -68.54 19.09 2.15
CA GLY A 114 -69.63 19.82 1.55
C GLY A 114 -70.19 19.10 0.35
N PRO A 115 -71.34 19.54 -0.16
CA PRO A 115 -71.97 18.88 -1.30
C PRO A 115 -71.31 19.12 -2.65
N GLU A 116 -70.17 19.84 -2.72
CA GLU A 116 -69.48 20.00 -3.98
C GLU A 116 -68.36 18.98 -4.19
N VAL A 117 -68.00 18.20 -3.17
CA VAL A 117 -66.94 17.21 -3.26
C VAL A 117 -67.46 15.89 -2.71
N GLU A 118 -67.16 14.79 -3.39
CA GLU A 118 -67.55 13.46 -2.96
C GLU A 118 -66.31 12.62 -2.69
N VAL A 119 -66.35 11.88 -1.58
CA VAL A 119 -65.28 10.98 -1.17
C VAL A 119 -65.61 9.58 -1.68
N ILE A 120 -64.67 8.96 -2.38
CA ILE A 120 -64.93 7.68 -3.04
C ILE A 120 -64.90 6.54 -2.03
N ASN A 121 -63.78 6.35 -1.36
CA ASN A 121 -63.64 5.25 -0.41
C ASN A 121 -63.77 5.78 1.01
N PRO A 122 -64.85 5.46 1.73
CA PRO A 122 -65.00 5.94 3.12
C PRO A 122 -64.38 5.04 4.18
N ASN A 123 -63.69 3.97 3.79
CA ASN A 123 -63.00 3.11 4.73
C ASN A 123 -61.49 3.28 4.67
N HIS A 124 -61.02 4.44 4.21
CA HIS A 124 -59.59 4.72 4.12
C HIS A 124 -59.05 4.97 5.52
N TYR A 125 -58.12 4.13 5.97
CA TYR A 125 -57.53 4.29 7.29
C TYR A 125 -56.68 5.55 7.34
N ILE A 126 -56.79 6.29 8.43
CA ILE A 126 -56.04 7.53 8.59
C ILE A 126 -55.20 7.48 9.86
N ALA A 127 -55.83 7.26 11.02
CA ALA A 127 -55.11 7.33 12.28
C ALA A 127 -55.87 6.56 13.36
N SER A 128 -55.26 6.47 14.54
CA SER A 128 -55.88 5.88 15.72
C SER A 128 -55.60 6.76 16.91
N LEU A 129 -56.60 6.93 17.78
CA LEU A 129 -56.50 7.77 18.95
C LEU A 129 -56.85 6.99 20.20
N SER A 130 -56.09 7.22 21.27
CA SER A 130 -56.35 6.61 22.56
C SER A 130 -57.35 7.47 23.33
N GLU A 131 -57.46 7.23 24.64
CA GLU A 131 -58.51 7.86 25.43
C GLU A 131 -58.38 9.39 25.43
N GLY A 132 -57.31 9.91 26.01
CA GLY A 132 -57.14 11.35 26.11
C GLY A 132 -56.43 11.98 24.94
N ALA A 133 -57.06 12.01 23.78
CA ALA A 133 -56.45 12.59 22.59
C ALA A 133 -57.54 13.19 21.71
N THR A 134 -57.14 14.19 20.92
CA THR A 134 -58.03 14.83 19.96
C THR A 134 -57.25 15.10 18.68
N LEU A 135 -57.98 15.15 17.56
CA LEU A 135 -57.36 15.40 16.26
C LEU A 135 -58.23 16.39 15.50
N GLU A 136 -57.62 17.48 15.06
CA GLU A 136 -58.30 18.52 14.28
C GLU A 136 -57.48 18.79 13.03
N MET A 137 -58.15 18.83 11.88
CA MET A 137 -57.43 18.93 10.61
C MET A 137 -58.25 19.69 9.59
N GLU A 138 -57.55 20.29 8.63
CA GLU A 138 -58.15 20.96 7.49
C GLU A 138 -57.40 20.59 6.22
N LEU A 139 -58.14 20.33 5.15
CA LEU A 139 -57.58 19.83 3.90
C LEU A 139 -58.00 20.72 2.73
N LYS A 140 -57.08 20.87 1.77
CA LYS A 140 -57.32 21.68 0.58
C LYS A 140 -57.28 20.78 -0.65
N VAL A 141 -58.11 21.10 -1.65
CA VAL A 141 -58.30 20.27 -2.83
C VAL A 141 -58.23 21.15 -4.07
N GLU A 142 -57.55 20.67 -5.12
CA GLU A 142 -57.33 21.45 -6.32
C GLU A 142 -57.36 20.53 -7.55
N TRP A 143 -57.36 21.16 -8.73
CA TRP A 143 -57.37 20.47 -10.01
C TRP A 143 -55.98 20.52 -10.65
N GLY A 144 -55.68 19.52 -11.46
CA GLY A 144 -54.40 19.46 -12.14
C GLY A 144 -54.25 18.16 -12.89
N THR A 145 -53.06 17.99 -13.47
CA THR A 145 -52.75 16.79 -14.23
C THR A 145 -51.29 16.42 -14.01
N GLY A 146 -51.04 15.14 -13.72
CA GLY A 146 -49.67 14.66 -13.61
C GLY A 146 -49.07 14.81 -12.23
N TYR A 147 -47.75 14.98 -12.17
CA TYR A 147 -47.02 15.06 -10.91
C TYR A 147 -46.50 16.47 -10.71
N ARG A 148 -46.79 17.05 -9.54
CA ARG A 148 -46.38 18.41 -9.20
C ARG A 148 -45.56 18.37 -7.92
N ALA A 149 -44.36 18.95 -7.98
CA ALA A 149 -43.45 18.99 -6.86
C ALA A 149 -43.53 20.34 -6.14
N ILE A 150 -43.27 20.31 -4.84
CA ILE A 150 -43.37 21.52 -4.02
C ILE A 150 -42.31 22.52 -4.45
N ASP A 151 -42.70 23.79 -4.55
CA ASP A 151 -41.76 24.89 -4.74
C ASP A 151 -41.84 25.84 -3.57
N ARG A 152 -40.67 26.18 -3.02
CA ARG A 152 -40.60 27.14 -1.91
C ARG A 152 -40.32 28.54 -2.45
N SER A 153 -41.13 28.98 -3.41
CA SER A 153 -40.96 30.28 -4.04
C SER A 153 -42.11 31.25 -3.74
N HIS A 154 -43.23 30.76 -3.21
CA HIS A 154 -44.34 31.63 -2.84
C HIS A 154 -43.97 32.34 -1.55
N ASP A 155 -43.22 33.44 -1.70
CA ASP A 155 -42.80 34.23 -0.53
C ASP A 155 -44.00 34.83 0.21
N GLU A 156 -45.12 35.02 -0.48
CA GLU A 156 -46.35 35.46 0.17
C GLU A 156 -46.89 34.33 1.03
N THR A 157 -46.72 34.43 2.35
CA THR A 157 -47.07 33.35 3.27
C THR A 157 -48.57 33.34 3.56
N THR A 158 -49.35 33.25 2.48
CA THR A 158 -50.79 33.06 2.63
C THR A 158 -51.10 31.73 3.31
N ALA A 159 -50.34 30.69 2.97
CA ALA A 159 -50.50 29.37 3.57
C ALA A 159 -49.72 29.31 4.88
N LEU A 160 -50.18 30.09 5.86
CA LEU A 160 -49.56 30.09 7.17
C LEU A 160 -49.83 28.77 7.88
N ASP A 161 -48.76 28.17 8.41
CA ASP A 161 -48.80 26.88 9.10
C ASP A 161 -49.48 25.78 8.27
N PHE A 162 -49.60 26.00 6.96
CA PHE A 162 -50.07 24.98 6.03
C PHE A 162 -48.87 24.18 5.54
N LEU A 163 -49.00 22.85 5.57
CA LEU A 163 -47.93 21.96 5.16
C LEU A 163 -48.19 21.51 3.73
N GLN A 164 -47.35 21.95 2.79
CA GLN A 164 -47.55 21.64 1.39
C GLN A 164 -47.19 20.18 1.10
N LEU A 165 -47.83 19.63 0.06
CA LEU A 165 -47.66 18.24 -0.33
C LEU A 165 -47.28 18.16 -1.80
N ASP A 166 -46.56 17.10 -2.15
CA ASP A 166 -46.35 16.77 -3.56
C ASP A 166 -47.62 16.15 -4.11
N ALA A 167 -48.09 16.67 -5.23
CA ALA A 167 -49.42 16.34 -5.74
C ALA A 167 -49.33 15.36 -6.91
N VAL A 168 -50.27 14.41 -6.93
CA VAL A 168 -50.35 13.40 -7.98
C VAL A 168 -51.79 13.37 -8.47
N PHE A 169 -52.02 13.84 -9.69
CA PHE A 169 -53.33 13.80 -10.34
C PHE A 169 -53.25 12.80 -11.49
N MET A 170 -53.56 11.54 -11.20
CA MET A 170 -53.63 10.48 -12.21
C MET A 170 -54.81 9.58 -11.87
N PRO A 171 -55.92 9.71 -12.58
CA PRO A 171 -57.12 8.91 -12.29
C PRO A 171 -57.22 7.57 -13.00
N VAL A 172 -56.23 7.20 -13.81
CA VAL A 172 -56.25 5.93 -14.54
C VAL A 172 -55.08 5.09 -14.05
N ARG A 173 -55.38 3.84 -13.67
CA ARG A 173 -54.36 2.98 -13.08
C ARG A 173 -53.65 2.10 -14.11
N ARG A 174 -54.39 1.45 -15.00
CA ARG A 174 -53.74 0.53 -15.93
C ARG A 174 -54.51 0.47 -17.25
N VAL A 175 -53.78 0.27 -18.34
CA VAL A 175 -54.36 0.11 -19.67
C VAL A 175 -53.66 -1.06 -20.36
N ASN A 176 -54.44 -1.91 -21.03
CA ASN A 176 -53.90 -3.01 -21.83
C ASN A 176 -54.74 -3.15 -23.09
N TYR A 177 -54.15 -3.72 -24.14
CA TYR A 177 -54.90 -3.95 -25.36
C TYR A 177 -54.27 -5.09 -26.15
N SER A 178 -55.07 -5.64 -27.06
CA SER A 178 -54.64 -6.75 -27.89
C SER A 178 -55.39 -6.71 -29.22
N VAL A 179 -54.81 -7.37 -30.22
CA VAL A 179 -55.34 -7.39 -31.58
C VAL A 179 -55.57 -8.84 -31.99
N GLU A 180 -56.74 -9.11 -32.56
CA GLU A 180 -57.09 -10.44 -33.04
C GLU A 180 -57.55 -10.37 -34.49
N ASP A 181 -57.61 -11.53 -35.12
CA ASP A 181 -57.99 -11.65 -36.53
C ASP A 181 -59.47 -11.98 -36.62
N ALA A 182 -60.24 -11.09 -37.25
CA ALA A 182 -61.67 -11.28 -37.42
C ALA A 182 -62.02 -11.83 -38.81
N ARG A 183 -61.02 -12.26 -39.56
CA ARG A 183 -61.24 -12.86 -40.87
C ARG A 183 -62.09 -14.12 -40.76
N VAL A 184 -63.10 -14.22 -41.62
CA VAL A 184 -64.04 -15.34 -41.62
C VAL A 184 -63.98 -15.96 -43.02
N GLY A 185 -63.13 -16.98 -43.16
CA GLY A 185 -63.01 -17.70 -44.41
C GLY A 185 -62.34 -16.89 -45.52
N GLU A 186 -62.91 -15.74 -45.85
CA GLU A 186 -62.36 -14.89 -46.88
C GLU A 186 -61.06 -14.24 -46.40
N SER A 187 -60.05 -14.20 -47.27
CA SER A 187 -58.75 -13.66 -46.92
C SER A 187 -58.74 -12.17 -47.21
N THR A 188 -58.97 -11.36 -46.17
CA THR A 188 -58.99 -9.91 -46.30
C THR A 188 -58.25 -9.18 -45.19
N ALA A 189 -57.74 -9.91 -44.19
CA ALA A 189 -56.92 -9.33 -43.11
C ALA A 189 -57.67 -8.21 -42.37
N ILE A 190 -58.74 -8.63 -41.70
CA ILE A 190 -59.58 -7.75 -40.90
C ILE A 190 -59.17 -7.88 -39.44
N ASP A 191 -58.99 -6.74 -38.77
CA ASP A 191 -58.52 -6.69 -37.39
C ASP A 191 -59.67 -6.44 -36.42
N ARG A 192 -59.47 -6.86 -35.18
CA ARG A 192 -60.37 -6.56 -34.08
C ARG A 192 -59.56 -6.20 -32.84
N LEU A 193 -59.93 -5.11 -32.18
CA LEU A 193 -59.16 -4.59 -31.05
C LEU A 193 -59.92 -4.82 -29.76
N VAL A 194 -59.21 -5.31 -28.73
CA VAL A 194 -59.77 -5.52 -27.41
C VAL A 194 -58.98 -4.68 -26.42
N LEU A 195 -59.68 -3.85 -25.66
CA LEU A 195 -59.05 -2.88 -24.75
C LEU A 195 -59.57 -3.07 -23.33
N GLU A 196 -58.66 -3.00 -22.37
CA GLU A 196 -58.98 -3.18 -20.96
C GLU A 196 -58.44 -2.00 -20.16
N VAL A 197 -59.28 -1.43 -19.30
CA VAL A 197 -58.94 -0.25 -18.52
C VAL A 197 -59.24 -0.52 -17.06
N TRP A 198 -58.25 -0.29 -16.19
CA TRP A 198 -58.41 -0.32 -14.75
C TRP A 198 -58.31 1.12 -14.25
N THR A 199 -59.39 1.60 -13.63
CA THR A 199 -59.56 3.00 -13.26
C THR A 199 -59.61 3.15 -11.75
N ASN A 200 -59.13 4.32 -11.30
CA ASN A 200 -58.94 4.59 -9.88
C ASN A 200 -60.25 4.56 -9.10
N GLY A 201 -61.32 5.08 -9.68
CA GLY A 201 -62.61 5.04 -9.02
C GLY A 201 -63.39 6.32 -9.15
N SER A 202 -62.70 7.45 -9.25
CA SER A 202 -63.37 8.73 -9.46
C SER A 202 -63.92 8.87 -10.87
N LEU A 203 -63.51 8.00 -11.80
CA LEU A 203 -63.96 8.04 -13.17
C LEU A 203 -64.42 6.65 -13.59
N SER A 204 -65.50 6.60 -14.34
CA SER A 204 -65.83 5.32 -14.95
C SER A 204 -65.03 5.14 -16.23
N PRO A 205 -64.79 3.89 -16.65
CA PRO A 205 -63.97 3.68 -17.86
C PRO A 205 -64.53 4.32 -19.11
N GLN A 206 -65.86 4.37 -19.26
CA GLN A 206 -66.47 4.97 -20.43
C GLN A 206 -66.14 6.46 -20.53
N GLU A 207 -66.20 7.17 -19.40
CA GLU A 207 -65.88 8.59 -19.41
C GLU A 207 -64.42 8.83 -19.78
N ALA A 208 -63.52 8.00 -19.26
CA ALA A 208 -62.10 8.13 -19.61
C ALA A 208 -61.88 7.89 -21.10
N LEU A 209 -62.54 6.87 -21.65
CA LEU A 209 -62.42 6.62 -23.09
C LEU A 209 -62.93 7.79 -23.90
N SER A 210 -64.07 8.37 -23.50
CA SER A 210 -64.62 9.51 -24.23
C SER A 210 -63.69 10.71 -24.16
N GLN A 211 -63.12 10.98 -22.98
CA GLN A 211 -62.22 12.11 -22.84
C GLN A 211 -60.96 11.93 -23.69
N ALA A 212 -60.40 10.71 -23.70
CA ALA A 212 -59.22 10.46 -24.52
C ALA A 212 -59.53 10.63 -26.00
N ALA A 213 -60.69 10.13 -26.44
CA ALA A 213 -61.07 10.28 -27.85
C ALA A 213 -61.25 11.74 -28.22
N SER A 214 -61.87 12.53 -27.33
CA SER A 214 -62.03 13.95 -27.59
C SER A 214 -60.68 14.65 -27.68
N CYS A 215 -59.75 14.32 -26.79
CA CYS A 215 -58.42 14.93 -26.84
C CYS A 215 -57.71 14.58 -28.14
N LEU A 216 -57.79 13.32 -28.57
CA LEU A 216 -57.14 12.93 -29.82
C LEU A 216 -57.75 13.63 -31.03
N VAL A 217 -59.08 13.75 -31.06
CA VAL A 217 -59.74 14.46 -32.16
C VAL A 217 -59.31 15.92 -32.19
N ALA A 218 -59.28 16.57 -31.02
CA ALA A 218 -58.85 17.96 -30.97
C ALA A 218 -57.41 18.11 -31.42
N LEU A 219 -56.56 17.12 -31.12
CA LEU A 219 -55.18 17.18 -31.56
C LEU A 219 -55.06 17.06 -33.07
N PHE A 220 -55.78 16.11 -33.67
CA PHE A 220 -55.60 15.81 -35.10
C PHE A 220 -56.50 16.62 -36.01
N GLU A 221 -57.37 17.47 -35.48
CA GLU A 221 -58.27 18.24 -36.34
C GLU A 221 -57.57 19.38 -37.08
N PRO A 222 -56.77 20.24 -36.44
CA PRO A 222 -56.25 21.42 -37.13
C PRO A 222 -55.24 21.15 -38.23
N LEU A 223 -54.96 19.89 -38.56
CA LEU A 223 -54.00 19.57 -39.61
C LEU A 223 -54.66 19.33 -40.97
N LYS A 224 -55.98 19.46 -41.06
CA LYS A 224 -56.71 19.19 -42.29
C LYS A 224 -56.88 20.42 -43.18
N ASN A 225 -56.40 21.58 -42.75
CA ASN A 225 -56.71 22.82 -43.47
C ASN A 225 -55.74 23.08 -44.62
N VAL A 226 -54.46 23.21 -44.32
CA VAL A 226 -53.45 23.51 -45.35
C VAL A 226 -52.41 22.40 -45.38
N SER A 227 -51.79 22.14 -44.23
CA SER A 227 -50.77 21.11 -44.12
C SER A 227 -50.65 20.64 -42.68
N MET B 1 -54.47 21.76 -29.66
CA MET B 1 -55.18 22.64 -28.72
C MET B 1 -54.83 24.10 -28.95
N THR B 2 -53.56 24.43 -28.74
CA THR B 2 -53.08 25.81 -28.90
C THR B 2 -51.76 25.82 -29.65
N PHE B 3 -51.66 25.04 -30.73
CA PHE B 3 -50.43 24.90 -31.48
C PHE B 3 -50.57 25.52 -32.86
N GLN B 4 -49.43 25.69 -33.52
CA GLN B 4 -49.33 26.25 -34.85
C GLN B 4 -48.46 25.35 -35.73
N VAL B 5 -48.80 25.35 -37.02
CA VAL B 5 -48.13 24.55 -38.04
C VAL B 5 -47.55 25.48 -39.09
N GLU B 6 -46.28 25.28 -39.43
CA GLU B 6 -45.61 26.08 -40.45
C GLU B 6 -44.85 25.18 -41.41
N CYS B 7 -44.71 25.66 -42.64
CA CYS B 7 -43.95 24.96 -43.68
C CYS B 7 -42.63 25.70 -43.88
N VAL B 8 -41.52 24.97 -43.74
CA VAL B 8 -40.20 25.60 -43.73
C VAL B 8 -39.57 25.61 -45.11
N GLU B 9 -39.32 24.44 -45.68
CA GLU B 9 -38.57 24.33 -46.92
C GLU B 9 -39.24 23.35 -47.86
N SER B 10 -39.23 23.66 -49.15
CA SER B 10 -39.80 22.81 -50.18
C SER B 10 -38.93 22.85 -51.43
N ARG B 11 -38.69 21.69 -52.02
CA ARG B 11 -37.91 21.58 -53.24
C ARG B 11 -38.59 20.63 -54.21
N THR B 12 -38.08 20.59 -55.43
CA THR B 12 -38.50 19.64 -56.45
C THR B 12 -37.26 19.05 -57.11
N GLU B 13 -37.14 17.73 -57.07
CA GLU B 13 -35.92 17.06 -57.51
C GLU B 13 -35.92 16.88 -59.03
N ALA B 14 -34.84 16.28 -59.53
CA ALA B 14 -34.70 16.06 -60.97
C ALA B 14 -35.74 15.06 -61.48
N ASP B 15 -36.00 14.01 -60.71
CA ASP B 15 -36.98 13.00 -61.07
C ASP B 15 -38.42 13.41 -60.80
N GLN B 16 -38.67 14.71 -60.63
CA GLN B 16 -39.99 15.27 -60.36
C GLN B 16 -40.55 14.87 -59.00
N GLY B 17 -39.71 14.34 -58.11
CA GLY B 17 -40.14 14.10 -56.75
C GLY B 17 -40.22 15.38 -55.96
N GLN B 18 -40.85 15.30 -54.78
CA GLN B 18 -41.07 16.47 -53.96
C GLN B 18 -40.65 16.20 -52.52
N TYR B 19 -40.27 17.27 -51.83
CA TYR B 19 -39.79 17.22 -50.46
C TYR B 19 -40.44 18.32 -49.64
N GLY B 20 -40.79 18.02 -48.40
CA GLY B 20 -41.42 19.01 -47.54
C GLY B 20 -41.03 18.89 -46.07
N ARG B 21 -40.89 20.04 -45.40
CA ARG B 21 -40.55 20.08 -43.99
C ARG B 21 -41.58 20.95 -43.26
N PHE B 22 -42.12 20.44 -42.16
CA PHE B 22 -43.14 21.11 -41.38
C PHE B 22 -42.72 21.16 -39.92
N SER B 23 -43.11 22.25 -39.25
CA SER B 23 -42.83 22.47 -37.85
C SER B 23 -44.14 22.70 -37.11
N ILE B 24 -44.36 21.95 -36.04
CA ILE B 24 -45.58 22.03 -35.24
C ILE B 24 -45.18 22.32 -33.80
N GLU B 25 -45.73 23.38 -33.23
CA GLU B 25 -45.41 23.73 -31.85
C GLU B 25 -46.42 24.73 -31.33
N PRO B 26 -46.70 24.75 -30.01
CA PRO B 26 -46.17 23.88 -28.96
C PRO B 26 -47.11 22.74 -28.55
N LEU B 27 -46.58 21.67 -27.96
CA LEU B 27 -47.37 20.54 -27.50
C LEU B 27 -46.98 20.20 -26.07
N ALA B 28 -47.73 19.28 -25.48
CA ALA B 28 -47.43 18.80 -24.14
C ALA B 28 -46.18 17.93 -24.15
N ARG B 29 -45.79 17.43 -22.97
CA ARG B 29 -44.47 16.81 -22.81
C ARG B 29 -44.28 15.63 -23.74
N GLY B 30 -45.28 14.76 -23.85
CA GLY B 30 -45.15 13.56 -24.65
C GLY B 30 -46.00 13.47 -25.90
N GLN B 31 -46.71 14.54 -26.29
CA GLN B 31 -47.65 14.43 -27.39
C GLN B 31 -46.96 14.39 -28.74
N GLY B 32 -45.73 14.90 -28.83
CA GLY B 32 -45.02 14.88 -30.10
C GLY B 32 -44.77 13.47 -30.60
N THR B 33 -44.37 12.56 -29.71
CA THR B 33 -44.10 11.19 -30.11
C THR B 33 -45.36 10.52 -30.67
N THR B 34 -46.49 10.69 -29.97
CA THR B 34 -47.73 10.06 -30.42
C THR B 34 -48.17 10.63 -31.77
N VAL B 35 -48.14 11.97 -31.90
CA VAL B 35 -48.57 12.59 -33.15
C VAL B 35 -47.70 12.15 -34.30
N GLY B 36 -46.37 12.18 -34.10
CA GLY B 36 -45.46 11.80 -35.16
C GLY B 36 -45.60 10.34 -35.57
N ASN B 37 -45.70 9.44 -34.58
CA ASN B 37 -45.82 8.02 -34.89
C ASN B 37 -47.12 7.72 -35.62
N ALA B 38 -48.24 8.29 -35.16
CA ALA B 38 -49.51 8.07 -35.83
C ALA B 38 -49.48 8.60 -37.25
N LEU B 39 -48.92 9.80 -37.45
CA LEU B 39 -48.86 10.37 -38.78
C LEU B 39 -47.99 9.52 -39.70
N ARG B 40 -46.84 9.05 -39.20
CA ARG B 40 -45.98 8.20 -40.02
C ARG B 40 -46.67 6.91 -40.41
N ARG B 41 -47.31 6.25 -39.45
CA ARG B 41 -47.96 4.97 -39.72
C ARG B 41 -49.10 5.14 -40.73
N VAL B 42 -49.90 6.21 -40.59
CA VAL B 42 -50.99 6.40 -41.53
C VAL B 42 -50.46 6.80 -42.91
N LEU B 43 -49.43 7.66 -42.95
CA LEU B 43 -48.90 8.14 -44.22
C LEU B 43 -48.29 7.01 -45.04
N LEU B 44 -47.55 6.10 -44.39
CA LEU B 44 -46.77 5.14 -45.16
C LEU B 44 -47.59 3.94 -45.66
N SER B 45 -48.78 3.70 -45.12
CA SER B 45 -49.48 2.46 -45.46
C SER B 45 -50.98 2.60 -45.67
N ASN B 46 -51.54 3.81 -45.66
CA ASN B 46 -52.99 3.95 -45.73
C ASN B 46 -53.42 5.00 -46.75
N LEU B 47 -52.65 5.19 -47.81
CA LEU B 47 -52.99 6.12 -48.87
C LEU B 47 -53.15 5.38 -50.19
N GLU B 48 -53.96 5.96 -51.08
CA GLU B 48 -54.32 5.32 -52.34
C GLU B 48 -53.45 5.86 -53.48
N GLY B 49 -53.11 4.97 -54.41
CA GLY B 49 -52.30 5.35 -55.56
C GLY B 49 -52.57 4.43 -56.73
N THR B 50 -51.88 4.70 -57.83
CA THR B 50 -51.99 3.91 -59.05
C THR B 50 -50.64 3.28 -59.38
N ALA B 51 -50.68 2.12 -60.02
CA ALA B 51 -49.45 1.41 -60.37
C ALA B 51 -49.72 0.49 -61.54
N VAL B 52 -48.65 0.11 -62.23
CA VAL B 52 -48.73 -0.83 -63.34
C VAL B 52 -48.76 -2.25 -62.77
N THR B 53 -49.77 -3.02 -63.17
CA THR B 53 -49.98 -4.35 -62.62
C THR B 53 -49.74 -5.49 -63.61
N ALA B 54 -50.04 -5.28 -64.90
CA ALA B 54 -49.88 -6.33 -65.89
C ALA B 54 -49.27 -5.75 -67.16
N VAL B 55 -48.40 -6.53 -67.80
CA VAL B 55 -47.72 -6.12 -69.02
C VAL B 55 -47.77 -7.28 -70.02
N ARG B 56 -47.61 -6.93 -71.29
CA ARG B 56 -47.59 -7.91 -72.36
C ARG B 56 -46.63 -7.43 -73.44
N ILE B 57 -45.64 -8.25 -73.79
CA ILE B 57 -44.61 -7.90 -74.75
C ILE B 57 -44.76 -8.80 -75.97
N GLY B 58 -44.79 -8.20 -77.15
CA GLY B 58 -44.92 -8.93 -78.40
C GLY B 58 -43.56 -9.23 -79.03
N GLY B 59 -43.44 -10.39 -79.65
CA GLY B 59 -42.21 -10.79 -80.26
C GLY B 59 -41.21 -11.37 -79.29
N VAL B 60 -41.66 -12.29 -78.43
CA VAL B 60 -40.83 -12.86 -77.37
C VAL B 60 -40.60 -14.34 -77.67
N ASN B 61 -39.34 -14.73 -77.73
CA ASN B 61 -39.00 -16.15 -77.80
C ASN B 61 -39.00 -16.74 -76.39
N HIS B 62 -39.65 -17.90 -76.25
CA HIS B 62 -39.77 -18.51 -74.94
C HIS B 62 -38.46 -19.06 -74.40
N GLU B 63 -37.42 -19.09 -75.23
CA GLU B 63 -36.11 -19.57 -74.82
C GLU B 63 -35.10 -18.43 -74.96
N PHE B 64 -34.24 -18.29 -73.96
CA PHE B 64 -33.25 -17.23 -73.81
C PHE B 64 -33.87 -15.90 -73.41
N ALA B 65 -35.20 -15.82 -73.43
CA ALA B 65 -35.96 -14.63 -73.05
C ALA B 65 -35.28 -13.34 -73.52
N THR B 66 -35.04 -13.26 -74.81
CA THR B 66 -34.30 -12.14 -75.39
C THR B 66 -35.09 -11.56 -76.56
N ILE B 67 -35.25 -10.24 -76.58
CA ILE B 67 -35.92 -9.55 -77.68
C ILE B 67 -34.91 -9.29 -78.79
N PRO B 68 -35.20 -9.67 -80.04
CA PRO B 68 -34.27 -9.42 -81.14
C PRO B 68 -34.15 -7.92 -81.44
N GLY B 69 -32.93 -7.41 -81.41
CA GLY B 69 -32.67 -6.02 -81.69
C GLY B 69 -32.67 -5.09 -80.49
N VAL B 70 -33.02 -5.58 -79.31
CA VAL B 70 -33.07 -4.77 -78.10
C VAL B 70 -31.95 -5.23 -77.17
N ARG B 71 -31.19 -4.27 -76.65
CA ARG B 71 -30.00 -4.58 -75.86
C ARG B 71 -30.34 -5.15 -74.49
N GLU B 72 -31.58 -4.99 -74.03
CA GLU B 72 -32.00 -5.53 -72.74
C GLU B 72 -32.90 -6.75 -72.96
N ASP B 73 -32.89 -7.65 -71.98
CA ASP B 73 -33.76 -8.81 -72.02
C ASP B 73 -35.04 -8.50 -71.24
N VAL B 74 -35.88 -9.51 -71.02
CA VAL B 74 -37.20 -9.30 -70.45
C VAL B 74 -37.09 -8.81 -69.01
N LEU B 75 -36.12 -9.32 -68.25
CA LEU B 75 -36.03 -9.00 -66.83
C LEU B 75 -35.80 -7.51 -66.61
N ASP B 76 -34.89 -6.91 -67.38
CA ASP B 76 -34.60 -5.49 -67.21
C ASP B 76 -35.78 -4.63 -67.64
N ILE B 77 -36.49 -5.03 -68.70
CA ILE B 77 -37.66 -4.28 -69.12
C ILE B 77 -38.73 -4.33 -68.04
N LEU B 78 -38.95 -5.50 -67.44
CA LEU B 78 -39.95 -5.63 -66.38
C LEU B 78 -39.54 -4.82 -65.15
N LEU B 79 -38.24 -4.76 -64.85
CA LEU B 79 -37.79 -3.97 -63.71
C LEU B 79 -37.92 -2.47 -63.99
N ASN B 80 -37.71 -2.05 -65.24
CA ASN B 80 -37.82 -0.64 -65.58
C ASN B 80 -39.27 -0.19 -65.64
N VAL B 81 -40.18 -1.10 -66.00
CA VAL B 81 -41.60 -0.74 -66.09
C VAL B 81 -42.17 -0.50 -64.69
N ARG B 82 -41.71 -1.27 -63.69
CA ARG B 82 -42.26 -1.18 -62.35
C ARG B 82 -42.03 0.18 -61.70
N GLU B 83 -41.05 0.94 -62.16
CA GLU B 83 -40.74 2.24 -61.59
C GLU B 83 -41.50 3.38 -62.25
N LEU B 84 -42.37 3.09 -63.22
CA LEU B 84 -43.10 4.14 -63.91
C LEU B 84 -44.19 4.70 -62.99
N VAL B 85 -44.29 6.02 -62.93
CA VAL B 85 -45.23 6.70 -62.05
C VAL B 85 -46.39 7.22 -62.88
N VAL B 86 -47.62 6.88 -62.47
CA VAL B 86 -48.82 7.28 -63.16
C VAL B 86 -49.81 7.86 -62.15
N HIS B 87 -50.78 8.61 -62.68
CA HIS B 87 -51.82 9.23 -61.85
C HIS B 87 -53.11 9.24 -62.65
N ALA B 88 -54.06 8.38 -62.27
CA ALA B 88 -55.32 8.24 -62.97
C ALA B 88 -56.40 9.05 -62.28
N HIS B 89 -57.28 9.65 -63.08
CA HIS B 89 -58.36 10.50 -62.57
C HIS B 89 -59.70 9.78 -62.54
N SER B 90 -59.73 8.48 -62.78
CA SER B 90 -60.97 7.71 -62.80
C SER B 90 -60.78 6.42 -62.02
N PRO B 91 -61.85 5.92 -61.39
CA PRO B 91 -61.74 4.69 -60.60
C PRO B 91 -61.74 3.40 -61.42
N GLN B 92 -61.96 3.48 -62.73
CA GLN B 92 -61.93 2.25 -63.50
C GLN B 92 -60.55 2.05 -64.14
N PRO B 93 -60.13 0.81 -64.32
CA PRO B 93 -58.81 0.57 -64.94
C PRO B 93 -58.79 0.98 -66.40
N GLN B 94 -57.59 1.39 -66.85
CA GLN B 94 -57.36 1.75 -68.24
C GLN B 94 -56.21 0.92 -68.78
N ILE B 95 -56.10 0.87 -70.10
CA ILE B 95 -55.05 0.13 -70.78
C ILE B 95 -54.21 1.11 -71.61
N GLY B 96 -52.97 0.73 -71.85
CA GLY B 96 -52.07 1.55 -72.65
C GLY B 96 -51.26 0.72 -73.62
N ARG B 97 -51.00 1.26 -74.81
CA ARG B 97 -50.29 0.56 -75.86
C ARG B 97 -49.07 1.36 -76.29
N LEU B 98 -47.96 0.66 -76.51
CA LEU B 98 -46.71 1.28 -76.95
C LEU B 98 -46.19 0.53 -78.17
N ARG B 99 -45.91 1.28 -79.24
CA ARG B 99 -45.33 0.72 -80.45
C ARG B 99 -44.23 1.64 -80.93
N VAL B 100 -43.00 1.11 -80.99
CA VAL B 100 -41.83 1.90 -81.36
C VAL B 100 -41.05 1.13 -82.43
N VAL B 101 -40.66 1.83 -83.50
CA VAL B 101 -39.91 1.22 -84.59
C VAL B 101 -38.67 2.07 -84.88
N GLY B 102 -37.67 1.43 -85.47
CA GLY B 102 -36.46 2.10 -85.87
C GLY B 102 -35.50 2.30 -84.72
N PRO B 103 -34.30 2.81 -85.03
CA PRO B 103 -33.33 3.10 -83.96
C PRO B 103 -33.75 4.28 -83.10
N ALA B 104 -34.16 4.00 -81.86
CA ALA B 104 -34.62 5.03 -80.96
C ALA B 104 -34.51 4.54 -79.53
N THR B 105 -34.57 5.49 -78.59
CA THR B 105 -34.55 5.19 -77.16
C THR B 105 -35.97 5.36 -76.63
N VAL B 106 -36.56 4.25 -76.20
CA VAL B 106 -37.95 4.29 -75.72
C VAL B 106 -38.00 5.02 -74.38
N THR B 107 -39.05 5.80 -74.19
CA THR B 107 -39.22 6.62 -73.01
C THR B 107 -40.70 6.63 -72.63
N ALA B 108 -40.99 6.97 -71.38
CA ALA B 108 -42.36 6.97 -70.90
C ALA B 108 -43.25 7.94 -71.67
N ALA B 109 -42.66 8.90 -72.38
CA ALA B 109 -43.44 9.83 -73.19
C ALA B 109 -44.06 9.19 -74.43
N ASP B 110 -43.69 7.95 -74.74
CA ASP B 110 -44.18 7.26 -75.94
C ASP B 110 -45.32 6.30 -75.63
N VAL B 111 -45.90 6.35 -74.44
CA VAL B 111 -46.99 5.48 -74.04
C VAL B 111 -48.30 6.23 -74.19
N ASP B 112 -49.26 5.61 -74.87
CA ASP B 112 -50.58 6.22 -75.10
C ASP B 112 -51.43 5.75 -73.94
N PHE B 113 -51.46 6.54 -72.86
CA PHE B 113 -52.22 6.21 -71.65
C PHE B 113 -53.60 6.88 -71.64
N GLY B 114 -54.36 6.69 -72.71
CA GLY B 114 -55.71 7.21 -72.77
C GLY B 114 -55.76 8.72 -72.71
N PRO B 115 -56.96 9.27 -72.49
CA PRO B 115 -57.13 10.72 -72.40
C PRO B 115 -57.04 11.28 -70.99
N GLU B 116 -57.13 10.46 -69.95
CA GLU B 116 -57.16 10.95 -68.57
C GLU B 116 -55.91 10.62 -67.77
N VAL B 117 -55.39 9.39 -67.91
CA VAL B 117 -54.17 9.03 -67.19
C VAL B 117 -53.00 9.87 -67.68
N GLU B 118 -52.18 10.34 -66.75
CA GLU B 118 -51.05 11.19 -67.07
C GLU B 118 -49.76 10.55 -66.56
N VAL B 119 -48.66 10.92 -67.20
CA VAL B 119 -47.33 10.41 -66.86
C VAL B 119 -46.57 11.53 -66.16
N ILE B 120 -46.19 11.29 -64.91
CA ILE B 120 -45.55 12.33 -64.12
C ILE B 120 -44.18 12.68 -64.68
N ASN B 121 -43.36 11.68 -64.96
CA ASN B 121 -42.02 11.90 -65.48
C ASN B 121 -41.94 11.43 -66.92
N PRO B 122 -41.88 12.34 -67.90
CA PRO B 122 -41.85 11.91 -69.30
C PRO B 122 -40.45 11.62 -69.80
N ASN B 123 -39.50 11.45 -68.87
CA ASN B 123 -38.11 11.15 -69.22
C ASN B 123 -37.66 9.83 -68.60
N HIS B 124 -38.59 8.89 -68.43
CA HIS B 124 -38.27 7.61 -67.81
C HIS B 124 -37.71 6.65 -68.85
N TYR B 125 -36.45 6.26 -68.66
CA TYR B 125 -35.81 5.32 -69.58
C TYR B 125 -36.46 3.95 -69.49
N ILE B 126 -36.70 3.33 -70.64
CA ILE B 126 -37.30 2.00 -70.69
C ILE B 126 -36.36 1.03 -71.38
N ALA B 127 -36.00 1.32 -72.63
CA ALA B 127 -35.16 0.42 -73.41
C ALA B 127 -34.52 1.19 -74.56
N SER B 128 -33.60 0.53 -75.25
CA SER B 128 -32.93 1.08 -76.41
C SER B 128 -33.10 0.13 -77.59
N LEU B 129 -33.23 0.70 -78.78
CA LEU B 129 -33.46 -0.07 -80.00
C LEU B 129 -32.43 0.28 -81.06
N SER B 130 -32.17 -0.69 -81.93
CA SER B 130 -31.23 -0.54 -83.03
C SER B 130 -31.98 -0.67 -84.36
N GLU B 131 -31.23 -0.66 -85.46
CA GLU B 131 -31.84 -0.74 -86.78
C GLU B 131 -32.52 -2.08 -86.99
N GLY B 132 -33.69 -2.06 -87.61
CA GLY B 132 -34.42 -3.28 -87.90
C GLY B 132 -35.05 -3.93 -86.69
N ALA B 133 -35.45 -3.15 -85.69
CA ALA B 133 -36.06 -3.67 -84.48
C ALA B 133 -37.32 -2.89 -84.16
N THR B 134 -38.28 -3.58 -83.55
CA THR B 134 -39.55 -2.97 -83.16
C THR B 134 -39.96 -3.50 -81.79
N LEU B 135 -40.67 -2.66 -81.04
CA LEU B 135 -41.14 -2.99 -79.70
C LEU B 135 -42.64 -2.74 -79.62
N GLU B 136 -43.38 -3.76 -79.19
CA GLU B 136 -44.83 -3.69 -79.01
C GLU B 136 -45.16 -4.14 -77.59
N MET B 137 -45.82 -3.28 -76.84
CA MET B 137 -46.08 -3.53 -75.44
C MET B 137 -47.47 -3.05 -75.06
N GLU B 138 -48.06 -3.73 -74.06
CA GLU B 138 -49.35 -3.37 -73.50
C GLU B 138 -49.23 -3.32 -71.98
N LEU B 139 -49.82 -2.30 -71.38
CA LEU B 139 -49.74 -2.08 -69.94
C LEU B 139 -51.13 -1.87 -69.36
N LYS B 140 -51.32 -2.34 -68.12
CA LYS B 140 -52.58 -2.22 -67.42
C LYS B 140 -52.35 -1.64 -66.03
N VAL B 141 -53.22 -0.70 -65.64
CA VAL B 141 -53.09 0.01 -64.37
C VAL B 141 -54.30 -0.32 -63.49
N GLU B 142 -54.15 -0.04 -62.19
CA GLU B 142 -55.17 -0.36 -61.21
C GLU B 142 -55.02 0.57 -60.01
N TRP B 143 -55.92 0.41 -59.04
CA TRP B 143 -55.89 1.16 -57.78
C TRP B 143 -55.57 0.21 -56.63
N GLY B 144 -54.95 0.76 -55.59
CA GLY B 144 -54.62 -0.04 -54.43
C GLY B 144 -53.83 0.76 -53.42
N THR B 145 -53.40 0.07 -52.36
CA THR B 145 -52.58 0.66 -51.31
C THR B 145 -51.43 -0.26 -50.98
N GLY B 146 -50.30 0.34 -50.61
CA GLY B 146 -49.18 -0.41 -50.09
C GLY B 146 -48.40 -1.18 -51.15
N TYR B 147 -47.54 -2.08 -50.65
CA TYR B 147 -46.66 -2.89 -51.48
C TYR B 147 -47.29 -4.27 -51.62
N ARG B 148 -47.89 -4.53 -52.78
CA ARG B 148 -48.62 -5.77 -53.03
C ARG B 148 -47.73 -6.71 -53.82
N ALA B 149 -47.27 -7.78 -53.15
CA ALA B 149 -46.46 -8.80 -53.79
C ALA B 149 -47.34 -9.87 -54.44
N ILE B 150 -46.77 -10.57 -55.41
CA ILE B 150 -47.50 -11.56 -56.19
C ILE B 150 -46.97 -12.95 -55.82
N ASP B 151 -47.68 -13.97 -56.31
CA ASP B 151 -47.41 -15.36 -55.94
C ASP B 151 -46.59 -16.06 -57.01
N ARG B 152 -45.51 -16.73 -56.59
CA ARG B 152 -44.73 -17.64 -57.41
C ARG B 152 -43.95 -16.93 -58.52
N SER B 153 -44.10 -15.62 -58.64
CA SER B 153 -43.48 -14.85 -59.71
C SER B 153 -42.65 -13.73 -59.10
N HIS B 154 -41.39 -14.02 -58.76
CA HIS B 154 -40.54 -13.00 -58.19
C HIS B 154 -40.31 -11.86 -59.18
N ASP B 155 -39.52 -12.12 -60.23
CA ASP B 155 -39.51 -11.24 -61.40
C ASP B 155 -39.51 -12.05 -62.70
N GLU B 156 -38.78 -13.17 -62.69
CA GLU B 156 -38.44 -13.87 -63.92
C GLU B 156 -39.59 -14.77 -64.35
N THR B 157 -40.38 -14.30 -65.31
CA THR B 157 -41.49 -15.07 -65.85
C THR B 157 -41.54 -14.86 -67.36
N THR B 158 -41.75 -15.95 -68.10
CA THR B 158 -41.94 -15.89 -69.54
C THR B 158 -42.81 -17.08 -69.94
N ALA B 159 -44.10 -16.86 -70.09
CA ALA B 159 -45.03 -17.93 -70.42
C ALA B 159 -46.35 -17.41 -70.99
N LEU B 160 -47.30 -17.13 -70.11
CA LEU B 160 -48.64 -16.75 -70.53
C LEU B 160 -48.65 -15.37 -71.17
N ASP B 161 -49.80 -15.01 -71.75
CA ASP B 161 -49.92 -13.77 -72.49
C ASP B 161 -49.69 -12.55 -71.60
N PHE B 162 -50.55 -12.37 -70.61
CA PHE B 162 -50.47 -11.21 -69.71
C PHE B 162 -49.66 -11.59 -68.48
N LEU B 163 -48.49 -10.97 -68.32
CA LEU B 163 -47.62 -11.24 -67.19
C LEU B 163 -48.06 -10.43 -65.97
N GLN B 164 -48.09 -11.08 -64.82
CA GLN B 164 -48.52 -10.44 -63.58
C GLN B 164 -47.30 -9.96 -62.81
N LEU B 165 -47.32 -8.70 -62.40
CA LEU B 165 -46.22 -8.08 -61.67
C LEU B 165 -46.67 -7.70 -60.27
N ASP B 166 -45.73 -7.76 -59.33
CA ASP B 166 -45.97 -7.26 -57.98
C ASP B 166 -45.77 -5.75 -57.95
N ALA B 167 -46.77 -5.03 -57.45
CA ALA B 167 -46.85 -3.59 -57.61
C ALA B 167 -46.66 -2.88 -56.28
N VAL B 168 -46.46 -1.56 -56.37
CA VAL B 168 -46.30 -0.71 -55.19
C VAL B 168 -47.13 0.56 -55.39
N PHE B 169 -48.27 0.62 -54.70
CA PHE B 169 -49.14 1.80 -54.73
C PHE B 169 -48.79 2.61 -53.48
N MET B 170 -47.82 3.51 -53.63
CA MET B 170 -47.31 4.29 -52.50
C MET B 170 -46.96 5.69 -52.98
N PRO B 171 -47.88 6.64 -52.85
CA PRO B 171 -47.55 8.03 -53.19
C PRO B 171 -46.43 8.61 -52.33
N VAL B 172 -46.35 8.22 -51.06
CA VAL B 172 -45.35 8.74 -50.15
C VAL B 172 -44.15 7.78 -50.15
N ARG B 173 -42.95 8.34 -50.32
CA ARG B 173 -41.74 7.54 -50.38
C ARG B 173 -41.00 7.45 -49.05
N ARG B 174 -40.94 8.54 -48.28
CA ARG B 174 -40.19 8.49 -47.02
C ARG B 174 -40.76 9.50 -46.04
N VAL B 175 -40.71 9.14 -44.76
CA VAL B 175 -41.17 10.00 -43.68
C VAL B 175 -40.16 9.96 -42.54
N ASN B 176 -39.80 11.13 -42.01
CA ASN B 176 -38.96 11.24 -40.83
C ASN B 176 -39.57 12.25 -39.86
N TYR B 177 -39.32 12.07 -38.57
CA TYR B 177 -39.79 13.03 -37.59
C TYR B 177 -38.80 13.13 -36.45
N SER B 178 -38.80 14.28 -35.79
CA SER B 178 -37.91 14.53 -34.66
C SER B 178 -38.61 15.45 -33.67
N VAL B 179 -38.22 15.33 -32.40
CA VAL B 179 -38.78 16.11 -31.31
C VAL B 179 -37.66 16.89 -30.65
N GLU B 180 -37.86 18.18 -30.43
CA GLU B 180 -36.85 19.04 -29.83
C GLU B 180 -37.46 19.89 -28.73
N ASP B 181 -36.59 20.46 -27.91
CA ASP B 181 -37.02 21.26 -26.77
C ASP B 181 -37.41 22.67 -27.21
N ALA B 182 -38.51 23.16 -26.67
CA ALA B 182 -39.00 24.51 -26.96
C ALA B 182 -39.43 25.21 -25.68
N ARG B 183 -38.63 25.07 -24.62
CA ARG B 183 -39.02 25.59 -23.31
C ARG B 183 -39.09 27.11 -23.31
N VAL B 184 -38.02 27.77 -23.78
CA VAL B 184 -37.89 29.22 -23.78
C VAL B 184 -37.95 29.74 -22.34
N GLY B 185 -36.78 30.07 -21.79
CA GLY B 185 -36.70 30.50 -20.42
C GLY B 185 -36.60 29.34 -19.44
N GLU B 186 -37.30 29.42 -18.33
CA GLU B 186 -37.34 28.35 -17.34
C GLU B 186 -38.78 28.13 -16.90
N SER B 187 -39.38 27.04 -17.36
CA SER B 187 -40.78 26.72 -17.09
C SER B 187 -40.98 25.24 -17.34
N THR B 188 -42.25 24.82 -17.42
CA THR B 188 -42.59 23.42 -17.65
C THR B 188 -42.06 22.95 -19.00
N ALA B 189 -42.13 21.64 -19.21
CA ALA B 189 -41.58 21.03 -20.41
C ALA B 189 -42.47 21.31 -21.61
N ILE B 190 -41.85 21.76 -22.71
CA ILE B 190 -42.55 22.04 -23.96
C ILE B 190 -41.68 21.53 -25.10
N ASP B 191 -42.31 20.92 -26.11
CA ASP B 191 -41.58 20.34 -27.23
C ASP B 191 -42.11 20.88 -28.55
N ARG B 192 -41.30 20.69 -29.58
CA ARG B 192 -41.64 21.05 -30.95
C ARG B 192 -41.35 19.86 -31.86
N LEU B 193 -42.25 19.61 -32.80
CA LEU B 193 -42.16 18.47 -33.70
C LEU B 193 -41.78 18.92 -35.09
N VAL B 194 -40.78 18.27 -35.67
CA VAL B 194 -40.32 18.56 -37.03
C VAL B 194 -40.53 17.31 -37.87
N LEU B 195 -41.20 17.49 -39.01
CA LEU B 195 -41.63 16.37 -39.85
C LEU B 195 -41.17 16.60 -41.29
N GLU B 196 -40.49 15.60 -41.86
CA GLU B 196 -40.00 15.66 -43.23
C GLU B 196 -40.66 14.55 -44.05
N VAL B 197 -41.11 14.90 -45.26
CA VAL B 197 -41.85 13.98 -46.12
C VAL B 197 -41.25 14.05 -47.53
N TRP B 198 -40.91 12.88 -48.08
CA TRP B 198 -40.47 12.72 -49.45
C TRP B 198 -41.57 12.01 -50.22
N THR B 199 -42.10 12.65 -51.26
CA THR B 199 -43.19 12.16 -52.07
C THR B 199 -42.71 11.92 -53.49
N ASN B 200 -43.25 10.89 -54.14
CA ASN B 200 -42.77 10.48 -55.45
C ASN B 200 -43.13 11.46 -56.56
N GLY B 201 -44.08 12.36 -56.33
CA GLY B 201 -44.38 13.39 -57.32
C GLY B 201 -45.83 13.55 -57.67
N SER B 202 -46.60 12.45 -57.66
CA SER B 202 -48.02 12.53 -58.00
C SER B 202 -48.85 13.22 -56.94
N LEU B 203 -48.27 13.51 -55.78
CA LEU B 203 -48.97 14.18 -54.69
C LEU B 203 -48.07 15.27 -54.12
N SER B 204 -48.70 16.26 -53.52
CA SER B 204 -47.88 17.23 -52.82
C SER B 204 -47.85 16.88 -51.33
N PRO B 205 -46.74 17.18 -50.65
CA PRO B 205 -46.65 16.81 -49.22
C PRO B 205 -47.77 17.40 -48.36
N GLN B 206 -48.19 18.63 -48.65
CA GLN B 206 -49.28 19.23 -47.90
C GLN B 206 -50.58 18.44 -48.08
N GLU B 207 -50.85 18.02 -49.31
CA GLU B 207 -52.06 17.24 -49.58
C GLU B 207 -52.02 15.89 -48.87
N ALA B 208 -50.86 15.23 -48.87
CA ALA B 208 -50.73 13.96 -48.17
C ALA B 208 -50.94 14.13 -46.67
N LEU B 209 -50.36 15.19 -46.09
CA LEU B 209 -50.56 15.45 -44.67
C LEU B 209 -52.04 15.69 -44.36
N SER B 210 -52.72 16.47 -45.21
CA SER B 210 -54.14 16.71 -45.00
C SER B 210 -54.95 15.43 -45.08
N GLN B 211 -54.63 14.57 -46.06
CA GLN B 211 -55.37 13.32 -46.20
C GLN B 211 -55.16 12.41 -44.98
N ALA B 212 -53.91 12.31 -44.51
CA ALA B 212 -53.64 11.48 -43.34
C ALA B 212 -54.35 12.02 -42.11
N ALA B 213 -54.35 13.34 -41.92
CA ALA B 213 -55.05 13.93 -40.78
C ALA B 213 -56.55 13.67 -40.85
N SER B 214 -57.13 13.78 -42.05
CA SER B 214 -58.55 13.51 -42.20
C SER B 214 -58.86 12.05 -41.89
N CYS B 215 -58.00 11.13 -42.35
CA CYS B 215 -58.22 9.72 -42.06
C CYS B 215 -58.17 9.45 -40.56
N LEU B 216 -57.19 10.03 -39.86
CA LEU B 216 -57.09 9.83 -38.42
C LEU B 216 -58.29 10.43 -37.69
N VAL B 217 -58.75 11.60 -38.11
CA VAL B 217 -59.93 12.21 -37.48
C VAL B 217 -61.16 11.33 -37.68
N ALA B 218 -61.34 10.81 -38.89
CA ALA B 218 -62.46 9.91 -39.14
C ALA B 218 -62.34 8.63 -38.31
N LEU B 219 -61.11 8.16 -38.09
CA LEU B 219 -60.90 6.98 -37.26
C LEU B 219 -61.31 7.23 -35.81
N PHE B 220 -60.92 8.37 -35.25
CA PHE B 220 -61.12 8.63 -33.82
C PHE B 220 -62.45 9.29 -33.50
N GLU B 221 -63.20 9.75 -34.49
CA GLU B 221 -64.45 10.46 -34.19
C GLU B 221 -65.50 9.61 -33.48
N PRO B 222 -65.85 8.41 -33.93
CA PRO B 222 -66.99 7.70 -33.33
C PRO B 222 -66.73 7.06 -31.98
N LEU B 223 -65.60 7.37 -31.32
CA LEU B 223 -65.27 6.76 -30.03
C LEU B 223 -65.67 7.62 -28.84
N LYS B 224 -66.17 8.83 -29.07
CA LYS B 224 -66.55 9.73 -27.97
C LYS B 224 -68.06 9.72 -27.71
N ASN B 225 -68.79 8.81 -28.34
CA ASN B 225 -70.24 8.70 -28.14
C ASN B 225 -70.60 7.57 -27.18
N VAL B 226 -69.61 6.94 -26.54
CA VAL B 226 -69.89 5.85 -25.62
C VAL B 226 -70.32 6.33 -24.24
N SER B 227 -70.15 7.61 -23.94
CA SER B 227 -70.58 8.17 -22.67
C SER B 227 -71.55 9.33 -22.89
N ALA C 10 -32.11 -28.13 22.81
CA ALA C 10 -31.48 -28.97 21.78
C ALA C 10 -30.88 -28.12 20.67
N ALA C 11 -30.40 -28.79 19.62
CA ALA C 11 -29.83 -28.14 18.44
C ALA C 11 -28.67 -27.22 18.81
N PHE C 12 -28.37 -26.27 17.95
CA PHE C 12 -27.29 -25.30 18.17
C PHE C 12 -27.82 -23.89 17.97
N HIS C 13 -27.55 -23.01 18.92
CA HIS C 13 -27.94 -21.62 18.84
C HIS C 13 -26.69 -20.76 18.72
N LEU C 14 -26.66 -19.89 17.71
CA LEU C 14 -25.51 -19.01 17.52
C LEU C 14 -25.43 -18.01 18.67
N PRO C 15 -24.30 -17.94 19.37
CA PRO C 15 -24.21 -17.05 20.54
C PRO C 15 -24.14 -15.58 20.15
N ASP C 16 -24.01 -14.71 21.15
CA ASP C 16 -23.95 -13.28 20.91
C ASP C 16 -22.71 -12.92 20.09
N LEU C 17 -22.89 -11.99 19.16
CA LEU C 17 -21.82 -11.58 18.26
C LEU C 17 -20.95 -10.46 18.80
N VAL C 18 -21.29 -9.89 19.96
CA VAL C 18 -20.55 -8.77 20.52
C VAL C 18 -19.99 -9.18 21.88
N ALA C 19 -19.66 -10.47 22.03
CA ALA C 19 -19.21 -10.97 23.32
C ALA C 19 -17.78 -10.55 23.66
N ILE C 20 -16.95 -10.24 22.65
CA ILE C 20 -15.55 -9.94 22.91
C ILE C 20 -15.41 -8.70 23.79
N GLN C 21 -16.07 -7.60 23.39
CA GLN C 21 -15.93 -6.34 24.11
C GLN C 21 -16.52 -6.43 25.51
N ARG C 22 -17.71 -7.03 25.63
CA ARG C 22 -18.35 -7.15 26.93
C ARG C 22 -17.50 -8.01 27.87
N ASN C 23 -17.00 -9.15 27.39
CA ASN C 23 -16.16 -10.00 28.22
C ASN C 23 -14.89 -9.28 28.64
N SER C 24 -14.27 -8.53 27.73
CA SER C 24 -13.04 -7.83 28.06
C SER C 24 -13.26 -6.77 29.13
N PHE C 25 -14.31 -5.96 28.97
CA PHE C 25 -14.57 -4.91 29.96
C PHE C 25 -14.98 -5.52 31.30
N ARG C 26 -15.77 -6.59 31.28
CA ARG C 26 -16.14 -7.26 32.52
C ARG C 26 -14.91 -7.80 33.24
N TRP C 27 -13.99 -8.43 32.50
CA TRP C 27 -12.77 -8.91 33.13
C TRP C 27 -11.95 -7.76 33.70
N PHE C 28 -11.87 -6.64 32.97
CA PHE C 28 -11.15 -5.49 33.49
C PHE C 28 -11.72 -5.07 34.83
N LEU C 29 -13.03 -4.81 34.87
CA LEU C 29 -13.67 -4.35 36.10
C LEU C 29 -13.49 -5.35 37.23
N GLU C 30 -13.62 -6.65 36.93
CA GLU C 30 -13.57 -7.64 38.00
C GLU C 30 -12.17 -7.84 38.56
N GLU C 31 -11.16 -7.93 37.69
CA GLU C 31 -9.85 -8.37 38.15
C GLU C 31 -8.70 -7.42 37.82
N GLY C 32 -8.77 -6.73 36.68
CA GLY C 32 -7.60 -6.03 36.19
C GLY C 32 -7.20 -4.86 37.07
N LEU C 33 -8.18 -4.02 37.43
CA LEU C 33 -7.88 -2.87 38.27
C LEU C 33 -7.39 -3.30 39.65
N ILE C 34 -8.03 -4.33 40.22
CA ILE C 34 -7.63 -4.81 41.54
C ILE C 34 -6.21 -5.37 41.50
N GLU C 35 -5.89 -6.16 40.48
CA GLU C 35 -4.54 -6.70 40.35
C GLU C 35 -3.52 -5.61 40.12
N GLU C 36 -3.91 -4.55 39.38
CA GLU C 36 -2.96 -3.50 39.06
C GLU C 36 -2.68 -2.61 40.27
N LEU C 37 -3.71 -2.33 41.07
CA LEU C 37 -3.54 -1.48 42.25
C LEU C 37 -2.76 -2.17 43.36
N GLU C 38 -2.58 -3.49 43.28
CA GLU C 38 -1.88 -4.24 44.31
C GLU C 38 -0.40 -4.45 43.99
N SER C 39 0.07 -3.95 42.85
CA SER C 39 1.46 -4.15 42.45
C SER C 39 2.37 -3.00 42.88
N PHE C 40 1.81 -1.92 43.44
CA PHE C 40 2.64 -0.81 43.90
C PHE C 40 2.23 -0.31 45.28
N SER C 41 1.41 -1.08 46.01
CA SER C 41 0.76 -0.54 47.21
C SER C 41 1.74 0.00 48.24
N PRO C 42 2.81 -0.70 48.62
CA PRO C 42 3.75 -0.13 49.61
C PRO C 42 4.63 0.93 48.97
N ILE C 43 4.46 2.18 49.39
CA ILE C 43 5.29 3.30 48.94
C ILE C 43 6.07 3.80 50.14
N THR C 44 7.40 3.85 49.99
CA THR C 44 8.30 4.28 51.05
C THR C 44 9.03 5.54 50.63
N ASP C 45 9.54 6.26 51.62
CA ASP C 45 10.47 7.35 51.36
C ASP C 45 11.87 6.75 51.18
N TYR C 46 12.89 7.60 51.12
CA TYR C 46 14.22 7.11 50.83
C TYR C 46 14.87 6.42 52.03
N THR C 47 14.61 6.90 53.25
CA THR C 47 15.41 6.49 54.41
C THR C 47 14.63 5.65 55.40
N GLY C 48 13.49 6.16 55.91
CA GLY C 48 12.90 5.51 57.06
C GLY C 48 11.44 5.10 56.95
N LYS C 49 10.67 5.48 57.96
CA LYS C 49 9.29 5.04 58.15
C LYS C 49 8.35 5.95 57.37
N LEU C 50 7.06 5.97 57.75
CA LEU C 50 5.99 6.60 56.99
C LEU C 50 5.77 5.90 55.66
N GLU C 51 5.33 4.64 55.72
CA GLU C 51 4.92 3.91 54.52
C GLU C 51 3.48 4.27 54.16
N LEU C 52 3.21 4.33 52.85
CA LEU C 52 1.87 4.59 52.34
C LEU C 52 1.28 3.32 51.75
N HIS C 53 0.02 3.06 52.07
CA HIS C 53 -0.65 1.84 51.65
C HIS C 53 -1.97 2.14 50.96
N PHE C 54 -2.27 1.36 49.92
CA PHE C 54 -3.54 1.43 49.21
C PHE C 54 -4.30 0.13 49.40
N LEU C 55 -5.55 0.23 49.86
CA LEU C 55 -6.43 -0.93 49.99
C LEU C 55 -7.20 -1.06 48.68
N GLY C 56 -6.57 -1.72 47.70
CA GLY C 56 -7.11 -1.72 46.35
C GLY C 56 -8.31 -2.61 46.17
N LYS C 57 -8.55 -3.54 47.10
CA LYS C 57 -9.67 -4.47 46.95
C LYS C 57 -11.02 -3.79 47.13
N GLN C 58 -11.07 -2.61 47.75
CA GLN C 58 -12.36 -1.97 48.03
C GLN C 58 -12.86 -1.21 46.81
N TYR C 59 -12.14 -0.15 46.43
CA TYR C 59 -12.27 0.55 45.14
C TYR C 59 -13.74 0.80 44.78
N LYS C 60 -14.39 1.70 45.52
CA LYS C 60 -15.78 2.02 45.26
C LYS C 60 -15.93 2.92 44.04
N LEU C 61 -17.12 2.87 43.43
CA LEU C 61 -17.45 3.64 42.25
C LEU C 61 -18.69 4.50 42.52
N LYS C 62 -18.78 5.62 41.80
CA LYS C 62 -19.87 6.56 41.95
C LYS C 62 -20.78 6.53 40.72
N ARG C 63 -22.07 6.79 40.95
CA ARG C 63 -23.04 6.79 39.87
C ARG C 63 -22.77 7.96 38.92
N PRO C 64 -22.92 7.74 37.61
CA PRO C 64 -22.69 8.84 36.66
C PRO C 64 -23.71 9.96 36.83
N LYS C 65 -23.25 11.18 36.54
CA LYS C 65 -24.08 12.37 36.73
C LYS C 65 -25.01 12.61 35.54
N TYR C 66 -24.56 12.28 34.34
CA TYR C 66 -25.37 12.38 33.13
C TYR C 66 -25.63 11.00 32.53
N ASP C 67 -26.81 10.85 31.94
CA ASP C 67 -27.15 9.66 31.19
C ASP C 67 -26.55 9.74 29.78
N VAL C 68 -26.75 8.68 28.99
CA VAL C 68 -26.17 8.63 27.65
C VAL C 68 -26.74 9.73 26.77
N ASP C 69 -28.07 9.89 26.79
CA ASP C 69 -28.72 10.87 25.93
C ASP C 69 -28.30 12.30 26.31
N GLU C 70 -28.28 12.59 27.61
CA GLU C 70 -27.87 13.92 28.05
C GLU C 70 -26.40 14.17 27.72
N ALA C 71 -25.56 13.16 27.88
CA ALA C 71 -24.14 13.32 27.54
C ALA C 71 -23.96 13.61 26.06
N LYS C 72 -24.72 12.92 25.20
CA LYS C 72 -24.61 13.17 23.77
C LYS C 72 -25.21 14.53 23.39
N ARG C 73 -26.19 15.01 24.15
CA ARG C 73 -26.83 16.28 23.81
C ARG C 73 -25.88 17.46 23.96
N ARG C 74 -25.15 17.52 25.09
CA ARG C 74 -24.33 18.67 25.43
C ARG C 74 -22.85 18.45 25.11
N ASP C 75 -22.51 17.42 24.33
CA ASP C 75 -21.13 17.11 23.95
C ASP C 75 -20.28 16.85 25.19
N GLY C 76 -20.70 15.85 25.97
CA GLY C 76 -19.99 15.48 27.17
C GLY C 76 -19.39 14.09 27.11
N THR C 77 -19.04 13.54 28.27
CA THR C 77 -18.45 12.21 28.37
C THR C 77 -19.25 11.39 29.38
N TYR C 78 -19.43 10.10 29.06
CA TYR C 78 -20.18 9.17 29.92
C TYR C 78 -19.15 8.44 30.77
N SER C 79 -19.09 8.78 32.07
CA SER C 79 -18.01 8.28 32.92
C SER C 79 -18.47 8.24 34.37
N VAL C 80 -17.69 7.53 35.18
CA VAL C 80 -17.90 7.42 36.62
C VAL C 80 -16.61 7.88 37.32
N GLN C 81 -16.69 7.98 38.66
CA GLN C 81 -15.56 8.40 39.48
C GLN C 81 -15.09 7.24 40.35
N MET C 82 -13.77 7.17 40.55
CA MET C 82 -13.16 6.08 41.30
C MET C 82 -12.62 6.60 42.64
N TYR C 83 -12.97 5.92 43.73
CA TYR C 83 -12.50 6.24 45.06
C TYR C 83 -11.87 5.00 45.68
N VAL C 84 -10.68 5.14 46.25
CA VAL C 84 -9.98 4.02 46.86
C VAL C 84 -9.51 4.40 48.27
N PRO C 85 -9.82 3.61 49.28
CA PRO C 85 -9.36 3.93 50.64
C PRO C 85 -7.84 3.80 50.76
N THR C 86 -7.28 4.56 51.69
CA THR C 86 -5.84 4.62 51.88
C THR C 86 -5.54 4.57 53.38
N ARG C 87 -4.25 4.56 53.71
CA ARG C 87 -3.81 4.52 55.10
C ARG C 87 -2.34 4.92 55.17
N LEU C 88 -2.01 5.79 56.13
CA LEU C 88 -0.64 6.24 56.35
C LEU C 88 -0.24 5.90 57.78
N ILE C 89 0.76 5.04 57.92
CA ILE C 89 1.25 4.62 59.22
C ILE C 89 2.63 5.22 59.46
N ASN C 90 3.08 5.17 60.70
CA ASN C 90 4.42 5.67 61.03
C ASN C 90 5.27 4.64 61.74
N LYS C 91 4.69 3.83 62.64
CA LYS C 91 5.35 2.70 63.27
C LYS C 91 6.49 3.14 64.18
N GLU C 92 6.75 4.44 64.26
CA GLU C 92 7.76 5.00 65.15
C GLU C 92 7.13 5.83 66.25
N THR C 93 6.08 6.57 65.92
CA THR C 93 5.31 7.31 66.91
C THR C 93 3.82 6.98 66.87
N GLY C 94 3.42 5.96 66.11
CA GLY C 94 2.01 5.62 65.97
C GLY C 94 1.27 6.60 65.10
N GLU C 95 0.03 6.94 65.49
CA GLU C 95 -0.78 7.94 64.81
C GLU C 95 -1.02 7.57 63.34
N ILE C 96 -1.73 6.46 63.16
CA ILE C 96 -2.13 6.04 61.83
C ILE C 96 -3.25 6.96 61.34
N LYS C 97 -3.25 7.26 60.05
CA LYS C 97 -4.27 8.10 59.43
C LYS C 97 -4.88 7.39 58.24
N GLU C 98 -6.15 7.66 57.98
CA GLU C 98 -6.89 6.95 56.94
C GLU C 98 -8.07 7.77 56.48
N GLN C 99 -8.18 7.97 55.16
CA GLN C 99 -9.35 8.58 54.55
C GLN C 99 -9.51 7.99 53.15
N GLU C 100 -10.33 8.63 52.33
CA GLU C 100 -10.63 8.16 50.99
C GLU C 100 -10.02 9.10 49.95
N VAL C 101 -9.40 8.53 48.93
CA VAL C 101 -8.68 9.28 47.91
C VAL C 101 -9.39 9.14 46.57
N PHE C 102 -9.53 10.25 45.86
CA PHE C 102 -10.11 10.28 44.52
C PHE C 102 -8.98 10.16 43.50
N ILE C 103 -9.00 9.08 42.72
CA ILE C 103 -7.90 8.79 41.80
C ILE C 103 -8.22 9.16 40.36
N GLY C 104 -9.47 9.42 40.02
CA GLY C 104 -9.80 9.88 38.69
C GLY C 104 -11.19 9.45 38.27
N ASP C 105 -11.45 9.60 36.98
CA ASP C 105 -12.72 9.24 36.38
C ASP C 105 -12.48 8.28 35.22
N LEU C 106 -13.34 7.28 35.12
CA LEU C 106 -13.24 6.23 34.13
C LEU C 106 -14.45 6.27 33.20
N PRO C 107 -14.24 6.35 31.88
CA PRO C 107 -15.37 6.24 30.95
C PRO C 107 -16.08 4.90 31.10
N LEU C 108 -17.40 4.93 30.97
CA LEU C 108 -18.23 3.75 31.10
C LEU C 108 -18.63 3.21 29.73
N MET C 109 -18.98 1.93 29.70
CA MET C 109 -19.30 1.25 28.46
C MET C 109 -20.81 1.23 28.26
N THR C 110 -21.25 1.67 27.08
CA THR C 110 -22.65 1.62 26.71
C THR C 110 -23.06 0.17 26.47
N ASP C 111 -24.34 -0.14 26.74
CA ASP C 111 -24.83 -1.51 26.58
C ASP C 111 -24.77 -1.99 25.15
N ARG C 112 -24.60 -1.10 24.17
CA ARG C 112 -24.34 -1.51 22.80
C ARG C 112 -22.88 -1.87 22.56
N GLY C 113 -21.98 -1.50 23.48
CA GLY C 113 -20.58 -1.85 23.34
C GLY C 113 -19.66 -0.75 22.86
N THR C 114 -20.08 0.51 22.92
CA THR C 114 -19.29 1.64 22.43
C THR C 114 -19.00 2.60 23.58
N PHE C 115 -18.27 3.67 23.27
CA PHE C 115 -17.96 4.71 24.25
C PHE C 115 -18.40 6.06 23.72
N ILE C 116 -18.73 6.96 24.64
CA ILE C 116 -19.16 8.32 24.32
C ILE C 116 -18.08 9.26 24.82
N ILE C 117 -17.27 9.78 23.92
CA ILE C 117 -16.18 10.68 24.24
C ILE C 117 -16.43 12.01 23.54
N ASN C 118 -16.55 13.08 24.33
CA ASN C 118 -16.78 14.43 23.81
C ASN C 118 -17.97 14.49 22.86
N GLY C 119 -19.03 13.77 23.22
CA GLY C 119 -20.23 13.75 22.41
C GLY C 119 -20.15 12.94 21.14
N ALA C 120 -19.13 12.10 20.99
CA ALA C 120 -18.96 11.29 19.79
C ALA C 120 -18.85 9.82 20.17
N GLU C 121 -19.41 8.96 19.32
CA GLU C 121 -19.32 7.52 19.55
C GLU C 121 -17.99 7.00 19.05
N ARG C 122 -17.32 6.20 19.88
CA ARG C 122 -16.00 5.68 19.57
C ARG C 122 -15.94 4.19 19.88
N VAL C 123 -15.11 3.48 19.14
CA VAL C 123 -14.95 2.04 19.30
C VAL C 123 -13.48 1.73 19.51
N ILE C 124 -13.21 0.59 20.14
CA ILE C 124 -11.86 0.11 20.39
C ILE C 124 -11.71 -1.22 19.67
N VAL C 125 -10.77 -1.28 18.73
CA VAL C 125 -10.58 -2.46 17.90
C VAL C 125 -9.61 -3.41 18.58
N ASN C 126 -9.64 -4.67 18.16
CA ASN C 126 -8.81 -5.72 18.74
C ASN C 126 -7.51 -5.87 17.98
N GLN C 127 -6.46 -6.21 18.70
CA GLN C 127 -5.12 -6.29 18.15
C GLN C 127 -4.64 -7.74 18.09
N ILE C 128 -3.90 -8.07 17.04
CA ILE C 128 -3.30 -9.40 16.87
C ILE C 128 -1.79 -9.25 16.99
N VAL C 129 -1.18 -9.97 17.93
CA VAL C 129 0.23 -9.82 18.24
C VAL C 129 0.87 -11.20 18.37
N ARG C 130 2.19 -11.20 18.50
CA ARG C 130 2.94 -12.42 18.76
C ARG C 130 2.68 -12.90 20.18
N SER C 131 2.88 -14.20 20.38
CA SER C 131 2.67 -14.74 21.71
C SER C 131 4.00 -14.88 22.45
N PRO C 132 4.03 -14.59 23.74
CA PRO C 132 5.27 -14.78 24.52
C PRO C 132 5.65 -16.24 24.61
N GLY C 133 6.96 -16.49 24.66
CA GLY C 133 7.46 -17.84 24.76
C GLY C 133 8.79 -17.98 24.05
N VAL C 134 9.14 -19.22 23.74
CA VAL C 134 10.42 -19.56 23.13
C VAL C 134 10.18 -20.12 21.73
N TYR C 135 10.97 -19.66 20.78
CA TYR C 135 10.84 -20.06 19.38
C TYR C 135 12.20 -20.46 18.82
N TYR C 136 12.21 -21.50 17.99
CA TYR C 136 13.44 -22.05 17.44
C TYR C 136 13.42 -21.93 15.93
N LYS C 137 14.60 -21.78 15.33
CA LYS C 137 14.70 -21.56 13.89
C LYS C 137 16.01 -22.14 13.37
N SER C 138 16.02 -22.50 12.09
CA SER C 138 17.20 -23.00 11.40
C SER C 138 17.35 -22.28 10.07
N GLU C 139 18.60 -22.08 9.66
CA GLU C 139 18.89 -21.34 8.43
C GLU C 139 20.18 -21.86 7.82
N ARG C 140 20.34 -21.61 6.53
CA ARG C 140 21.48 -22.06 5.76
C ARG C 140 22.25 -20.87 5.20
N ASP C 141 23.56 -21.03 5.07
CA ASP C 141 24.46 -20.00 4.56
C ASP C 141 24.64 -20.16 3.06
N LYS C 142 25.39 -19.24 2.46
CA LYS C 142 25.70 -19.30 1.04
C LYS C 142 26.63 -20.44 0.69
N ASN C 143 27.24 -21.09 1.69
CA ASN C 143 28.08 -22.26 1.46
C ASN C 143 27.53 -23.49 2.17
N GLY C 144 26.26 -23.48 2.52
CA GLY C 144 25.67 -24.55 3.33
C GLY C 144 25.69 -24.19 4.81
N ARG C 145 26.32 -25.04 5.63
CA ARG C 145 26.63 -24.73 7.02
C ARG C 145 25.36 -24.39 7.80
N LEU C 146 24.51 -25.40 7.96
CA LEU C 146 23.26 -25.24 8.69
C LEU C 146 23.51 -24.68 10.09
N THR C 147 22.69 -23.73 10.49
CA THR C 147 22.85 -22.99 11.74
C THR C 147 21.50 -22.86 12.43
N HIS C 148 21.52 -22.84 13.77
CA HIS C 148 20.30 -22.83 14.56
C HIS C 148 20.30 -21.67 15.54
N ASN C 149 19.09 -21.14 15.79
CA ASN C 149 18.88 -20.01 16.67
C ASN C 149 17.65 -20.26 17.55
N ALA C 150 17.65 -19.63 18.73
CA ALA C 150 16.53 -19.69 19.64
C ALA C 150 16.30 -18.29 20.23
N SER C 151 15.02 -17.92 20.37
CA SER C 151 14.66 -16.61 20.88
C SER C 151 13.57 -16.74 21.93
N LEU C 152 13.75 -16.05 23.06
CA LEU C 152 12.81 -16.03 24.15
C LEU C 152 12.23 -14.63 24.27
N ILE C 153 10.90 -14.53 24.21
CA ILE C 153 10.18 -13.27 24.13
C ILE C 153 9.23 -13.18 25.32
N PRO C 154 9.33 -12.15 26.16
CA PRO C 154 8.40 -12.00 27.29
C PRO C 154 7.21 -11.12 26.94
N ASN C 155 6.28 -11.05 27.89
CA ASN C 155 5.17 -10.11 27.76
C ASN C 155 5.65 -8.66 27.80
N ARG C 156 6.58 -8.37 28.71
CA ARG C 156 7.15 -7.03 28.83
C ARG C 156 8.56 -7.15 29.39
N GLY C 157 9.53 -6.60 28.69
CA GLY C 157 10.91 -6.68 29.15
C GLY C 157 11.85 -6.80 27.97
N ALA C 158 12.97 -7.47 28.22
CA ALA C 158 14.03 -7.64 27.23
C ALA C 158 14.09 -9.08 26.75
N TRP C 159 14.39 -9.26 25.46
CA TRP C 159 14.41 -10.57 24.85
C TRP C 159 15.72 -11.29 25.16
N LEU C 160 15.71 -12.61 24.95
CA LEU C 160 16.91 -13.42 25.10
C LEU C 160 17.17 -14.18 23.80
N LYS C 161 18.45 -14.34 23.45
CA LYS C 161 18.82 -14.96 22.19
C LYS C 161 19.95 -15.96 22.39
N PHE C 162 19.85 -17.09 21.70
CA PHE C 162 20.90 -18.09 21.67
C PHE C 162 21.17 -18.47 20.22
N GLU C 163 22.45 -18.70 19.90
CA GLU C 163 22.84 -19.05 18.53
C GLU C 163 23.85 -20.19 18.58
N THR C 164 23.90 -20.94 17.48
CA THR C 164 24.95 -21.94 17.29
C THR C 164 25.86 -21.51 16.16
N ASP C 165 27.13 -21.84 16.27
CA ASP C 165 28.15 -21.44 15.31
C ASP C 165 28.42 -22.55 14.31
N LYS C 166 29.07 -22.18 13.21
CA LYS C 166 29.45 -23.15 12.18
C LYS C 166 30.51 -24.14 12.66
N ASN C 167 31.16 -23.86 13.78
CA ASN C 167 32.12 -24.79 14.37
C ASN C 167 31.51 -25.67 15.45
N GLY C 168 30.43 -25.22 16.08
CA GLY C 168 29.81 -25.98 17.15
C GLY C 168 29.86 -25.28 18.49
N LEU C 169 29.83 -23.95 18.47
CA LEU C 169 29.90 -23.14 19.68
C LEU C 169 28.57 -22.42 19.90
N VAL C 170 28.23 -22.24 21.18
CA VAL C 170 26.97 -21.62 21.57
C VAL C 170 27.23 -20.20 22.01
N TRP C 171 26.51 -19.25 21.41
CA TRP C 171 26.67 -17.83 21.67
C TRP C 171 25.38 -17.25 22.23
N VAL C 172 25.52 -16.20 23.03
CA VAL C 172 24.40 -15.51 23.65
C VAL C 172 24.43 -14.06 23.19
N ARG C 173 23.27 -13.54 22.79
CA ARG C 173 23.13 -12.16 22.34
C ARG C 173 22.07 -11.48 23.21
N ILE C 174 22.52 -10.64 24.14
CA ILE C 174 21.62 -9.97 25.07
C ILE C 174 21.17 -8.64 24.45
N ASP C 175 19.86 -8.49 24.25
CA ASP C 175 19.28 -7.31 23.66
C ASP C 175 19.91 -6.99 22.31
N LYS C 176 20.78 -5.98 22.26
CA LYS C 176 21.43 -5.56 21.02
C LYS C 176 22.94 -5.48 21.19
N THR C 177 23.50 -6.33 22.05
CA THR C 177 24.94 -6.35 22.28
C THR C 177 25.61 -7.40 21.40
N ARG C 178 26.94 -7.37 21.37
CA ARG C 178 27.69 -8.33 20.57
C ARG C 178 27.61 -9.71 21.18
N LYS C 179 28.18 -10.69 20.48
CA LYS C 179 28.06 -12.08 20.90
C LYS C 179 28.78 -12.31 22.23
N LEU C 180 28.23 -13.22 23.02
CA LEU C 180 28.77 -13.58 24.33
C LEU C 180 28.82 -15.09 24.46
N SER C 181 29.87 -15.58 25.10
CA SER C 181 29.94 -17.01 25.41
C SER C 181 28.89 -17.36 26.46
N ALA C 182 28.24 -18.51 26.27
CA ALA C 182 27.21 -18.93 27.21
C ALA C 182 27.78 -19.32 28.57
N GLN C 183 29.08 -19.60 28.63
CA GLN C 183 29.69 -20.00 29.89
C GLN C 183 29.66 -18.88 30.91
N VAL C 184 29.89 -17.64 30.47
CA VAL C 184 29.89 -16.52 31.41
C VAL C 184 28.48 -16.29 31.96
N LEU C 185 27.45 -16.46 31.12
CA LEU C 185 26.08 -16.28 31.59
C LEU C 185 25.67 -17.41 32.52
N LEU C 186 26.11 -18.64 32.24
CA LEU C 186 25.76 -19.76 33.10
C LEU C 186 26.49 -19.67 34.45
N LYS C 187 27.74 -19.22 34.44
CA LYS C 187 28.51 -19.12 35.68
C LYS C 187 28.07 -17.93 36.52
N ALA C 188 27.71 -16.81 35.88
CA ALA C 188 27.27 -15.65 36.63
C ALA C 188 26.00 -15.93 37.41
N LEU C 189 25.16 -16.84 36.93
CA LEU C 189 23.93 -17.19 37.62
C LEU C 189 24.17 -17.99 38.89
N GLY C 190 25.38 -18.52 39.09
CA GLY C 190 25.68 -19.29 40.28
C GLY C 190 25.44 -20.78 40.10
N LEU C 191 26.01 -21.36 39.05
CA LEU C 191 25.85 -22.77 38.73
C LEU C 191 27.22 -23.42 38.63
N SER C 192 27.39 -24.55 39.31
CA SER C 192 28.62 -25.33 39.19
C SER C 192 28.56 -26.22 37.96
N ASP C 193 29.73 -26.76 37.59
CA ASP C 193 29.80 -27.61 36.40
C ASP C 193 29.03 -28.91 36.60
N ASN C 194 29.00 -29.43 37.83
CA ASN C 194 28.28 -30.68 38.09
C ASN C 194 26.79 -30.54 37.82
N GLU C 195 26.17 -29.45 38.26
CA GLU C 195 24.75 -29.26 38.02
C GLU C 195 24.48 -28.87 36.57
N ILE C 196 25.45 -28.27 35.89
CA ILE C 196 25.31 -28.01 34.46
C ILE C 196 25.28 -29.31 33.69
N TYR C 197 26.17 -30.25 34.03
CA TYR C 197 26.24 -31.52 33.32
C TYR C 197 25.05 -32.43 33.63
N ASP C 198 24.33 -32.17 34.72
CA ASP C 198 23.18 -32.99 35.06
C ASP C 198 21.93 -32.64 34.26
N LYS C 199 21.90 -31.47 33.62
CA LYS C 199 20.72 -31.03 32.88
C LYS C 199 20.91 -31.08 31.37
N LEU C 200 22.08 -31.50 30.89
CA LEU C 200 22.35 -31.62 29.46
C LEU C 200 22.38 -33.09 29.07
N ARG C 201 21.64 -33.44 28.01
CA ARG C 201 21.59 -34.82 27.58
C ARG C 201 22.76 -35.20 26.68
N HIS C 202 23.50 -34.22 26.17
CA HIS C 202 24.70 -34.46 25.36
C HIS C 202 25.82 -33.58 25.89
N PRO C 203 26.39 -33.92 27.05
CA PRO C 203 27.39 -33.03 27.66
C PRO C 203 28.66 -32.88 26.85
N GLU C 204 28.96 -33.80 25.93
CA GLU C 204 30.18 -33.69 25.14
C GLU C 204 30.08 -32.59 24.09
N TYR C 205 28.88 -32.08 23.82
CA TYR C 205 28.74 -30.98 22.88
C TYR C 205 29.14 -29.64 23.50
N TYR C 206 28.89 -29.47 24.80
CA TYR C 206 29.25 -28.23 25.49
C TYR C 206 30.73 -28.17 25.84
N GLN C 207 31.43 -29.30 25.80
CA GLN C 207 32.86 -29.31 26.08
C GLN C 207 33.64 -28.49 25.09
N LYS C 208 33.20 -28.46 23.83
CA LYS C 208 33.87 -27.64 22.83
C LYS C 208 33.79 -26.16 23.19
N THR C 209 32.60 -25.71 23.60
CA THR C 209 32.45 -24.31 24.02
C THR C 209 33.30 -24.01 25.24
N ILE C 210 33.30 -24.92 26.21
CA ILE C 210 34.09 -24.71 27.43
C ILE C 210 35.58 -24.61 27.09
N ASP C 211 36.07 -25.48 26.21
CA ASP C 211 37.49 -25.49 25.87
C ASP C 211 37.87 -24.25 25.07
N LYS C 212 37.09 -23.92 24.04
CA LYS C 212 37.47 -22.83 23.14
C LYS C 212 37.14 -21.46 23.70
N GLU C 213 36.38 -21.37 24.79
CA GLU C 213 36.10 -20.08 25.42
C GLU C 213 36.69 -19.94 26.80
N GLY C 214 37.20 -21.01 27.40
CA GLY C 214 37.80 -20.95 28.71
C GLY C 214 36.78 -21.03 29.83
N GLN C 215 37.29 -21.23 31.03
CA GLN C 215 36.46 -21.34 32.23
C GLN C 215 36.44 -20.03 32.99
N PHE C 216 35.35 -19.80 33.72
CA PHE C 216 35.16 -18.58 34.49
C PHE C 216 34.71 -18.93 35.90
N SER C 217 35.00 -18.03 36.83
CA SER C 217 34.41 -18.07 38.16
C SER C 217 33.24 -17.08 38.21
N GLU C 218 32.57 -17.02 39.36
CA GLU C 218 31.45 -16.11 39.49
C GLU C 218 31.88 -14.66 39.33
N ASP C 219 32.95 -14.26 40.00
CA ASP C 219 33.41 -12.88 39.94
C ASP C 219 33.99 -12.53 38.58
N GLU C 220 34.77 -13.45 37.99
CA GLU C 220 35.30 -13.21 36.65
C GLU C 220 34.18 -13.11 35.63
N ALA C 221 33.17 -13.98 35.74
CA ALA C 221 32.04 -13.91 34.82
C ALA C 221 31.28 -12.60 34.98
N LEU C 222 31.08 -12.14 36.21
CA LEU C 222 30.41 -10.86 36.42
C LEU C 222 31.22 -9.70 35.84
N MET C 223 32.54 -9.73 36.03
CA MET C 223 33.40 -8.69 35.46
C MET C 223 33.33 -8.69 33.94
N GLU C 224 33.36 -9.88 33.33
CA GLU C 224 33.25 -9.96 31.87
C GLU C 224 31.90 -9.46 31.38
N LEU C 225 30.82 -9.79 32.11
CA LEU C 225 29.50 -9.31 31.76
C LEU C 225 29.43 -7.80 31.81
N TYR C 226 30.01 -7.20 32.85
CA TYR C 226 30.05 -5.73 32.92
C TYR C 226 30.88 -5.16 31.79
N ARG C 227 32.01 -5.80 31.47
CA ARG C 227 32.88 -5.29 30.41
C ARG C 227 32.16 -5.26 29.06
N LYS C 228 31.49 -6.35 28.72
CA LYS C 228 30.84 -6.42 27.41
C LYS C 228 29.52 -5.64 27.37
N LEU C 229 28.78 -5.58 28.48
CA LEU C 229 27.51 -4.87 28.48
C LEU C 229 27.70 -3.36 28.52
N ARG C 230 28.70 -2.88 29.26
CA ARG C 230 28.95 -1.45 29.43
C ARG C 230 30.39 -1.15 29.06
N PRO C 231 30.67 -0.91 27.78
CA PRO C 231 32.05 -0.61 27.38
C PRO C 231 32.50 0.76 27.87
N GLY C 232 33.73 0.82 28.37
CA GLY C 232 34.31 2.05 28.83
C GLY C 232 34.28 2.24 30.34
N GLU C 233 33.17 1.86 30.97
CA GLU C 233 33.05 2.01 32.40
C GLU C 233 33.96 1.03 33.13
N PRO C 234 34.44 1.39 34.32
CA PRO C 234 35.28 0.48 35.09
C PRO C 234 34.47 -0.69 35.61
N PRO C 235 34.93 -1.92 35.39
CA PRO C 235 34.18 -3.09 35.83
C PRO C 235 34.10 -3.20 37.36
N THR C 236 33.02 -3.81 37.82
CA THR C 236 32.82 -4.04 39.25
C THR C 236 31.88 -5.23 39.42
N VAL C 237 32.14 -6.06 40.42
CA VAL C 237 31.32 -7.25 40.66
C VAL C 237 29.90 -6.85 41.02
N SER C 238 29.76 -5.93 41.97
CA SER C 238 28.43 -5.50 42.40
C SER C 238 27.68 -4.83 41.25
N GLY C 239 28.40 -4.09 40.41
CA GLY C 239 27.76 -3.49 39.25
C GLY C 239 27.15 -4.52 38.32
N GLY C 240 27.94 -5.52 37.92
CA GLY C 240 27.43 -6.56 37.04
C GLY C 240 26.28 -7.33 37.65
N GLN C 241 26.36 -7.60 38.95
CA GLN C 241 25.24 -8.22 39.65
C GLN C 241 24.00 -7.34 39.54
N GLN C 242 24.16 -6.03 39.67
CA GLN C 242 23.03 -5.12 39.56
C GLN C 242 22.42 -5.14 38.17
N LEU C 243 23.27 -5.12 37.12
CA LEU C 243 22.70 -5.23 35.77
C LEU C 243 21.95 -6.53 35.57
N LEU C 244 22.50 -7.65 36.04
CA LEU C 244 21.80 -8.92 35.87
C LEU C 244 20.44 -8.90 36.58
N GLU C 245 20.43 -8.45 37.84
CA GLU C 245 19.19 -8.45 38.61
C GLU C 245 18.16 -7.50 38.03
N SER C 246 18.58 -6.31 37.60
CA SER C 246 17.65 -5.36 37.00
C SER C 246 17.23 -5.77 35.60
N ARG C 247 17.97 -6.67 34.96
CA ARG C 247 17.62 -7.11 33.62
C ARG C 247 16.61 -8.26 33.62
N PHE C 248 16.89 -9.34 34.35
CA PHE C 248 16.10 -10.55 34.18
C PHE C 248 15.34 -11.01 35.43
N PHE C 249 15.43 -10.29 36.54
CA PHE C 249 14.80 -10.79 37.76
C PHE C 249 14.00 -9.76 38.55
N ASP C 250 14.03 -8.49 38.19
CA ASP C 250 13.27 -7.49 38.93
C ASP C 250 11.81 -7.52 38.49
N PRO C 251 10.86 -7.77 39.40
CA PRO C 251 9.45 -7.82 38.98
C PRO C 251 8.84 -6.43 38.81
N LYS C 252 9.57 -5.55 38.14
CA LYS C 252 9.04 -4.25 37.74
C LYS C 252 9.45 -3.85 36.33
N ARG C 253 10.46 -4.50 35.74
CA ARG C 253 10.89 -4.25 34.39
C ARG C 253 10.81 -5.50 33.51
N TYR C 254 10.48 -6.66 34.08
CA TYR C 254 10.36 -7.92 33.35
C TYR C 254 9.09 -8.61 33.78
N ASP C 255 8.32 -9.09 32.80
CA ASP C 255 7.09 -9.83 33.09
C ASP C 255 6.91 -10.90 32.04
N LEU C 256 6.58 -12.12 32.49
CA LEU C 256 6.31 -13.22 31.58
C LEU C 256 4.83 -13.33 31.24
N GLY C 257 3.97 -13.24 32.24
CA GLY C 257 2.55 -13.43 32.06
C GLY C 257 2.13 -14.87 32.21
N ARG C 258 0.85 -15.06 32.50
CA ARG C 258 0.31 -16.42 32.62
C ARG C 258 0.46 -17.17 31.30
N VAL C 259 0.17 -16.50 30.18
CA VAL C 259 0.29 -17.14 28.87
C VAL C 259 1.74 -17.50 28.59
N GLY C 260 2.68 -16.61 28.93
CA GLY C 260 4.08 -16.89 28.70
C GLY C 260 4.59 -18.08 29.50
N ARG C 261 4.25 -18.11 30.79
CA ARG C 261 4.66 -19.23 31.63
C ARG C 261 4.02 -20.53 31.14
N TYR C 262 2.74 -20.48 30.78
CA TYR C 262 2.05 -21.66 30.29
C TYR C 262 2.68 -22.19 29.00
N LYS C 263 3.03 -21.29 28.07
CA LYS C 263 3.64 -21.72 26.82
C LYS C 263 5.04 -22.29 27.06
N LEU C 264 5.81 -21.66 27.96
CA LEU C 264 7.14 -22.18 28.27
C LEU C 264 7.04 -23.59 28.86
N ASN C 265 6.12 -23.78 29.81
CA ASN C 265 5.94 -25.10 30.40
C ASN C 265 5.48 -26.12 29.37
N LYS C 266 4.58 -25.74 28.47
CA LYS C 266 4.10 -26.66 27.46
C LYS C 266 5.22 -27.07 26.50
N LYS C 267 6.04 -26.11 26.07
CA LYS C 267 7.06 -26.42 25.08
C LYS C 267 8.23 -27.19 25.68
N LEU C 268 8.82 -26.68 26.75
CA LEU C 268 10.03 -27.29 27.29
C LEU C 268 9.75 -28.42 28.26
N GLY C 269 8.48 -28.73 28.52
CA GLY C 269 8.15 -29.85 29.38
C GLY C 269 8.58 -29.67 30.83
N LEU C 270 8.36 -28.49 31.39
CA LEU C 270 8.66 -28.23 32.78
C LEU C 270 7.37 -28.29 33.61
N ASN C 271 7.51 -28.15 34.92
CA ASN C 271 6.38 -28.18 35.84
C ASN C 271 6.50 -27.07 36.87
N VAL C 272 6.98 -25.90 36.44
CA VAL C 272 7.12 -24.76 37.35
C VAL C 272 5.73 -24.23 37.72
N ALA C 273 5.63 -23.69 38.93
CA ALA C 273 4.35 -23.20 39.42
C ALA C 273 3.86 -22.02 38.59
N ASP C 274 2.55 -21.83 38.57
CA ASP C 274 1.92 -20.82 37.73
C ASP C 274 2.06 -19.41 38.29
N THR C 275 2.55 -19.25 39.52
CA THR C 275 2.70 -17.94 40.13
C THR C 275 4.07 -17.31 39.85
N VAL C 276 4.96 -18.02 39.18
CA VAL C 276 6.29 -17.51 38.85
C VAL C 276 6.23 -16.90 37.46
N ARG C 277 6.54 -15.59 37.37
CA ARG C 277 6.47 -14.86 36.12
C ARG C 277 7.79 -14.17 35.82
N THR C 278 8.90 -14.74 36.25
CA THR C 278 10.23 -14.25 35.94
C THR C 278 11.11 -15.42 35.51
N LEU C 279 12.14 -15.10 34.74
CA LEU C 279 13.04 -16.13 34.23
C LEU C 279 13.81 -16.79 35.36
N THR C 280 14.03 -18.10 35.23
CA THR C 280 14.80 -18.89 36.19
C THR C 280 15.98 -19.55 35.46
N SER C 281 16.83 -20.22 36.25
CA SER C 281 17.97 -20.92 35.67
C SER C 281 17.54 -22.19 34.95
N GLU C 282 16.51 -22.87 35.46
CA GLU C 282 16.04 -24.10 34.84
C GLU C 282 15.53 -23.83 33.43
N ASP C 283 14.85 -22.69 33.22
CA ASP C 283 14.36 -22.35 31.90
C ASP C 283 15.50 -22.17 30.91
N ILE C 284 16.56 -21.48 31.32
CA ILE C 284 17.71 -21.26 30.43
C ILE C 284 18.40 -22.58 30.12
N LEU C 285 18.59 -23.42 31.14
CA LEU C 285 19.23 -24.71 30.91
C LEU C 285 18.41 -25.58 29.97
N ALA C 286 17.07 -25.58 30.15
CA ALA C 286 16.21 -26.37 29.27
C ALA C 286 16.22 -25.82 27.85
N ALA C 287 16.28 -24.51 27.69
CA ALA C 287 16.35 -23.93 26.35
C ALA C 287 17.65 -24.33 25.64
N ILE C 288 18.77 -24.28 26.35
CA ILE C 288 20.04 -24.68 25.74
C ILE C 288 20.03 -26.16 25.41
N ASP C 289 19.46 -26.98 26.31
CA ASP C 289 19.35 -28.41 26.04
C ASP C 289 18.50 -28.68 24.81
N TYR C 290 17.37 -27.98 24.67
CA TYR C 290 16.53 -28.16 23.49
C TYR C 290 17.26 -27.74 22.22
N LEU C 291 18.01 -26.64 22.28
CA LEU C 291 18.80 -26.21 21.12
C LEU C 291 19.80 -27.29 20.71
N ILE C 292 20.53 -27.83 21.68
CA ILE C 292 21.54 -28.84 21.38
C ILE C 292 20.88 -30.10 20.80
N ASN C 293 19.76 -30.53 21.39
CA ASN C 293 19.08 -31.73 20.89
C ASN C 293 18.53 -31.51 19.49
N LEU C 294 18.01 -30.30 19.21
CA LEU C 294 17.53 -30.00 17.86
C LEU C 294 18.66 -30.03 16.85
N GLU C 295 19.84 -29.53 17.24
CA GLU C 295 20.96 -29.52 16.30
C GLU C 295 21.34 -30.95 15.90
N LEU C 296 21.40 -31.86 16.87
CA LEU C 296 21.84 -33.22 16.63
C LEU C 296 20.73 -34.13 16.11
N ASP C 297 19.62 -33.56 15.63
CA ASP C 297 18.56 -34.29 14.93
C ASP C 297 18.02 -35.44 15.78
N LEU C 298 17.40 -35.05 16.90
CA LEU C 298 16.73 -36.04 17.75
C LEU C 298 15.57 -36.70 17.01
N GLY C 299 14.81 -35.92 16.24
CA GLY C 299 13.60 -36.40 15.60
C GLY C 299 12.33 -36.07 16.35
N GLY C 300 12.43 -35.78 17.64
CA GLY C 300 11.32 -35.32 18.45
C GLY C 300 11.31 -33.82 18.71
N CYS C 301 12.11 -33.05 17.99
CA CYS C 301 12.18 -31.61 18.14
C CYS C 301 11.86 -30.95 16.80
N GLU C 302 11.08 -29.88 16.84
CA GLU C 302 10.61 -29.20 15.63
C GLU C 302 10.87 -27.72 15.74
N VAL C 303 11.04 -27.08 14.58
CA VAL C 303 11.14 -25.63 14.50
C VAL C 303 9.72 -25.06 14.52
N ASP C 304 9.61 -23.75 14.72
CA ASP C 304 8.32 -23.10 14.89
C ASP C 304 7.99 -22.20 13.71
N ASP C 305 6.70 -22.12 13.41
CA ASP C 305 6.18 -21.23 12.38
C ASP C 305 5.55 -20.01 13.03
N ILE C 306 5.99 -18.82 12.64
CA ILE C 306 5.54 -17.61 13.31
C ILE C 306 4.24 -17.07 12.74
N ASP C 307 3.81 -17.54 11.58
CA ASP C 307 2.52 -17.16 11.02
C ASP C 307 1.39 -18.07 11.47
N HIS C 308 1.71 -19.15 12.18
CA HIS C 308 0.70 -20.08 12.67
C HIS C 308 -0.20 -19.37 13.68
N LEU C 309 -1.51 -19.64 13.58
CA LEU C 309 -2.46 -19.02 14.48
C LEU C 309 -2.39 -19.57 15.89
N GLY C 310 -1.65 -20.65 16.11
CA GLY C 310 -1.38 -21.11 17.46
C GLY C 310 -0.28 -20.37 18.18
N ASN C 311 0.42 -19.47 17.48
CA ASN C 311 1.49 -18.66 18.04
C ASN C 311 1.14 -17.18 18.09
N ARG C 312 -0.13 -16.84 17.90
CA ARG C 312 -0.57 -15.45 17.87
C ARG C 312 -1.72 -15.25 18.83
N ARG C 313 -1.85 -14.02 19.32
CA ARG C 313 -2.75 -13.70 20.43
C ARG C 313 -3.58 -12.46 20.09
N VAL C 314 -4.73 -12.35 20.77
CA VAL C 314 -5.66 -11.24 20.59
C VAL C 314 -5.69 -10.42 21.87
N ARG C 315 -5.54 -9.11 21.73
CA ARG C 315 -5.62 -8.16 22.83
C ARG C 315 -6.82 -7.25 22.63
N SER C 316 -7.58 -7.04 23.71
CA SER C 316 -8.83 -6.30 23.68
C SER C 316 -8.77 -5.11 24.64
N VAL C 317 -9.92 -4.47 24.87
CA VAL C 317 -9.96 -3.14 25.47
C VAL C 317 -9.39 -3.17 26.89
N GLY C 318 -9.76 -4.16 27.71
CA GLY C 318 -9.31 -4.17 29.09
C GLY C 318 -7.80 -4.33 29.23
N GLU C 319 -7.22 -5.24 28.46
CA GLU C 319 -5.78 -5.45 28.50
C GLU C 319 -5.02 -4.21 28.02
N LEU C 320 -5.59 -3.48 27.06
CA LEU C 320 -4.95 -2.26 26.59
C LEU C 320 -5.09 -1.11 27.58
N LEU C 321 -6.19 -1.10 28.35
CA LEU C 321 -6.38 -0.07 29.37
C LEU C 321 -5.48 -0.31 30.57
N GLN C 322 -5.19 -1.58 30.89
CA GLN C 322 -4.34 -1.89 32.03
C GLN C 322 -2.95 -1.26 31.89
N ASN C 323 -2.39 -1.29 30.67
CA ASN C 323 -1.05 -0.73 30.46
C ASN C 323 -1.03 0.77 30.65
N GLN C 324 -2.07 1.47 30.18
CA GLN C 324 -2.15 2.91 30.40
C GLN C 324 -2.27 3.23 31.88
N VAL C 325 -3.07 2.44 32.61
CA VAL C 325 -3.15 2.61 34.06
C VAL C 325 -1.78 2.42 34.69
N ARG C 326 -1.03 1.42 34.22
CA ARG C 326 0.32 1.18 34.73
C ARG C 326 1.22 2.39 34.53
N VAL C 327 1.22 2.94 33.32
CA VAL C 327 2.08 4.08 33.02
C VAL C 327 1.71 5.27 33.90
N GLY C 328 0.42 5.53 34.04
CA GLY C 328 -0.01 6.65 34.87
C GLY C 328 0.40 6.47 36.32
N LEU C 329 0.24 5.27 36.85
CA LEU C 329 0.59 5.01 38.24
C LEU C 329 2.09 5.11 38.47
N ASN C 330 2.89 4.63 37.51
CA ASN C 330 4.34 4.81 37.58
C ASN C 330 4.71 6.28 37.60
N ARG C 331 4.03 7.09 36.80
CA ARG C 331 4.34 8.52 36.79
C ARG C 331 3.92 9.19 38.11
N LEU C 332 2.82 8.72 38.72
CA LEU C 332 2.35 9.34 39.96
C LEU C 332 3.21 8.94 41.15
N GLU C 333 3.77 7.72 41.13
CA GLU C 333 4.54 7.24 42.28
C GLU C 333 5.78 8.08 42.54
N ARG C 334 6.45 8.52 41.46
CA ARG C 334 7.64 9.34 41.63
C ARG C 334 7.30 10.66 42.31
N ILE C 335 6.20 11.28 41.89
CA ILE C 335 5.77 12.54 42.52
C ILE C 335 5.45 12.29 43.99
N ILE C 336 4.78 11.18 44.29
CA ILE C 336 4.44 10.89 45.68
C ILE C 336 5.70 10.78 46.52
N ARG C 337 6.70 10.05 46.02
CA ARG C 337 7.95 9.89 46.78
C ARG C 337 8.67 11.23 46.94
N GLU C 338 8.74 12.03 45.89
CA GLU C 338 9.46 13.30 45.97
C GLU C 338 8.80 14.23 46.97
N ARG C 339 7.47 14.32 46.96
CA ARG C 339 6.78 15.15 47.93
C ARG C 339 6.92 14.60 49.34
N MET C 340 6.98 13.28 49.47
CA MET C 340 7.11 12.66 50.79
C MET C 340 8.46 12.96 51.41
N THR C 341 9.52 12.96 50.60
CA THR C 341 10.87 13.24 51.11
C THR C 341 11.16 14.73 51.25
N VAL C 342 10.75 15.56 50.29
CA VAL C 342 11.15 16.96 50.28
C VAL C 342 10.62 17.69 51.51
N SER C 343 9.34 17.50 51.84
CA SER C 343 8.74 18.20 52.96
C SER C 343 9.23 17.63 54.27
N ASP C 344 9.43 18.51 55.25
CA ASP C 344 9.91 18.13 56.58
C ASP C 344 9.00 18.69 57.66
N SER C 345 7.69 18.61 57.44
CA SER C 345 6.69 19.06 58.40
C SER C 345 5.82 17.88 58.81
N ASP C 346 4.79 18.16 59.59
CA ASP C 346 3.85 17.15 60.06
C ASP C 346 2.49 17.38 59.42
N SER C 347 1.51 16.58 59.84
CA SER C 347 0.15 16.61 59.29
C SER C 347 0.17 16.38 57.78
N LEU C 348 1.04 15.47 57.34
CA LEU C 348 1.13 15.09 55.93
C LEU C 348 -0.02 14.13 55.62
N SER C 349 -1.18 14.69 55.31
CA SER C 349 -2.35 13.85 55.05
C SER C 349 -2.16 13.07 53.75
N PRO C 350 -2.63 11.83 53.69
CA PRO C 350 -2.56 11.09 52.43
C PRO C 350 -3.29 11.78 51.28
N ALA C 351 -4.41 12.46 51.57
CA ALA C 351 -5.12 13.18 50.53
C ALA C 351 -4.31 14.34 49.98
N SER C 352 -3.42 14.91 50.78
CA SER C 352 -2.55 15.98 50.33
C SER C 352 -1.28 15.49 49.67
N LEU C 353 -1.03 14.18 49.66
CA LEU C 353 0.16 13.60 49.07
C LEU C 353 -0.08 13.04 47.68
N VAL C 354 -1.30 13.15 47.14
CA VAL C 354 -1.68 12.54 45.89
C VAL C 354 -2.04 13.62 44.89
N ASN C 355 -1.45 13.55 43.70
CA ASN C 355 -1.71 14.49 42.60
C ASN C 355 -2.23 13.70 41.41
N PRO C 356 -3.56 13.59 41.25
CA PRO C 356 -4.10 12.76 40.17
C PRO C 356 -4.11 13.44 38.81
N LYS C 357 -2.99 14.05 38.42
CA LYS C 357 -2.87 14.62 37.09
C LYS C 357 -2.36 13.61 36.06
N PRO C 358 -1.26 12.89 36.32
CA PRO C 358 -0.75 11.95 35.29
C PRO C 358 -1.73 10.84 34.93
N LEU C 359 -2.46 10.31 35.91
CA LEU C 359 -3.42 9.24 35.63
C LEU C 359 -4.54 9.72 34.73
N VAL C 360 -5.11 10.89 35.06
CA VAL C 360 -6.19 11.45 34.23
C VAL C 360 -5.67 11.76 32.83
N ALA C 361 -4.46 12.33 32.75
CA ALA C 361 -3.89 12.64 31.44
C ALA C 361 -3.68 11.38 30.61
N ALA C 362 -3.17 10.31 31.22
CA ALA C 362 -2.94 9.08 30.49
C ALA C 362 -4.25 8.47 30.00
N ILE C 363 -5.27 8.45 30.86
CA ILE C 363 -6.56 7.88 30.45
C ILE C 363 -7.17 8.69 29.32
N LYS C 364 -7.13 10.02 29.43
CA LYS C 364 -7.67 10.87 28.38
C LYS C 364 -6.92 10.69 27.07
N GLU C 365 -5.59 10.61 27.13
CA GLU C 365 -4.80 10.43 25.92
C GLU C 365 -5.09 9.08 25.27
N PHE C 366 -5.26 8.02 26.08
CA PHE C 366 -5.59 6.73 25.51
C PHE C 366 -6.96 6.75 24.84
N PHE C 367 -7.95 7.36 25.49
CA PHE C 367 -9.31 7.32 24.94
C PHE C 367 -9.55 8.36 23.86
N GLY C 368 -8.65 9.31 23.65
CA GLY C 368 -8.93 10.37 22.70
C GLY C 368 -7.99 10.47 21.52
N SER C 369 -6.72 10.10 21.69
CA SER C 369 -5.70 10.29 20.67
C SER C 369 -4.85 9.04 20.49
N SER C 370 -5.50 7.89 20.34
CA SER C 370 -4.80 6.63 20.15
C SER C 370 -5.10 6.06 18.77
N GLN C 371 -4.28 5.09 18.37
CA GLN C 371 -4.47 4.45 17.07
C GLN C 371 -5.62 3.44 17.08
N LEU C 372 -5.84 2.77 18.20
CA LEU C 372 -6.85 1.73 18.29
C LEU C 372 -8.21 2.24 18.75
N SER C 373 -8.31 3.52 19.11
CA SER C 373 -9.59 4.15 19.41
C SER C 373 -10.04 4.93 18.19
N GLN C 374 -11.18 4.53 17.63
CA GLN C 374 -11.56 4.98 16.29
C GLN C 374 -12.97 5.53 16.25
N PHE C 375 -13.14 6.54 15.40
CA PHE C 375 -14.45 7.10 15.08
C PHE C 375 -15.34 6.04 14.46
N MET C 376 -16.44 5.72 15.12
CA MET C 376 -17.24 4.57 14.74
C MET C 376 -18.04 4.83 13.46
N ASP C 377 -18.23 3.78 12.68
CA ASP C 377 -18.99 3.85 11.44
C ASP C 377 -20.45 3.50 11.73
N GLN C 378 -21.35 4.41 11.37
CA GLN C 378 -22.74 4.31 11.81
C GLN C 378 -23.70 4.62 10.66
N THR C 379 -23.33 4.24 9.44
CA THR C 379 -24.23 4.45 8.30
C THR C 379 -25.49 3.61 8.44
N ASN C 380 -25.35 2.35 8.83
CA ASN C 380 -26.48 1.46 9.04
C ASN C 380 -26.07 0.42 10.07
N PRO C 381 -27.03 -0.35 10.61
CA PRO C 381 -26.67 -1.33 11.65
C PRO C 381 -25.59 -2.32 11.24
N LEU C 382 -25.55 -2.72 9.97
CA LEU C 382 -24.55 -3.70 9.54
C LEU C 382 -23.13 -3.15 9.69
N ALA C 383 -22.92 -1.89 9.31
CA ALA C 383 -21.59 -1.29 9.45
C ALA C 383 -21.18 -1.19 10.92
N GLU C 384 -22.11 -0.80 11.79
CA GLU C 384 -21.81 -0.71 13.21
C GLU C 384 -21.45 -2.07 13.80
N LEU C 385 -22.19 -3.11 13.42
CA LEU C 385 -21.88 -4.45 13.89
C LEU C 385 -20.53 -4.93 13.36
N THR C 386 -20.23 -4.62 12.09
CA THR C 386 -18.99 -5.08 11.48
C THR C 386 -17.78 -4.41 12.12
N HIS C 387 -17.89 -3.12 12.46
CA HIS C 387 -16.75 -2.40 13.01
C HIS C 387 -16.29 -2.99 14.33
N LYS C 388 -17.20 -3.56 15.12
CA LYS C 388 -16.87 -4.06 16.45
C LYS C 388 -16.13 -5.40 16.42
N ARG C 389 -16.06 -6.07 15.27
CA ARG C 389 -15.47 -7.40 15.19
C ARG C 389 -14.23 -7.42 14.30
N ARG C 390 -13.48 -6.33 14.28
CA ARG C 390 -12.31 -6.18 13.43
C ARG C 390 -11.05 -6.55 14.17
N LEU C 391 -10.10 -7.14 13.45
CA LEU C 391 -8.78 -7.49 13.99
C LEU C 391 -7.72 -6.73 13.22
N SER C 392 -6.83 -6.07 13.94
CA SER C 392 -5.81 -5.20 13.36
C SER C 392 -4.42 -5.65 13.80
N ALA C 393 -3.49 -5.68 12.86
CA ALA C 393 -2.11 -6.05 13.14
C ALA C 393 -1.21 -4.85 13.36
N LEU C 394 -1.75 -3.64 13.37
CA LEU C 394 -0.98 -2.42 13.57
C LEU C 394 -1.21 -1.87 14.97
N GLY C 395 -0.52 -0.78 15.29
CA GLY C 395 -0.64 -0.16 16.58
C GLY C 395 0.62 -0.32 17.41
N PRO C 396 0.61 0.16 18.65
CA PRO C 396 1.77 0.01 19.53
C PRO C 396 2.03 -1.46 19.85
N GLY C 397 3.25 -1.91 19.60
CA GLY C 397 3.61 -3.30 19.78
C GLY C 397 3.27 -4.20 18.62
N GLY C 398 2.74 -3.66 17.53
CA GLY C 398 2.39 -4.47 16.37
C GLY C 398 3.39 -4.35 15.24
N LEU C 399 2.95 -3.83 14.10
CA LEU C 399 3.78 -3.68 12.92
C LEU C 399 3.70 -2.23 12.42
N THR C 400 4.33 -2.00 11.27
CA THR C 400 4.26 -0.71 10.58
C THR C 400 4.01 -0.97 9.10
N ARG C 401 3.30 -0.04 8.46
CA ARG C 401 2.94 -0.22 7.06
C ARG C 401 4.16 -0.30 6.16
N GLU C 402 5.15 0.57 6.40
CA GLU C 402 6.35 0.58 5.56
C GLU C 402 7.24 -0.62 5.85
N ARG C 403 7.29 -1.04 7.11
CA ARG C 403 8.23 -2.09 7.54
C ARG C 403 7.58 -3.47 7.56
N ALA C 404 6.36 -3.60 7.04
CA ALA C 404 5.72 -4.90 6.95
C ALA C 404 6.22 -5.64 5.72
N GLY C 405 6.45 -6.94 5.88
CA GLY C 405 6.95 -7.75 4.78
C GLY C 405 5.86 -8.16 3.81
N PHE C 406 5.94 -9.39 3.32
CA PHE C 406 4.96 -9.89 2.37
C PHE C 406 4.28 -11.19 2.79
N ALA C 407 4.87 -11.95 3.72
CA ALA C 407 4.21 -13.14 4.24
C ALA C 407 3.03 -12.80 5.13
N VAL C 408 2.95 -11.56 5.63
CA VAL C 408 1.86 -11.17 6.52
C VAL C 408 0.58 -10.82 5.77
N ARG C 409 0.64 -10.67 4.45
CA ARG C 409 -0.53 -10.35 3.64
C ARG C 409 -1.12 -11.58 2.95
N ASP C 410 -0.64 -12.78 3.29
CA ASP C 410 -1.10 -14.00 2.67
C ASP C 410 -2.07 -14.74 3.60
N ILE C 411 -2.71 -15.77 3.04
CA ILE C 411 -3.65 -16.61 3.76
C ILE C 411 -2.94 -17.86 4.23
N HIS C 412 -3.09 -18.19 5.51
CA HIS C 412 -2.49 -19.37 6.10
C HIS C 412 -3.51 -20.48 6.26
N PRO C 413 -3.09 -21.74 6.19
CA PRO C 413 -4.04 -22.85 6.36
C PRO C 413 -4.70 -22.88 7.74
N SER C 414 -4.12 -22.24 8.74
CA SER C 414 -4.70 -22.22 10.08
C SER C 414 -5.80 -21.20 10.25
N HIS C 415 -6.08 -20.39 9.23
CA HIS C 415 -7.11 -19.36 9.32
C HIS C 415 -8.52 -19.91 9.12
N TYR C 416 -8.66 -21.16 8.69
CA TYR C 416 -9.96 -21.66 8.27
C TYR C 416 -10.88 -21.82 9.47
N GLY C 417 -12.04 -21.16 9.42
CA GLY C 417 -12.99 -21.18 10.52
C GLY C 417 -12.74 -20.14 11.59
N ARG C 418 -11.67 -19.37 11.48
CA ARG C 418 -11.31 -18.39 12.50
C ARG C 418 -11.21 -16.97 11.96
N ILE C 419 -10.68 -16.78 10.76
CA ILE C 419 -10.61 -15.47 10.12
C ILE C 419 -11.19 -15.59 8.72
N CYS C 420 -12.03 -14.64 8.34
CA CYS C 420 -12.65 -14.66 7.03
C CYS C 420 -11.60 -14.41 5.95
N PRO C 421 -11.56 -15.22 4.89
CA PRO C 421 -10.56 -15.03 3.83
C PRO C 421 -10.98 -14.10 2.69
N ILE C 422 -12.09 -13.37 2.83
CA ILE C 422 -12.62 -12.53 1.77
C ILE C 422 -12.68 -11.07 2.17
N GLU C 423 -13.25 -10.78 3.35
CA GLU C 423 -13.41 -9.41 3.79
C GLU C 423 -12.06 -8.82 4.19
N THR C 424 -11.63 -7.79 3.47
CA THR C 424 -10.36 -7.13 3.72
C THR C 424 -10.35 -5.80 2.96
N PRO C 425 -9.62 -4.81 3.44
CA PRO C 425 -9.56 -3.53 2.71
C PRO C 425 -8.86 -3.68 1.37
N GLU C 426 -9.19 -2.77 0.45
CA GLU C 426 -8.69 -2.80 -0.91
C GLU C 426 -7.78 -1.59 -1.19
N GLY C 427 -6.98 -1.21 -0.20
CA GLY C 427 -6.08 -0.09 -0.35
C GLY C 427 -4.65 -0.43 0.01
N PRO C 428 -3.90 0.57 0.48
CA PRO C 428 -2.50 0.32 0.84
C PRO C 428 -2.33 -0.67 1.99
N ASN C 429 -3.34 -0.82 2.85
CA ASN C 429 -3.28 -1.74 3.99
C ASN C 429 -4.09 -3.00 3.73
N ALA C 430 -4.10 -3.49 2.49
CA ALA C 430 -4.79 -4.73 2.18
C ALA C 430 -4.05 -5.91 2.79
N GLY C 431 -4.80 -6.82 3.41
CA GLY C 431 -4.21 -7.98 4.05
C GLY C 431 -3.70 -7.76 5.45
N LEU C 432 -3.83 -6.56 6.00
CA LEU C 432 -3.37 -6.25 7.35
C LEU C 432 -4.51 -6.10 8.35
N ILE C 433 -5.75 -6.01 7.88
CA ILE C 433 -6.92 -5.89 8.74
C ILE C 433 -7.91 -6.97 8.33
N GLY C 434 -8.44 -7.70 9.32
CA GLY C 434 -9.33 -8.81 9.04
C GLY C 434 -10.60 -8.76 9.89
N SER C 435 -11.46 -9.73 9.65
CA SER C 435 -12.74 -9.83 10.35
C SER C 435 -12.88 -11.21 10.97
N LEU C 436 -13.45 -11.25 12.17
CA LEU C 436 -13.68 -12.52 12.85
C LEU C 436 -14.79 -13.32 12.15
N ALA C 437 -14.61 -14.63 12.10
CA ALA C 437 -15.59 -15.50 11.48
C ALA C 437 -16.83 -15.62 12.36
N THR C 438 -17.91 -16.15 11.76
CA THR C 438 -19.21 -16.14 12.42
C THR C 438 -19.23 -17.00 13.68
N HIS C 439 -18.63 -18.18 13.63
CA HIS C 439 -18.70 -19.14 14.72
C HIS C 439 -17.51 -19.08 15.66
N ALA C 440 -16.57 -18.17 15.44
CA ALA C 440 -15.34 -18.16 16.22
C ALA C 440 -15.55 -17.51 17.58
N ARG C 441 -14.67 -17.85 18.52
CA ARG C 441 -14.69 -17.29 19.85
C ARG C 441 -13.28 -17.32 20.43
N VAL C 442 -13.05 -16.47 21.44
CA VAL C 442 -11.72 -16.29 22.03
C VAL C 442 -11.77 -16.79 23.47
N ASN C 443 -10.80 -17.63 23.84
CA ASN C 443 -10.73 -18.20 25.18
C ASN C 443 -10.01 -17.23 26.12
N ASP C 444 -9.67 -17.70 27.32
CA ASP C 444 -9.14 -16.83 28.36
C ASP C 444 -7.63 -16.60 28.24
N TYR C 445 -6.97 -17.22 27.27
CA TYR C 445 -5.56 -16.94 27.03
C TYR C 445 -5.33 -16.00 25.86
N GLY C 446 -6.30 -15.86 24.96
CA GLY C 446 -6.19 -14.99 23.81
C GLY C 446 -6.13 -15.70 22.47
N PHE C 447 -6.47 -16.98 22.42
CA PHE C 447 -6.45 -17.76 21.18
C PHE C 447 -7.87 -18.02 20.71
N ILE C 448 -8.02 -18.25 19.41
CA ILE C 448 -9.33 -18.35 18.76
C ILE C 448 -9.69 -19.82 18.60
N GLU C 449 -10.93 -20.16 18.93
CA GLU C 449 -11.44 -21.52 18.87
C GLU C 449 -12.56 -21.62 17.85
N THR C 450 -12.84 -22.85 17.43
CA THR C 450 -13.95 -23.11 16.52
C THR C 450 -14.57 -24.45 16.87
N PRO C 451 -15.88 -24.62 16.70
CA PRO C 451 -16.55 -25.85 17.12
C PRO C 451 -16.66 -26.92 16.05
N PHE C 452 -16.74 -28.16 16.51
CA PHE C 452 -16.86 -29.33 15.64
C PHE C 452 -17.77 -30.36 16.29
N TRP C 453 -18.21 -31.32 15.48
CA TRP C 453 -18.97 -32.47 15.94
C TRP C 453 -18.12 -33.72 15.80
N ARG C 454 -18.24 -34.62 16.77
CA ARG C 454 -17.46 -35.86 16.77
C ARG C 454 -18.24 -36.98 16.08
N VAL C 455 -17.49 -37.87 15.44
CA VAL C 455 -18.07 -39.02 14.73
C VAL C 455 -17.50 -40.29 15.35
N GLU C 456 -18.33 -41.35 15.34
CA GLU C 456 -17.97 -42.63 15.94
C GLU C 456 -18.26 -43.73 14.94
N GLU C 457 -17.19 -44.29 14.36
CA GLU C 457 -17.25 -45.42 13.44
C GLU C 457 -17.80 -44.99 12.08
N GLY C 458 -18.32 -43.77 11.99
CA GLY C 458 -18.85 -43.28 10.75
C GLY C 458 -20.18 -42.57 10.90
N ARG C 459 -20.64 -42.42 12.14
CA ARG C 459 -21.90 -41.77 12.45
C ARG C 459 -21.64 -40.43 13.13
N VAL C 460 -22.26 -39.37 12.62
CA VAL C 460 -22.11 -38.04 13.19
C VAL C 460 -23.03 -37.93 14.40
N ARG C 461 -22.45 -37.68 15.57
CA ARG C 461 -23.20 -37.53 16.80
C ARG C 461 -23.61 -36.06 16.93
N LYS C 462 -24.81 -35.75 16.42
CA LYS C 462 -25.29 -34.38 16.38
C LYS C 462 -26.04 -33.98 17.66
N ASP C 463 -25.88 -34.74 18.74
CA ASP C 463 -26.54 -34.44 20.00
C ASP C 463 -25.57 -34.63 21.16
N LEU C 464 -24.32 -34.23 20.99
CA LEU C 464 -23.29 -34.52 21.97
C LEU C 464 -22.39 -33.31 22.24
N ALA C 465 -23.00 -32.14 22.43
CA ALA C 465 -22.30 -30.99 23.00
C ALA C 465 -21.02 -30.63 22.23
N PRO C 466 -21.13 -29.95 21.08
CA PRO C 466 -19.97 -29.74 20.20
C PRO C 466 -18.68 -29.32 20.90
N VAL C 467 -17.54 -29.70 20.31
CA VAL C 467 -16.23 -29.52 20.92
C VAL C 467 -15.54 -28.32 20.27
N TYR C 468 -15.06 -27.40 21.10
CA TYR C 468 -14.32 -26.23 20.63
C TYR C 468 -12.84 -26.54 20.64
N MET C 469 -12.17 -26.28 19.51
CA MET C 469 -10.76 -26.62 19.35
C MET C 469 -9.98 -25.43 18.81
N THR C 470 -8.68 -25.43 19.12
CA THR C 470 -7.73 -24.39 18.73
C THR C 470 -6.91 -24.92 17.55
N ALA C 471 -6.14 -24.01 16.93
CA ALA C 471 -5.44 -24.34 15.70
C ALA C 471 -4.44 -25.48 15.88
N ASP C 472 -3.75 -25.51 17.02
CA ASP C 472 -2.74 -26.54 17.25
C ASP C 472 -3.32 -27.84 17.79
N GLN C 473 -4.56 -27.84 18.26
CA GLN C 473 -5.17 -29.07 18.77
C GLN C 473 -5.62 -29.99 17.66
N GLU C 474 -5.97 -29.45 16.50
CA GLU C 474 -6.55 -30.22 15.40
C GLU C 474 -5.54 -30.52 14.31
N ASP C 475 -4.25 -30.29 14.56
CA ASP C 475 -3.25 -30.55 13.53
C ASP C 475 -3.03 -32.04 13.31
N ASP C 476 -3.33 -32.87 14.31
CA ASP C 476 -3.08 -34.31 14.25
C ASP C 476 -4.35 -35.12 14.10
N LEU C 477 -5.43 -34.52 13.63
CA LEU C 477 -6.70 -35.21 13.43
C LEU C 477 -7.21 -34.97 12.02
N ARG C 478 -8.01 -35.91 11.53
CA ARG C 478 -8.62 -35.80 10.21
C ARG C 478 -9.97 -35.11 10.35
N VAL C 479 -10.08 -33.91 9.79
CA VAL C 479 -11.26 -33.06 9.94
C VAL C 479 -11.88 -32.86 8.57
N ALA C 480 -13.21 -33.10 8.48
CA ALA C 480 -13.99 -32.99 7.26
C ALA C 480 -14.69 -31.64 7.18
N PRO C 481 -14.99 -31.15 5.97
CA PRO C 481 -15.72 -29.88 5.85
C PRO C 481 -17.19 -30.01 6.19
N GLY C 482 -17.93 -28.90 6.11
CA GLY C 482 -19.32 -28.87 6.46
C GLY C 482 -20.30 -29.24 5.37
N ASP C 483 -19.82 -29.59 4.18
CA ASP C 483 -20.68 -29.97 3.07
C ASP C 483 -20.77 -31.48 2.88
N VAL C 484 -20.29 -32.26 3.85
CA VAL C 484 -20.43 -33.71 3.76
C VAL C 484 -21.86 -34.10 4.07
N ALA C 485 -22.46 -34.90 3.18
CA ALA C 485 -23.87 -35.26 3.30
C ALA C 485 -24.03 -36.58 4.02
N THR C 486 -25.03 -36.65 4.90
CA THR C 486 -25.32 -37.83 5.70
C THR C 486 -26.68 -38.40 5.32
N ASP C 487 -26.86 -39.69 5.63
CA ASP C 487 -28.09 -40.38 5.25
C ASP C 487 -29.31 -39.77 5.95
N ASP C 488 -29.34 -39.85 7.28
CA ASP C 488 -30.43 -39.32 8.10
C ASP C 488 -29.87 -38.54 9.27
N ALA C 489 -28.93 -37.64 8.98
CA ALA C 489 -28.08 -36.99 9.97
C ALA C 489 -27.24 -38.00 10.75
N GLY C 490 -27.03 -39.18 10.17
CA GLY C 490 -26.28 -40.24 10.80
C GLY C 490 -24.99 -40.59 10.08
N TYR C 491 -25.03 -41.65 9.29
CA TYR C 491 -23.83 -42.18 8.67
C TYR C 491 -23.40 -41.35 7.47
N ILE C 492 -22.09 -41.29 7.24
CA ILE C 492 -21.54 -40.53 6.13
C ILE C 492 -21.62 -41.35 4.86
N LEU C 493 -22.25 -40.80 3.83
CA LEU C 493 -22.40 -41.50 2.57
C LEU C 493 -21.12 -41.38 1.73
N GLY C 494 -21.11 -42.08 0.61
CA GLY C 494 -19.98 -42.07 -0.29
C GLY C 494 -18.88 -43.02 0.15
N THR C 495 -17.76 -42.94 -0.57
CA THR C 495 -16.60 -43.77 -0.27
C THR C 495 -15.29 -43.01 -0.27
N THR C 496 -15.28 -41.74 -0.63
CA THR C 496 -14.06 -40.93 -0.65
C THR C 496 -14.41 -39.54 -0.12
N ILE C 497 -13.94 -39.23 1.08
CA ILE C 497 -14.29 -38.00 1.79
C ILE C 497 -13.06 -37.12 1.83
N PRO C 498 -13.16 -35.85 1.43
CA PRO C 498 -12.03 -34.93 1.57
C PRO C 498 -11.83 -34.50 3.01
N VAL C 499 -10.57 -34.49 3.46
CA VAL C 499 -10.22 -34.16 4.83
C VAL C 499 -9.00 -33.25 4.82
N ARG C 500 -8.72 -32.65 5.97
CA ARG C 500 -7.51 -31.88 6.21
C ARG C 500 -6.66 -32.61 7.24
N TYR C 501 -5.42 -32.90 6.87
CA TYR C 501 -4.48 -33.58 7.75
C TYR C 501 -3.13 -32.89 7.67
N ARG C 502 -2.60 -32.51 8.82
CA ARG C 502 -1.29 -31.86 8.92
C ARG C 502 -1.18 -30.68 7.95
N GLN C 503 -2.22 -29.84 7.95
CA GLN C 503 -2.29 -28.65 7.11
C GLN C 503 -2.19 -28.99 5.62
N ASP C 504 -2.80 -30.11 5.23
CA ASP C 504 -2.80 -30.52 3.83
C ASP C 504 -4.15 -31.13 3.47
N PHE C 505 -4.62 -30.83 2.25
CA PHE C 505 -5.86 -31.41 1.74
C PHE C 505 -5.59 -32.82 1.24
N THR C 506 -6.31 -33.80 1.80
CA THR C 506 -6.18 -35.19 1.36
C THR C 506 -7.58 -35.80 1.27
N THR C 507 -7.65 -37.09 0.99
CA THR C 507 -8.90 -37.82 0.90
C THR C 507 -8.77 -39.14 1.65
N THR C 508 -9.86 -39.59 2.27
CA THR C 508 -9.81 -40.79 3.09
C THR C 508 -11.17 -41.47 3.08
N THR C 509 -11.17 -42.71 3.59
CA THR C 509 -12.40 -43.48 3.67
C THR C 509 -13.28 -42.97 4.81
N PRO C 510 -14.60 -43.15 4.72
CA PRO C 510 -15.49 -42.61 5.76
C PRO C 510 -15.51 -43.46 7.02
N GLU C 511 -14.33 -43.83 7.51
CA GLU C 511 -14.20 -44.49 8.80
C GLU C 511 -13.01 -43.98 9.62
N ARG C 512 -12.06 -43.28 9.02
CA ARG C 512 -10.96 -42.66 9.73
C ARG C 512 -11.23 -41.21 10.10
N VAL C 513 -12.42 -40.69 9.75
CA VAL C 513 -12.74 -39.30 10.05
C VAL C 513 -12.92 -39.15 11.56
N ASP C 514 -12.50 -37.99 12.08
CA ASP C 514 -12.56 -37.69 13.51
C ASP C 514 -13.59 -36.63 13.84
N TYR C 515 -13.62 -35.52 13.10
CA TYR C 515 -14.52 -34.41 13.41
C TYR C 515 -15.08 -33.84 12.12
N VAL C 516 -16.24 -33.19 12.23
CA VAL C 516 -16.92 -32.55 11.11
C VAL C 516 -17.31 -31.13 11.52
N ALA C 517 -17.19 -30.19 10.58
CA ALA C 517 -17.59 -28.82 10.85
C ALA C 517 -19.10 -28.72 10.98
N LEU C 518 -19.55 -27.68 11.70
CA LEU C 518 -20.97 -27.55 11.98
C LEU C 518 -21.76 -27.07 10.77
N SER C 519 -21.24 -26.10 10.03
CA SER C 519 -21.99 -25.46 8.96
C SER C 519 -21.11 -25.29 7.73
N PRO C 520 -21.71 -25.28 6.54
CA PRO C 520 -20.93 -24.95 5.33
C PRO C 520 -20.52 -23.50 5.25
N VAL C 521 -21.18 -22.60 5.97
CA VAL C 521 -20.85 -21.19 5.96
C VAL C 521 -20.04 -20.78 7.19
N GLN C 522 -19.37 -21.74 7.83
CA GLN C 522 -18.53 -21.47 8.99
C GLN C 522 -17.27 -20.70 8.63
N ILE C 523 -16.94 -20.58 7.35
CA ILE C 523 -15.66 -20.01 6.94
C ILE C 523 -15.72 -18.51 6.65
N ILE C 524 -16.90 -17.92 6.58
CA ILE C 524 -17.05 -16.53 6.17
C ILE C 524 -17.59 -15.69 7.33
N SER C 525 -17.65 -14.38 7.11
CA SER C 525 -18.04 -13.42 8.13
C SER C 525 -19.53 -13.09 8.02
N VAL C 526 -19.97 -12.11 8.79
CA VAL C 526 -21.40 -11.78 8.85
C VAL C 526 -21.86 -11.12 7.55
N ALA C 527 -21.09 -10.15 7.06
CA ALA C 527 -21.51 -9.40 5.88
C ALA C 527 -21.53 -10.29 4.64
N THR C 528 -20.54 -11.17 4.50
CA THR C 528 -20.49 -12.09 3.37
C THR C 528 -21.54 -13.18 3.45
N SER C 529 -22.16 -13.38 4.61
CA SER C 529 -23.14 -14.43 4.81
C SER C 529 -24.56 -14.00 4.45
N LEU C 530 -24.73 -12.80 3.89
CA LEU C 530 -26.05 -12.30 3.51
C LEU C 530 -26.25 -12.28 2.00
N ILE C 531 -25.39 -12.94 1.24
CA ILE C 531 -25.45 -12.97 -0.22
C ILE C 531 -25.95 -14.34 -0.65
N PRO C 532 -27.15 -14.44 -1.22
CA PRO C 532 -27.65 -15.74 -1.68
C PRO C 532 -27.01 -16.16 -3.00
N PHE C 533 -26.98 -17.48 -3.21
CA PHE C 533 -26.39 -18.08 -4.41
C PHE C 533 -24.94 -17.64 -4.59
N LEU C 534 -24.20 -17.59 -3.47
CA LEU C 534 -22.85 -17.06 -3.49
C LEU C 534 -21.86 -18.01 -4.16
N GLU C 535 -22.16 -19.31 -4.22
CA GLU C 535 -21.26 -20.28 -4.81
C GLU C 535 -21.22 -20.21 -6.33
N HIS C 536 -22.08 -19.40 -6.95
CA HIS C 536 -22.09 -19.22 -8.39
C HIS C 536 -21.45 -17.90 -8.83
N ASP C 537 -20.77 -17.21 -7.93
CA ASP C 537 -20.15 -15.93 -8.21
C ASP C 537 -18.64 -16.04 -8.09
N ASP C 538 -17.97 -14.93 -8.37
CA ASP C 538 -16.52 -14.82 -8.18
C ASP C 538 -16.23 -14.24 -6.79
N ALA C 539 -15.06 -14.59 -6.26
CA ALA C 539 -14.71 -14.15 -4.91
C ALA C 539 -14.53 -12.64 -4.83
N ASN C 540 -13.94 -12.04 -5.87
CA ASN C 540 -13.76 -10.59 -5.86
C ASN C 540 -15.09 -9.85 -5.86
N ARG C 541 -16.06 -10.35 -6.63
CA ARG C 541 -17.39 -9.74 -6.62
C ARG C 541 -18.07 -9.93 -5.28
N ALA C 542 -17.81 -11.04 -4.59
CA ALA C 542 -18.34 -11.23 -3.24
C ALA C 542 -17.74 -10.20 -2.27
N LEU C 543 -16.43 -9.95 -2.39
CA LEU C 543 -15.81 -8.92 -1.56
C LEU C 543 -16.42 -7.55 -1.85
N MET C 544 -16.61 -7.23 -3.12
CA MET C 544 -17.19 -5.94 -3.47
C MET C 544 -18.62 -5.81 -2.96
N GLY C 545 -19.41 -6.89 -3.05
CA GLY C 545 -20.76 -6.86 -2.54
C GLY C 545 -20.82 -6.69 -1.04
N SER C 546 -19.94 -7.38 -0.31
CA SER C 546 -19.87 -7.20 1.13
C SER C 546 -19.48 -5.77 1.49
N ASN C 547 -18.52 -5.20 0.75
CA ASN C 547 -18.11 -3.82 1.00
C ASN C 547 -19.25 -2.84 0.75
N MET C 548 -19.98 -3.04 -0.36
CA MET C 548 -21.03 -2.12 -0.75
C MET C 548 -22.32 -2.28 0.05
N GLN C 549 -22.51 -3.42 0.72
CA GLN C 549 -23.68 -3.57 1.57
C GLN C 549 -23.61 -2.69 2.82
N ARG C 550 -22.42 -2.21 3.18
CA ARG C 550 -22.23 -1.38 4.36
C ARG C 550 -22.31 0.11 4.06
N GLN C 551 -22.58 0.49 2.80
CA GLN C 551 -22.66 1.89 2.41
C GLN C 551 -24.08 2.31 2.06
N ALA C 552 -25.07 1.46 2.34
CA ALA C 552 -26.45 1.78 2.01
C ALA C 552 -27.02 2.82 2.97
N VAL C 553 -28.01 3.56 2.48
CA VAL C 553 -28.69 4.60 3.26
C VAL C 553 -30.02 4.05 3.75
N PRO C 554 -30.38 4.25 5.01
CA PRO C 554 -31.73 3.89 5.45
C PRO C 554 -32.78 4.70 4.70
N LEU C 555 -33.89 4.04 4.35
CA LEU C 555 -34.92 4.63 3.53
C LEU C 555 -36.15 4.98 4.37
N LEU C 556 -37.07 5.70 3.74
CA LEU C 556 -38.28 6.14 4.43
C LEU C 556 -39.14 4.96 4.87
N ARG C 557 -39.41 4.04 3.94
CA ARG C 557 -40.22 2.86 4.21
C ARG C 557 -39.46 1.65 3.69
N PRO C 558 -38.64 1.02 4.54
CA PRO C 558 -37.81 -0.10 4.08
C PRO C 558 -38.64 -1.35 3.82
N GLU C 559 -38.03 -2.28 3.10
CA GLU C 559 -38.68 -3.53 2.70
C GLU C 559 -37.68 -4.67 2.83
N ARG C 560 -38.14 -5.78 3.40
CA ARG C 560 -37.24 -6.92 3.53
C ARG C 560 -37.24 -7.75 2.25
N PRO C 561 -36.11 -8.39 1.92
CA PRO C 561 -35.99 -9.07 0.63
C PRO C 561 -36.94 -10.25 0.48
N LEU C 562 -37.37 -10.48 -0.76
CA LEU C 562 -38.15 -11.68 -1.06
C LEU C 562 -37.29 -12.93 -0.98
N VAL C 563 -36.05 -12.84 -1.46
CA VAL C 563 -35.11 -13.96 -1.45
C VAL C 563 -34.01 -13.62 -0.45
N GLY C 564 -34.02 -14.32 0.68
CA GLY C 564 -33.05 -14.11 1.73
C GLY C 564 -32.13 -15.30 1.91
N THR C 565 -31.41 -15.27 3.04
CA THR C 565 -30.45 -16.32 3.36
C THR C 565 -30.65 -16.95 4.74
N GLY C 566 -31.42 -16.32 5.63
CA GLY C 566 -31.68 -16.89 6.93
C GLY C 566 -30.93 -16.26 8.09
N LEU C 567 -30.11 -15.24 7.83
CA LEU C 567 -29.31 -14.60 8.87
C LEU C 567 -29.76 -13.18 9.19
N GLU C 568 -30.77 -12.66 8.49
CA GLU C 568 -31.20 -11.28 8.71
C GLU C 568 -31.76 -11.03 10.10
N PRO C 569 -32.65 -11.87 10.66
CA PRO C 569 -33.19 -11.55 11.99
C PRO C 569 -32.13 -11.44 13.08
N GLN C 570 -31.14 -12.34 13.10
CA GLN C 570 -30.11 -12.25 14.12
C GLN C 570 -29.24 -11.01 13.95
N ALA C 571 -28.92 -10.67 12.70
CA ALA C 571 -28.13 -9.46 12.45
C ALA C 571 -28.88 -8.21 12.90
N ALA C 572 -30.19 -8.16 12.66
CA ALA C 572 -30.98 -7.02 13.11
C ALA C 572 -31.08 -7.00 14.64
N ARG C 573 -31.21 -8.16 15.27
CA ARG C 573 -31.44 -8.22 16.71
C ARG C 573 -30.18 -7.88 17.49
N ASP C 574 -29.02 -8.34 17.03
CA ASP C 574 -27.78 -8.22 17.79
C ASP C 574 -27.13 -6.84 17.69
N SER C 575 -27.85 -5.81 17.24
CA SER C 575 -27.27 -4.49 17.10
C SER C 575 -27.95 -3.40 17.93
N GLY C 576 -29.14 -3.66 18.48
CA GLY C 576 -29.70 -2.80 19.49
C GLY C 576 -30.64 -1.69 19.05
N MET C 577 -31.59 -2.00 18.17
CA MET C 577 -32.71 -1.09 17.92
C MET C 577 -34.07 -1.78 17.97
N VAL C 578 -34.13 -3.10 18.07
CA VAL C 578 -35.39 -3.82 18.10
C VAL C 578 -35.77 -4.06 19.56
N ILE C 579 -37.01 -3.71 19.90
CA ILE C 579 -37.56 -3.91 21.23
C ILE C 579 -38.48 -5.12 21.21
N THR C 580 -38.30 -6.03 22.16
CA THR C 580 -39.04 -7.27 22.22
C THR C 580 -39.76 -7.40 23.56
N SER C 581 -40.90 -8.07 23.54
CA SER C 581 -41.69 -8.26 24.76
C SER C 581 -41.00 -9.27 25.67
N PRO C 582 -40.75 -8.92 26.94
CA PRO C 582 -40.07 -9.86 27.84
C PRO C 582 -40.99 -10.82 28.58
N VAL C 583 -42.30 -10.63 28.53
CA VAL C 583 -43.26 -11.45 29.25
C VAL C 583 -44.33 -11.94 28.27
N ASP C 584 -45.29 -12.68 28.81
CA ASP C 584 -46.44 -13.17 28.04
C ASP C 584 -47.68 -12.48 28.60
N GLY C 585 -47.98 -11.30 28.06
CA GLY C 585 -49.13 -10.55 28.50
C GLY C 585 -49.85 -9.87 27.35
N THR C 586 -50.48 -8.74 27.63
CA THR C 586 -51.21 -7.97 26.64
C THR C 586 -50.57 -6.59 26.49
N ILE C 587 -51.17 -5.77 25.62
CA ILE C 587 -50.71 -4.42 25.37
C ILE C 587 -51.73 -3.45 25.95
N SER C 588 -51.28 -2.53 26.79
CA SER C 588 -52.16 -1.63 27.50
C SER C 588 -52.16 -0.20 26.97
N TYR C 589 -51.06 0.25 26.37
CA TYR C 589 -50.97 1.63 25.91
C TYR C 589 -49.94 1.72 24.79
N VAL C 590 -50.38 2.26 23.66
CA VAL C 590 -49.52 2.49 22.49
C VAL C 590 -49.58 3.97 22.13
N ASP C 591 -48.42 4.56 21.88
CA ASP C 591 -48.34 5.93 21.43
C ASP C 591 -47.01 6.08 20.71
N ALA C 592 -46.93 7.05 19.78
CA ALA C 592 -45.77 7.22 18.93
C ALA C 592 -44.47 7.39 19.70
N THR C 593 -44.53 7.54 21.03
CA THR C 593 -43.33 7.67 21.84
C THR C 593 -43.32 6.80 23.08
N HIS C 594 -44.32 5.93 23.29
CA HIS C 594 -44.37 5.15 24.52
C HIS C 594 -45.18 3.87 24.30
N ILE C 595 -44.67 2.77 24.85
CA ILE C 595 -45.37 1.48 24.79
C ILE C 595 -45.39 0.88 26.19
N GLU C 596 -46.56 0.39 26.62
CA GLU C 596 -46.71 -0.26 27.91
C GLU C 596 -47.17 -1.70 27.71
N VAL C 597 -46.58 -2.61 28.48
CA VAL C 597 -46.93 -4.03 28.45
C VAL C 597 -47.35 -4.45 29.84
N THR C 598 -48.52 -5.10 29.93
CA THR C 598 -49.04 -5.63 31.19
C THR C 598 -49.09 -7.15 31.07
N ALA C 599 -48.44 -7.84 32.00
CA ALA C 599 -48.38 -9.29 31.96
C ALA C 599 -49.63 -9.90 32.59
N ASP C 600 -49.67 -11.23 32.61
CA ASP C 600 -50.80 -11.93 33.21
C ASP C 600 -50.83 -11.76 34.73
N THR C 601 -49.66 -11.66 35.37
CA THR C 601 -49.61 -11.51 36.82
C THR C 601 -50.16 -10.16 37.25
N GLY C 602 -49.71 -9.08 36.62
CA GLY C 602 -50.25 -7.76 36.92
C GLY C 602 -49.25 -6.63 36.96
N GLU C 603 -47.96 -6.91 36.81
CA GLU C 603 -46.98 -5.84 36.78
C GLU C 603 -46.88 -5.26 35.37
N LYS C 604 -46.29 -4.07 35.29
CA LYS C 604 -46.25 -3.30 34.05
C LYS C 604 -44.81 -2.96 33.67
N TYR C 605 -44.57 -2.90 32.37
CA TYR C 605 -43.29 -2.53 31.80
C TYR C 605 -43.48 -1.40 30.80
N GLY C 606 -42.60 -0.43 30.82
CA GLY C 606 -42.73 0.74 29.95
C GLY C 606 -41.48 0.99 29.13
N TYR C 607 -41.70 1.42 27.89
CA TYR C 607 -40.60 1.70 26.97
C TYR C 607 -40.85 3.02 26.27
N ALA C 608 -39.78 3.80 26.11
CA ALA C 608 -39.78 5.03 25.33
C ALA C 608 -38.96 4.84 24.07
N LEU C 609 -39.34 5.53 23.01
CA LEU C 609 -38.76 5.33 21.68
C LEU C 609 -38.01 6.57 21.22
N GLN C 610 -36.91 6.36 20.51
CA GLN C 610 -36.18 7.45 19.88
C GLN C 610 -36.99 8.02 18.72
N LYS C 611 -36.78 9.31 18.45
CA LYS C 611 -37.57 10.01 17.43
C LYS C 611 -36.67 11.00 16.70
N TYR C 612 -36.26 10.64 15.48
CA TYR C 612 -35.55 11.52 14.56
C TYR C 612 -34.27 12.09 15.19
N GLN C 613 -33.34 11.19 15.46
CA GLN C 613 -32.05 11.58 16.01
C GLN C 613 -30.97 11.50 14.94
N ARG C 614 -29.75 11.90 15.30
CA ARG C 614 -28.65 12.04 14.38
C ARG C 614 -27.58 11.00 14.68
N SER C 615 -26.95 10.48 13.64
CA SER C 615 -25.88 9.50 13.75
C SER C 615 -24.54 10.18 13.43
N ASN C 616 -23.47 9.39 13.48
CA ASN C 616 -22.13 9.94 13.26
C ASN C 616 -21.96 10.44 11.82
N GLN C 617 -22.69 9.86 10.87
CA GLN C 617 -22.57 10.20 9.46
C GLN C 617 -23.77 11.00 8.95
N ASP C 618 -24.45 11.70 9.87
CA ASP C 618 -25.59 12.57 9.53
C ASP C 618 -26.76 11.78 8.95
N THR C 619 -26.91 10.52 9.35
CA THR C 619 -28.06 9.73 8.97
C THR C 619 -29.14 9.87 10.05
N CYS C 620 -30.18 9.05 9.96
CA CYS C 620 -31.35 9.18 10.83
C CYS C 620 -31.55 7.89 11.64
N LEU C 621 -31.90 8.06 12.91
CA LEU C 621 -32.25 6.96 13.80
C LEU C 621 -33.66 7.21 14.31
N ASN C 622 -34.56 6.24 14.06
CA ASN C 622 -35.97 6.42 14.38
C ASN C 622 -36.58 5.08 14.76
N GLN C 623 -37.52 5.12 15.70
CA GLN C 623 -38.23 3.92 16.15
C GLN C 623 -39.73 4.15 16.03
N ARG C 624 -40.44 3.11 15.62
CA ARG C 624 -41.88 3.17 15.43
C ARG C 624 -42.54 1.93 16.00
N PRO C 625 -43.78 2.04 16.48
CA PRO C 625 -44.47 0.87 17.03
C PRO C 625 -44.96 -0.07 15.93
N ILE C 626 -45.26 -1.30 16.35
CA ILE C 626 -45.72 -2.34 15.43
C ILE C 626 -47.09 -2.85 15.88
N VAL C 627 -47.35 -2.77 17.18
CA VAL C 627 -48.51 -3.42 17.77
C VAL C 627 -49.65 -2.41 17.92
N PHE C 628 -50.84 -2.93 18.22
CA PHE C 628 -52.03 -2.12 18.47
C PHE C 628 -52.46 -2.28 19.92
N GLU C 629 -53.46 -1.49 20.31
CA GLU C 629 -53.97 -1.53 21.67
C GLU C 629 -54.87 -2.73 21.89
N GLY C 630 -54.66 -3.43 23.00
CA GLY C 630 -55.42 -4.61 23.33
C GLY C 630 -54.94 -5.89 22.68
N ASP C 631 -53.86 -5.83 21.90
CA ASP C 631 -53.34 -7.02 21.26
C ASP C 631 -52.75 -7.99 22.28
N ARG C 632 -52.78 -9.27 21.95
CA ARG C 632 -52.20 -10.31 22.79
C ARG C 632 -50.83 -10.68 22.24
N VAL C 633 -49.81 -10.53 23.07
CA VAL C 633 -48.43 -10.77 22.66
C VAL C 633 -47.90 -12.01 23.35
N GLN C 634 -46.70 -12.43 22.95
CA GLN C 634 -46.04 -13.60 23.53
C GLN C 634 -44.65 -13.19 24.02
N ARG C 635 -43.85 -14.16 24.43
CA ARG C 635 -42.47 -13.87 24.85
C ARG C 635 -41.57 -13.80 23.63
N GLY C 636 -40.71 -12.78 23.59
CA GLY C 636 -39.80 -12.59 22.49
C GLY C 636 -40.40 -11.96 21.25
N GLN C 637 -41.67 -11.58 21.28
CA GLN C 637 -42.28 -10.95 20.12
C GLN C 637 -41.78 -9.52 19.96
N VAL C 638 -41.66 -9.08 18.70
CA VAL C 638 -41.17 -7.75 18.40
C VAL C 638 -42.32 -6.76 18.51
N ILE C 639 -42.10 -5.67 19.24
CA ILE C 639 -43.09 -4.62 19.39
C ILE C 639 -42.66 -3.29 18.78
N ALA C 640 -41.37 -3.08 18.53
CA ALA C 640 -40.90 -1.87 17.86
C ALA C 640 -39.62 -2.22 17.10
N ASP C 641 -39.31 -1.39 16.11
CA ASP C 641 -38.14 -1.63 15.27
C ASP C 641 -37.50 -0.29 14.88
N GLY C 642 -36.28 -0.38 14.37
CA GLY C 642 -35.48 0.79 14.05
C GLY C 642 -35.71 1.33 12.65
N SER C 643 -34.76 2.15 12.21
CA SER C 643 -34.91 2.86 10.94
C SER C 643 -34.66 1.96 9.74
N ALA C 644 -33.76 0.99 9.88
CA ALA C 644 -33.33 0.16 8.75
C ALA C 644 -33.73 -1.31 8.93
N THR C 645 -34.81 -1.56 9.66
CA THR C 645 -35.30 -2.92 9.87
C THR C 645 -36.79 -3.00 9.63
N GLU C 646 -37.21 -4.11 9.03
CA GLU C 646 -38.61 -4.50 8.94
C GLU C 646 -39.00 -5.18 10.25
N LYS C 647 -40.11 -5.92 10.26
CA LYS C 647 -40.62 -6.45 11.53
C LYS C 647 -39.68 -7.52 12.06
N GLY C 648 -38.52 -7.10 12.57
CA GLY C 648 -37.54 -7.98 13.14
C GLY C 648 -36.36 -8.32 12.26
N GLU C 649 -36.39 -7.95 10.98
CA GLU C 649 -35.37 -8.34 10.03
C GLU C 649 -34.68 -7.12 9.42
N LEU C 650 -33.43 -7.32 9.02
CA LEU C 650 -32.68 -6.26 8.35
C LEU C 650 -33.25 -5.98 6.97
N ALA C 651 -33.40 -4.69 6.66
CA ALA C 651 -33.97 -4.26 5.38
C ALA C 651 -33.19 -3.03 4.91
N LEU C 652 -32.44 -3.18 3.81
CA LEU C 652 -31.60 -2.10 3.32
C LEU C 652 -32.02 -1.53 1.98
N GLY C 653 -32.76 -2.27 1.16
CA GLY C 653 -33.12 -1.84 -0.18
C GLY C 653 -34.59 -2.07 -0.46
N GLN C 654 -34.90 -2.24 -1.74
CA GLN C 654 -36.27 -2.45 -2.18
C GLN C 654 -36.29 -3.45 -3.33
N ASN C 655 -37.47 -4.06 -3.53
CA ASN C 655 -37.69 -5.04 -4.58
C ASN C 655 -38.38 -4.36 -5.76
N ILE C 656 -37.74 -4.39 -6.93
CA ILE C 656 -38.25 -3.69 -8.11
C ILE C 656 -38.19 -4.60 -9.32
N LEU C 657 -39.01 -4.27 -10.32
CA LEU C 657 -39.09 -5.02 -11.56
C LEU C 657 -37.89 -4.69 -12.44
N VAL C 658 -37.25 -5.73 -13.00
CA VAL C 658 -36.06 -5.55 -13.81
C VAL C 658 -36.17 -6.40 -15.08
N ALA C 659 -35.63 -5.87 -16.16
CA ALA C 659 -35.47 -6.61 -17.41
C ALA C 659 -34.03 -6.44 -17.91
N TYR C 660 -33.52 -7.47 -18.56
CA TYR C 660 -32.15 -7.48 -19.07
C TYR C 660 -32.17 -7.29 -20.58
N MET C 661 -31.93 -6.06 -21.04
CA MET C 661 -31.91 -5.75 -22.46
C MET C 661 -31.27 -4.37 -22.63
N PRO C 662 -30.75 -4.06 -23.82
CA PRO C 662 -30.21 -2.72 -24.06
C PRO C 662 -31.26 -1.73 -24.55
N TRP C 663 -31.12 -0.49 -24.09
CA TRP C 663 -31.93 0.62 -24.56
C TRP C 663 -31.11 1.42 -25.58
N GLU C 664 -31.59 2.61 -25.94
CA GLU C 664 -31.00 3.40 -27.02
C GLU C 664 -29.73 4.12 -26.55
N GLY C 665 -28.78 3.33 -26.06
CA GLY C 665 -27.48 3.84 -25.68
C GLY C 665 -27.38 4.36 -24.26
N TYR C 666 -28.42 4.22 -23.45
CA TYR C 666 -28.41 4.73 -22.08
C TYR C 666 -27.88 3.72 -21.09
N ASN C 667 -27.50 2.52 -21.53
CA ASN C 667 -26.88 1.50 -20.68
C ASN C 667 -25.45 1.24 -21.13
N TYR C 668 -24.81 2.23 -21.75
CA TYR C 668 -23.61 1.97 -22.55
C TYR C 668 -22.52 1.29 -21.74
N GLU C 669 -22.03 1.95 -20.69
CA GLU C 669 -20.96 1.40 -19.85
C GLU C 669 -21.41 1.49 -18.40
N ASP C 670 -22.15 0.48 -17.95
CA ASP C 670 -22.59 0.36 -16.56
C ASP C 670 -23.42 1.56 -16.11
N ALA C 671 -24.15 2.18 -17.03
CA ALA C 671 -25.11 3.22 -16.67
C ALA C 671 -26.50 2.59 -16.49
N ILE C 672 -27.36 3.31 -15.77
CA ILE C 672 -28.65 2.77 -15.33
C ILE C 672 -29.76 3.70 -15.81
N LEU C 673 -30.82 3.09 -16.35
CA LEU C 673 -32.04 3.80 -16.76
C LEU C 673 -33.19 3.33 -15.87
N ILE C 674 -33.89 4.30 -15.25
CA ILE C 674 -34.97 4.00 -14.33
C ILE C 674 -36.22 4.75 -14.75
N SER C 675 -37.33 4.45 -14.08
CA SER C 675 -38.63 5.02 -14.35
C SER C 675 -38.93 6.18 -13.40
N GLU C 676 -39.97 6.93 -13.72
CA GLU C 676 -40.38 8.06 -12.91
C GLU C 676 -41.24 7.66 -11.71
N ARG C 677 -41.75 6.42 -11.69
CA ARG C 677 -42.53 5.98 -10.54
C ARG C 677 -41.67 5.90 -9.28
N LEU C 678 -40.37 5.66 -9.44
CA LEU C 678 -39.47 5.61 -8.30
C LEU C 678 -39.28 6.97 -7.63
N VAL C 679 -39.76 8.04 -8.25
CA VAL C 679 -39.61 9.39 -7.71
C VAL C 679 -40.88 9.86 -7.00
N TYR C 680 -42.03 9.77 -7.67
CA TYR C 680 -43.27 10.28 -7.10
C TYR C 680 -43.97 9.28 -6.19
N ASP C 681 -43.47 8.05 -6.08
CA ASP C 681 -43.95 7.10 -5.09
C ASP C 681 -43.05 7.06 -3.86
N ASP C 682 -42.06 7.96 -3.79
CA ASP C 682 -41.18 8.10 -2.63
C ASP C 682 -40.39 6.84 -2.32
N VAL C 683 -40.00 6.11 -3.36
CA VAL C 683 -39.05 5.01 -3.22
C VAL C 683 -37.65 5.61 -3.31
N TYR C 684 -36.76 5.15 -2.43
CA TYR C 684 -35.38 5.64 -2.37
C TYR C 684 -35.32 7.12 -1.96
N THR C 685 -36.17 7.50 -1.03
CA THR C 685 -36.16 8.82 -0.42
C THR C 685 -35.63 8.70 1.00
N SER C 686 -34.68 9.56 1.38
CA SER C 686 -34.00 9.45 2.65
C SER C 686 -34.03 10.77 3.40
N ILE C 687 -33.69 10.72 4.68
CA ILE C 687 -33.71 11.87 5.57
C ILE C 687 -32.30 12.07 6.13
N HIS C 688 -31.82 13.31 6.10
CA HIS C 688 -30.50 13.65 6.61
C HIS C 688 -30.61 14.82 7.58
N ILE C 689 -29.76 14.83 8.59
CA ILE C 689 -29.78 15.84 9.64
C ILE C 689 -28.37 16.38 9.85
N GLU C 690 -28.25 17.69 9.97
CA GLU C 690 -26.97 18.37 10.14
C GLU C 690 -27.03 19.29 11.35
N LYS C 691 -25.86 19.58 11.91
CA LYS C 691 -25.71 20.36 13.13
C LYS C 691 -24.78 21.54 12.89
N PHE C 692 -25.17 22.71 13.41
CA PHE C 692 -24.37 23.91 13.33
C PHE C 692 -24.18 24.48 14.73
N GLU C 693 -22.99 25.01 15.00
CA GLU C 693 -22.59 25.44 16.33
C GLU C 693 -22.04 26.86 16.30
N ILE C 694 -22.24 27.59 17.40
CA ILE C 694 -21.67 28.92 17.54
C ILE C 694 -21.38 29.16 19.02
N GLU C 695 -20.39 30.02 19.28
CA GLU C 695 -19.99 30.33 20.65
C GLU C 695 -19.73 31.83 20.79
N ALA C 696 -19.80 32.30 22.03
CA ALA C 696 -19.55 33.71 22.37
C ALA C 696 -18.37 33.76 23.33
N ARG C 697 -17.22 34.20 22.84
CA ARG C 697 -16.00 34.23 23.63
C ARG C 697 -15.87 35.59 24.32
N GLN C 698 -14.73 35.81 24.97
CA GLN C 698 -14.41 37.09 25.60
C GLN C 698 -13.00 37.49 25.19
N THR C 699 -12.90 38.46 24.28
CA THR C 699 -11.61 38.93 23.83
C THR C 699 -11.03 39.95 24.80
N LYS C 700 -9.73 40.23 24.64
CA LYS C 700 -9.08 41.23 25.48
C LYS C 700 -9.67 42.62 25.27
N LEU C 701 -10.18 42.89 24.06
CA LEU C 701 -10.78 44.20 23.78
C LEU C 701 -12.17 44.32 24.39
N GLY C 702 -12.91 43.21 24.48
CA GLY C 702 -14.24 43.24 25.02
C GLY C 702 -15.04 42.01 24.64
N PRO C 703 -15.97 41.61 25.50
CA PRO C 703 -16.78 40.42 25.21
C PRO C 703 -17.70 40.63 24.02
N GLU C 704 -17.93 39.55 23.29
CA GLU C 704 -18.87 39.55 22.18
C GLU C 704 -20.28 39.26 22.68
N GLU C 705 -21.27 39.70 21.90
CA GLU C 705 -22.66 39.65 22.32
C GLU C 705 -23.51 38.97 21.26
N ILE C 706 -24.45 38.14 21.71
CA ILE C 706 -25.46 37.53 20.85
C ILE C 706 -26.71 38.40 20.95
N THR C 707 -27.04 39.09 19.86
CA THR C 707 -28.13 40.05 19.87
C THR C 707 -28.81 40.06 18.51
N ARG C 708 -29.82 40.92 18.38
CA ARG C 708 -30.59 41.03 17.15
C ARG C 708 -30.22 42.25 16.31
N GLU C 709 -29.73 43.32 16.94
CA GLU C 709 -29.39 44.55 16.22
C GLU C 709 -28.12 44.36 15.41
N ILE C 710 -28.26 43.95 14.16
CA ILE C 710 -27.13 43.70 13.26
C ILE C 710 -26.93 44.94 12.40
N PRO C 711 -25.79 45.62 12.49
CA PRO C 711 -25.59 46.84 11.70
C PRO C 711 -25.57 46.55 10.21
N ASN C 712 -26.15 47.48 9.44
CA ASN C 712 -26.09 47.48 7.97
C ASN C 712 -26.65 46.18 7.38
N VAL C 713 -27.94 45.94 7.67
CA VAL C 713 -28.66 44.81 7.11
C VAL C 713 -30.13 45.18 7.02
N GLY C 714 -30.80 44.65 5.99
CA GLY C 714 -32.20 44.96 5.77
C GLY C 714 -33.12 44.29 6.76
N GLU C 715 -34.38 44.73 6.73
CA GLU C 715 -35.38 44.18 7.64
C GLU C 715 -35.85 42.79 7.21
N ASP C 716 -35.74 42.47 5.93
CA ASP C 716 -36.15 41.16 5.44
C ASP C 716 -35.24 40.03 5.92
N ALA C 717 -34.09 40.36 6.52
CA ALA C 717 -33.15 39.37 7.01
C ALA C 717 -33.34 39.07 8.50
N LEU C 718 -34.34 39.68 9.14
CA LEU C 718 -34.58 39.47 10.57
C LEU C 718 -36.02 39.08 10.87
N ARG C 719 -36.75 38.54 9.89
CA ARG C 719 -38.15 38.20 10.11
C ARG C 719 -38.29 37.00 11.04
N GLN C 720 -37.43 36.00 10.90
CA GLN C 720 -37.59 34.73 11.60
C GLN C 720 -36.91 34.68 12.96
N LEU C 721 -36.11 35.68 13.31
CA LEU C 721 -35.45 35.70 14.61
C LEU C 721 -36.44 36.14 15.70
N ASP C 722 -36.05 35.88 16.94
CA ASP C 722 -36.87 36.26 18.08
C ASP C 722 -36.01 36.89 19.17
N GLU C 723 -36.56 37.94 19.80
CA GLU C 723 -35.99 38.63 20.95
C GLU C 723 -34.47 38.58 21.03
N ASN C 724 -33.93 37.43 21.44
CA ASN C 724 -32.49 37.31 21.62
C ASN C 724 -31.74 37.37 20.30
N GLY C 725 -32.30 36.78 19.25
CA GLY C 725 -31.64 36.75 17.95
C GLY C 725 -31.30 35.35 17.49
N ILE C 726 -32.12 34.38 17.89
CA ILE C 726 -31.94 32.98 17.51
C ILE C 726 -33.13 32.56 16.65
N ILE C 727 -32.84 31.79 15.60
CA ILE C 727 -33.89 31.35 14.69
C ILE C 727 -34.96 30.55 15.43
N ARG C 728 -36.17 30.57 14.90
CA ARG C 728 -37.30 29.88 15.51
C ARG C 728 -37.41 28.46 14.97
N VAL C 729 -37.94 27.56 15.81
CA VAL C 729 -38.10 26.17 15.43
C VAL C 729 -39.27 26.04 14.47
N GLY C 730 -39.04 25.37 13.34
CA GLY C 730 -40.06 25.19 12.34
C GLY C 730 -39.95 26.08 11.12
N ALA C 731 -38.88 26.85 11.01
CA ALA C 731 -38.71 27.76 9.88
C ALA C 731 -38.00 27.08 8.73
N TRP C 732 -38.25 27.58 7.52
CA TRP C 732 -37.57 27.11 6.32
C TRP C 732 -36.47 28.08 5.96
N VAL C 733 -35.26 27.56 5.79
CA VAL C 733 -34.06 28.37 5.57
C VAL C 733 -33.41 27.95 4.26
N GLU C 734 -32.88 28.94 3.54
CA GLU C 734 -32.09 28.72 2.33
C GLU C 734 -30.68 29.26 2.57
N SER C 735 -29.87 29.25 1.52
CA SER C 735 -28.50 29.72 1.63
C SER C 735 -28.47 31.23 1.93
N GLY C 736 -27.60 31.62 2.86
CA GLY C 736 -27.45 33.00 3.24
C GLY C 736 -28.33 33.45 4.40
N ASP C 737 -29.25 32.60 4.86
CA ASP C 737 -30.11 32.97 5.97
C ASP C 737 -29.31 33.06 7.27
N ILE C 738 -29.78 33.90 8.17
CA ILE C 738 -29.11 34.12 9.45
C ILE C 738 -29.73 33.21 10.50
N LEU C 739 -28.91 32.33 11.07
CA LEU C 739 -29.37 31.41 12.12
C LEU C 739 -29.24 32.04 13.51
N VAL C 740 -28.04 32.48 13.86
CA VAL C 740 -27.78 33.13 15.13
C VAL C 740 -27.04 34.44 14.85
N GLY C 741 -27.56 35.55 15.39
CA GLY C 741 -26.95 36.84 15.18
C GLY C 741 -25.96 37.20 16.26
N LYS C 742 -24.68 37.27 15.89
CA LYS C 742 -23.61 37.61 16.82
C LYS C 742 -22.90 38.87 16.35
N VAL C 743 -22.61 39.76 17.29
CA VAL C 743 -21.93 41.02 17.01
C VAL C 743 -20.71 41.11 17.92
N THR C 744 -19.59 41.58 17.36
CA THR C 744 -18.34 41.66 18.10
C THR C 744 -17.97 43.11 18.34
N PRO C 745 -17.88 43.56 19.59
CA PRO C 745 -17.31 44.89 19.85
C PRO C 745 -15.81 44.90 19.62
N LYS C 746 -15.39 45.51 18.52
CA LYS C 746 -13.98 45.56 18.14
C LYS C 746 -13.61 46.98 17.77
N GLY C 747 -12.47 47.44 18.26
CA GLY C 747 -11.94 48.73 17.91
C GLY C 747 -10.88 48.73 16.82
N GLU C 748 -11.23 48.34 15.60
CA GLU C 748 -10.23 48.37 14.53
C GLU C 748 -9.77 49.79 14.26
N SER C 749 -8.50 49.95 13.91
CA SER C 749 -7.90 51.24 13.61
C SER C 749 -7.52 51.25 12.13
N ASP C 750 -8.45 51.67 11.28
CA ASP C 750 -8.19 51.76 9.85
C ASP C 750 -8.77 53.04 9.24
N GLN C 751 -9.14 54.01 10.05
CA GLN C 751 -9.70 55.28 9.62
C GLN C 751 -8.90 56.42 10.22
N PRO C 752 -8.91 57.59 9.61
CA PRO C 752 -8.23 58.75 10.18
C PRO C 752 -8.78 59.05 11.57
N PRO C 753 -7.90 59.42 12.51
CA PRO C 753 -8.34 59.54 13.91
C PRO C 753 -9.08 60.82 14.23
N GLU C 754 -9.14 61.79 13.31
CA GLU C 754 -9.75 63.08 13.61
C GLU C 754 -11.24 62.92 13.89
N GLU C 755 -11.97 62.25 13.00
CA GLU C 755 -13.40 62.06 13.18
C GLU C 755 -13.69 61.22 14.42
N LYS C 756 -12.91 60.17 14.64
CA LYS C 756 -13.12 59.32 15.81
C LYS C 756 -12.91 60.08 17.10
N LEU C 757 -11.84 60.88 17.19
CA LEU C 757 -11.59 61.64 18.41
C LEU C 757 -12.64 62.72 18.61
N LEU C 758 -13.08 63.37 17.52
CA LEU C 758 -14.14 64.37 17.65
C LEU C 758 -15.43 63.75 18.15
N ARG C 759 -15.80 62.58 17.62
CA ARG C 759 -17.00 61.91 18.09
C ARG C 759 -16.87 61.47 19.54
N ALA C 760 -15.70 60.95 19.92
CA ALA C 760 -15.49 60.52 21.29
C ALA C 760 -15.59 61.69 22.27
N ILE C 761 -15.01 62.84 21.90
CA ILE C 761 -15.09 64.01 22.76
C ILE C 761 -16.52 64.52 22.85
N PHE C 762 -17.20 64.66 21.70
CA PHE C 762 -18.57 65.15 21.70
C PHE C 762 -19.51 64.16 22.36
N GLY C 763 -19.35 62.86 22.06
CA GLY C 763 -20.24 61.85 22.60
C GLY C 763 -21.02 61.15 21.52
N GLU C 764 -22.34 61.04 21.70
CA GLU C 764 -23.23 60.39 20.75
C GLU C 764 -22.74 58.97 20.45
N LYS C 765 -22.73 58.13 21.48
CA LYS C 765 -22.25 56.77 21.36
C LYS C 765 -23.09 56.00 20.34
N ALA C 766 -22.41 55.27 19.46
CA ALA C 766 -23.06 54.56 18.38
C ALA C 766 -22.42 53.18 18.25
N ARG C 767 -22.71 52.49 17.16
CA ARG C 767 -22.27 51.11 16.96
C ARG C 767 -20.85 51.12 16.38
N ASP C 768 -19.88 50.70 17.19
CA ASP C 768 -18.50 50.52 16.76
C ASP C 768 -18.16 49.03 16.70
N VAL C 769 -19.12 48.24 16.21
CA VAL C 769 -19.05 46.79 16.28
C VAL C 769 -18.92 46.21 14.87
N ARG C 770 -18.69 44.90 14.81
CA ARG C 770 -18.58 44.17 13.55
C ARG C 770 -19.55 43.00 13.57
N ASP C 771 -19.96 42.57 12.37
CA ASP C 771 -20.94 41.51 12.19
C ASP C 771 -20.26 40.28 11.62
N ASN C 772 -20.29 39.18 12.36
CA ASN C 772 -19.77 37.89 11.92
C ASN C 772 -20.74 36.78 12.33
N SER C 773 -22.03 37.00 12.13
CA SER C 773 -23.05 36.09 12.61
C SER C 773 -22.99 34.76 11.87
N LEU C 774 -23.75 33.79 12.37
CA LEU C 774 -23.79 32.44 11.82
C LEU C 774 -24.81 32.37 10.70
N ARG C 775 -24.37 31.93 9.53
CA ARG C 775 -25.24 31.80 8.36
C ARG C 775 -25.11 30.39 7.79
N VAL C 776 -26.18 29.92 7.18
CA VAL C 776 -26.17 28.57 6.59
C VAL C 776 -25.26 28.58 5.36
N PRO C 777 -24.51 27.50 5.10
CA PRO C 777 -23.59 27.50 3.96
C PRO C 777 -24.33 27.37 2.65
N ASN C 778 -23.58 27.59 1.56
CA ASN C 778 -24.14 27.49 0.22
C ASN C 778 -24.52 26.05 -0.09
N GLY C 779 -25.63 25.89 -0.82
CA GLY C 779 -26.08 24.58 -1.21
C GLY C 779 -26.78 23.77 -0.14
N GLU C 780 -27.34 24.43 0.87
CA GLU C 780 -28.05 23.75 1.94
C GLU C 780 -29.41 24.39 2.16
N LYS C 781 -30.38 23.57 2.56
CA LYS C 781 -31.71 24.03 2.90
C LYS C 781 -32.39 22.95 3.73
N GLY C 782 -33.45 23.34 4.41
CA GLY C 782 -34.20 22.40 5.22
C GLY C 782 -34.96 23.09 6.33
N ARG C 783 -35.51 22.28 7.22
CA ARG C 783 -36.31 22.74 8.35
C ARG C 783 -35.48 22.75 9.61
N VAL C 784 -35.73 23.74 10.47
CA VAL C 784 -35.11 23.81 11.79
C VAL C 784 -35.96 22.99 12.75
N VAL C 785 -35.36 21.96 13.35
CA VAL C 785 -36.10 21.03 14.19
C VAL C 785 -35.65 21.07 15.65
N ASP C 786 -34.51 21.67 15.97
CA ASP C 786 -34.05 21.71 17.36
C ASP C 786 -33.05 22.84 17.54
N VAL C 787 -33.23 23.60 18.62
CA VAL C 787 -32.29 24.65 19.03
C VAL C 787 -31.96 24.44 20.50
N ARG C 788 -30.67 24.38 20.81
CA ARG C 788 -30.20 24.17 22.17
C ARG C 788 -29.26 25.30 22.57
N LEU C 789 -29.49 25.86 23.74
CA LEU C 789 -28.72 27.00 24.24
C LEU C 789 -28.11 26.64 25.60
N PHE C 790 -26.79 26.85 25.73
CA PHE C 790 -26.09 26.60 26.98
C PHE C 790 -25.35 27.87 27.39
N THR C 791 -25.46 28.21 28.68
CA THR C 791 -24.87 29.43 29.21
C THR C 791 -24.31 29.12 30.59
N ARG C 792 -23.74 30.14 31.23
CA ARG C 792 -23.36 30.06 32.63
C ARG C 792 -24.61 30.21 33.48
N GLU C 793 -24.43 30.31 34.80
CA GLU C 793 -25.52 30.44 35.79
C GLU C 793 -26.60 29.39 35.59
N GLN C 794 -26.26 28.26 34.94
CA GLN C 794 -27.22 27.19 34.68
C GLN C 794 -26.63 25.82 34.99
N GLY C 795 -25.50 25.74 35.68
CA GLY C 795 -24.85 24.48 35.92
C GLY C 795 -24.31 23.81 34.68
N ASP C 796 -23.71 24.59 33.78
CA ASP C 796 -23.18 24.09 32.52
C ASP C 796 -21.66 24.24 32.51
N GLU C 797 -20.99 23.25 31.91
CA GLU C 797 -19.52 23.24 31.86
C GLU C 797 -19.09 23.71 30.47
N LEU C 798 -19.01 25.03 30.33
CA LEU C 798 -18.59 25.64 29.08
C LEU C 798 -17.07 25.64 28.96
N PRO C 799 -16.54 25.72 27.73
CA PRO C 799 -15.10 25.83 27.57
C PRO C 799 -14.59 27.11 28.19
N PRO C 800 -13.37 27.08 28.73
CA PRO C 800 -12.81 28.31 29.32
C PRO C 800 -12.67 29.42 28.28
N GLY C 801 -12.94 30.64 28.71
CA GLY C 801 -12.92 31.76 27.80
C GLY C 801 -14.15 31.94 26.95
N ALA C 802 -15.26 31.31 27.32
CA ALA C 802 -16.50 31.40 26.57
C ALA C 802 -17.66 31.66 27.52
N ASN C 803 -18.70 32.31 26.99
CA ASN C 803 -19.86 32.69 27.80
C ASN C 803 -21.18 32.08 27.34
N MET C 804 -21.28 31.62 26.10
CA MET C 804 -22.53 31.08 25.59
C MET C 804 -22.25 30.18 24.40
N VAL C 805 -23.04 29.11 24.27
CA VAL C 805 -22.95 28.18 23.16
C VAL C 805 -24.35 27.92 22.63
N VAL C 806 -24.49 27.94 21.30
CA VAL C 806 -25.76 27.68 20.63
C VAL C 806 -25.57 26.58 19.59
N ARG C 807 -26.52 25.64 19.56
CA ARG C 807 -26.52 24.55 18.60
C ARG C 807 -27.86 24.50 17.89
N VAL C 808 -27.81 24.31 16.57
CA VAL C 808 -29.00 24.27 15.73
C VAL C 808 -28.97 23.02 14.87
N TYR C 809 -30.13 22.37 14.70
CA TYR C 809 -30.25 21.15 13.91
C TYR C 809 -31.17 21.41 12.73
N VAL C 810 -30.75 20.97 11.54
CA VAL C 810 -31.49 21.18 10.31
C VAL C 810 -31.69 19.84 9.61
N ALA C 811 -32.91 19.58 9.17
CA ALA C 811 -33.27 18.30 8.55
C ALA C 811 -33.68 18.50 7.10
N GLN C 812 -33.41 17.49 6.28
CA GLN C 812 -33.67 17.54 4.84
C GLN C 812 -34.13 16.18 4.34
N LYS C 813 -34.93 16.21 3.28
CA LYS C 813 -35.39 15.01 2.59
C LYS C 813 -34.84 15.00 1.18
N ARG C 814 -34.31 13.85 0.75
CA ARG C 814 -33.65 13.72 -0.54
C ARG C 814 -34.26 12.58 -1.34
N LYS C 815 -34.48 12.84 -2.64
CA LYS C 815 -34.97 11.85 -3.59
C LYS C 815 -33.85 11.46 -4.55
N ILE C 816 -34.09 10.36 -5.27
CA ILE C 816 -33.14 9.91 -6.27
C ILE C 816 -33.15 10.85 -7.47
N GLN C 817 -32.00 11.01 -8.12
CA GLN C 817 -31.87 11.90 -9.25
C GLN C 817 -30.67 11.46 -10.10
N VAL C 818 -30.48 12.13 -11.23
CA VAL C 818 -29.43 11.76 -12.18
C VAL C 818 -28.07 12.05 -11.56
N GLY C 819 -27.21 11.04 -11.54
CA GLY C 819 -25.89 11.15 -10.95
C GLY C 819 -25.72 10.41 -9.64
N ASP C 820 -26.73 9.67 -9.19
CA ASP C 820 -26.65 8.91 -7.96
C ASP C 820 -26.23 7.47 -8.25
N LYS C 821 -25.63 6.84 -7.24
CA LYS C 821 -25.04 5.51 -7.38
C LYS C 821 -25.98 4.47 -6.81
N MET C 822 -26.21 3.39 -7.57
CA MET C 822 -27.03 2.27 -7.13
C MET C 822 -26.23 0.99 -7.29
N ALA C 823 -26.61 -0.02 -6.52
CA ALA C 823 -25.87 -1.28 -6.51
C ALA C 823 -26.75 -2.40 -5.97
N GLY C 824 -26.30 -3.63 -6.21
CA GLY C 824 -26.92 -4.81 -5.66
C GLY C 824 -26.01 -5.57 -4.72
N ARG C 825 -26.38 -6.78 -4.33
CA ARG C 825 -25.59 -7.56 -3.39
C ARG C 825 -24.57 -8.46 -4.06
N HIS C 826 -24.48 -8.46 -5.39
CA HIS C 826 -23.60 -9.37 -6.11
C HIS C 826 -22.45 -8.66 -6.82
N GLY C 827 -22.15 -7.42 -6.43
CA GLY C 827 -21.05 -6.70 -7.01
C GLY C 827 -21.36 -5.91 -8.25
N ASN C 828 -22.63 -5.62 -8.52
CA ASN C 828 -23.04 -4.85 -9.68
C ASN C 828 -23.38 -3.42 -9.24
N LYS C 829 -22.69 -2.44 -9.80
CA LYS C 829 -22.87 -1.05 -9.43
C LYS C 829 -23.06 -0.22 -10.70
N GLY C 830 -23.70 0.94 -10.52
CA GLY C 830 -23.95 1.80 -11.67
C GLY C 830 -24.37 3.18 -11.24
N ILE C 831 -24.43 4.07 -12.23
CA ILE C 831 -24.82 5.47 -12.03
C ILE C 831 -26.06 5.73 -12.88
N ILE C 832 -27.04 6.42 -12.31
CA ILE C 832 -28.27 6.71 -13.02
C ILE C 832 -28.02 7.80 -14.05
N SER C 833 -28.44 7.56 -15.29
CA SER C 833 -28.19 8.50 -16.38
C SER C 833 -29.45 9.09 -16.99
N ARG C 834 -30.63 8.55 -16.69
CA ARG C 834 -31.86 9.04 -17.31
C ARG C 834 -33.05 8.58 -16.49
N ILE C 835 -34.08 9.42 -16.42
CA ILE C 835 -35.34 9.09 -15.78
C ILE C 835 -36.45 9.29 -16.80
N LEU C 836 -37.26 8.26 -17.02
CA LEU C 836 -38.24 8.24 -18.09
C LEU C 836 -39.66 8.31 -17.56
N PRO C 837 -40.56 8.99 -18.27
CA PRO C 837 -41.99 8.84 -17.97
C PRO C 837 -42.44 7.42 -18.22
N CYS C 838 -43.44 6.98 -17.45
CA CYS C 838 -43.82 5.58 -17.43
C CYS C 838 -44.49 5.12 -18.72
N GLU C 839 -44.89 6.03 -19.61
CA GLU C 839 -45.48 5.63 -20.87
C GLU C 839 -44.45 5.33 -21.95
N ASP C 840 -43.17 5.54 -21.66
CA ASP C 840 -42.10 5.28 -22.63
C ASP C 840 -41.32 4.01 -22.32
N MET C 841 -41.53 3.42 -21.16
CA MET C 841 -40.81 2.20 -20.78
C MET C 841 -41.45 0.98 -21.43
N PRO C 842 -40.69 -0.10 -21.59
CA PRO C 842 -41.29 -1.36 -22.05
C PRO C 842 -42.28 -1.90 -21.03
N TYR C 843 -43.29 -2.62 -21.53
CA TYR C 843 -44.33 -3.14 -20.67
C TYR C 843 -44.58 -4.62 -20.97
N LEU C 844 -45.20 -5.29 -20.01
CA LEU C 844 -45.41 -6.73 -20.04
C LEU C 844 -46.70 -7.06 -20.77
N PRO C 845 -46.95 -8.34 -21.05
CA PRO C 845 -48.27 -8.73 -21.58
C PRO C 845 -49.41 -8.41 -20.64
N ASP C 846 -49.13 -8.19 -19.36
CA ASP C 846 -50.15 -7.73 -18.42
C ASP C 846 -50.46 -6.25 -18.61
N GLY C 847 -49.56 -5.50 -19.22
CA GLY C 847 -49.71 -4.06 -19.34
C GLY C 847 -48.94 -3.27 -18.31
N THR C 848 -48.08 -3.92 -17.52
CA THR C 848 -47.35 -3.24 -16.45
C THR C 848 -46.01 -2.75 -16.96
N PRO C 849 -45.69 -1.47 -16.83
CA PRO C 849 -44.37 -0.99 -17.23
C PRO C 849 -43.29 -1.47 -16.28
N LEU C 850 -42.05 -1.46 -16.78
CA LEU C 850 -40.91 -1.90 -16.00
C LEU C 850 -40.37 -0.76 -15.14
N ASP C 851 -39.51 -1.11 -14.19
CA ASP C 851 -38.93 -0.16 -13.26
C ASP C 851 -37.48 0.18 -13.55
N ILE C 852 -36.69 -0.75 -14.07
CA ILE C 852 -35.28 -0.53 -14.31
C ILE C 852 -34.83 -1.47 -15.42
N VAL C 853 -33.89 -1.00 -16.25
CA VAL C 853 -33.35 -1.76 -17.37
C VAL C 853 -31.83 -1.84 -17.19
N LEU C 854 -31.30 -3.06 -17.25
CA LEU C 854 -29.87 -3.30 -17.05
C LEU C 854 -29.27 -3.93 -18.30
N ASN C 855 -28.03 -3.58 -18.58
CA ASN C 855 -27.32 -4.09 -19.75
C ASN C 855 -26.83 -5.51 -19.50
N PRO C 856 -27.14 -6.46 -20.39
CA PRO C 856 -26.63 -7.83 -20.20
C PRO C 856 -25.14 -7.96 -20.48
N LEU C 857 -24.56 -7.04 -21.25
CA LEU C 857 -23.15 -7.15 -21.64
C LEU C 857 -22.23 -7.27 -20.44
N GLY C 858 -22.63 -6.70 -19.30
CA GLY C 858 -21.80 -6.74 -18.11
C GLY C 858 -21.95 -7.96 -17.23
N VAL C 859 -22.84 -8.89 -17.57
CA VAL C 859 -23.02 -10.06 -16.71
C VAL C 859 -21.92 -11.09 -16.93
N PRO C 860 -21.61 -11.50 -18.18
CA PRO C 860 -20.55 -12.50 -18.36
C PRO C 860 -19.14 -11.95 -18.20
N SER C 861 -18.94 -10.65 -18.37
CA SER C 861 -17.60 -10.07 -18.22
C SER C 861 -17.19 -10.02 -16.76
N ARG C 862 -18.12 -9.68 -15.86
CA ARG C 862 -17.83 -9.60 -14.44
C ARG C 862 -17.95 -10.95 -13.74
N MET C 863 -18.55 -11.95 -14.39
CA MET C 863 -18.66 -13.31 -13.86
C MET C 863 -19.40 -13.34 -12.51
N ASN C 864 -20.58 -12.73 -12.49
CA ASN C 864 -21.48 -12.77 -11.34
C ASN C 864 -22.87 -13.15 -11.85
N VAL C 865 -23.14 -14.45 -11.92
CA VAL C 865 -24.39 -14.95 -12.48
C VAL C 865 -25.40 -15.34 -11.39
N GLY C 866 -25.12 -15.00 -10.13
CA GLY C 866 -26.09 -15.24 -9.08
C GLY C 866 -27.27 -14.29 -9.11
N GLN C 867 -27.10 -13.12 -9.74
CA GLN C 867 -28.20 -12.17 -9.85
C GLN C 867 -29.33 -12.71 -10.71
N VAL C 868 -29.02 -13.51 -11.72
CA VAL C 868 -30.06 -14.12 -12.54
C VAL C 868 -30.88 -15.11 -11.74
N PHE C 869 -30.20 -15.95 -10.95
CA PHE C 869 -30.90 -16.85 -10.04
C PHE C 869 -31.80 -16.07 -9.09
N GLU C 870 -31.27 -14.99 -8.52
CA GLU C 870 -32.03 -14.19 -7.56
C GLU C 870 -33.26 -13.57 -8.21
N CYS C 871 -33.12 -13.01 -9.41
CA CYS C 871 -34.26 -12.39 -10.08
C CYS C 871 -35.32 -13.42 -10.46
N MET C 872 -34.89 -14.58 -10.98
CA MET C 872 -35.86 -15.59 -11.38
C MET C 872 -36.57 -16.19 -10.18
N LEU C 873 -35.92 -16.25 -9.02
CA LEU C 873 -36.61 -16.70 -7.82
C LEU C 873 -37.54 -15.61 -7.26
N GLY C 874 -37.12 -14.35 -7.34
CA GLY C 874 -37.97 -13.27 -6.86
C GLY C 874 -39.24 -13.10 -7.67
N TRP C 875 -39.17 -13.35 -8.98
CA TRP C 875 -40.38 -13.32 -9.80
C TRP C 875 -41.44 -14.29 -9.27
N ALA C 876 -41.04 -15.55 -9.05
CA ALA C 876 -41.97 -16.54 -8.51
C ALA C 876 -42.40 -16.19 -7.09
N GLY C 877 -41.49 -15.66 -6.28
CA GLY C 877 -41.86 -15.26 -4.93
C GLY C 877 -42.93 -14.20 -4.91
N GLN C 878 -42.81 -13.19 -5.78
CA GLN C 878 -43.85 -12.18 -5.88
C GLN C 878 -45.16 -12.78 -6.39
N LEU C 879 -45.07 -13.67 -7.38
CA LEU C 879 -46.29 -14.29 -7.91
C LEU C 879 -46.96 -15.24 -6.92
N LEU C 880 -46.24 -15.68 -5.89
CA LEU C 880 -46.77 -16.67 -4.94
C LEU C 880 -46.97 -16.15 -3.53
N ASP C 881 -46.35 -15.03 -3.17
CA ASP C 881 -46.34 -14.52 -1.79
C ASP C 881 -45.75 -15.56 -0.84
N ALA C 882 -44.47 -15.87 -1.06
CA ALA C 882 -43.85 -16.99 -0.36
C ALA C 882 -42.61 -16.60 0.45
N ARG C 883 -41.75 -15.72 -0.07
CA ARG C 883 -40.59 -15.21 0.67
C ARG C 883 -39.67 -16.35 1.12
N PHE C 884 -39.06 -17.00 0.13
CA PHE C 884 -38.18 -18.14 0.38
C PHE C 884 -36.89 -17.72 1.07
N LYS C 885 -36.20 -18.70 1.63
CA LYS C 885 -34.88 -18.54 2.24
C LYS C 885 -34.00 -19.70 1.82
N VAL C 886 -32.81 -19.40 1.29
CA VAL C 886 -31.90 -20.41 0.76
C VAL C 886 -30.54 -20.27 1.43
N THR C 887 -29.91 -21.41 1.76
CA THR C 887 -28.59 -21.52 2.36
C THR C 887 -27.55 -21.82 1.29
N PRO C 888 -26.40 -21.15 1.31
CA PRO C 888 -25.39 -21.38 0.26
C PRO C 888 -24.82 -22.79 0.28
N PHE C 889 -24.19 -23.16 -0.84
CA PHE C 889 -23.61 -24.49 -1.04
C PHE C 889 -24.67 -25.58 -0.92
N ASP C 890 -25.69 -25.48 -1.78
CA ASP C 890 -26.83 -26.39 -1.76
C ASP C 890 -26.68 -27.55 -2.73
N GLU C 891 -25.54 -27.69 -3.39
CA GLU C 891 -25.31 -28.78 -4.32
C GLU C 891 -24.85 -30.06 -3.63
N MET C 892 -24.72 -30.06 -2.31
CA MET C 892 -24.41 -31.29 -1.59
C MET C 892 -25.61 -32.24 -1.52
N TYR C 893 -26.80 -31.78 -1.86
CA TYR C 893 -27.98 -32.63 -1.94
C TYR C 893 -28.28 -33.15 -3.34
N GLY C 894 -27.53 -32.69 -4.35
CA GLY C 894 -27.80 -33.10 -5.71
C GLY C 894 -26.76 -32.67 -6.71
N ALA C 895 -27.18 -32.35 -7.93
CA ALA C 895 -26.28 -31.91 -8.99
C ALA C 895 -26.67 -30.56 -9.58
N GLU C 896 -27.96 -30.28 -9.73
CA GLU C 896 -28.46 -29.03 -10.27
C GLU C 896 -29.50 -28.43 -9.33
N ALA C 897 -29.16 -28.37 -8.05
CA ALA C 897 -30.15 -28.07 -7.02
C ALA C 897 -30.81 -26.71 -7.24
N SER C 898 -30.01 -25.68 -7.47
CA SER C 898 -30.56 -24.33 -7.60
C SER C 898 -31.46 -24.21 -8.82
N ARG C 899 -31.01 -24.74 -9.96
CA ARG C 899 -31.78 -24.66 -11.19
C ARG C 899 -33.11 -25.41 -11.05
N LEU C 900 -33.06 -26.62 -10.48
CA LEU C 900 -34.27 -27.40 -10.31
C LEU C 900 -35.24 -26.72 -9.35
N THR C 901 -34.72 -26.15 -8.27
CA THR C 901 -35.57 -25.43 -7.32
C THR C 901 -36.27 -24.25 -7.99
N VAL C 902 -35.51 -23.45 -8.74
CA VAL C 902 -36.09 -22.29 -9.41
C VAL C 902 -37.15 -22.72 -10.41
N ASN C 903 -36.85 -23.76 -11.21
CA ASN C 903 -37.80 -24.22 -12.21
C ASN C 903 -39.08 -24.75 -11.57
N ALA C 904 -38.94 -25.51 -10.48
CA ALA C 904 -40.12 -26.03 -9.80
C ALA C 904 -40.98 -24.90 -9.24
N LYS C 905 -40.35 -23.90 -8.62
CA LYS C 905 -41.12 -22.78 -8.09
C LYS C 905 -41.84 -22.02 -9.20
N LEU C 906 -41.16 -21.79 -10.33
CA LEU C 906 -41.79 -21.08 -11.43
C LEU C 906 -42.96 -21.86 -12.01
N SER C 907 -42.81 -23.17 -12.17
CA SER C 907 -43.91 -23.98 -12.69
C SER C 907 -45.09 -23.98 -11.73
N GLU C 908 -44.82 -24.08 -10.42
CA GLU C 908 -45.89 -24.03 -9.44
C GLU C 908 -46.62 -22.69 -9.47
N ALA C 909 -45.87 -21.60 -9.60
CA ALA C 909 -46.50 -20.28 -9.70
C ALA C 909 -47.37 -20.18 -10.96
N ARG C 910 -46.88 -20.70 -12.08
CA ARG C 910 -47.67 -20.67 -13.30
C ARG C 910 -48.97 -21.44 -13.15
N GLU C 911 -48.89 -22.61 -12.51
CA GLU C 911 -50.10 -23.41 -12.31
C GLU C 911 -51.07 -22.71 -11.35
N GLN C 912 -50.54 -22.06 -10.31
CA GLN C 912 -51.42 -21.46 -9.30
C GLN C 912 -52.11 -20.21 -9.83
N THR C 913 -51.37 -19.34 -10.52
CA THR C 913 -51.96 -18.07 -10.95
C THR C 913 -52.92 -18.25 -12.12
N GLY C 914 -52.71 -19.25 -12.96
CA GLY C 914 -53.55 -19.46 -14.11
C GLY C 914 -53.19 -18.66 -15.34
N GLN C 915 -52.09 -17.91 -15.32
CA GLN C 915 -51.66 -17.15 -16.47
C GLN C 915 -50.57 -17.91 -17.21
N PRO C 916 -50.80 -18.35 -18.44
CA PRO C 916 -49.79 -19.18 -19.13
C PRO C 916 -48.56 -18.42 -19.61
N TRP C 917 -48.58 -17.09 -19.61
CA TRP C 917 -47.46 -16.32 -20.14
C TRP C 917 -46.36 -16.09 -19.11
N VAL C 918 -46.58 -16.45 -17.84
CA VAL C 918 -45.58 -16.17 -16.81
C VAL C 918 -44.40 -17.13 -16.85
N PHE C 919 -44.56 -18.31 -17.46
CA PHE C 919 -43.48 -19.28 -17.56
C PHE C 919 -43.55 -19.96 -18.92
N SER C 920 -42.38 -20.18 -19.52
CA SER C 920 -42.28 -20.81 -20.82
C SER C 920 -41.38 -22.03 -20.74
N ASP C 921 -41.65 -23.01 -21.59
CA ASP C 921 -40.88 -24.26 -21.59
C ASP C 921 -39.70 -24.22 -22.56
N ASP C 922 -39.85 -23.52 -23.70
CA ASP C 922 -38.72 -23.41 -24.62
C ASP C 922 -37.66 -22.45 -24.09
N GLU C 923 -38.09 -21.32 -23.53
CA GLU C 923 -37.19 -20.33 -22.91
C GLU C 923 -37.63 -20.18 -21.46
N PRO C 924 -37.02 -20.93 -20.54
CA PRO C 924 -37.57 -20.97 -19.17
C PRO C 924 -37.64 -19.63 -18.47
N GLY C 925 -36.67 -18.75 -18.66
CA GLY C 925 -36.61 -17.49 -17.95
C GLY C 925 -37.02 -16.26 -18.72
N LYS C 926 -37.60 -16.39 -19.91
CA LYS C 926 -37.81 -15.27 -20.81
C LYS C 926 -39.29 -15.03 -21.07
N ILE C 927 -39.66 -13.77 -21.21
CA ILE C 927 -41.02 -13.34 -21.48
C ILE C 927 -41.01 -12.36 -22.64
N GLN C 928 -42.16 -12.23 -23.30
CA GLN C 928 -42.31 -11.27 -24.39
C GLN C 928 -42.56 -9.87 -23.84
N VAL C 929 -41.94 -8.88 -24.47
CA VAL C 929 -41.96 -7.50 -24.01
C VAL C 929 -42.25 -6.58 -25.17
N TYR C 930 -43.08 -5.56 -24.95
CA TYR C 930 -43.50 -4.62 -25.99
C TYR C 930 -42.88 -3.25 -25.77
N ASP C 931 -42.88 -2.44 -26.83
CA ASP C 931 -42.27 -1.12 -26.82
C ASP C 931 -43.33 -0.07 -26.55
N GLY C 932 -43.08 0.76 -25.53
CA GLY C 932 -44.05 1.76 -25.12
C GLY C 932 -44.13 2.99 -26.01
N ARG C 933 -43.21 3.16 -26.95
CA ARG C 933 -43.23 4.30 -27.85
C ARG C 933 -43.99 4.01 -29.14
N THR C 934 -43.90 2.79 -29.66
CA THR C 934 -44.53 2.43 -30.92
C THR C 934 -45.55 1.31 -30.79
N GLY C 935 -45.49 0.50 -29.73
CA GLY C 935 -46.42 -0.60 -29.58
C GLY C 935 -46.03 -1.88 -30.26
N GLU C 936 -44.80 -1.98 -30.75
CA GLU C 936 -44.31 -3.16 -31.47
C GLU C 936 -43.48 -4.05 -30.55
N PRO C 937 -43.69 -5.36 -30.62
CA PRO C 937 -42.88 -6.27 -29.80
C PRO C 937 -41.44 -6.34 -30.28
N PHE C 938 -40.55 -6.67 -29.34
CA PHE C 938 -39.16 -6.88 -29.70
C PHE C 938 -38.98 -8.25 -30.36
N ASP C 939 -37.84 -8.41 -31.03
CA ASP C 939 -37.62 -9.60 -31.85
C ASP C 939 -37.57 -10.87 -31.02
N ARG C 940 -36.92 -10.82 -29.86
CA ARG C 940 -36.75 -12.00 -29.03
C ARG C 940 -37.20 -11.72 -27.61
N PRO C 941 -37.67 -12.74 -26.89
CA PRO C 941 -38.01 -12.55 -25.48
C PRO C 941 -36.77 -12.27 -24.64
N VAL C 942 -36.98 -11.50 -23.57
CA VAL C 942 -35.90 -11.07 -22.69
C VAL C 942 -36.16 -11.60 -21.28
N THR C 943 -35.18 -11.41 -20.41
CA THR C 943 -35.25 -11.91 -19.03
C THR C 943 -35.84 -10.85 -18.12
N VAL C 944 -36.86 -11.24 -17.35
CA VAL C 944 -37.60 -10.35 -16.46
C VAL C 944 -37.64 -10.97 -15.07
N GLY C 945 -37.44 -10.15 -14.05
CA GLY C 945 -37.51 -10.62 -12.68
C GLY C 945 -37.69 -9.50 -11.69
N ARG C 946 -37.50 -9.84 -10.41
CA ARG C 946 -37.55 -8.88 -9.31
C ARG C 946 -36.19 -8.85 -8.62
N ALA C 947 -35.63 -7.65 -8.48
CA ALA C 947 -34.29 -7.47 -7.92
C ALA C 947 -34.35 -6.64 -6.65
N TYR C 948 -33.43 -6.94 -5.73
CA TYR C 948 -33.28 -6.22 -4.48
C TYR C 948 -32.14 -5.23 -4.63
N MET C 949 -32.47 -3.94 -4.65
CA MET C 949 -31.49 -2.90 -4.93
C MET C 949 -31.37 -1.93 -3.76
N LEU C 950 -30.21 -1.27 -3.70
CA LEU C 950 -29.86 -0.35 -2.62
C LEU C 950 -29.36 0.96 -3.19
N LYS C 951 -29.40 2.00 -2.38
CA LYS C 951 -28.89 3.32 -2.72
C LYS C 951 -27.74 3.65 -1.78
N LEU C 952 -26.63 4.11 -2.34
CA LEU C 952 -25.40 4.31 -1.59
C LEU C 952 -25.25 5.76 -1.13
N VAL C 953 -24.20 6.01 -0.34
CA VAL C 953 -23.99 7.32 0.26
C VAL C 953 -23.23 8.28 -0.65
N HIS C 954 -22.87 7.84 -1.85
CA HIS C 954 -22.15 8.69 -2.80
C HIS C 954 -23.18 9.38 -3.69
N LEU C 955 -23.54 10.61 -3.33
CA LEU C 955 -24.56 11.38 -4.01
C LEU C 955 -23.92 12.58 -4.71
N VAL C 956 -24.44 12.91 -5.90
CA VAL C 956 -23.82 13.96 -6.71
C VAL C 956 -23.97 15.34 -6.07
N ASP C 957 -24.87 15.51 -5.11
CA ASP C 957 -25.01 16.79 -4.45
C ASP C 957 -23.78 17.18 -3.65
N ASP C 958 -22.97 16.21 -3.22
CA ASP C 958 -21.77 16.47 -2.44
C ASP C 958 -20.50 16.28 -3.27
N LYS C 959 -20.58 16.50 -4.58
CA LYS C 959 -19.44 16.27 -5.46
C LYS C 959 -19.18 17.39 -6.46
N ILE C 960 -20.10 18.31 -6.68
CA ILE C 960 -19.93 19.35 -7.69
C ILE C 960 -19.26 20.55 -7.05
N HIS C 961 -18.21 21.07 -7.71
CA HIS C 961 -17.42 22.17 -7.17
C HIS C 961 -16.84 22.97 -8.32
N ALA C 962 -16.71 24.28 -8.10
CA ALA C 962 -16.11 25.17 -9.09
C ALA C 962 -15.47 26.35 -8.37
N ARG C 963 -14.54 27.01 -9.04
CA ARG C 963 -13.81 28.13 -8.47
C ARG C 963 -13.37 29.08 -9.56
N SER C 964 -13.40 30.38 -9.25
CA SER C 964 -12.81 31.41 -10.08
C SER C 964 -11.61 32.08 -9.43
N THR C 965 -11.77 32.59 -8.21
CA THR C 965 -10.68 33.19 -7.46
C THR C 965 -11.05 33.16 -5.97
N GLY C 966 -10.09 32.80 -5.13
CA GLY C 966 -10.31 32.73 -3.71
C GLY C 966 -9.06 32.97 -2.90
N PRO C 967 -8.93 32.26 -1.77
CA PRO C 967 -7.76 32.45 -0.91
C PRO C 967 -6.51 31.82 -1.49
N TYR C 968 -5.37 32.26 -0.98
CA TYR C 968 -4.07 31.78 -1.39
C TYR C 968 -3.24 31.39 -0.17
N SER C 969 -2.20 30.61 -0.41
CA SER C 969 -1.33 30.15 0.66
C SER C 969 -0.39 31.26 1.12
N LEU C 970 0.06 31.15 2.36
CA LEU C 970 0.85 32.22 2.96
C LEU C 970 2.27 32.25 2.41
N VAL C 971 2.90 31.09 2.25
CA VAL C 971 4.31 31.03 1.88
C VAL C 971 4.46 31.01 0.37
N THR C 972 3.89 30.01 -0.30
CA THR C 972 4.05 29.86 -1.73
C THR C 972 3.13 30.77 -2.54
N GLN C 973 2.10 31.34 -1.92
CA GLN C 973 1.14 32.22 -2.59
C GLN C 973 0.47 31.53 -3.77
N GLN C 974 0.17 30.25 -3.60
CA GLN C 974 -0.58 29.46 -4.56
C GLN C 974 -1.98 29.20 -4.04
N PRO C 975 -2.95 28.91 -4.92
CA PRO C 975 -4.32 28.68 -4.46
C PRO C 975 -4.41 27.55 -3.44
N LEU C 976 -5.34 27.72 -2.49
CA LEU C 976 -5.55 26.71 -1.46
C LEU C 976 -6.17 25.46 -2.08
N GLY C 977 -6.12 24.37 -1.33
CA GLY C 977 -6.66 23.09 -1.78
C GLY C 977 -7.76 22.60 -0.85
N GLY C 978 -8.83 22.09 -1.44
CA GLY C 978 -9.92 21.55 -0.66
C GLY C 978 -11.29 22.07 -1.06
N LYS C 979 -12.28 21.18 -1.07
CA LYS C 979 -13.65 21.59 -1.35
C LYS C 979 -14.18 22.53 -0.27
N ALA C 980 -13.83 22.27 0.98
CA ALA C 980 -14.39 22.99 2.11
C ALA C 980 -13.87 24.42 2.23
N GLN C 981 -12.87 24.82 1.45
CA GLN C 981 -12.31 26.15 1.59
C GLN C 981 -12.06 26.80 0.23
N GLN C 982 -12.91 26.51 -0.75
CA GLN C 982 -12.83 27.11 -2.09
C GLN C 982 -11.43 26.90 -2.70
N GLY C 983 -11.08 25.63 -2.90
CA GLY C 983 -9.78 25.27 -3.39
C GLY C 983 -9.74 25.03 -4.89
N GLY C 984 -8.52 25.07 -5.44
CA GLY C 984 -8.30 24.81 -6.84
C GLY C 984 -7.84 23.38 -7.09
N GLN C 985 -7.86 23.02 -8.38
CA GLN C 985 -7.47 21.68 -8.80
C GLN C 985 -5.98 21.62 -9.10
N ARG C 986 -5.35 20.53 -8.71
CA ARG C 986 -3.91 20.39 -8.91
C ARG C 986 -3.59 19.97 -10.35
N PHE C 987 -2.57 20.59 -10.91
CA PHE C 987 -2.06 20.26 -12.24
C PHE C 987 -0.69 19.61 -12.05
N GLY C 988 -0.68 18.28 -11.96
CA GLY C 988 0.53 17.55 -11.67
C GLY C 988 1.48 17.51 -12.85
N GLU C 989 2.58 16.78 -12.65
CA GLU C 989 3.65 16.74 -13.65
C GLU C 989 3.30 15.85 -14.83
N MET C 990 2.42 14.86 -14.64
CA MET C 990 1.96 14.04 -15.76
C MET C 990 1.17 14.86 -16.76
N GLU C 991 0.32 15.77 -16.26
CA GLU C 991 -0.40 16.67 -17.15
C GLU C 991 0.55 17.64 -17.86
N VAL C 992 1.61 18.05 -17.18
CA VAL C 992 2.63 18.87 -17.83
C VAL C 992 3.31 18.09 -18.95
N TRP C 993 3.59 16.80 -18.72
CA TRP C 993 4.15 15.97 -19.77
C TRP C 993 3.21 15.87 -20.95
N ALA C 994 1.91 15.70 -20.70
CA ALA C 994 0.94 15.62 -21.79
C ALA C 994 0.87 16.93 -22.58
N LEU C 995 0.86 18.06 -21.89
CA LEU C 995 0.82 19.35 -22.57
C LEU C 995 2.10 19.62 -23.36
N GLU C 996 3.24 19.14 -22.87
CA GLU C 996 4.49 19.27 -23.63
C GLU C 996 4.47 18.38 -24.85
N ALA C 997 3.90 17.18 -24.74
CA ALA C 997 3.82 16.28 -25.88
C ALA C 997 2.86 16.80 -26.94
N TYR C 998 1.81 17.51 -26.53
CA TYR C 998 0.91 18.10 -27.52
C TYR C 998 1.60 19.20 -28.33
N GLY C 999 2.43 20.01 -27.67
CA GLY C 999 3.07 21.13 -28.32
C GLY C 999 2.47 22.48 -28.02
N ALA C 1000 1.52 22.55 -27.09
CA ALA C 1000 0.87 23.82 -26.73
C ALA C 1000 1.69 24.48 -25.63
N ALA C 1001 2.44 25.52 -26.01
CA ALA C 1001 3.33 26.20 -25.08
C ALA C 1001 2.65 27.38 -24.38
N TYR C 1002 1.79 28.11 -25.08
CA TYR C 1002 1.15 29.27 -24.47
C TYR C 1002 0.15 28.84 -23.40
N ILE C 1003 -0.57 27.74 -23.62
CA ILE C 1003 -1.49 27.23 -22.60
C ILE C 1003 -0.73 26.88 -21.34
N LEU C 1004 0.40 26.17 -21.49
CA LEU C 1004 1.19 25.77 -20.34
C LEU C 1004 1.76 26.98 -19.61
N GLN C 1005 2.26 27.97 -20.36
CA GLN C 1005 2.84 29.14 -19.72
C GLN C 1005 1.79 29.94 -18.97
N GLU C 1006 0.59 30.08 -19.54
CA GLU C 1006 -0.47 30.80 -18.86
C GLU C 1006 -0.95 30.03 -17.64
N LEU C 1007 -0.97 28.70 -17.71
CA LEU C 1007 -1.35 27.90 -16.54
C LEU C 1007 -0.34 28.06 -15.42
N LEU C 1008 0.95 28.11 -15.74
CA LEU C 1008 1.98 28.06 -14.72
C LEU C 1008 2.17 29.39 -13.99
N THR C 1009 1.92 30.52 -14.64
CA THR C 1009 2.26 31.81 -14.05
C THR C 1009 1.03 32.66 -13.72
N VAL C 1010 0.18 32.94 -14.71
CA VAL C 1010 -0.90 33.90 -14.49
C VAL C 1010 -1.96 33.33 -13.57
N LYS C 1011 -2.22 32.03 -13.66
CA LYS C 1011 -3.33 31.43 -12.93
C LYS C 1011 -2.95 30.87 -11.57
N SER C 1012 -1.66 30.82 -11.21
CA SER C 1012 -1.28 30.22 -9.95
C SER C 1012 -0.64 31.20 -8.97
N ASP C 1013 0.52 31.79 -9.30
CA ASP C 1013 1.24 32.54 -8.28
C ASP C 1013 2.00 33.78 -8.78
N ASP C 1014 1.68 34.30 -9.96
CA ASP C 1014 2.28 35.56 -10.39
C ASP C 1014 1.45 36.68 -9.76
N MET C 1015 1.95 37.22 -8.64
CA MET C 1015 1.12 38.09 -7.80
C MET C 1015 0.69 39.35 -8.53
N GLN C 1016 1.48 39.83 -9.50
CA GLN C 1016 1.10 41.04 -10.22
C GLN C 1016 0.30 40.73 -11.47
N GLY C 1017 0.59 39.62 -12.16
CA GLY C 1017 -0.10 39.29 -13.39
C GLY C 1017 -1.54 38.90 -13.21
N ARG C 1018 -1.92 38.43 -12.02
CA ARG C 1018 -3.29 38.01 -11.78
C ARG C 1018 -4.27 39.18 -11.94
N ASN C 1019 -3.98 40.30 -11.29
CA ASN C 1019 -4.86 41.46 -11.36
C ASN C 1019 -4.86 42.08 -12.76
N GLU C 1020 -3.69 42.12 -13.39
CA GLU C 1020 -3.64 42.64 -14.76
C GLU C 1020 -4.50 41.81 -15.69
N ALA C 1021 -4.42 40.47 -15.58
CA ALA C 1021 -5.23 39.61 -16.42
C ALA C 1021 -6.72 39.82 -16.13
N LEU C 1022 -7.09 39.89 -14.86
CA LEU C 1022 -8.50 40.04 -14.51
C LEU C 1022 -9.07 41.35 -15.05
N ASN C 1023 -8.33 42.45 -14.86
CA ASN C 1023 -8.83 43.75 -15.31
C ASN C 1023 -8.80 43.87 -16.83
N ALA C 1024 -7.82 43.23 -17.49
CA ALA C 1024 -7.81 43.21 -18.95
C ALA C 1024 -9.02 42.45 -19.49
N ILE C 1025 -9.36 41.33 -18.86
CA ILE C 1025 -10.54 40.58 -19.29
C ILE C 1025 -11.80 41.42 -19.09
N VAL C 1026 -11.90 42.09 -17.94
CA VAL C 1026 -13.09 42.89 -17.65
C VAL C 1026 -13.22 44.04 -18.64
N LYS C 1027 -12.13 44.72 -18.95
CA LYS C 1027 -12.17 45.85 -19.87
C LYS C 1027 -12.14 45.42 -21.33
N GLY C 1028 -11.90 44.15 -21.62
CA GLY C 1028 -11.91 43.67 -22.99
C GLY C 1028 -10.65 43.92 -23.79
N LYS C 1029 -9.51 44.08 -23.13
CA LYS C 1029 -8.23 44.31 -23.80
C LYS C 1029 -7.38 43.05 -23.73
N ALA C 1030 -6.15 43.17 -24.23
CA ALA C 1030 -5.23 42.04 -24.27
C ALA C 1030 -4.60 41.82 -22.89
N ILE C 1031 -4.12 40.60 -22.69
CA ILE C 1031 -3.51 40.19 -21.42
C ILE C 1031 -2.01 40.43 -21.52
N PRO C 1032 -1.42 41.23 -20.64
CA PRO C 1032 0.01 41.51 -20.74
C PRO C 1032 0.86 40.30 -20.39
N ARG C 1033 2.13 40.38 -20.79
CA ARG C 1033 3.05 39.27 -20.62
C ARG C 1033 3.38 39.04 -19.15
N PRO C 1034 3.67 37.80 -18.76
CA PRO C 1034 3.88 37.47 -17.35
C PRO C 1034 5.28 37.86 -16.88
N GLY C 1035 5.54 37.61 -15.60
CA GLY C 1035 6.83 37.87 -15.00
C GLY C 1035 7.45 36.61 -14.40
N THR C 1036 7.89 36.70 -13.15
CA THR C 1036 8.53 35.57 -12.48
C THR C 1036 7.66 35.07 -11.34
N PRO C 1037 7.39 33.77 -11.25
CA PRO C 1037 6.59 33.24 -10.16
C PRO C 1037 7.29 33.36 -8.81
N GLU C 1038 6.47 33.36 -7.75
CA GLU C 1038 6.97 33.57 -6.40
C GLU C 1038 7.74 32.37 -5.87
N SER C 1039 7.39 31.16 -6.33
CA SER C 1039 8.00 29.95 -5.78
C SER C 1039 9.49 29.90 -6.11
N PHE C 1040 9.88 30.40 -7.27
CA PHE C 1040 11.30 30.44 -7.62
C PHE C 1040 12.08 31.34 -6.66
N LYS C 1041 11.52 32.49 -6.33
CA LYS C 1041 12.17 33.39 -5.37
C LYS C 1041 12.25 32.75 -3.98
N VAL C 1042 11.18 32.06 -3.58
CA VAL C 1042 11.20 31.38 -2.29
C VAL C 1042 12.30 30.31 -2.27
N LEU C 1043 12.43 29.56 -3.37
CA LEU C 1043 13.48 28.55 -3.46
C LEU C 1043 14.86 29.19 -3.42
N MET C 1044 15.04 30.32 -4.08
CA MET C 1044 16.34 30.99 -4.06
C MET C 1044 16.70 31.46 -2.65
N ARG C 1045 15.74 32.02 -1.93
CA ARG C 1045 16.00 32.43 -0.54
C ARG C 1045 16.33 31.22 0.33
N GLU C 1046 15.59 30.12 0.15
CA GLU C 1046 15.85 28.92 0.94
C GLU C 1046 17.25 28.36 0.65
N LEU C 1047 17.66 28.40 -0.62
CA LEU C 1047 19.00 27.91 -0.96
C LEU C 1047 20.08 28.83 -0.41
N GLN C 1048 19.85 30.14 -0.44
CA GLN C 1048 20.82 31.07 0.13
C GLN C 1048 20.93 30.91 1.64
N SER C 1049 19.86 30.49 2.31
CA SER C 1049 19.92 30.27 3.74
C SER C 1049 20.88 29.15 4.14
N LEU C 1050 21.25 28.28 3.19
CA LEU C 1050 22.19 27.20 3.44
C LEU C 1050 23.62 27.59 3.11
N CYS C 1051 23.93 28.88 3.06
CA CYS C 1051 25.27 29.40 2.76
C CYS C 1051 25.74 28.94 1.38
N LEU C 1052 24.89 29.14 0.38
CA LEU C 1052 25.22 28.88 -1.01
C LEU C 1052 25.07 30.17 -1.80
N ASP C 1053 26.06 30.47 -2.64
CA ASP C 1053 26.06 31.71 -3.43
C ASP C 1053 25.46 31.41 -4.79
N ILE C 1054 24.15 31.62 -4.92
CA ILE C 1054 23.42 31.37 -6.15
C ILE C 1054 22.75 32.66 -6.60
N ALA C 1055 22.92 33.00 -7.87
CA ALA C 1055 22.35 34.24 -8.41
C ALA C 1055 22.18 34.09 -9.92
N VAL C 1056 21.41 35.01 -10.50
CA VAL C 1056 21.17 35.04 -11.93
C VAL C 1056 21.98 36.18 -12.53
N TYR C 1057 22.52 35.96 -13.73
CA TYR C 1057 23.42 36.90 -14.37
C TYR C 1057 22.92 37.23 -15.77
N LYS C 1058 23.32 38.40 -16.25
CA LYS C 1058 23.01 38.87 -17.59
C LYS C 1058 24.28 38.89 -18.42
N ALA C 1059 24.24 38.29 -19.60
CA ALA C 1059 25.42 38.20 -20.46
C ALA C 1059 25.84 39.58 -20.94
N SER C 1060 27.16 39.75 -21.10
CA SER C 1060 27.71 41.01 -21.59
C SER C 1060 27.66 41.02 -23.12
N THR C 1061 27.01 42.04 -23.67
CA THR C 1061 26.80 42.09 -25.12
C THR C 1061 28.10 42.33 -25.87
N GLU C 1062 28.91 43.28 -25.40
CA GLU C 1062 30.10 43.69 -26.13
C GLU C 1062 31.20 44.05 -25.15
N ASP C 1063 32.36 44.42 -25.71
CA ASP C 1063 33.50 44.94 -24.94
C ASP C 1063 34.03 43.92 -23.93
N TYR C 1064 34.94 44.36 -23.08
CA TYR C 1064 35.52 43.52 -22.04
C TYR C 1064 34.67 43.49 -20.78
N GLU C 1065 33.63 44.33 -20.70
CA GLU C 1065 32.83 44.46 -19.50
C GLU C 1065 32.29 43.11 -19.03
N GLU C 1066 32.41 42.85 -17.74
CA GLU C 1066 32.00 41.58 -17.16
C GLU C 1066 30.48 41.51 -17.04
N ASP C 1067 29.99 40.28 -16.86
CA ASP C 1067 28.56 40.06 -16.73
C ASP C 1067 28.04 40.65 -15.42
N LYS C 1068 26.83 41.17 -15.46
CA LYS C 1068 26.25 41.91 -14.34
C LYS C 1068 25.15 41.08 -13.68
N GLU C 1069 25.17 41.02 -12.36
CA GLU C 1069 24.13 40.34 -11.61
C GLU C 1069 22.82 41.10 -11.69
N VAL C 1070 21.72 40.35 -11.73
CA VAL C 1070 20.37 40.92 -11.85
C VAL C 1070 19.65 40.73 -10.51
N ASP C 1071 18.98 41.79 -10.05
CA ASP C 1071 18.20 41.74 -8.82
C ASP C 1071 16.79 41.29 -9.15
N LEU C 1072 16.45 40.05 -8.79
CA LEU C 1072 15.13 39.52 -9.09
C LEU C 1072 14.06 40.07 -8.16
N MET C 1073 14.42 40.35 -6.91
CA MET C 1073 13.45 40.82 -5.91
C MET C 1073 13.36 42.35 -5.90
N ALA C 1074 13.10 42.92 -7.08
CA ALA C 1074 12.97 44.36 -7.23
C ALA C 1074 11.77 44.68 -8.11
N ASP C 1075 11.22 45.87 -7.93
CA ASP C 1075 10.04 46.31 -8.67
C ASP C 1075 10.46 46.91 -10.00
N VAL C 1076 9.82 46.47 -11.08
CA VAL C 1076 10.12 46.99 -12.41
C VAL C 1076 9.16 48.09 -12.81
N ASN C 1077 7.86 47.90 -12.55
CA ASN C 1077 6.82 48.84 -12.95
C ASN C 1077 6.20 49.49 -11.72
N GLN C 1078 5.87 50.77 -11.83
CA GLN C 1078 5.33 51.55 -10.72
C GLN C 1078 3.80 51.35 -10.66
N ARG C 1079 3.41 50.13 -10.33
CA ARG C 1079 2.01 49.77 -10.20
C ARG C 1079 1.81 48.92 -8.94
N ARG C 1080 0.59 48.94 -8.43
CA ARG C 1080 0.29 48.29 -7.16
C ARG C 1080 0.28 46.77 -7.30
N THR C 1081 0.56 46.09 -6.18
CA THR C 1081 0.55 44.63 -6.11
C THR C 1081 -0.21 44.20 -4.86
N PRO C 1082 -1.53 44.14 -4.92
CA PRO C 1082 -2.32 43.68 -3.76
C PRO C 1082 -2.28 42.16 -3.64
N SER C 1083 -2.78 41.69 -2.49
CA SER C 1083 -2.71 40.26 -2.18
C SER C 1083 -3.67 39.44 -3.03
N ARG C 1084 -4.84 39.99 -3.34
CA ARG C 1084 -5.83 39.28 -4.12
C ARG C 1084 -6.31 40.14 -5.28
N PRO C 1085 -6.67 39.51 -6.40
CA PRO C 1085 -7.22 40.28 -7.53
C PRO C 1085 -8.50 41.01 -7.15
N THR C 1086 -8.66 42.22 -7.68
CA THR C 1086 -9.81 43.05 -7.37
C THR C 1086 -10.24 43.79 -8.63
N TYR C 1087 -11.50 44.22 -8.63
CA TYR C 1087 -12.05 45.03 -9.72
C TYR C 1087 -11.84 46.49 -9.37
N GLU C 1088 -10.93 47.16 -10.08
CA GLU C 1088 -10.66 48.56 -9.83
C GLU C 1088 -11.81 49.42 -10.37
N SER C 1089 -12.30 50.31 -9.52
CA SER C 1089 -13.41 51.21 -9.87
C SER C 1089 -14.62 50.46 -10.41
N GLU D 5 14.79 42.63 -24.07
CA GLU D 5 14.57 41.20 -24.20
C GLU D 5 14.44 40.52 -22.84
N GLN D 6 15.28 39.53 -22.59
CA GLN D 6 15.22 38.76 -21.37
C GLN D 6 16.00 39.45 -20.25
N ARG D 7 15.56 39.22 -19.01
CA ARG D 7 16.20 39.87 -17.87
C ARG D 7 17.53 39.22 -17.52
N PHE D 8 17.63 37.89 -17.61
CA PHE D 8 18.85 37.18 -17.26
C PHE D 8 19.08 36.05 -18.27
N ASP D 9 20.30 35.54 -18.27
CA ASP D 9 20.71 34.53 -19.24
C ASP D 9 21.07 33.19 -18.63
N TYR D 10 21.65 33.16 -17.43
CA TYR D 10 22.06 31.89 -16.84
C TYR D 10 22.11 32.01 -15.32
N VAL D 11 22.15 30.85 -14.67
CA VAL D 11 22.22 30.74 -13.21
C VAL D 11 23.58 30.18 -12.85
N LYS D 12 24.14 30.66 -11.74
CA LYS D 12 25.46 30.23 -11.28
C LYS D 12 25.43 29.98 -9.78
N ILE D 13 26.16 28.95 -9.34
CA ILE D 13 26.25 28.58 -7.94
C ILE D 13 27.72 28.47 -7.56
N ALA D 14 28.04 28.88 -6.33
CA ALA D 14 29.42 28.85 -5.85
C ALA D 14 29.41 28.85 -4.33
N LEU D 15 30.60 28.79 -3.75
CA LEU D 15 30.75 28.86 -2.31
C LEU D 15 30.57 30.30 -1.82
N ALA D 16 30.13 30.45 -0.57
CA ALA D 16 29.84 31.74 0.01
C ALA D 16 30.91 32.09 1.04
N SER D 17 31.49 33.28 0.90
CA SER D 17 32.43 33.84 1.84
C SER D 17 31.71 34.58 2.95
N PRO D 18 32.35 34.77 4.11
CA PRO D 18 31.70 35.55 5.17
C PRO D 18 31.37 36.98 4.77
N GLU D 19 32.18 37.58 3.90
CA GLU D 19 31.90 38.94 3.44
C GLU D 19 30.58 39.01 2.68
N ARG D 20 30.35 38.04 1.78
CA ARG D 20 29.09 38.01 1.04
C ARG D 20 27.91 37.76 1.96
N ILE D 21 28.06 36.87 2.93
CA ILE D 21 26.98 36.59 3.87
C ILE D 21 26.63 37.85 4.67
N ARG D 22 27.65 38.59 5.11
CA ARG D 22 27.40 39.84 5.81
C ARG D 22 26.74 40.87 4.89
N GLN D 23 27.17 40.91 3.62
CA GLN D 23 26.61 41.87 2.68
C GLN D 23 25.15 41.58 2.35
N TRP D 24 24.75 40.31 2.41
CA TRP D 24 23.36 39.96 2.11
C TRP D 24 22.40 40.63 3.08
N GLY D 25 22.73 40.60 4.38
CA GLY D 25 21.78 41.04 5.39
C GLY D 25 22.21 42.25 6.19
N GLU D 26 22.81 43.24 5.53
CA GLU D 26 23.23 44.47 6.19
C GLU D 26 22.77 45.67 5.38
N ARG D 27 22.10 46.60 6.04
CA ARG D 27 21.66 47.84 5.41
C ARG D 27 21.92 49.00 6.36
N THR D 28 22.23 50.16 5.79
CA THR D 28 22.52 51.35 6.56
C THR D 28 21.35 52.33 6.53
N LEU D 29 21.37 53.26 7.47
CA LEU D 29 20.32 54.24 7.67
C LEU D 29 20.95 55.64 7.70
N PRO D 30 20.17 56.68 7.42
CA PRO D 30 20.75 58.04 7.42
C PRO D 30 21.00 58.56 8.83
N ASN D 31 21.67 57.76 9.65
CA ASN D 31 22.00 58.14 11.02
C ASN D 31 23.49 57.85 11.24
N GLY D 32 23.98 56.82 10.57
CA GLY D 32 25.34 56.34 10.76
C GLY D 32 25.44 54.97 11.39
N GLN D 33 24.32 54.36 11.77
CA GLN D 33 24.29 53.04 12.37
C GLN D 33 23.92 52.00 11.32
N VAL D 34 24.26 50.75 11.62
CA VAL D 34 24.00 49.62 10.74
C VAL D 34 23.15 48.60 11.49
N VAL D 35 22.21 48.00 10.77
CA VAL D 35 21.28 47.03 11.36
C VAL D 35 21.32 45.75 10.53
N GLY D 36 20.93 44.65 11.16
CA GLY D 36 20.91 43.38 10.48
C GLY D 36 21.31 42.18 11.33
N GLU D 37 21.83 42.42 12.52
CA GLU D 37 22.29 41.37 13.40
C GLU D 37 21.23 41.04 14.45
N VAL D 38 20.86 39.77 14.53
CA VAL D 38 19.87 39.30 15.50
C VAL D 38 20.59 38.87 16.77
N THR D 39 20.13 39.36 17.92
CA THR D 39 20.82 39.09 19.17
C THR D 39 19.87 38.71 20.31
N LYS D 40 18.67 38.23 20.01
CA LYS D 40 17.74 37.85 21.08
C LYS D 40 16.77 36.79 20.60
N PRO D 41 16.50 35.77 21.41
CA PRO D 41 15.54 34.71 21.04
C PRO D 41 14.10 35.06 21.37
N GLU D 42 13.67 36.25 20.98
CA GLU D 42 12.32 36.75 21.26
C GLU D 42 11.59 36.99 19.95
N THR D 43 10.29 36.69 19.92
CA THR D 43 9.51 36.83 18.71
C THR D 43 8.49 37.96 18.79
N ILE D 44 7.55 37.88 19.74
CA ILE D 44 6.45 38.85 19.85
C ILE D 44 6.07 38.97 21.31
N ASN D 45 5.39 40.07 21.64
CA ASN D 45 4.93 40.29 23.00
C ASN D 45 3.63 39.53 23.22
N TYR D 46 3.50 38.93 24.41
CA TYR D 46 2.31 38.15 24.74
C TYR D 46 1.10 39.04 25.00
N ARG D 47 1.31 40.21 25.61
CA ARG D 47 0.20 41.08 25.95
C ARG D 47 -0.39 41.73 24.69
N THR D 48 0.41 42.51 23.97
CA THR D 48 0.02 43.10 22.71
C THR D 48 0.77 42.41 21.58
N LEU D 49 0.04 42.01 20.54
CA LEU D 49 0.59 41.16 19.48
C LEU D 49 1.46 42.02 18.54
N LYS D 50 2.61 42.42 19.06
CA LYS D 50 3.58 43.19 18.30
C LYS D 50 4.97 42.59 18.45
N PRO D 51 5.80 42.68 17.43
CA PRO D 51 7.14 42.10 17.50
C PRO D 51 8.04 42.86 18.47
N GLU D 52 9.09 42.18 18.90
CA GLU D 52 10.06 42.78 19.81
C GLU D 52 11.03 43.65 19.00
N MET D 53 12.10 44.13 19.65
CA MET D 53 12.95 45.15 19.06
C MET D 53 14.23 44.61 18.46
N ASP D 54 14.73 43.46 18.93
CA ASP D 54 15.97 42.91 18.38
C ASP D 54 15.90 41.40 18.19
N GLY D 55 14.71 40.81 18.17
CA GLY D 55 14.55 39.39 18.04
C GLY D 55 14.45 38.93 16.60
N LEU D 56 13.81 37.77 16.42
CA LEU D 56 13.67 37.16 15.11
C LEU D 56 12.63 37.83 14.23
N PHE D 57 11.80 38.71 14.78
CA PHE D 57 10.72 39.36 14.05
C PHE D 57 10.82 40.88 14.10
N CYS D 58 12.03 41.40 14.32
CA CYS D 58 12.21 42.83 14.51
C CYS D 58 11.84 43.60 13.25
N GLU D 59 11.37 44.83 13.44
CA GLU D 59 10.95 45.67 12.33
C GLU D 59 12.05 46.56 11.77
N LYS D 60 13.11 46.81 12.54
CA LYS D 60 14.23 47.58 12.02
C LYS D 60 15.04 46.77 11.02
N ILE D 61 15.13 45.45 11.22
CA ILE D 61 15.94 44.61 10.36
C ILE D 61 15.15 44.12 9.15
N PHE D 62 13.91 43.68 9.35
CA PHE D 62 13.16 43.00 8.31
C PHE D 62 12.11 43.87 7.63
N GLY D 63 11.58 44.89 8.32
CA GLY D 63 10.64 45.79 7.70
C GLY D 63 9.36 45.97 8.50
N PRO D 64 8.57 46.97 8.13
CA PRO D 64 7.33 47.23 8.86
C PRO D 64 6.32 46.11 8.69
N ALA D 65 5.50 45.91 9.73
CA ALA D 65 4.46 44.90 9.71
C ALA D 65 3.11 45.43 9.22
N LYS D 66 3.00 46.74 9.01
CA LYS D 66 1.78 47.33 8.47
C LYS D 66 2.16 48.35 7.40
N ASP D 67 1.28 48.51 6.41
CA ASP D 67 1.59 49.36 5.28
C ASP D 67 1.61 50.83 5.68
N TRP D 68 2.73 51.50 5.39
CA TRP D 68 2.88 52.93 5.60
C TRP D 68 2.60 53.33 7.05
N GLU D 69 3.13 52.55 7.99
CA GLU D 69 2.98 52.84 9.41
C GLU D 69 4.19 52.33 10.14
N CYS D 70 4.87 53.21 10.86
CA CYS D 70 6.07 52.85 11.60
C CYS D 70 5.69 52.27 12.97
N HIS D 71 6.69 51.79 13.70
CA HIS D 71 6.43 51.02 14.92
C HIS D 71 5.81 51.86 16.02
N CYS D 72 6.28 53.10 16.19
CA CYS D 72 5.81 53.93 17.29
C CYS D 72 4.51 54.66 16.98
N GLY D 73 3.93 54.42 15.81
CA GLY D 73 2.63 54.99 15.48
C GLY D 73 2.62 56.50 15.41
N LYS D 74 3.64 57.08 14.81
CA LYS D 74 3.77 58.54 14.74
C LYS D 74 3.87 59.05 13.32
N TYR D 75 4.36 58.25 12.39
CA TYR D 75 4.29 58.54 10.96
C TYR D 75 3.32 57.57 10.28
N LYS D 76 2.51 58.09 9.36
CA LYS D 76 1.55 57.30 8.62
C LYS D 76 1.49 57.83 7.18
N ARG D 77 0.46 57.42 6.45
CA ARG D 77 0.12 57.93 5.12
C ARG D 77 1.14 57.52 4.06
N VAL D 78 0.81 57.79 2.80
CA VAL D 78 1.57 57.28 1.65
C VAL D 78 2.45 58.34 1.00
N ARG D 79 2.25 59.62 1.31
CA ARG D 79 2.97 60.68 0.61
C ARG D 79 4.48 60.61 0.83
N HIS D 80 4.94 59.89 1.85
CA HIS D 80 6.36 59.69 2.05
C HIS D 80 6.87 58.57 1.14
N ARG D 81 8.01 58.80 0.49
CA ARG D 81 8.55 57.89 -0.51
C ARG D 81 9.86 57.25 -0.06
N GLY D 82 9.95 56.89 1.22
CA GLY D 82 11.12 56.17 1.70
C GLY D 82 11.86 56.85 2.83
N ILE D 83 11.19 57.73 3.57
CA ILE D 83 11.80 58.36 4.73
C ILE D 83 11.76 57.40 5.91
N VAL D 84 12.65 57.63 6.88
CA VAL D 84 12.80 56.77 8.04
C VAL D 84 12.46 57.59 9.29
N CYS D 85 11.59 57.03 10.13
CA CYS D 85 11.19 57.69 11.37
C CYS D 85 12.37 57.78 12.32
N GLU D 86 12.64 58.97 12.84
CA GLU D 86 13.77 59.18 13.74
C GLU D 86 13.37 59.06 15.20
N ARG D 87 12.64 58.01 15.54
CA ARG D 87 12.44 57.63 16.94
C ARG D 87 12.57 56.14 17.18
N CYS D 88 12.38 55.28 16.17
CA CYS D 88 12.52 53.85 16.31
C CYS D 88 13.32 53.20 15.19
N GLY D 89 13.60 53.93 14.10
CA GLY D 89 14.40 53.40 13.01
C GLY D 89 13.65 52.60 11.98
N VAL D 90 12.32 52.52 12.08
CA VAL D 90 11.53 51.72 11.15
C VAL D 90 11.27 52.54 9.89
N GLU D 91 11.59 51.96 8.74
CA GLU D 91 11.31 52.60 7.46
C GLU D 91 9.82 52.48 7.15
N VAL D 92 9.26 53.53 6.54
CA VAL D 92 7.83 53.59 6.26
C VAL D 92 7.62 53.17 4.82
N THR D 93 7.11 51.95 4.63
CA THR D 93 6.85 51.39 3.31
C THR D 93 5.88 50.22 3.47
N GLU D 94 5.70 49.46 2.40
CA GLU D 94 4.81 48.31 2.43
C GLU D 94 5.45 47.16 3.20
N SER D 95 4.61 46.21 3.61
CA SER D 95 5.09 45.05 4.37
C SER D 95 5.60 43.94 3.46
N ARG D 96 5.45 44.07 2.14
CA ARG D 96 5.97 43.05 1.22
C ARG D 96 7.47 42.88 1.35
N VAL D 97 8.18 43.91 1.84
CA VAL D 97 9.62 43.82 2.03
C VAL D 97 9.98 42.72 3.03
N ARG D 98 9.01 42.25 3.82
CA ARG D 98 9.28 41.14 4.73
C ARG D 98 9.48 39.82 4.00
N ARG D 99 9.30 39.78 2.69
CA ARG D 99 9.51 38.58 1.91
C ARG D 99 10.90 38.50 1.26
N HIS D 100 11.72 39.53 1.44
CA HIS D 100 13.05 39.54 0.82
C HIS D 100 14.19 39.74 1.81
N ARG D 101 13.98 40.55 2.84
CA ARG D 101 15.10 40.99 3.67
C ARG D 101 15.61 39.87 4.57
N MET D 102 16.93 39.79 4.71
CA MET D 102 17.62 38.73 5.42
C MET D 102 18.33 39.28 6.64
N GLY D 103 18.72 38.39 7.55
CA GLY D 103 19.49 38.75 8.72
C GLY D 103 20.74 37.90 8.81
N PHE D 104 21.52 38.14 9.87
CA PHE D 104 22.68 37.30 10.12
C PHE D 104 22.99 37.25 11.60
N ILE D 105 23.71 36.19 11.98
CA ILE D 105 24.13 35.95 13.36
C ILE D 105 25.65 35.78 13.34
N LYS D 106 26.33 36.44 14.29
CA LYS D 106 27.77 36.34 14.44
C LYS D 106 28.07 35.36 15.57
N LEU D 107 28.87 34.34 15.28
CA LEU D 107 29.12 33.25 16.20
C LEU D 107 30.32 33.55 17.10
N ALA D 108 30.25 33.07 18.34
CA ALA D 108 31.35 33.24 19.27
C ALA D 108 32.56 32.40 18.88
N ALA D 109 32.33 31.22 18.33
CA ALA D 109 33.40 30.33 17.88
C ALA D 109 33.08 29.78 16.50
N PRO D 110 34.10 29.47 15.70
CA PRO D 110 33.84 28.90 14.39
C PRO D 110 33.27 27.49 14.49
N VAL D 111 32.45 27.14 13.50
CA VAL D 111 31.86 25.81 13.39
C VAL D 111 32.06 25.31 11.96
N ALA D 112 31.91 24.01 11.78
CA ALA D 112 32.15 23.37 10.50
C ALA D 112 30.83 23.04 9.81
N HIS D 113 30.76 23.32 8.51
CA HIS D 113 29.58 22.98 7.73
C HIS D 113 29.47 21.47 7.60
N VAL D 114 28.28 20.93 7.88
CA VAL D 114 28.09 19.48 7.90
C VAL D 114 27.99 18.90 6.50
N TRP D 115 27.66 19.70 5.49
CA TRP D 115 27.59 19.17 4.13
C TRP D 115 28.96 18.81 3.59
N TYR D 116 29.99 19.55 3.97
CA TYR D 116 31.35 19.32 3.50
C TYR D 116 32.14 18.37 4.38
N LEU D 117 31.58 17.94 5.51
CA LEU D 117 32.23 17.02 6.42
C LEU D 117 31.66 15.62 6.36
N LYS D 118 30.34 15.48 6.26
CA LYS D 118 29.67 14.19 6.17
C LYS D 118 29.04 14.10 4.78
N GLY D 119 29.73 13.44 3.86
CA GLY D 119 29.21 13.26 2.51
C GLY D 119 29.73 11.98 1.90
N ILE D 120 29.13 11.61 0.77
CA ILE D 120 29.60 10.42 0.03
C ILE D 120 31.06 10.59 -0.39
N PRO D 121 31.46 11.69 -1.05
CA PRO D 121 32.86 12.12 -0.94
C PRO D 121 33.01 13.19 0.13
N SER D 122 34.05 13.12 0.93
CA SER D 122 34.32 14.13 1.96
C SER D 122 35.36 15.09 1.42
N TYR D 123 34.97 16.35 1.21
CA TYR D 123 35.88 17.30 0.56
C TYR D 123 36.96 17.79 1.52
N ILE D 124 36.61 18.00 2.79
CA ILE D 124 37.61 18.40 3.78
C ILE D 124 38.65 17.31 3.95
N ALA D 125 38.20 16.06 4.09
CA ALA D 125 39.11 14.94 4.27
C ALA D 125 39.97 14.71 3.04
N ILE D 126 39.39 14.84 1.85
CA ILE D 126 40.17 14.67 0.62
C ILE D 126 41.20 15.77 0.49
N LEU D 127 40.81 17.02 0.78
CA LEU D 127 41.75 18.13 0.69
C LEU D 127 42.89 17.99 1.69
N LEU D 128 42.59 17.59 2.92
CA LEU D 128 43.60 17.50 3.95
C LEU D 128 44.38 16.19 3.92
N ASP D 129 44.01 15.25 3.05
CA ASP D 129 44.70 13.96 2.92
C ASP D 129 44.70 13.20 4.26
N MET D 130 43.56 13.19 4.93
CA MET D 130 43.41 12.49 6.19
C MET D 130 42.15 11.63 6.15
N PRO D 131 42.11 10.54 6.90
CA PRO D 131 40.88 9.74 6.97
C PRO D 131 39.78 10.51 7.69
N LEU D 132 38.53 10.15 7.36
CA LEU D 132 37.39 10.87 7.91
C LEU D 132 37.28 10.73 9.42
N ARG D 133 37.74 9.60 9.97
CA ARG D 133 37.63 9.39 11.41
C ARG D 133 38.50 10.37 12.17
N ASP D 134 39.72 10.63 11.69
CA ASP D 134 40.60 11.58 12.36
C ASP D 134 40.01 12.99 12.34
N VAL D 135 39.48 13.41 11.19
CA VAL D 135 38.89 14.74 11.07
C VAL D 135 37.68 14.86 11.98
N GLU D 136 36.84 13.81 12.03
CA GLU D 136 35.68 13.83 12.90
C GLU D 136 36.09 13.83 14.37
N GLN D 137 37.23 13.24 14.69
CA GLN D 137 37.70 13.23 16.08
C GLN D 137 38.31 14.57 16.49
N ILE D 138 38.98 15.27 15.59
CA ILE D 138 39.51 16.59 15.92
C ILE D 138 38.37 17.54 16.24
N VAL D 139 37.35 17.57 15.37
CA VAL D 139 36.10 18.26 15.66
C VAL D 139 35.41 17.44 16.75
N TYR D 140 34.44 18.05 17.44
CA TYR D 140 33.68 17.42 18.52
C TYR D 140 34.54 17.12 19.74
N PHE D 141 35.80 17.58 19.75
CA PHE D 141 36.65 17.60 20.94
C PHE D 141 36.87 16.20 21.50
N ASN D 142 37.49 15.35 20.70
CA ASN D 142 37.84 13.99 21.11
C ASN D 142 39.32 13.68 20.99
N SER D 143 40.13 14.57 20.42
CA SER D 143 41.56 14.32 20.26
C SER D 143 42.25 15.64 19.96
N TYR D 144 43.57 15.61 20.01
CA TYR D 144 44.40 16.75 19.68
C TYR D 144 45.08 16.52 18.33
N VAL D 145 45.62 17.59 17.78
CA VAL D 145 46.36 17.54 16.52
C VAL D 145 47.61 18.42 16.65
N VAL D 146 48.70 17.95 16.05
CA VAL D 146 49.98 18.67 16.13
C VAL D 146 50.04 19.62 14.94
N LEU D 147 49.89 20.92 15.22
CA LEU D 147 49.98 21.92 14.16
C LEU D 147 51.42 22.32 13.84
N ASN D 148 52.36 22.00 14.72
CA ASN D 148 53.77 22.32 14.50
C ASN D 148 54.65 21.35 15.26
N PRO D 149 55.42 20.51 14.57
CA PRO D 149 56.26 19.53 15.27
C PRO D 149 57.34 20.16 16.13
N GLY D 150 57.89 21.31 15.73
CA GLY D 150 59.00 21.87 16.47
C GLY D 150 60.28 21.05 16.27
N ASN D 151 61.22 21.25 17.18
CA ASN D 151 62.48 20.50 17.14
C ASN D 151 62.39 19.22 17.96
N HIS D 152 61.38 18.41 17.68
CA HIS D 152 61.21 17.11 18.31
C HIS D 152 61.64 16.01 17.34
N SER D 153 61.81 14.80 17.89
CA SER D 153 62.27 13.67 17.10
C SER D 153 61.18 12.64 16.81
N GLU D 154 60.14 12.56 17.64
CA GLU D 154 59.03 11.64 17.39
C GLU D 154 57.79 12.32 16.84
N LEU D 155 57.56 13.59 17.16
CA LEU D 155 56.36 14.28 16.69
C LEU D 155 56.41 14.49 15.17
N GLN D 156 55.24 14.45 14.56
CA GLN D 156 55.09 14.64 13.13
C GLN D 156 53.97 15.64 12.86
N TYR D 157 54.06 16.29 11.71
CA TYR D 157 53.01 17.23 11.30
C TYR D 157 51.71 16.49 11.06
N LYS D 158 50.62 17.04 11.58
CA LYS D 158 49.27 16.47 11.44
C LYS D 158 49.22 15.05 12.05
N GLN D 159 49.62 14.97 13.31
CA GLN D 159 49.65 13.71 14.05
C GLN D 159 48.60 13.74 15.14
N LEU D 160 47.76 12.71 15.18
CA LEU D 160 46.73 12.61 16.19
C LEU D 160 47.33 12.28 17.54
N LEU D 161 46.91 13.00 18.57
CA LEU D 161 47.38 12.78 19.93
C LEU D 161 46.20 12.39 20.82
N ASN D 162 46.50 12.20 22.11
CA ASN D 162 45.51 11.85 23.10
C ASN D 162 45.77 12.66 24.36
N GLU D 163 44.87 12.52 25.34
CA GLU D 163 45.03 13.29 26.57
C GLU D 163 46.25 12.83 27.36
N ASP D 164 46.42 11.52 27.53
CA ASP D 164 47.57 11.00 28.26
C ASP D 164 48.88 11.33 27.55
N GLN D 165 48.91 11.14 26.23
CA GLN D 165 50.13 11.43 25.48
C GLN D 165 50.45 12.93 25.52
N TRP D 166 49.43 13.78 25.39
CA TRP D 166 49.66 15.21 25.53
C TRP D 166 50.17 15.55 26.92
N MET D 167 49.70 14.84 27.94
CA MET D 167 50.22 15.06 29.29
C MET D 167 51.69 14.69 29.37
N GLU D 168 52.09 13.58 28.72
CA GLU D 168 53.50 13.19 28.72
C GLU D 168 54.37 14.24 28.03
N ILE D 169 53.95 14.69 26.84
CA ILE D 169 54.72 15.72 26.14
C ILE D 169 54.74 17.03 26.93
N GLU D 170 53.64 17.36 27.61
CA GLU D 170 53.61 18.55 28.44
C GLU D 170 54.59 18.44 29.60
N ASP D 171 54.69 17.26 30.22
CA ASP D 171 55.68 17.05 31.26
C ASP D 171 57.09 17.19 30.70
N GLN D 172 57.33 16.66 29.51
CA GLN D 172 58.66 16.75 28.90
C GLN D 172 59.05 18.20 28.63
N ILE D 173 58.14 18.99 28.04
CA ILE D 173 58.46 20.37 27.69
C ILE D 173 58.57 21.23 28.93
N TYR D 174 57.68 21.02 29.91
CA TYR D 174 57.61 21.87 31.09
C TYR D 174 58.59 21.44 32.18
N ALA D 175 59.50 20.51 31.88
CA ALA D 175 60.57 20.15 32.80
C ALA D 175 61.70 21.18 32.83
N GLU D 176 61.49 22.35 32.20
CA GLU D 176 62.49 23.41 32.15
C GLU D 176 63.80 22.91 31.55
N GLU D 177 63.70 22.09 30.51
CA GLU D 177 64.86 21.50 29.85
C GLU D 177 65.14 22.24 28.55
N SER D 178 66.21 21.83 27.87
CA SER D 178 66.65 22.43 26.62
C SER D 178 66.32 21.50 25.45
N ASP D 179 66.62 21.98 24.24
CA ASP D 179 66.41 21.29 22.96
C ASP D 179 64.94 21.12 22.62
N LEU D 180 64.02 21.54 23.49
CA LEU D 180 62.59 21.43 23.24
C LEU D 180 61.95 22.79 22.98
N GLU D 181 62.75 23.84 22.81
CA GLU D 181 62.19 25.15 22.55
C GLU D 181 61.88 25.32 21.06
N GLY D 182 61.13 24.38 20.50
CA GLY D 182 60.70 24.44 19.12
C GLY D 182 59.28 24.93 18.93
N ILE D 183 58.65 25.44 19.99
CA ILE D 183 57.27 25.93 19.94
C ILE D 183 56.36 24.83 19.40
N GLU D 184 56.13 23.79 20.20
CA GLU D 184 55.17 22.76 19.83
C GLU D 184 53.77 23.31 19.95
N VAL D 185 53.04 23.32 18.84
CA VAL D 185 51.67 23.85 18.84
C VAL D 185 50.70 22.70 18.61
N GLY D 186 50.21 22.10 19.69
CA GLY D 186 49.20 21.07 19.60
C GLY D 186 47.88 21.57 20.16
N ILE D 187 46.90 21.79 19.29
CA ILE D 187 45.62 22.39 19.68
C ILE D 187 44.51 21.43 19.31
N GLY D 188 43.79 20.94 20.31
CA GLY D 188 42.63 20.10 20.07
C GLY D 188 41.35 20.89 20.16
N ALA D 189 40.83 21.28 19.01
CA ALA D 189 39.69 22.18 18.89
C ALA D 189 39.12 21.98 17.50
N GLU D 190 38.31 22.93 17.03
CA GLU D 190 37.98 23.00 15.62
C GLU D 190 39.25 22.84 14.81
N ALA D 191 40.19 23.78 14.96
CA ALA D 191 41.58 23.64 14.51
C ALA D 191 41.69 23.22 13.05
N LEU D 192 40.58 23.29 12.31
CA LEU D 192 40.58 22.96 10.90
C LEU D 192 40.85 24.18 10.03
N GLN D 193 40.46 25.36 10.51
CA GLN D 193 40.73 26.59 9.77
C GLN D 193 42.23 26.82 9.64
N GLN D 194 42.99 26.53 10.70
CA GLN D 194 44.44 26.70 10.64
C GLN D 194 45.08 25.73 9.65
N LEU D 195 44.61 24.48 9.64
CA LEU D 195 45.15 23.49 8.70
C LEU D 195 44.79 23.84 7.26
N LEU D 196 43.59 24.36 7.04
CA LEU D 196 43.17 24.76 5.70
C LEU D 196 43.81 26.07 5.25
N GLN D 197 44.26 26.90 6.18
CA GLN D 197 44.93 28.14 5.83
C GLN D 197 46.39 27.94 5.45
N ASP D 198 46.98 26.79 5.79
CA ASP D 198 48.37 26.51 5.48
C ASP D 198 48.55 25.85 4.12
N LEU D 199 47.48 25.66 3.36
CA LEU D 199 47.56 24.97 2.09
C LEU D 199 48.05 25.90 0.99
N ASN D 200 49.02 25.44 0.21
CA ASN D 200 49.47 26.12 -0.99
C ASN D 200 49.06 25.27 -2.18
N LEU D 201 48.17 25.81 -3.02
CA LEU D 201 47.54 24.99 -4.05
C LEU D 201 48.49 24.70 -5.21
N ASN D 202 49.27 25.70 -5.63
CA ASN D 202 50.14 25.50 -6.79
C ASN D 202 51.24 24.49 -6.52
N GLU D 203 51.88 24.57 -5.35
CA GLU D 203 52.95 23.64 -5.02
C GLU D 203 52.42 22.21 -4.93
N GLU D 204 51.25 22.03 -4.30
CA GLU D 204 50.67 20.70 -4.20
C GLU D 204 50.25 20.18 -5.58
N SER D 205 49.74 21.07 -6.44
CA SER D 205 49.39 20.66 -7.79
C SER D 205 50.61 20.15 -8.55
N GLU D 206 51.71 20.90 -8.49
CA GLU D 206 52.93 20.47 -9.16
C GLU D 206 53.45 19.15 -8.58
N LYS D 207 53.42 19.02 -7.25
CA LYS D 207 53.92 17.79 -6.62
C LYS D 207 53.08 16.59 -7.02
N LEU D 208 51.75 16.73 -7.01
CA LEU D 208 50.88 15.63 -7.41
C LEU D 208 51.05 15.28 -8.87
N ARG D 209 51.18 16.29 -9.74
CA ARG D 209 51.38 16.01 -11.16
C ARG D 209 52.69 15.26 -11.38
N GLN D 210 53.75 15.64 -10.67
CA GLN D 210 55.01 14.92 -10.79
C GLN D 210 54.89 13.50 -10.26
N GLU D 211 54.20 13.30 -9.14
CA GLU D 211 54.13 11.99 -8.51
C GLU D 211 53.17 11.04 -9.21
N ILE D 212 52.27 11.56 -10.06
CA ILE D 212 51.30 10.70 -10.72
C ILE D 212 51.99 9.71 -11.65
N ALA D 213 52.99 10.17 -12.42
CA ALA D 213 53.57 9.35 -13.47
C ALA D 213 54.21 8.08 -12.91
N GLU D 214 54.96 8.19 -11.82
CA GLU D 214 55.64 7.04 -11.23
C GLU D 214 54.73 6.28 -10.28
N SER D 215 53.56 5.88 -10.76
CA SER D 215 52.60 5.14 -9.94
C SER D 215 51.65 4.39 -10.85
N LYS D 216 50.92 3.44 -10.27
CA LYS D 216 49.99 2.61 -11.03
C LYS D 216 48.95 2.03 -10.08
N GLY D 217 47.87 1.53 -10.66
CA GLY D 217 46.86 0.83 -9.89
C GLY D 217 46.03 1.76 -9.00
N GLN D 218 45.44 1.15 -7.98
CA GLN D 218 44.60 1.89 -7.04
C GLN D 218 45.35 3.00 -6.32
N LYS D 219 46.68 2.91 -6.24
CA LYS D 219 47.45 4.00 -5.67
C LYS D 219 47.39 5.25 -6.54
N ARG D 220 47.43 5.08 -7.86
CA ARG D 220 47.34 6.23 -8.76
C ARG D 220 45.97 6.88 -8.67
N ALA D 221 44.91 6.08 -8.78
CA ALA D 221 43.56 6.62 -8.86
C ALA D 221 43.27 7.57 -7.70
N LYS D 222 43.59 7.14 -6.48
CA LYS D 222 43.37 8.00 -5.31
C LYS D 222 43.99 9.37 -5.51
N LEU D 223 45.28 9.39 -5.87
CA LEU D 223 45.96 10.67 -6.09
C LEU D 223 45.22 11.48 -7.14
N ILE D 224 44.79 10.84 -8.22
CA ILE D 224 44.07 11.53 -9.28
C ILE D 224 42.88 12.27 -8.69
N LYS D 225 42.10 11.57 -7.85
CA LYS D 225 40.95 12.18 -7.22
C LYS D 225 41.34 13.48 -6.54
N ARG D 226 42.36 13.43 -5.68
CA ARG D 226 42.77 14.62 -4.96
C ARG D 226 43.10 15.74 -5.95
N LEU D 227 43.89 15.41 -6.98
CA LEU D 227 44.28 16.41 -7.95
C LEU D 227 43.06 17.13 -8.49
N ARG D 228 42.03 16.36 -8.86
CA ARG D 228 40.81 16.95 -9.38
C ARG D 228 40.35 18.09 -8.48
N VAL D 229 40.09 17.78 -7.21
CA VAL D 229 39.53 18.77 -6.30
C VAL D 229 40.41 20.00 -6.27
N ILE D 230 41.73 19.80 -6.20
CA ILE D 230 42.64 20.93 -6.04
C ILE D 230 42.49 21.88 -7.21
N ASP D 231 42.46 21.35 -8.43
CA ASP D 231 42.39 22.23 -9.58
C ASP D 231 41.08 23.01 -9.59
N ASN D 232 40.01 22.42 -9.07
CA ASN D 232 38.75 23.14 -8.96
C ASN D 232 38.95 24.42 -8.16
N PHE D 233 39.60 24.31 -7.00
CA PHE D 233 39.79 25.48 -6.15
C PHE D 233 40.68 26.53 -6.81
N ILE D 234 41.41 26.17 -7.87
CA ILE D 234 42.17 27.17 -8.60
C ILE D 234 41.32 27.82 -9.68
N GLY D 235 40.40 27.08 -10.29
CA GLY D 235 39.58 27.65 -11.35
C GLY D 235 38.62 28.71 -10.84
N THR D 236 38.00 28.47 -9.69
CA THR D 236 37.00 29.38 -9.15
C THR D 236 37.58 30.45 -8.24
N GLU D 237 38.89 30.40 -7.96
CA GLU D 237 39.55 31.38 -7.09
C GLU D 237 38.87 31.47 -5.72
N SER D 238 38.52 30.31 -5.17
CA SER D 238 37.92 30.22 -3.84
C SER D 238 38.98 29.90 -2.80
N ARG D 239 38.62 30.10 -1.54
CA ARG D 239 39.50 29.78 -0.42
C ARG D 239 39.00 28.54 0.29
N PRO D 240 39.86 27.53 0.49
CA PRO D 240 39.40 26.29 1.13
C PRO D 240 38.93 26.46 2.56
N GLU D 241 39.30 27.55 3.23
CA GLU D 241 38.89 27.76 4.62
C GLU D 241 37.48 28.31 4.74
N TRP D 242 36.81 28.60 3.61
CA TRP D 242 35.43 29.09 3.65
C TRP D 242 34.44 28.00 4.06
N MET D 243 34.88 26.74 4.15
CA MET D 243 34.02 25.67 4.59
C MET D 243 33.79 25.67 6.11
N VAL D 244 34.50 26.52 6.84
CA VAL D 244 34.30 26.72 8.26
C VAL D 244 33.57 28.04 8.46
N LEU D 245 32.50 28.03 9.24
CA LEU D 245 31.56 29.14 9.30
C LEU D 245 31.87 30.07 10.46
N ASN D 246 31.82 31.38 10.17
CA ASN D 246 31.92 32.42 11.19
C ASN D 246 30.64 33.25 11.32
N VAL D 247 29.85 33.34 10.25
CA VAL D 247 28.58 34.08 10.25
C VAL D 247 27.51 33.15 9.69
N ILE D 248 26.27 33.33 10.13
CA ILE D 248 25.16 32.47 9.75
C ILE D 248 24.03 33.33 9.22
N PRO D 249 23.50 33.06 8.02
CA PRO D 249 22.35 33.82 7.53
C PRO D 249 21.06 33.43 8.24
N VAL D 250 20.08 34.34 8.18
CA VAL D 250 18.77 34.16 8.78
C VAL D 250 17.71 34.51 7.74
N ILE D 251 16.77 33.60 7.53
CA ILE D 251 15.76 33.66 6.47
C ILE D 251 14.76 34.76 6.78
N PRO D 252 14.08 35.32 5.77
CA PRO D 252 13.09 36.36 6.05
C PRO D 252 11.97 35.82 6.92
N PRO D 253 11.35 36.68 7.74
CA PRO D 253 10.35 36.19 8.69
C PRO D 253 9.02 35.81 8.08
N ASP D 254 8.72 36.24 6.85
CA ASP D 254 7.44 35.91 6.24
C ASP D 254 7.40 34.51 5.66
N LEU D 255 8.54 33.82 5.58
CA LEU D 255 8.56 32.43 5.13
C LEU D 255 8.44 31.44 6.27
N ARG D 256 8.43 31.92 7.51
CA ARG D 256 8.24 31.08 8.70
C ARG D 256 7.21 31.76 9.60
N PRO D 257 5.94 31.76 9.19
CA PRO D 257 4.93 32.54 9.92
C PRO D 257 4.62 31.96 11.30
N MET D 258 4.18 32.84 12.19
CA MET D 258 3.85 32.47 13.57
C MET D 258 2.43 31.97 13.72
N VAL D 259 1.46 32.64 13.08
CA VAL D 259 0.05 32.24 13.04
C VAL D 259 -0.61 32.45 14.40
N GLN D 260 -1.79 33.09 14.40
CA GLN D 260 -2.48 33.52 15.60
C GLN D 260 -3.82 32.80 15.78
N LEU D 261 -3.82 31.49 15.62
CA LEU D 261 -4.97 30.69 16.03
C LEU D 261 -4.72 30.29 17.49
N ASP D 262 -5.50 29.35 18.00
CA ASP D 262 -5.43 28.75 19.35
C ASP D 262 -6.11 29.61 20.41
N GLY D 263 -6.77 30.71 20.03
CA GLY D 263 -7.47 31.52 21.00
C GLY D 263 -6.55 32.36 21.87
N GLY D 264 -5.72 31.69 22.66
CA GLY D 264 -4.77 32.38 23.51
C GLY D 264 -3.33 31.97 23.27
N ARG D 265 -3.13 30.77 22.74
CA ARG D 265 -1.78 30.27 22.47
C ARG D 265 -1.39 30.62 21.04
N PHE D 266 -0.27 30.08 20.57
CA PHE D 266 0.26 30.36 19.25
C PHE D 266 0.64 29.06 18.57
N ALA D 267 0.82 29.14 17.24
CA ALA D 267 1.14 27.96 16.46
C ALA D 267 2.62 27.59 16.60
N THR D 268 2.95 26.38 16.16
CA THR D 268 4.30 25.84 16.25
C THR D 268 4.97 25.86 14.88
N SER D 269 6.16 26.46 14.82
CA SER D 269 7.02 26.40 13.65
C SER D 269 8.38 25.86 14.07
N ASP D 270 8.98 25.04 13.21
CA ASP D 270 10.17 24.30 13.59
C ASP D 270 11.47 25.06 13.36
N LEU D 271 11.52 25.95 12.38
CA LEU D 271 12.74 26.72 12.15
C LEU D 271 13.02 27.67 13.32
N ASN D 272 11.96 28.24 13.90
CA ASN D 272 12.13 29.19 14.99
C ASN D 272 12.76 28.53 16.21
N ASP D 273 12.40 27.28 16.50
CA ASP D 273 12.99 26.58 17.64
C ASP D 273 14.49 26.40 17.46
N LEU D 274 14.91 25.96 16.27
CA LEU D 274 16.33 25.76 16.02
C LEU D 274 17.10 27.08 16.07
N TYR D 275 16.53 28.15 15.50
CA TYR D 275 17.19 29.44 15.56
C TYR D 275 17.32 29.92 17.01
N ARG D 276 16.27 29.71 17.82
CA ARG D 276 16.31 30.11 19.22
C ARG D 276 17.37 29.32 19.98
N ARG D 277 17.47 28.02 19.73
CA ARG D 277 18.50 27.22 20.39
C ARG D 277 19.90 27.70 20.02
N VAL D 278 20.12 27.98 18.74
CA VAL D 278 21.43 28.48 18.31
C VAL D 278 21.76 29.80 19.02
N ILE D 279 20.78 30.71 19.07
CA ILE D 279 21.01 32.01 19.70
C ILE D 279 21.31 31.85 21.18
N ASN D 280 20.55 30.98 21.86
CA ASN D 280 20.76 30.76 23.29
C ASN D 280 22.16 30.22 23.57
N ARG D 281 22.58 29.22 22.80
CA ARG D 281 23.91 28.66 23.01
C ARG D 281 25.00 29.70 22.73
N ASN D 282 24.84 30.49 21.67
CA ASN D 282 25.82 31.52 21.36
C ASN D 282 25.92 32.54 22.49
N ASN D 283 24.78 32.99 23.02
CA ASN D 283 24.81 33.98 24.10
C ASN D 283 25.45 33.41 25.35
N ARG D 284 25.12 32.16 25.69
CA ARG D 284 25.73 31.55 26.87
C ARG D 284 27.24 31.41 26.72
N LEU D 285 27.70 30.98 25.53
CA LEU D 285 29.14 30.84 25.32
C LEU D 285 29.84 32.19 25.39
N ALA D 286 29.25 33.23 24.82
CA ALA D 286 29.86 34.55 24.89
C ALA D 286 29.95 35.04 26.32
N ARG D 287 28.88 34.87 27.09
CA ARG D 287 28.90 35.32 28.49
C ARG D 287 29.94 34.55 29.29
N LEU D 288 30.04 33.23 29.08
CA LEU D 288 31.04 32.45 29.80
C LEU D 288 32.46 32.87 29.41
N GLN D 289 32.68 33.15 28.13
CA GLN D 289 34.01 33.58 27.69
C GLN D 289 34.37 34.96 28.24
N GLU D 290 33.37 35.81 28.50
CA GLU D 290 33.67 37.17 28.94
C GLU D 290 34.31 37.20 30.33
N ILE D 291 33.83 36.35 31.24
CA ILE D 291 34.24 36.45 32.64
C ILE D 291 35.41 35.50 32.96
N LEU D 292 36.06 35.00 31.92
CA LEU D 292 37.24 34.15 32.06
C LEU D 292 36.95 32.91 32.89
N ALA D 293 36.04 32.08 32.38
CA ALA D 293 35.69 30.84 33.04
C ALA D 293 36.82 29.82 32.86
N PRO D 294 36.87 28.80 33.72
CA PRO D 294 37.85 27.72 33.53
C PRO D 294 37.66 27.03 32.19
N GLU D 295 38.77 26.68 31.56
CA GLU D 295 38.75 26.16 30.19
C GLU D 295 38.50 24.65 30.15
N ILE D 296 37.48 24.21 30.89
CA ILE D 296 36.98 22.84 30.78
C ILE D 296 35.46 22.92 30.65
N ILE D 297 34.91 24.10 30.92
CA ILE D 297 33.48 24.35 30.81
C ILE D 297 33.20 25.01 29.47
N VAL D 298 34.17 25.80 28.98
CA VAL D 298 34.01 26.49 27.71
C VAL D 298 33.93 25.49 26.56
N ARG D 299 34.78 24.45 26.60
CA ARG D 299 34.76 23.45 25.53
C ARG D 299 33.43 22.74 25.46
N ASN D 300 32.78 22.52 26.60
CA ASN D 300 31.43 21.95 26.60
C ASN D 300 30.47 22.83 25.80
N GLU D 301 30.48 24.14 26.07
CA GLU D 301 29.59 25.05 25.36
C GLU D 301 29.91 25.07 23.88
N LYS D 302 31.19 25.02 23.52
CA LYS D 302 31.56 24.98 22.11
C LYS D 302 31.01 23.73 21.43
N ARG D 303 31.09 22.58 22.11
CA ARG D 303 30.57 21.35 21.53
C ARG D 303 29.05 21.43 21.34
N MET D 304 28.34 21.97 22.34
CA MET D 304 26.88 22.08 22.19
C MET D 304 26.52 23.07 21.08
N LEU D 305 27.29 24.14 20.93
CA LEU D 305 27.03 25.08 19.85
C LEU D 305 27.23 24.42 18.48
N GLN D 306 28.30 23.64 18.34
CA GLN D 306 28.52 22.92 17.09
C GLN D 306 27.37 21.97 16.79
N GLU D 307 26.92 21.23 17.81
CA GLU D 307 25.80 20.30 17.61
C GLU D 307 24.52 21.03 17.25
N ALA D 308 24.28 22.19 17.88
CA ALA D 308 23.08 22.97 17.56
C ALA D 308 23.10 23.46 16.12
N VAL D 309 24.24 23.96 15.66
CA VAL D 309 24.32 24.41 14.27
C VAL D 309 24.14 23.23 13.31
N ASP D 310 24.73 22.08 13.65
CA ASP D 310 24.55 20.89 12.82
C ASP D 310 23.09 20.48 12.74
N ALA D 311 22.38 20.53 13.88
CA ALA D 311 20.97 20.19 13.87
C ALA D 311 20.16 21.19 13.06
N LEU D 312 20.53 22.47 13.12
CA LEU D 312 19.82 23.47 12.32
C LEU D 312 20.00 23.22 10.82
N ILE D 313 21.21 22.86 10.40
CA ILE D 313 21.47 22.68 8.97
C ILE D 313 20.81 21.41 8.46
N ASP D 314 21.17 20.26 9.04
CA ASP D 314 20.66 18.96 8.60
C ASP D 314 20.47 18.08 9.82
N ASN D 315 19.22 17.74 10.11
CA ASN D 315 18.87 17.03 11.34
C ASN D 315 19.09 15.53 11.16
N GLY D 316 19.88 14.95 12.06
CA GLY D 316 20.11 13.51 12.06
C GLY D 316 21.17 13.01 11.12
N ARG D 317 21.91 13.91 10.46
CA ARG D 317 22.91 13.48 9.50
C ARG D 317 24.12 12.85 10.19
N ARG D 318 24.49 13.36 11.37
CA ARG D 318 25.70 12.94 12.05
C ARG D 318 25.42 12.12 13.30
N GLY D 319 24.68 12.68 14.25
CA GLY D 319 24.45 12.03 15.53
C GLY D 319 22.96 11.90 15.82
N ARG D 320 22.60 12.21 17.07
CA ARG D 320 21.22 12.11 17.49
C ARG D 320 20.38 13.21 16.87
N THR D 321 19.07 12.96 16.80
CA THR D 321 18.13 13.89 16.19
C THR D 321 17.37 14.65 17.27
N VAL D 322 17.15 15.94 17.01
CA VAL D 322 16.40 16.77 17.94
C VAL D 322 14.92 16.40 17.86
N VAL D 323 14.28 16.25 19.02
CA VAL D 323 12.90 15.79 19.13
C VAL D 323 12.08 16.87 19.81
N GLY D 324 10.93 17.19 19.24
CA GLY D 324 10.06 18.21 19.78
C GLY D 324 9.25 17.75 20.98
N ALA D 325 7.99 18.19 21.06
CA ALA D 325 7.15 17.83 22.18
C ALA D 325 6.93 16.32 22.25
N ASN D 326 6.27 15.77 21.24
CA ASN D 326 6.17 14.33 21.12
C ASN D 326 7.45 13.81 20.46
N ASN D 327 7.67 12.49 20.54
CA ASN D 327 8.88 11.91 19.97
C ASN D 327 8.83 11.98 18.44
N ARG D 328 8.86 13.19 17.91
CA ARG D 328 8.79 13.42 16.47
C ARG D 328 9.92 14.36 16.08
N PRO D 329 10.79 13.98 15.15
CA PRO D 329 11.91 14.87 14.79
C PRO D 329 11.43 16.15 14.14
N LEU D 330 12.20 17.22 14.32
CA LEU D 330 11.89 18.51 13.75
C LEU D 330 12.30 18.55 12.27
N LYS D 331 11.83 19.58 11.58
CA LYS D 331 12.12 19.77 10.16
C LYS D 331 13.21 20.82 10.01
N SER D 332 14.33 20.42 9.43
CA SER D 332 15.48 21.31 9.26
C SER D 332 15.39 22.01 7.90
N LEU D 333 16.48 22.70 7.52
CA LEU D 333 16.50 23.41 6.24
C LEU D 333 16.62 22.44 5.07
N SER D 334 17.30 21.31 5.26
CA SER D 334 17.48 20.36 4.17
C SER D 334 16.25 19.50 3.92
N ASP D 335 15.32 19.42 4.87
CA ASP D 335 14.10 18.65 4.68
C ASP D 335 13.06 19.37 3.85
N ILE D 336 13.29 20.65 3.51
CA ILE D 336 12.35 21.42 2.72
C ILE D 336 12.54 21.24 1.21
N ILE D 337 13.68 20.70 0.78
CA ILE D 337 14.02 20.67 -0.63
C ILE D 337 14.39 19.26 -1.09
N GLU D 338 14.08 18.26 -0.27
CA GLU D 338 14.72 16.95 -0.43
C GLU D 338 13.93 15.99 -1.32
N GLY D 339 12.71 15.64 -0.92
CA GLY D 339 12.08 14.48 -1.52
C GLY D 339 10.80 14.71 -2.31
N LYS D 340 9.91 13.72 -2.25
CA LYS D 340 8.66 13.78 -3.00
C LYS D 340 7.78 14.94 -2.54
N GLN D 341 7.83 15.27 -1.25
CA GLN D 341 7.08 16.39 -0.70
C GLN D 341 7.91 17.65 -0.58
N GLY D 342 9.10 17.68 -1.18
CA GLY D 342 9.93 18.85 -1.14
C GLY D 342 9.45 19.93 -2.09
N ARG D 343 10.20 21.03 -2.11
CA ARG D 343 9.82 22.17 -2.93
C ARG D 343 9.81 21.81 -4.42
N PHE D 344 10.85 21.12 -4.88
CA PHE D 344 11.03 20.88 -6.31
C PHE D 344 9.87 20.09 -6.89
N ARG D 345 9.53 18.96 -6.28
CA ARG D 345 8.56 18.04 -6.86
C ARG D 345 7.12 18.33 -6.46
N GLN D 346 6.89 19.34 -5.63
CA GLN D 346 5.54 19.66 -5.18
C GLN D 346 5.07 21.05 -5.60
N ASN D 347 5.96 22.05 -5.58
CA ASN D 347 5.54 23.41 -5.84
C ASN D 347 6.07 23.99 -7.15
N LEU D 348 7.04 23.34 -7.78
CA LEU D 348 7.65 23.86 -9.00
C LEU D 348 7.29 23.07 -10.24
N LEU D 349 7.21 21.75 -10.16
CA LEU D 349 6.82 20.92 -11.30
C LEU D 349 5.31 20.68 -11.36
N GLY D 350 4.58 21.07 -10.34
CA GLY D 350 3.13 20.98 -10.36
C GLY D 350 2.54 22.05 -9.46
N LYS D 351 1.31 22.47 -9.78
CA LYS D 351 0.70 23.60 -9.10
C LYS D 351 -0.81 23.42 -9.06
N ARG D 352 -1.44 24.20 -8.17
CA ARG D 352 -2.88 24.38 -8.17
C ARG D 352 -3.22 25.64 -8.95
N VAL D 353 -4.39 25.66 -9.59
CA VAL D 353 -4.73 26.69 -10.55
C VAL D 353 -6.11 27.25 -10.28
N ASP D 354 -6.36 28.43 -10.84
CA ASP D 354 -7.67 29.08 -10.81
C ASP D 354 -8.49 28.66 -12.03
N TYR D 355 -9.79 28.95 -11.97
CA TYR D 355 -10.73 28.69 -13.06
C TYR D 355 -10.76 27.20 -13.41
N SER D 356 -11.07 26.39 -12.40
CA SER D 356 -11.09 24.94 -12.57
C SER D 356 -12.29 24.36 -11.83
N GLY D 357 -12.77 23.22 -12.32
CA GLY D 357 -13.91 22.55 -11.71
C GLY D 357 -13.75 21.06 -11.77
N ARG D 358 -14.68 20.36 -11.11
CA ARG D 358 -14.63 18.90 -11.02
C ARG D 358 -16.04 18.38 -10.75
N SER D 359 -16.41 17.29 -11.42
CA SER D 359 -17.74 16.72 -11.19
C SER D 359 -17.82 15.32 -11.77
N VAL D 360 -18.95 14.65 -11.47
CA VAL D 360 -19.23 13.29 -11.93
C VAL D 360 -19.68 13.33 -13.39
N ILE D 361 -19.46 12.23 -14.10
CA ILE D 361 -19.75 12.13 -15.53
C ILE D 361 -20.85 11.10 -15.76
N VAL D 362 -21.78 11.42 -16.66
CA VAL D 362 -22.78 10.48 -17.15
C VAL D 362 -22.62 10.37 -18.66
N VAL D 363 -23.41 9.50 -19.28
CA VAL D 363 -23.30 9.24 -20.71
C VAL D 363 -24.32 10.10 -21.45
N GLY D 364 -23.86 10.85 -22.44
CA GLY D 364 -24.76 11.57 -23.31
C GLY D 364 -24.71 11.08 -24.74
N PRO D 365 -25.76 10.37 -25.16
CA PRO D 365 -25.95 10.09 -26.58
C PRO D 365 -26.54 11.32 -27.27
N ASN D 366 -26.71 11.22 -28.58
CA ASN D 366 -27.21 12.30 -29.42
C ASN D 366 -26.29 13.51 -29.43
N LEU D 367 -25.07 13.39 -28.93
CA LEU D 367 -24.09 14.45 -28.97
C LEU D 367 -23.20 14.27 -30.20
N LYS D 368 -22.48 15.34 -30.53
CA LYS D 368 -21.45 15.29 -31.55
C LYS D 368 -20.09 15.06 -30.90
N ILE D 369 -19.16 14.55 -31.70
CA ILE D 369 -17.88 14.09 -31.15
C ILE D 369 -17.03 15.23 -30.62
N HIS D 370 -17.36 16.47 -30.96
CA HIS D 370 -16.63 17.64 -30.49
C HIS D 370 -17.38 18.42 -29.41
N GLN D 371 -18.44 17.83 -28.84
CA GLN D 371 -19.32 18.55 -27.92
C GLN D 371 -19.31 17.91 -26.54
N CYS D 372 -19.62 18.71 -25.53
CA CYS D 372 -19.77 18.23 -24.17
C CYS D 372 -20.90 18.99 -23.49
N GLY D 373 -21.40 18.42 -22.40
CA GLY D 373 -22.46 19.04 -21.65
C GLY D 373 -22.01 19.54 -20.29
N LEU D 374 -22.19 20.83 -20.03
CA LEU D 374 -21.74 21.46 -18.80
C LEU D 374 -22.93 21.92 -17.96
N PRO D 375 -22.94 21.60 -16.67
CA PRO D 375 -24.00 22.13 -15.80
C PRO D 375 -23.91 23.64 -15.64
N ARG D 376 -25.07 24.26 -15.42
CA ARG D 376 -25.13 25.73 -15.37
C ARG D 376 -24.48 26.29 -14.11
N GLU D 377 -24.57 25.56 -12.98
CA GLU D 377 -23.99 26.05 -11.74
C GLU D 377 -22.47 26.19 -11.87
N MET D 378 -21.83 25.23 -12.53
CA MET D 378 -20.38 25.33 -12.75
C MET D 378 -20.05 26.42 -13.75
N ALA D 379 -20.85 26.54 -14.82
CA ALA D 379 -20.55 27.47 -15.89
C ALA D 379 -20.69 28.92 -15.43
N ILE D 380 -21.67 29.21 -14.58
CA ILE D 380 -21.85 30.57 -14.11
C ILE D 380 -20.68 31.02 -13.22
N GLU D 381 -19.95 30.08 -12.63
CA GLU D 381 -18.79 30.41 -11.80
C GLU D 381 -17.50 30.44 -12.59
N LEU D 382 -17.35 29.56 -13.59
CA LEU D 382 -16.11 29.49 -14.35
C LEU D 382 -15.94 30.61 -15.35
N PHE D 383 -17.01 31.34 -15.70
CA PHE D 383 -16.99 32.34 -16.75
C PHE D 383 -17.40 33.71 -16.25
N GLN D 384 -17.11 34.02 -14.99
CA GLN D 384 -17.63 35.25 -14.39
C GLN D 384 -17.13 36.54 -15.05
N PRO D 385 -15.82 36.75 -15.25
CA PRO D 385 -15.38 38.04 -15.82
C PRO D 385 -15.93 38.31 -17.20
N PHE D 386 -16.06 37.29 -18.05
CA PHE D 386 -16.62 37.48 -19.37
C PHE D 386 -18.08 37.91 -19.30
N VAL D 387 -18.84 37.30 -18.40
CA VAL D 387 -20.24 37.68 -18.21
C VAL D 387 -20.35 39.10 -17.70
N ILE D 388 -19.46 39.49 -16.78
CA ILE D 388 -19.47 40.86 -16.27
C ILE D 388 -19.17 41.85 -17.40
N HIS D 389 -18.17 41.53 -18.22
CA HIS D 389 -17.83 42.42 -19.34
C HIS D 389 -19.00 42.55 -20.32
N ARG D 390 -19.65 41.44 -20.65
CA ARG D 390 -20.77 41.52 -21.59
C ARG D 390 -21.97 42.22 -20.98
N LEU D 391 -22.14 42.13 -19.67
CA LEU D 391 -23.23 42.85 -19.01
C LEU D 391 -22.96 44.35 -19.00
N ILE D 392 -21.70 44.75 -18.82
CA ILE D 392 -21.37 46.17 -18.85
C ILE D 392 -21.48 46.72 -20.26
N LYS D 393 -20.96 46.00 -21.26
CA LYS D 393 -20.91 46.54 -22.61
C LYS D 393 -22.30 46.56 -23.25
N ASN D 394 -22.90 45.39 -23.45
CA ASN D 394 -24.27 45.32 -23.92
C ASN D 394 -25.22 45.25 -22.73
N HIS D 395 -26.45 45.71 -22.95
CA HIS D 395 -27.42 45.91 -21.87
C HIS D 395 -26.79 46.74 -20.75
N SER D 396 -26.45 47.98 -21.10
CA SER D 396 -25.68 48.87 -20.23
C SER D 396 -26.26 48.92 -18.84
N ILE D 397 -25.49 48.45 -17.85
CA ILE D 397 -25.96 48.37 -16.48
C ILE D 397 -25.51 49.62 -15.73
N ASN D 398 -24.20 49.76 -15.54
CA ASN D 398 -23.55 50.89 -14.88
C ASN D 398 -22.11 50.54 -14.55
N ASN D 399 -21.90 49.92 -13.38
CA ASN D 399 -20.56 49.55 -12.93
C ASN D 399 -20.50 48.09 -12.51
N ILE D 400 -19.37 47.67 -11.93
CA ILE D 400 -19.16 46.26 -11.63
C ILE D 400 -20.06 45.82 -10.47
N LYS D 401 -20.29 46.70 -9.49
CA LYS D 401 -21.05 46.31 -8.31
C LYS D 401 -22.49 45.95 -8.67
N GLN D 402 -23.11 46.70 -9.57
CA GLN D 402 -24.46 46.38 -10.01
C GLN D 402 -24.52 45.04 -10.72
N ALA D 403 -23.51 44.75 -11.55
CA ALA D 403 -23.46 43.46 -12.23
C ALA D 403 -23.30 42.32 -11.25
N LYS D 404 -22.45 42.49 -10.23
CA LYS D 404 -22.29 41.46 -9.22
C LYS D 404 -23.57 41.25 -8.43
N LYS D 405 -24.27 42.34 -8.11
CA LYS D 405 -25.57 42.21 -7.43
C LYS D 405 -26.57 41.46 -8.29
N LEU D 406 -26.59 41.77 -9.59
CA LEU D 406 -27.49 41.06 -10.52
C LEU D 406 -27.16 39.57 -10.58
N ILE D 407 -25.88 39.23 -10.63
CA ILE D 407 -25.49 37.83 -10.68
C ILE D 407 -25.87 37.11 -9.41
N GLN D 408 -25.61 37.72 -8.25
CA GLN D 408 -25.93 37.08 -6.98
C GLN D 408 -27.43 36.91 -6.80
N LYS D 409 -28.21 37.93 -7.18
CA LYS D 409 -29.66 37.85 -7.05
C LYS D 409 -30.29 36.87 -8.03
N ASN D 410 -29.53 36.41 -9.03
CA ASN D 410 -29.98 35.41 -10.00
C ASN D 410 -31.11 35.94 -10.88
N ASP D 411 -30.89 37.08 -11.51
CA ASP D 411 -31.84 37.60 -12.49
C ASP D 411 -31.87 36.70 -13.72
N PRO D 412 -33.03 36.56 -14.37
CA PRO D 412 -33.11 35.69 -15.55
C PRO D 412 -32.26 36.15 -16.73
N LEU D 413 -31.83 37.41 -16.76
CA LEU D 413 -31.07 37.93 -17.90
C LEU D 413 -29.66 37.33 -17.98
N ILE D 414 -29.07 37.01 -16.82
CA ILE D 414 -27.70 36.51 -16.80
C ILE D 414 -27.59 35.20 -17.56
N TRP D 415 -28.66 34.39 -17.58
CA TRP D 415 -28.60 33.14 -18.33
C TRP D 415 -28.61 33.38 -19.82
N ASP D 416 -29.39 34.37 -20.28
CA ASP D 416 -29.37 34.74 -21.69
C ASP D 416 -28.00 35.27 -22.09
N VAL D 417 -27.33 36.02 -21.19
CA VAL D 417 -26.00 36.51 -21.50
C VAL D 417 -24.99 35.35 -21.54
N LEU D 418 -25.09 34.43 -20.57
CA LEU D 418 -24.15 33.32 -20.50
C LEU D 418 -24.31 32.36 -21.68
N GLU D 419 -25.52 32.21 -22.19
CA GLU D 419 -25.73 31.30 -23.32
C GLU D 419 -24.93 31.72 -24.54
N GLU D 420 -24.65 33.02 -24.69
CA GLU D 420 -23.88 33.51 -25.82
C GLU D 420 -22.45 33.89 -25.46
N VAL D 421 -22.13 33.99 -24.16
CA VAL D 421 -20.73 34.17 -23.78
C VAL D 421 -19.92 32.93 -24.12
N ILE D 422 -20.47 31.74 -23.85
CA ILE D 422 -19.74 30.49 -24.00
C ILE D 422 -19.73 29.95 -25.42
N GLU D 423 -20.46 30.56 -26.34
CA GLU D 423 -20.55 30.05 -27.70
C GLU D 423 -19.24 30.32 -28.44
N GLY D 424 -18.55 29.26 -28.83
CA GLY D 424 -17.28 29.38 -29.52
C GLY D 424 -16.07 29.35 -28.63
N HIS D 425 -16.23 29.09 -27.34
CA HIS D 425 -15.12 29.06 -26.39
C HIS D 425 -14.83 27.62 -25.99
N PRO D 426 -13.67 27.06 -26.33
CA PRO D 426 -13.39 25.67 -25.97
C PRO D 426 -13.06 25.52 -24.50
N VAL D 427 -13.16 24.27 -24.02
CA VAL D 427 -12.88 23.93 -22.64
C VAL D 427 -12.04 22.66 -22.64
N MET D 428 -11.28 22.45 -21.57
CA MET D 428 -10.35 21.33 -21.45
C MET D 428 -10.84 20.36 -20.38
N LEU D 429 -10.81 19.07 -20.69
CA LEU D 429 -11.28 18.02 -19.81
C LEU D 429 -10.16 17.03 -19.54
N ASN D 430 -10.08 16.58 -18.28
CA ASN D 430 -9.00 15.73 -17.80
C ASN D 430 -9.52 14.69 -16.83
N ARG D 431 -8.91 13.51 -16.86
CA ARG D 431 -9.20 12.43 -15.91
C ARG D 431 -7.94 12.14 -15.11
N ALA D 432 -8.12 11.58 -13.90
CA ALA D 432 -7.08 11.65 -12.88
C ALA D 432 -5.77 10.95 -13.29
N PRO D 433 -5.75 9.66 -13.67
CA PRO D 433 -4.48 9.06 -14.12
C PRO D 433 -4.21 9.40 -15.58
N THR D 434 -3.27 10.30 -15.81
CA THR D 434 -2.92 10.74 -17.15
C THR D 434 -1.69 9.95 -17.60
N LEU D 435 -1.95 8.85 -18.31
CA LEU D 435 -0.89 7.95 -18.73
C LEU D 435 -0.28 8.31 -20.08
N HIS D 436 -1.01 9.05 -20.91
CA HIS D 436 -0.49 9.53 -22.19
C HIS D 436 -1.22 10.81 -22.56
N ARG D 437 -0.84 11.39 -23.71
CA ARG D 437 -1.32 12.71 -24.06
C ARG D 437 -2.80 12.74 -24.46
N LEU D 438 -3.44 11.58 -24.63
CA LEU D 438 -4.86 11.53 -24.91
C LEU D 438 -5.72 11.61 -23.65
N GLY D 439 -5.11 11.77 -22.48
CA GLY D 439 -5.87 11.94 -21.26
C GLY D 439 -6.38 13.34 -20.99
N ILE D 440 -6.00 14.31 -21.81
CA ILE D 440 -6.52 15.66 -21.76
C ILE D 440 -7.04 16.01 -23.14
N GLN D 441 -8.26 16.55 -23.22
CA GLN D 441 -8.80 16.85 -24.53
C GLN D 441 -9.71 18.07 -24.46
N ALA D 442 -9.88 18.73 -25.61
CA ALA D 442 -10.64 19.96 -25.71
C ALA D 442 -11.98 19.71 -26.37
N PHE D 443 -13.03 20.32 -25.82
CA PHE D 443 -14.41 20.16 -26.28
C PHE D 443 -15.08 21.52 -26.38
N GLU D 444 -16.24 21.51 -27.03
CA GLU D 444 -17.11 22.68 -27.11
C GLU D 444 -18.31 22.46 -26.19
N PRO D 445 -18.56 23.34 -25.23
CA PRO D 445 -19.60 23.09 -24.23
C PRO D 445 -20.97 23.61 -24.63
N ILE D 446 -21.99 22.88 -24.18
CA ILE D 446 -23.37 23.32 -24.24
C ILE D 446 -23.97 23.19 -22.84
N LEU D 447 -24.85 24.11 -22.48
CA LEU D 447 -25.40 24.15 -21.14
C LEU D 447 -26.48 23.09 -20.97
N VAL D 448 -26.43 22.36 -19.85
CA VAL D 448 -27.41 21.34 -19.54
C VAL D 448 -27.92 21.59 -18.13
N GLU D 449 -29.09 21.02 -17.83
CA GLU D 449 -29.71 21.11 -16.52
C GLU D 449 -29.41 19.84 -15.73
N GLY D 450 -28.86 20.00 -14.54
CA GLY D 450 -28.45 18.90 -13.71
C GLY D 450 -27.16 19.25 -12.99
N ARG D 451 -26.48 18.21 -12.49
CA ARG D 451 -25.25 18.40 -11.74
C ARG D 451 -24.15 17.44 -12.20
N ALA D 452 -24.31 16.82 -13.37
CA ALA D 452 -23.34 15.88 -13.90
C ALA D 452 -22.93 16.29 -15.30
N ILE D 453 -21.71 15.91 -15.67
CA ILE D 453 -21.16 16.22 -16.99
C ILE D 453 -21.50 15.09 -17.95
N GLN D 454 -21.87 15.45 -19.18
CA GLN D 454 -22.23 14.49 -20.21
C GLN D 454 -21.05 14.29 -21.15
N LEU D 455 -20.75 13.04 -21.47
CA LEU D 455 -19.59 12.68 -22.27
C LEU D 455 -20.02 11.84 -23.47
N HIS D 456 -19.36 12.06 -24.59
CA HIS D 456 -19.66 11.28 -25.79
C HIS D 456 -19.14 9.85 -25.63
N PRO D 457 -19.93 8.85 -26.03
CA PRO D 457 -19.49 7.45 -25.87
C PRO D 457 -18.26 7.07 -26.69
N LEU D 458 -17.95 7.79 -27.76
CA LEU D 458 -16.87 7.39 -28.64
C LEU D 458 -15.49 7.78 -28.13
N VAL D 459 -15.40 8.58 -27.08
CA VAL D 459 -14.11 9.02 -26.53
C VAL D 459 -13.80 8.34 -25.21
N CYS D 460 -14.64 7.41 -24.75
CA CYS D 460 -14.38 6.74 -23.47
C CYS D 460 -13.13 5.89 -23.48
N PRO D 461 -12.86 5.03 -24.48
CA PRO D 461 -11.66 4.19 -24.40
C PRO D 461 -10.36 4.96 -24.32
N ALA D 462 -10.27 6.13 -24.96
CA ALA D 462 -9.05 6.93 -24.86
C ALA D 462 -8.83 7.42 -23.43
N PHE D 463 -9.90 7.87 -22.77
CA PHE D 463 -9.82 8.27 -21.37
C PHE D 463 -9.76 7.08 -20.42
N ASN D 464 -10.20 5.90 -20.85
CA ASN D 464 -10.35 4.72 -20.00
C ASN D 464 -11.32 5.02 -18.85
N ALA D 465 -12.55 5.38 -19.22
CA ALA D 465 -13.57 5.78 -18.28
C ALA D 465 -14.87 5.03 -18.54
N ASP D 466 -15.54 4.64 -17.47
CA ASP D 466 -16.89 4.08 -17.54
C ASP D 466 -17.78 4.84 -16.55
N PHE D 467 -19.08 4.67 -16.72
CA PHE D 467 -20.06 5.44 -15.95
C PHE D 467 -20.53 4.65 -14.73
N ASP D 468 -19.60 4.46 -13.78
CA ASP D 468 -19.95 3.82 -12.51
C ASP D 468 -19.25 4.47 -11.33
N GLY D 469 -18.93 5.76 -11.41
CA GLY D 469 -18.39 6.47 -10.26
C GLY D 469 -17.24 7.41 -10.53
N ASP D 470 -16.80 7.50 -11.78
CA ASP D 470 -15.64 8.32 -12.11
C ASP D 470 -15.99 9.81 -12.09
N GLN D 471 -14.95 10.62 -12.01
CA GLN D 471 -15.08 12.08 -11.98
C GLN D 471 -14.05 12.71 -12.90
N MET D 472 -14.33 13.93 -13.34
CA MET D 472 -13.51 14.63 -14.32
C MET D 472 -13.27 16.07 -13.90
N ALA D 473 -12.19 16.64 -14.40
CA ALA D 473 -11.78 18.01 -14.12
C ALA D 473 -11.85 18.87 -15.38
N VAL D 474 -12.23 20.13 -15.20
CA VAL D 474 -12.51 21.06 -16.28
C VAL D 474 -11.66 22.31 -16.08
N HIS D 475 -11.04 22.77 -17.18
CA HIS D 475 -10.20 23.97 -17.20
C HIS D 475 -10.61 24.86 -18.36
N VAL D 476 -10.42 26.17 -18.17
CA VAL D 476 -10.87 27.19 -19.12
C VAL D 476 -9.67 28.00 -19.59
N PRO D 477 -9.41 28.08 -20.90
CA PRO D 477 -8.36 28.98 -21.40
C PRO D 477 -8.81 30.43 -21.34
N LEU D 478 -7.82 31.33 -21.31
CA LEU D 478 -8.07 32.75 -21.13
C LEU D 478 -7.68 33.60 -22.34
N SER D 479 -6.43 33.50 -22.80
CA SER D 479 -5.96 34.39 -23.85
C SER D 479 -6.32 33.84 -25.23
N ILE D 480 -6.16 34.71 -26.24
CA ILE D 480 -6.52 34.35 -27.60
C ILE D 480 -5.59 33.27 -28.15
N GLU D 481 -4.29 33.36 -27.81
CA GLU D 481 -3.34 32.34 -28.26
C GLU D 481 -3.69 30.97 -27.70
N ALA D 482 -4.07 30.93 -26.42
CA ALA D 482 -4.46 29.66 -25.80
C ALA D 482 -5.71 29.09 -26.47
N GLN D 483 -6.68 29.96 -26.79
CA GLN D 483 -7.89 29.49 -27.46
C GLN D 483 -7.58 28.94 -28.85
N ALA D 484 -6.70 29.62 -29.59
CA ALA D 484 -6.32 29.13 -30.91
C ALA D 484 -5.61 27.79 -30.82
N GLU D 485 -4.70 27.65 -29.85
CA GLU D 485 -4.01 26.37 -29.67
C GLU D 485 -4.98 25.27 -29.30
N ALA D 486 -5.93 25.56 -28.41
CA ALA D 486 -6.92 24.55 -28.02
C ALA D 486 -7.78 24.13 -29.20
N ARG D 487 -8.15 25.09 -30.07
CA ARG D 487 -8.99 24.74 -31.20
C ARG D 487 -8.21 23.97 -32.26
N MET D 488 -6.96 24.34 -32.52
CA MET D 488 -6.24 23.78 -33.67
C MET D 488 -5.29 22.65 -33.31
N LEU D 489 -5.13 22.30 -32.03
CA LEU D 489 -4.16 21.27 -31.70
C LEU D 489 -4.75 20.13 -30.86
N MET D 490 -5.77 20.43 -30.05
CA MET D 490 -6.26 19.47 -29.07
C MET D 490 -7.76 19.17 -29.21
N LEU D 491 -8.43 19.69 -30.23
CA LEU D 491 -9.85 19.44 -30.38
C LEU D 491 -10.11 17.95 -30.59
N ALA D 492 -11.14 17.44 -29.94
CA ALA D 492 -11.36 16.00 -29.84
C ALA D 492 -11.79 15.35 -31.15
N SER D 493 -12.14 16.13 -32.16
CA SER D 493 -12.54 15.57 -33.45
C SER D 493 -11.37 15.39 -34.41
N GLY D 494 -10.15 15.70 -33.98
CA GLY D 494 -8.98 15.56 -34.84
C GLY D 494 -8.00 14.52 -34.36
N ASN D 495 -8.33 13.82 -33.28
CA ASN D 495 -7.47 12.77 -32.70
C ASN D 495 -8.00 11.43 -33.18
N ILE D 496 -7.51 10.98 -34.32
CA ILE D 496 -8.01 9.78 -34.98
C ILE D 496 -7.09 8.58 -34.77
N LEU D 497 -5.79 8.79 -34.90
CA LEU D 497 -4.81 7.71 -34.78
C LEU D 497 -4.06 7.82 -33.46
N SER D 498 -3.38 6.73 -33.10
CA SER D 498 -2.63 6.63 -31.85
C SER D 498 -1.17 7.01 -32.09
N PRO D 499 -0.61 7.90 -31.26
CA PRO D 499 0.82 8.24 -31.43
C PRO D 499 1.75 7.06 -31.23
N ALA D 500 1.37 6.08 -30.41
CA ALA D 500 2.24 4.92 -30.19
C ALA D 500 2.31 4.04 -31.43
N THR D 501 1.16 3.73 -32.02
CA THR D 501 1.08 2.97 -33.27
C THR D 501 0.00 3.60 -34.13
N GLY D 502 0.28 3.74 -35.42
CA GLY D 502 -0.65 4.42 -36.31
C GLY D 502 -1.91 3.63 -36.60
N GLN D 503 -2.66 3.28 -35.55
CA GLN D 503 -3.88 2.51 -35.64
C GLN D 503 -5.07 3.33 -35.20
N PRO D 504 -6.27 3.03 -35.70
CA PRO D 504 -7.45 3.82 -35.34
C PRO D 504 -7.76 3.73 -33.85
N ILE D 505 -8.36 4.79 -33.32
CA ILE D 505 -8.64 4.91 -31.89
C ILE D 505 -10.09 5.27 -31.59
N VAL D 506 -10.93 5.48 -32.61
CA VAL D 506 -12.29 5.94 -32.41
C VAL D 506 -13.28 4.91 -32.94
N THR D 507 -12.93 3.64 -32.88
CA THR D 507 -13.78 2.58 -33.38
C THR D 507 -14.99 2.36 -32.47
N PRO D 508 -16.15 2.02 -33.03
CA PRO D 508 -17.29 1.61 -32.19
C PRO D 508 -16.91 0.43 -31.31
N SER D 509 -17.42 0.44 -30.07
CA SER D 509 -16.81 -0.37 -29.02
C SER D 509 -17.68 -1.52 -28.51
N GLN D 510 -18.86 -1.24 -27.93
CA GLN D 510 -19.54 -2.29 -27.17
C GLN D 510 -20.91 -2.68 -27.74
N ASP D 511 -21.85 -1.75 -27.84
CA ASP D 511 -23.20 -2.08 -28.31
C ASP D 511 -23.38 -1.80 -29.79
N MET D 512 -22.62 -0.85 -30.33
CA MET D 512 -22.63 -0.60 -31.76
C MET D 512 -22.10 -1.81 -32.52
N VAL D 513 -21.08 -2.47 -31.99
CA VAL D 513 -20.55 -3.68 -32.60
C VAL D 513 -21.60 -4.79 -32.57
N LEU D 514 -22.30 -4.94 -31.45
CA LEU D 514 -23.34 -5.97 -31.35
C LEU D 514 -24.48 -5.69 -32.32
N GLY D 515 -24.88 -4.42 -32.45
CA GLY D 515 -25.94 -4.08 -33.39
C GLY D 515 -25.55 -4.31 -34.83
N CYS D 516 -24.33 -3.93 -35.19
CA CYS D 516 -23.86 -4.16 -36.56
C CYS D 516 -23.66 -5.63 -36.85
N TYR D 517 -23.33 -6.42 -35.83
CA TYR D 517 -23.22 -7.86 -36.02
C TYR D 517 -24.58 -8.50 -36.22
N TYR D 518 -25.57 -8.13 -35.41
CA TYR D 518 -26.91 -8.68 -35.57
C TYR D 518 -27.54 -8.24 -36.89
N LEU D 519 -27.22 -7.03 -37.36
CA LEU D 519 -27.84 -6.51 -38.58
C LEU D 519 -27.40 -7.30 -39.81
N THR D 520 -26.15 -7.77 -39.85
CA THR D 520 -25.57 -8.35 -41.06
C THR D 520 -25.31 -9.85 -40.93
N ALA D 521 -25.90 -10.50 -39.94
CA ALA D 521 -25.63 -11.92 -39.70
C ALA D 521 -26.49 -12.78 -40.63
N GLU D 522 -26.46 -14.10 -40.41
CA GLU D 522 -27.23 -15.06 -41.19
C GLU D 522 -28.25 -15.74 -40.30
N ASN D 523 -29.37 -16.14 -40.89
CA ASN D 523 -30.46 -16.77 -40.17
C ASN D 523 -31.19 -17.71 -41.12
N PRO D 524 -30.90 -19.01 -41.07
CA PRO D 524 -31.66 -19.95 -41.91
C PRO D 524 -33.16 -19.92 -41.64
N GLY D 525 -33.55 -19.73 -40.38
CA GLY D 525 -34.94 -19.51 -40.06
C GLY D 525 -35.35 -18.07 -40.34
N ALA D 526 -36.67 -17.85 -40.37
CA ALA D 526 -37.25 -16.54 -40.63
C ALA D 526 -36.77 -15.97 -41.97
N GLN D 527 -37.14 -16.67 -43.04
CA GLN D 527 -36.82 -16.29 -44.41
C GLN D 527 -38.14 -16.05 -45.13
N LYS D 528 -38.64 -14.82 -45.03
CA LYS D 528 -39.91 -14.42 -45.64
C LYS D 528 -39.63 -13.40 -46.73
N GLY D 529 -40.20 -13.62 -47.90
CA GLY D 529 -39.92 -12.75 -49.04
C GLY D 529 -38.65 -13.05 -49.78
N ALA D 530 -38.06 -14.22 -49.55
CA ALA D 530 -36.81 -14.57 -50.21
C ALA D 530 -37.02 -14.80 -51.70
N GLY D 531 -36.00 -14.45 -52.49
CA GLY D 531 -36.03 -14.64 -53.91
C GLY D 531 -36.55 -13.47 -54.72
N ARG D 532 -36.99 -12.40 -54.07
CA ARG D 532 -37.53 -11.26 -54.79
C ARG D 532 -36.42 -10.52 -55.53
N TYR D 533 -36.82 -9.75 -56.54
CA TYR D 533 -35.92 -8.94 -57.34
C TYR D 533 -36.20 -7.47 -57.09
N PHE D 534 -35.12 -6.67 -57.03
CA PHE D 534 -35.23 -5.25 -56.75
C PHE D 534 -34.36 -4.45 -57.71
N ALA D 535 -34.74 -3.19 -57.89
CA ALA D 535 -33.91 -2.20 -58.56
C ALA D 535 -33.53 -1.14 -57.55
N ASN D 536 -32.33 -0.56 -57.73
CA ASN D 536 -31.76 0.39 -56.77
C ASN D 536 -31.56 -0.23 -55.40
N LEU D 537 -30.80 0.44 -54.54
CA LEU D 537 -30.65 0.02 -53.16
C LEU D 537 -31.75 0.56 -52.25
N GLU D 538 -32.56 1.50 -52.74
CA GLU D 538 -33.61 2.11 -51.94
C GLU D 538 -34.91 1.33 -51.97
N ASP D 539 -35.16 0.58 -53.05
CA ASP D 539 -36.36 -0.25 -53.11
C ASP D 539 -36.36 -1.32 -52.04
N ALA D 540 -35.19 -1.94 -51.81
CA ALA D 540 -35.10 -2.97 -50.78
C ALA D 540 -35.39 -2.39 -49.40
N ILE D 541 -34.83 -1.21 -49.10
CA ILE D 541 -35.09 -0.57 -47.81
C ILE D 541 -36.56 -0.22 -47.68
N ARG D 542 -37.16 0.35 -48.74
CA ARG D 542 -38.56 0.73 -48.69
C ARG D 542 -39.46 -0.48 -48.50
N ALA D 543 -39.14 -1.60 -49.15
CA ALA D 543 -39.90 -2.82 -48.95
C ALA D 543 -39.72 -3.37 -47.55
N PHE D 544 -38.53 -3.20 -46.97
CA PHE D 544 -38.31 -3.65 -45.60
C PHE D 544 -39.13 -2.85 -44.60
N GLU D 545 -39.21 -1.53 -44.78
CA GLU D 545 -39.97 -0.71 -43.85
C GLU D 545 -41.46 -1.00 -43.86
N GLN D 546 -41.96 -1.67 -44.90
CA GLN D 546 -43.36 -2.04 -44.98
C GLN D 546 -43.65 -3.41 -44.37
N GLY D 547 -42.62 -4.12 -43.93
CA GLY D 547 -42.82 -5.43 -43.34
C GLY D 547 -43.01 -6.56 -44.33
N SER D 548 -42.87 -6.29 -45.63
CA SER D 548 -43.08 -7.32 -46.64
C SER D 548 -41.88 -8.26 -46.81
N VAL D 549 -40.71 -7.89 -46.28
CA VAL D 549 -39.51 -8.71 -46.37
C VAL D 549 -38.91 -8.81 -44.98
N ASP D 550 -38.26 -9.93 -44.69
CA ASP D 550 -37.56 -10.10 -43.42
C ASP D 550 -36.22 -9.39 -43.46
N LEU D 551 -35.51 -9.41 -42.32
CA LEU D 551 -34.22 -8.75 -42.23
C LEU D 551 -33.08 -9.62 -42.72
N HIS D 552 -33.23 -10.94 -42.69
CA HIS D 552 -32.15 -11.86 -43.03
C HIS D 552 -32.47 -12.69 -44.26
N ALA D 553 -33.39 -12.23 -45.11
CA ALA D 553 -33.75 -12.97 -46.30
C ALA D 553 -32.71 -12.76 -47.41
N TRP D 554 -32.71 -13.69 -48.36
CA TRP D 554 -31.80 -13.64 -49.50
C TRP D 554 -32.53 -13.08 -50.70
N VAL D 555 -32.09 -11.92 -51.19
CA VAL D 555 -32.75 -11.23 -52.28
C VAL D 555 -31.74 -10.82 -53.33
N TRP D 556 -32.24 -10.58 -54.54
CA TRP D 556 -31.43 -10.12 -55.66
C TRP D 556 -31.65 -8.63 -55.88
N VAL D 557 -30.55 -7.88 -56.00
CA VAL D 557 -30.61 -6.44 -56.15
C VAL D 557 -29.72 -6.02 -57.32
N ARG D 558 -30.17 -5.04 -58.09
CA ARG D 558 -29.42 -4.54 -59.24
C ARG D 558 -28.40 -3.51 -58.75
N PHE D 559 -27.11 -3.85 -58.87
CA PHE D 559 -26.04 -3.00 -58.38
C PHE D 559 -24.90 -3.02 -59.38
N ASP D 560 -24.38 -1.83 -59.72
CA ASP D 560 -23.24 -1.69 -60.62
C ASP D 560 -22.09 -1.07 -59.83
N GLY D 561 -21.05 -1.86 -59.59
CA GLY D 561 -19.92 -1.40 -58.81
C GLY D 561 -19.11 -2.57 -58.32
N GLU D 562 -18.10 -2.25 -57.52
CA GLU D 562 -17.21 -3.28 -56.98
C GLU D 562 -17.85 -3.92 -55.76
N VAL D 563 -17.84 -5.25 -55.73
CA VAL D 563 -18.47 -6.02 -54.65
C VAL D 563 -17.53 -7.13 -54.22
N GLU D 564 -17.42 -7.34 -52.90
CA GLU D 564 -16.66 -8.43 -52.34
C GLU D 564 -17.58 -9.29 -51.47
N SER D 565 -17.44 -10.60 -51.58
CA SER D 565 -18.27 -11.55 -50.85
C SER D 565 -17.39 -12.48 -50.05
N GLU D 566 -18.02 -13.40 -49.33
CA GLU D 566 -17.33 -14.38 -48.50
C GLU D 566 -17.49 -15.76 -49.12
N GLY D 567 -16.38 -16.38 -49.48
CA GLY D 567 -16.43 -17.69 -50.10
C GLY D 567 -16.86 -17.68 -51.55
N GLU D 568 -16.80 -16.52 -52.22
CA GLU D 568 -17.18 -16.45 -53.62
C GLU D 568 -16.19 -17.19 -54.49
N SER D 569 -16.71 -17.92 -55.48
CA SER D 569 -15.88 -18.69 -56.39
C SER D 569 -15.44 -17.83 -57.55
N ASP D 570 -14.13 -17.76 -57.79
CA ASP D 570 -13.60 -16.99 -58.91
C ASP D 570 -13.89 -17.64 -60.26
N GLU D 571 -14.33 -18.89 -60.27
CA GLU D 571 -14.64 -19.59 -61.51
C GLU D 571 -16.13 -19.48 -61.80
N PRO D 572 -16.52 -19.15 -63.04
CA PRO D 572 -17.95 -19.02 -63.36
C PRO D 572 -18.68 -20.34 -63.22
N GLU D 573 -19.58 -20.44 -62.25
CA GLU D 573 -20.23 -21.72 -61.97
C GLU D 573 -21.04 -22.19 -63.16
N SER D 574 -21.74 -21.28 -63.84
CA SER D 574 -22.46 -21.62 -65.05
C SER D 574 -22.21 -20.57 -66.12
N VAL D 575 -22.08 -21.02 -67.37
CA VAL D 575 -21.92 -20.13 -68.51
C VAL D 575 -22.95 -20.52 -69.57
N VAL D 576 -23.73 -19.54 -70.02
CA VAL D 576 -24.75 -19.77 -71.04
C VAL D 576 -24.54 -18.77 -72.16
N ALA D 577 -24.31 -19.26 -73.37
CA ALA D 577 -24.10 -18.41 -74.53
C ALA D 577 -25.35 -18.46 -75.40
N ALA D 578 -25.94 -17.29 -75.66
CA ALA D 578 -27.16 -17.16 -76.42
C ALA D 578 -26.86 -16.56 -77.79
N ASP D 579 -27.90 -16.25 -78.54
CA ASP D 579 -27.76 -15.65 -79.86
C ASP D 579 -27.29 -14.20 -79.69
N ASP D 580 -27.21 -13.48 -80.82
CA ASP D 580 -26.66 -12.13 -80.94
C ASP D 580 -25.49 -11.88 -80.00
N GLY D 581 -24.59 -12.85 -79.88
CA GLY D 581 -23.34 -12.69 -79.18
C GLY D 581 -23.43 -12.24 -77.73
N THR D 582 -24.32 -12.85 -76.95
CA THR D 582 -24.48 -12.52 -75.54
C THR D 582 -24.17 -13.74 -74.68
N VAL D 583 -23.61 -13.48 -73.50
CA VAL D 583 -23.25 -14.55 -72.57
C VAL D 583 -23.69 -14.15 -71.17
N THR D 584 -24.23 -15.12 -70.43
CA THR D 584 -24.59 -14.94 -69.03
C THR D 584 -23.73 -15.86 -68.20
N LYS D 585 -23.01 -15.29 -67.24
CA LYS D 585 -22.15 -16.04 -66.32
C LYS D 585 -22.75 -15.96 -64.93
N THR D 586 -22.97 -17.11 -64.30
CA THR D 586 -23.60 -17.19 -62.99
C THR D 586 -22.58 -17.74 -62.00
N TYR D 587 -22.28 -16.96 -60.97
CA TYR D 587 -21.43 -17.35 -59.86
C TYR D 587 -22.30 -17.69 -58.65
N ARG D 588 -21.66 -17.91 -57.51
CA ARG D 588 -22.41 -18.21 -56.29
C ARG D 588 -23.27 -17.04 -55.84
N PHE D 589 -22.74 -15.81 -55.93
CA PHE D 589 -23.44 -14.63 -55.43
C PHE D 589 -23.59 -13.55 -56.50
N ARG D 590 -23.48 -13.90 -57.79
CA ARG D 590 -23.52 -12.89 -58.83
C ARG D 590 -24.06 -13.47 -60.12
N ARG D 591 -24.46 -12.58 -61.02
CA ARG D 591 -24.98 -12.95 -62.33
C ARG D 591 -24.68 -11.80 -63.29
N ILE D 592 -23.81 -12.05 -64.26
CA ILE D 592 -23.27 -11.01 -65.12
C ILE D 592 -23.64 -11.30 -66.57
N ARG D 593 -24.04 -10.25 -67.29
CA ARG D 593 -24.38 -10.35 -68.71
C ARG D 593 -23.36 -9.57 -69.53
N GLU D 594 -22.82 -10.21 -70.56
CA GLU D 594 -21.72 -9.65 -71.34
C GLU D 594 -22.00 -9.82 -72.82
N THR D 595 -21.41 -8.94 -73.63
CA THR D 595 -21.46 -9.02 -75.07
C THR D 595 -20.26 -9.82 -75.58
N GLU D 596 -20.03 -9.80 -76.89
CA GLU D 596 -18.94 -10.56 -77.48
C GLU D 596 -17.59 -9.91 -77.19
N ASP D 597 -16.91 -10.38 -76.14
CA ASP D 597 -15.60 -9.86 -75.74
C ASP D 597 -15.63 -8.34 -75.60
N GLY D 598 -16.64 -7.86 -74.87
CA GLY D 598 -16.83 -6.44 -74.70
C GLY D 598 -17.10 -6.03 -73.28
N GLN D 599 -18.02 -5.09 -73.09
CA GLN D 599 -18.34 -4.53 -71.79
C GLN D 599 -19.56 -5.21 -71.19
N ARG D 600 -19.73 -5.03 -69.88
CA ARG D 600 -20.87 -5.56 -69.17
C ARG D 600 -22.15 -4.81 -69.56
N LEU D 601 -23.27 -5.50 -69.44
CA LEU D 601 -24.58 -4.88 -69.62
C LEU D 601 -25.39 -4.78 -68.34
N SER D 602 -25.29 -5.77 -67.46
CA SER D 602 -25.99 -5.74 -66.19
C SER D 602 -25.24 -6.58 -65.18
N GLN D 603 -25.51 -6.32 -63.90
CA GLN D 603 -24.94 -7.10 -62.81
C GLN D 603 -25.93 -7.09 -61.65
N TYR D 604 -26.22 -8.28 -61.11
CA TYR D 604 -27.12 -8.44 -59.98
C TYR D 604 -26.39 -9.14 -58.85
N VAL D 605 -26.65 -8.71 -57.62
CA VAL D 605 -25.99 -9.22 -56.44
C VAL D 605 -27.02 -9.89 -55.54
N LYS D 606 -26.66 -11.05 -54.98
CA LYS D 606 -27.52 -11.78 -54.06
C LYS D 606 -27.04 -11.47 -52.64
N THR D 607 -27.91 -10.81 -51.87
CA THR D 607 -27.49 -10.26 -50.58
C THR D 607 -28.67 -10.28 -49.62
N THR D 608 -28.55 -9.52 -48.53
CA THR D 608 -29.48 -9.44 -47.41
C THR D 608 -29.84 -7.99 -47.16
N PRO D 609 -31.09 -7.69 -46.78
CA PRO D 609 -31.48 -6.28 -46.58
C PRO D 609 -30.66 -5.53 -45.55
N GLY D 610 -30.21 -6.20 -44.48
CA GLY D 610 -29.39 -5.53 -43.49
C GLY D 610 -28.05 -5.08 -44.03
N ARG D 611 -27.42 -5.92 -44.87
CA ARG D 611 -26.19 -5.53 -45.53
C ARG D 611 -26.41 -4.34 -46.46
N ILE D 612 -27.54 -4.32 -47.14
CA ILE D 612 -27.89 -3.16 -47.97
C ILE D 612 -28.01 -1.91 -47.12
N LEU D 613 -28.67 -2.03 -45.96
CA LEU D 613 -28.78 -0.89 -45.04
C LEU D 613 -27.41 -0.38 -44.62
N PHE D 614 -26.53 -1.29 -44.21
CA PHE D 614 -25.19 -0.91 -43.78
C PHE D 614 -24.43 -0.19 -44.89
N ASN D 615 -24.40 -0.78 -46.08
CA ASN D 615 -23.63 -0.20 -47.18
C ASN D 615 -24.23 1.11 -47.64
N ASN D 616 -25.57 1.22 -47.65
CA ASN D 616 -26.20 2.49 -48.02
C ASN D 616 -25.88 3.58 -47.01
N THR D 617 -25.88 3.26 -45.72
CA THR D 617 -25.49 4.24 -44.71
C THR D 617 -24.06 4.72 -44.93
N VAL D 618 -23.15 3.78 -45.19
CA VAL D 618 -21.75 4.14 -45.40
C VAL D 618 -21.61 5.02 -46.65
N GLN D 619 -22.27 4.64 -47.74
CA GLN D 619 -22.17 5.40 -48.98
C GLN D 619 -22.76 6.80 -48.84
N THR D 620 -23.91 6.91 -48.16
CA THR D 620 -24.54 8.22 -47.96
C THR D 620 -23.67 9.13 -47.09
N ALA D 621 -23.03 8.56 -46.07
CA ALA D 621 -22.23 9.38 -45.18
C ALA D 621 -21.02 10.01 -45.86
N LEU D 622 -20.56 9.45 -46.98
CA LEU D 622 -19.35 9.93 -47.63
C LEU D 622 -19.62 10.96 -48.72
N ILE D 623 -20.87 11.38 -48.91
CA ILE D 623 -21.19 12.39 -49.89
C ILE D 623 -21.57 13.74 -49.27
N HIS D 624 -22.27 13.73 -48.14
CA HIS D 624 -22.66 14.97 -47.45
C HIS D 624 -21.44 15.83 -47.14
N PHE E 5 -28.39 29.76 -36.73
CA PHE E 5 -27.63 30.50 -37.73
C PHE E 5 -27.28 29.61 -38.92
N ASP E 6 -26.93 30.24 -40.04
CA ASP E 6 -26.59 29.49 -41.25
C ASP E 6 -25.20 28.90 -41.19
N LEU E 7 -24.36 29.35 -40.26
CA LEU E 7 -22.98 28.89 -40.15
C LEU E 7 -22.89 27.90 -39.00
N ASP E 8 -22.72 26.62 -39.33
CA ASP E 8 -22.58 25.55 -38.35
C ASP E 8 -21.11 25.28 -38.09
N SER E 9 -20.86 24.57 -36.98
CA SER E 9 -19.47 24.27 -36.59
C SER E 9 -18.80 23.30 -37.54
N GLN E 10 -19.58 22.50 -38.28
CA GLN E 10 -18.99 21.54 -39.21
C GLN E 10 -18.20 22.25 -40.31
N ASP E 11 -18.74 23.35 -40.82
CA ASP E 11 -18.03 24.11 -41.84
C ASP E 11 -16.71 24.65 -41.30
N LEU E 12 -16.71 25.10 -40.05
CA LEU E 12 -15.48 25.58 -39.44
C LEU E 12 -14.47 24.46 -39.28
N LEU E 13 -14.94 23.25 -38.93
CA LEU E 13 -14.03 22.11 -38.85
C LEU E 13 -13.39 21.78 -40.19
N PHE E 14 -14.19 21.77 -41.26
CA PHE E 14 -13.64 21.53 -42.58
C PHE E 14 -12.66 22.63 -43.01
N LYS E 15 -13.00 23.89 -42.70
CA LYS E 15 -12.11 24.99 -43.04
C LYS E 15 -10.78 24.89 -42.31
N ALA E 16 -10.82 24.54 -41.02
CA ALA E 16 -9.58 24.37 -40.26
C ALA E 16 -8.76 23.22 -40.81
N GLU E 17 -9.40 22.10 -41.17
CA GLU E 17 -8.67 20.99 -41.77
C GLU E 17 -8.01 21.41 -43.08
N SER E 18 -8.73 22.17 -43.92
CA SER E 18 -8.16 22.64 -45.17
C SER E 18 -6.99 23.57 -44.93
N LEU E 19 -7.09 24.44 -43.92
CA LEU E 19 -5.98 25.33 -43.59
C LEU E 19 -4.75 24.54 -43.15
N ILE E 20 -4.96 23.51 -42.34
CA ILE E 20 -3.83 22.69 -41.87
C ILE E 20 -3.19 21.95 -43.03
N VAL E 21 -4.01 21.39 -43.93
CA VAL E 21 -3.46 20.55 -45.00
C VAL E 21 -2.55 21.35 -45.93
N ASN E 22 -2.96 22.56 -46.29
CA ASN E 22 -2.22 23.35 -47.27
C ASN E 22 -1.13 24.21 -46.61
N SER E 23 -0.24 23.56 -45.86
CA SER E 23 0.86 24.26 -45.20
C SER E 23 1.93 23.25 -44.84
N THR E 24 3.09 23.75 -44.44
CA THR E 24 4.23 22.91 -44.09
C THR E 24 4.37 22.70 -42.58
N ASN E 25 3.82 23.59 -41.75
CA ASN E 25 3.94 23.48 -40.31
C ASN E 25 2.61 23.88 -39.67
N ARG E 26 2.14 23.07 -38.72
CA ARG E 26 0.91 23.38 -38.01
C ARG E 26 1.09 24.45 -36.96
N TYR E 27 2.25 24.48 -36.30
CA TYR E 27 2.52 25.50 -35.28
C TYR E 27 2.57 26.89 -35.91
N HIS E 28 3.18 27.00 -37.09
CA HIS E 28 3.28 28.28 -37.76
C HIS E 28 1.90 28.82 -38.15
N VAL E 29 1.03 27.95 -38.68
CA VAL E 29 -0.30 28.41 -39.07
C VAL E 29 -1.12 28.74 -37.82
N THR E 30 -0.92 28.02 -36.72
CA THR E 30 -1.59 28.39 -35.47
C THR E 30 -1.18 29.78 -35.02
N LEU E 31 0.12 30.08 -35.07
CA LEU E 31 0.60 31.41 -34.68
C LEU E 31 0.05 32.49 -35.60
N GLN E 32 -0.01 32.22 -36.90
CA GLN E 32 -0.56 33.19 -37.84
C GLN E 32 -2.03 33.47 -37.54
N ILE E 33 -2.81 32.43 -37.27
CA ILE E 33 -4.22 32.62 -36.93
C ILE E 33 -4.36 33.44 -35.66
N ALA E 34 -3.54 33.16 -34.65
CA ALA E 34 -3.61 33.93 -33.42
C ALA E 34 -3.31 35.41 -33.66
N ARG E 35 -2.27 35.70 -34.46
CA ARG E 35 -1.94 37.09 -34.75
C ARG E 35 -3.07 37.79 -35.48
N ARG E 36 -3.66 37.13 -36.48
CA ARG E 36 -4.75 37.74 -37.22
C ARG E 36 -5.96 38.01 -36.32
N ALA E 37 -6.26 37.06 -35.43
CA ALA E 37 -7.38 37.25 -34.51
C ALA E 37 -7.14 38.43 -33.58
N LYS E 38 -5.92 38.57 -33.05
CA LYS E 38 -5.61 39.70 -32.18
C LYS E 38 -5.77 41.02 -32.93
N GLN E 39 -5.25 41.09 -34.16
CA GLN E 39 -5.36 42.33 -34.93
C GLN E 39 -6.82 42.67 -35.22
N ALA E 40 -7.61 41.67 -35.58
CA ALA E 40 -9.03 41.92 -35.86
C ALA E 40 -9.76 42.42 -34.61
N ARG E 41 -9.47 41.81 -33.45
CA ARG E 41 -10.12 42.25 -32.22
C ARG E 41 -9.75 43.70 -31.89
N TYR E 42 -8.47 44.05 -32.04
CA TYR E 42 -8.07 45.43 -31.75
C TYR E 42 -8.75 46.40 -32.71
N GLU E 43 -8.83 46.03 -34.00
CA GLU E 43 -9.50 46.91 -34.96
C GLU E 43 -10.97 47.09 -34.62
N GLU E 44 -11.63 46.02 -34.17
CA GLU E 44 -13.04 46.13 -33.79
C GLU E 44 -13.20 47.04 -32.58
N MET E 45 -12.33 46.89 -31.58
CA MET E 45 -12.56 47.55 -30.30
C MET E 45 -12.42 49.08 -30.37
N GLU E 46 -11.72 49.61 -31.37
CA GLU E 46 -11.47 51.04 -31.43
C GLU E 46 -12.32 51.77 -32.46
N ASN E 47 -13.14 51.05 -33.23
CA ASN E 47 -13.89 51.67 -34.32
C ASN E 47 -15.11 50.84 -34.62
N LEU E 48 -16.20 51.53 -35.00
CA LEU E 48 -17.47 50.94 -35.40
C LEU E 48 -17.95 49.89 -34.40
N SER E 49 -18.83 48.99 -34.84
CA SER E 49 -19.33 47.93 -33.97
C SER E 49 -19.18 46.57 -34.63
N GLU E 50 -19.28 46.54 -35.95
CA GLU E 50 -19.04 45.33 -36.75
C GLU E 50 -20.03 44.22 -36.42
N GLU E 51 -19.96 43.12 -37.16
CA GLU E 51 -20.76 41.92 -36.85
C GLU E 51 -20.10 41.22 -35.66
N THR E 52 -20.44 41.70 -34.46
CA THR E 52 -19.81 41.22 -33.25
C THR E 52 -20.23 39.80 -32.89
N GLY E 53 -21.23 39.25 -33.56
CA GLY E 53 -21.75 37.94 -33.22
C GLY E 53 -20.87 36.77 -33.61
N ILE E 54 -19.59 37.03 -33.89
CA ILE E 54 -18.63 35.98 -34.23
C ILE E 54 -17.32 36.28 -33.52
N LYS E 55 -16.73 35.25 -32.93
CA LYS E 55 -15.47 35.42 -32.21
C LYS E 55 -14.33 35.74 -33.19
N PRO E 56 -13.32 36.47 -32.74
CA PRO E 56 -12.22 36.85 -33.64
C PRO E 56 -11.48 35.67 -34.26
N VAL E 57 -11.32 34.57 -33.52
CA VAL E 57 -10.62 33.41 -34.06
C VAL E 57 -11.40 32.82 -35.23
N LEU E 58 -12.72 32.69 -35.08
CA LEU E 58 -13.55 32.19 -36.18
C LEU E 58 -13.49 33.12 -37.38
N ARG E 59 -13.49 34.43 -37.14
CA ARG E 59 -13.35 35.38 -38.24
C ARG E 59 -12.04 35.21 -38.97
N ALA E 60 -10.94 35.07 -38.23
CA ALA E 60 -9.63 34.88 -38.85
C ALA E 60 -9.59 33.61 -39.68
N ILE E 61 -10.18 32.52 -39.14
CA ILE E 61 -10.25 31.28 -39.89
C ILE E 61 -11.03 31.48 -41.18
N LEU E 62 -12.15 32.21 -41.10
CA LEU E 62 -12.99 32.41 -42.28
C LEU E 62 -12.26 33.20 -43.36
N GLU E 63 -11.62 34.32 -42.99
CA GLU E 63 -10.90 35.11 -43.98
C GLU E 63 -9.72 34.34 -44.57
N MET E 64 -8.98 33.62 -43.72
CA MET E 64 -7.83 32.87 -44.22
C MET E 64 -8.25 31.75 -45.15
N SER E 65 -9.40 31.10 -44.88
CA SER E 65 -9.88 30.07 -45.78
C SER E 65 -10.42 30.66 -47.07
N ASP E 66 -11.06 31.83 -47.00
CA ASP E 66 -11.56 32.48 -48.21
C ASP E 66 -10.42 32.95 -49.10
N GLU E 67 -9.28 33.33 -48.52
CA GLU E 67 -8.14 33.74 -49.34
C GLU E 67 -7.57 32.59 -50.15
N LEU E 68 -7.81 31.35 -49.74
CA LEU E 68 -7.37 30.20 -50.54
C LEU E 68 -8.14 30.10 -51.85
N ASN E 69 -9.44 30.41 -51.81
CA ASN E 69 -10.35 30.35 -52.96
C ASN E 69 -10.12 29.15 -53.86
N GLU F 3 -10.15 13.57 -50.80
CA GLU F 3 -11.45 13.95 -50.26
C GLU F 3 -12.59 13.41 -51.13
N ALA F 4 -12.22 12.85 -52.27
CA ALA F 4 -13.21 12.31 -53.21
C ALA F 4 -12.51 11.31 -54.12
N LYS F 5 -13.19 10.93 -55.21
CA LYS F 5 -12.67 10.13 -56.31
C LYS F 5 -12.39 8.68 -55.94
N SER F 6 -12.83 8.22 -54.77
CA SER F 6 -12.72 6.82 -54.40
C SER F 6 -14.09 6.33 -53.94
N ALA F 7 -14.59 5.29 -54.59
CA ALA F 7 -15.91 4.82 -54.18
C ALA F 7 -15.79 3.62 -53.25
N PRO F 8 -16.64 3.55 -52.23
CA PRO F 8 -16.58 2.43 -51.30
C PRO F 8 -16.99 1.13 -51.97
N ILE F 9 -16.43 0.04 -51.46
CA ILE F 9 -16.74 -1.30 -51.97
C ILE F 9 -17.94 -1.84 -51.20
N PHE F 10 -18.69 -2.74 -51.85
CA PHE F 10 -19.85 -3.36 -51.24
C PHE F 10 -19.39 -4.59 -50.45
N ARG F 11 -19.42 -4.49 -49.13
CA ARG F 11 -18.94 -5.57 -48.26
C ARG F 11 -20.12 -6.50 -47.98
N ASN F 12 -20.14 -7.63 -48.68
CA ASN F 12 -21.21 -8.63 -48.55
C ASN F 12 -20.72 -9.73 -47.60
N ARG F 13 -20.70 -9.42 -46.32
CA ARG F 13 -20.17 -10.33 -45.31
C ARG F 13 -20.66 -9.89 -43.93
N VAL F 14 -20.27 -10.64 -42.91
CA VAL F 14 -20.58 -10.30 -41.53
C VAL F 14 -19.56 -9.27 -41.04
N ILE F 15 -20.01 -8.33 -40.22
CA ILE F 15 -19.20 -7.19 -39.80
C ILE F 15 -18.94 -7.31 -38.31
N ASP F 16 -17.71 -7.67 -37.95
CA ASP F 16 -17.23 -7.65 -36.58
C ASP F 16 -16.32 -6.43 -36.38
N LYS F 17 -15.66 -6.38 -35.22
CA LYS F 17 -14.85 -5.21 -34.87
C LYS F 17 -13.68 -5.01 -35.83
N LYS F 18 -13.08 -6.10 -36.30
CA LYS F 18 -11.93 -5.99 -37.20
C LYS F 18 -12.31 -5.30 -38.51
N GLN F 19 -13.48 -5.64 -39.06
CA GLN F 19 -13.93 -5.01 -40.30
C GLN F 19 -14.21 -3.53 -40.08
N LEU F 20 -14.76 -3.17 -38.92
CA LEU F 20 -15.00 -1.76 -38.61
C LEU F 20 -13.68 -0.99 -38.53
N LYS F 21 -12.67 -1.58 -37.89
CA LYS F 21 -11.36 -0.94 -37.81
C LYS F 21 -10.74 -0.77 -39.20
N LYS F 22 -10.87 -1.79 -40.05
CA LYS F 22 -10.37 -1.68 -41.42
C LYS F 22 -11.08 -0.56 -42.18
N LEU F 23 -12.40 -0.46 -42.03
CA LEU F 23 -13.15 0.59 -42.70
C LEU F 23 -12.73 1.97 -42.21
N ILE F 24 -12.52 2.13 -40.90
CA ILE F 24 -12.09 3.42 -40.37
C ILE F 24 -10.71 3.80 -40.91
N GLY F 25 -9.79 2.84 -40.95
CA GLY F 25 -8.48 3.12 -41.51
C GLY F 25 -8.54 3.50 -42.98
N TRP F 26 -9.35 2.78 -43.76
CA TRP F 26 -9.51 3.12 -45.17
C TRP F 26 -10.08 4.52 -45.34
N THR F 27 -11.10 4.87 -44.56
CA THR F 27 -11.71 6.19 -44.68
C THR F 27 -10.72 7.29 -44.34
N PHE F 28 -9.93 7.10 -43.27
CA PHE F 28 -8.92 8.10 -42.92
C PHE F 28 -7.88 8.23 -44.02
N ALA F 29 -7.43 7.09 -44.57
CA ALA F 29 -6.37 7.13 -45.58
C ALA F 29 -6.84 7.77 -46.88
N HIS F 30 -8.14 7.67 -47.19
CA HIS F 30 -8.60 8.15 -48.50
C HIS F 30 -9.30 9.49 -48.47
N TYR F 31 -9.94 9.89 -47.37
CA TYR F 31 -10.74 11.10 -47.38
C TYR F 31 -10.25 12.20 -46.45
N GLY F 32 -9.75 11.87 -45.26
CA GLY F 32 -9.23 12.86 -44.35
C GLY F 32 -9.75 12.65 -42.96
N THR F 33 -9.43 13.60 -42.07
CA THR F 33 -9.78 13.52 -40.66
C THR F 33 -11.12 14.14 -40.34
N ALA F 34 -11.78 14.80 -41.30
CA ALA F 34 -13.07 15.41 -41.04
C ALA F 34 -14.24 14.50 -41.41
N LYS F 35 -14.07 13.65 -42.43
CA LYS F 35 -15.12 12.71 -42.80
C LYS F 35 -15.19 11.52 -41.84
N THR F 36 -14.05 11.15 -41.24
CA THR F 36 -14.01 9.98 -40.38
C THR F 36 -14.89 10.15 -39.15
N ALA F 37 -14.93 11.36 -38.59
CA ALA F 37 -15.77 11.60 -37.42
C ALA F 37 -17.25 11.41 -37.74
N VAL F 38 -17.69 11.94 -38.89
CA VAL F 38 -19.10 11.80 -39.25
C VAL F 38 -19.43 10.35 -39.57
N VAL F 39 -18.49 9.62 -40.19
CA VAL F 39 -18.72 8.22 -40.48
C VAL F 39 -18.86 7.42 -39.20
N ALA F 40 -17.97 7.67 -38.22
CA ALA F 40 -18.05 6.99 -36.94
C ALA F 40 -19.34 7.33 -36.21
N ASP F 41 -19.77 8.59 -36.27
CA ASP F 41 -21.03 8.98 -35.63
C ASP F 41 -22.21 8.25 -36.25
N ASP F 42 -22.24 8.16 -37.58
CA ASP F 42 -23.33 7.46 -38.25
C ASP F 42 -23.35 5.98 -37.89
N LEU F 43 -22.17 5.35 -37.86
CA LEU F 43 -22.10 3.94 -37.50
C LEU F 43 -22.55 3.72 -36.06
N LYS F 44 -22.16 4.61 -35.16
CA LYS F 44 -22.59 4.50 -33.77
C LYS F 44 -24.10 4.62 -33.65
N ALA F 45 -24.69 5.57 -34.36
CA ALA F 45 -26.15 5.74 -34.31
C ALA F 45 -26.86 4.51 -34.85
N LEU F 46 -26.39 3.96 -35.96
CA LEU F 46 -27.02 2.77 -36.53
C LEU F 46 -26.92 1.58 -35.58
N GLY F 47 -25.74 1.37 -35.00
CA GLY F 47 -25.58 0.26 -34.06
C GLY F 47 -26.44 0.40 -32.82
N PHE F 48 -26.51 1.63 -32.28
CA PHE F 48 -27.38 1.86 -31.13
C PHE F 48 -28.84 1.62 -31.48
N ARG F 49 -29.28 2.05 -32.67
CA ARG F 49 -30.67 1.87 -33.06
C ARG F 49 -31.01 0.39 -33.20
N TYR F 50 -30.13 -0.40 -33.80
CA TYR F 50 -30.46 -1.79 -34.08
C TYR F 50 -30.00 -2.77 -32.99
N ALA F 51 -29.35 -2.28 -31.92
CA ALA F 51 -29.08 -3.16 -30.80
C ALA F 51 -30.30 -3.44 -29.95
N THR F 52 -31.23 -2.48 -29.86
CA THR F 52 -32.41 -2.64 -29.02
C THR F 52 -33.56 -3.33 -29.74
N ARG F 53 -33.58 -3.31 -31.07
CA ARG F 53 -34.60 -4.04 -31.81
C ARG F 53 -34.47 -5.54 -31.60
N ALA F 54 -33.24 -6.04 -31.53
CA ALA F 54 -33.02 -7.48 -31.41
C ALA F 54 -33.58 -8.03 -30.11
N GLY F 55 -33.34 -7.34 -28.99
CA GLY F 55 -33.74 -7.84 -27.70
C GLY F 55 -32.80 -8.88 -27.16
N VAL F 56 -31.51 -8.55 -27.10
CA VAL F 56 -30.49 -9.48 -26.62
C VAL F 56 -30.52 -9.52 -25.10
N SER F 57 -30.52 -10.72 -24.54
CA SER F 57 -30.60 -10.92 -23.10
C SER F 57 -29.70 -12.08 -22.70
N ILE F 58 -29.70 -12.40 -21.40
CA ILE F 58 -28.89 -13.47 -20.84
C ILE F 58 -29.78 -14.33 -19.96
N SER F 59 -29.57 -15.64 -20.00
CA SER F 59 -30.39 -16.58 -19.23
C SER F 59 -29.50 -17.69 -18.70
N ILE F 60 -30.06 -18.46 -17.76
CA ILE F 60 -29.34 -19.59 -17.17
C ILE F 60 -29.20 -20.72 -18.18
N ASP F 61 -30.23 -20.97 -18.99
CA ASP F 61 -30.17 -22.02 -19.98
C ASP F 61 -29.39 -21.63 -21.23
N ASP F 62 -28.93 -20.39 -21.31
CA ASP F 62 -28.07 -19.98 -22.43
C ASP F 62 -26.64 -20.49 -22.28
N LEU F 63 -26.23 -20.85 -21.07
CA LEU F 63 -24.89 -21.38 -20.83
C LEU F 63 -24.92 -22.88 -21.06
N LYS F 64 -24.42 -23.31 -22.21
CA LYS F 64 -24.44 -24.72 -22.60
C LYS F 64 -23.10 -25.37 -22.25
N VAL F 65 -23.16 -26.51 -21.58
CA VAL F 65 -21.98 -27.27 -21.18
C VAL F 65 -21.90 -28.51 -22.07
N PRO F 66 -20.75 -28.84 -22.64
CA PRO F 66 -20.65 -30.04 -23.47
C PRO F 66 -20.94 -31.31 -22.65
N GLY F 67 -21.53 -32.28 -23.33
CA GLY F 67 -21.93 -33.52 -22.70
C GLY F 67 -20.87 -34.58 -22.55
N SER F 68 -19.63 -34.29 -22.96
CA SER F 68 -18.54 -35.26 -22.91
C SER F 68 -17.46 -34.85 -21.90
N LYS F 69 -17.84 -34.14 -20.85
CA LYS F 69 -16.89 -33.67 -19.86
C LYS F 69 -16.47 -34.79 -18.90
N ALA F 70 -17.41 -35.66 -18.55
CA ALA F 70 -17.17 -36.66 -17.50
C ALA F 70 -16.12 -37.69 -17.91
N GLU F 71 -16.17 -38.14 -19.16
CA GLU F 71 -15.18 -39.12 -19.62
C GLU F 71 -13.78 -38.51 -19.68
N LEU F 72 -13.68 -37.26 -20.12
CA LEU F 72 -12.40 -36.56 -20.10
C LEU F 72 -11.85 -36.49 -18.68
N LEU F 73 -12.71 -36.11 -17.73
CA LEU F 73 -12.28 -36.03 -16.34
C LEU F 73 -11.84 -37.39 -15.82
N GLU F 74 -12.57 -38.46 -16.16
CA GLU F 74 -12.21 -39.79 -15.69
C GLU F 74 -10.86 -40.23 -16.21
N SER F 75 -10.59 -39.98 -17.49
CA SER F 75 -9.27 -40.29 -18.04
C SER F 75 -8.18 -39.51 -17.31
N ALA F 76 -8.44 -38.23 -17.04
CA ALA F 76 -7.46 -37.43 -16.31
C ALA F 76 -7.16 -38.02 -14.93
N GLU F 77 -8.20 -38.43 -14.21
CA GLU F 77 -7.98 -39.01 -12.87
C GLU F 77 -7.20 -40.33 -12.97
N LYS F 78 -7.48 -41.13 -13.99
CA LYS F 78 -6.73 -42.38 -14.16
C LYS F 78 -5.23 -42.09 -14.35
N ARG F 79 -4.91 -41.12 -15.21
CA ARG F 79 -3.51 -40.77 -15.43
C ARG F 79 -2.86 -40.24 -14.15
N ILE F 80 -3.58 -39.39 -13.42
CA ILE F 80 -3.02 -38.81 -12.19
C ILE F 80 -2.77 -39.90 -11.16
N GLN F 81 -3.70 -40.87 -11.05
CA GLN F 81 -3.51 -41.95 -10.09
C GLN F 81 -2.31 -42.82 -10.47
N GLU F 82 -2.12 -43.06 -11.77
CA GLU F 82 -0.92 -43.78 -12.20
C GLU F 82 0.34 -43.05 -11.75
N THR F 83 0.38 -41.72 -11.96
CA THR F 83 1.55 -40.95 -11.56
C THR F 83 1.78 -41.01 -10.06
N GLU F 84 0.72 -40.90 -9.26
CA GLU F 84 0.88 -40.92 -7.81
C GLU F 84 1.35 -42.28 -7.32
N ASP F 85 0.84 -43.37 -7.92
CA ASP F 85 1.32 -44.70 -7.56
C ASP F 85 2.80 -44.83 -7.89
N ARG F 86 3.22 -44.34 -9.05
CA ARG F 86 4.62 -44.40 -9.43
C ARG F 86 5.50 -43.64 -8.43
N TYR F 87 5.03 -42.46 -7.99
CA TYR F 87 5.81 -41.72 -7.00
C TYR F 87 5.87 -42.46 -5.67
N THR F 88 4.76 -43.07 -5.24
CA THR F 88 4.74 -43.76 -3.97
C THR F 88 5.69 -44.96 -3.97
N ARG F 89 5.76 -45.67 -5.09
CA ARG F 89 6.65 -46.83 -5.15
C ARG F 89 8.11 -46.46 -4.93
N GLY F 90 8.52 -45.27 -5.36
CA GLY F 90 9.88 -44.82 -5.13
C GLY F 90 10.72 -44.74 -6.40
N GLU F 91 10.10 -44.38 -7.51
CA GLU F 91 10.79 -44.29 -8.79
C GLU F 91 11.02 -42.87 -9.28
N ILE F 92 10.33 -41.89 -8.72
CA ILE F 92 10.49 -40.49 -9.09
C ILE F 92 10.52 -39.65 -7.81
N THR F 93 10.96 -38.40 -7.97
CA THR F 93 11.00 -37.46 -6.85
C THR F 93 9.70 -36.64 -6.81
N GLU F 94 9.64 -35.68 -5.89
CA GLU F 94 8.45 -34.86 -5.74
C GLU F 94 8.32 -33.83 -6.86
N VAL F 95 9.45 -33.28 -7.31
CA VAL F 95 9.43 -32.26 -8.36
C VAL F 95 8.85 -32.82 -9.65
N GLU F 96 9.26 -34.04 -10.02
CA GLU F 96 8.79 -34.66 -11.24
C GLU F 96 7.29 -34.97 -11.18
N ARG F 97 6.81 -35.42 -10.02
CA ARG F 97 5.39 -35.64 -9.83
C ARG F 97 4.60 -34.34 -9.98
N PHE F 98 5.09 -33.26 -9.38
CA PHE F 98 4.41 -31.97 -9.49
C PHE F 98 4.34 -31.52 -10.95
N GLN F 99 5.46 -31.64 -11.67
CA GLN F 99 5.50 -31.22 -13.07
C GLN F 99 4.54 -32.05 -13.90
N LYS F 100 4.51 -33.37 -13.67
CA LYS F 100 3.64 -34.25 -14.46
C LYS F 100 2.17 -33.90 -14.26
N VAL F 101 1.76 -33.70 -13.00
CA VAL F 101 0.34 -33.42 -12.76
C VAL F 101 -0.04 -32.07 -13.34
N ILE F 102 0.87 -31.08 -13.24
CA ILE F 102 0.58 -29.76 -13.80
C ILE F 102 0.37 -29.85 -15.31
N ASP F 103 1.27 -30.56 -16.00
CA ASP F 103 1.16 -30.69 -17.45
C ASP F 103 -0.13 -31.41 -17.85
N THR F 104 -0.46 -32.48 -17.12
CA THR F 104 -1.67 -33.24 -17.44
C THR F 104 -2.92 -32.36 -17.34
N TRP F 105 -3.03 -31.60 -16.24
CA TRP F 105 -4.23 -30.78 -16.07
C TRP F 105 -4.29 -29.66 -17.11
N ALA F 106 -3.14 -29.07 -17.46
CA ALA F 106 -3.14 -28.03 -18.48
C ALA F 106 -3.63 -28.57 -19.82
N ASN F 107 -3.14 -29.75 -20.22
CA ASN F 107 -3.57 -30.33 -21.49
C ASN F 107 -5.06 -30.66 -21.47
N THR F 108 -5.55 -31.18 -20.33
CA THR F 108 -6.98 -31.48 -20.23
C THR F 108 -7.82 -30.22 -20.40
N ASN F 109 -7.41 -29.11 -19.78
CA ASN F 109 -8.15 -27.86 -19.92
C ASN F 109 -8.15 -27.38 -21.36
N ASP F 110 -7.01 -27.49 -22.05
CA ASP F 110 -6.95 -27.06 -23.45
C ASP F 110 -7.91 -27.86 -24.32
N GLU F 111 -7.93 -29.18 -24.14
CA GLU F 111 -8.85 -30.01 -24.93
C GLU F 111 -10.30 -29.65 -24.62
N LEU F 112 -10.61 -29.41 -23.34
CA LEU F 112 -11.98 -29.07 -22.97
C LEU F 112 -12.44 -27.77 -23.62
N THR F 113 -11.58 -26.73 -23.62
CA THR F 113 -12.03 -25.48 -24.21
C THR F 113 -12.15 -25.59 -25.73
N ASP F 114 -11.30 -26.40 -26.37
CA ASP F 114 -11.49 -26.64 -27.80
C ASP F 114 -12.85 -27.29 -28.08
N ARG F 115 -13.21 -28.29 -27.28
CA ARG F 115 -14.51 -28.93 -27.46
C ARG F 115 -15.65 -27.94 -27.21
N VAL F 116 -15.50 -27.08 -26.19
CA VAL F 116 -16.53 -26.09 -25.89
C VAL F 116 -16.76 -25.17 -27.08
N VAL F 117 -15.67 -24.66 -27.67
CA VAL F 117 -15.81 -23.75 -28.81
C VAL F 117 -16.46 -24.46 -29.99
N LYS F 118 -16.02 -25.70 -30.27
CA LYS F 118 -16.59 -26.42 -31.41
C LYS F 118 -18.09 -26.65 -31.22
N ASN F 119 -18.49 -27.08 -30.02
CA ASN F 119 -19.90 -27.33 -29.76
C ASN F 119 -20.71 -26.04 -29.86
N PHE F 120 -20.19 -24.95 -29.32
CA PHE F 120 -20.93 -23.68 -29.36
C PHE F 120 -21.11 -23.20 -30.79
N ARG F 121 -20.08 -23.35 -31.62
CA ARG F 121 -20.18 -22.93 -33.01
C ARG F 121 -21.15 -23.82 -33.80
N GLU F 122 -21.11 -25.13 -33.56
CA GLU F 122 -21.93 -26.03 -34.37
C GLU F 122 -23.40 -26.00 -33.98
N SER F 123 -23.70 -25.89 -32.68
CA SER F 123 -25.07 -26.07 -32.22
C SER F 123 -25.96 -24.89 -32.61
N ASP F 124 -25.63 -23.69 -32.11
CA ASP F 124 -26.46 -22.52 -32.38
C ASP F 124 -25.60 -21.28 -32.53
N PRO F 125 -25.52 -20.69 -33.73
CA PRO F 125 -24.66 -19.51 -33.92
C PRO F 125 -25.29 -18.21 -33.44
N LEU F 126 -26.56 -18.20 -33.05
CA LEU F 126 -27.23 -16.98 -32.61
C LEU F 126 -27.42 -16.93 -31.10
N ASN F 127 -26.71 -17.79 -30.36
CA ASN F 127 -26.74 -17.72 -28.90
C ASN F 127 -26.16 -16.40 -28.43
N SER F 128 -26.76 -15.84 -27.37
CA SER F 128 -26.36 -14.51 -26.92
C SER F 128 -24.93 -14.50 -26.41
N VAL F 129 -24.54 -15.53 -25.64
CA VAL F 129 -23.18 -15.60 -25.12
C VAL F 129 -22.18 -15.71 -26.28
N TYR F 130 -22.45 -16.61 -27.23
CA TYR F 130 -21.59 -16.77 -28.39
C TYR F 130 -21.55 -15.48 -29.21
N MET F 131 -22.72 -14.88 -29.44
CA MET F 131 -22.80 -13.69 -30.28
C MET F 131 -22.03 -12.53 -29.70
N MET F 132 -22.15 -12.29 -28.39
CA MET F 132 -21.50 -11.14 -27.78
C MET F 132 -20.14 -11.47 -27.19
N ALA F 133 -19.67 -12.71 -27.32
CA ALA F 133 -18.29 -13.03 -27.01
C ALA F 133 -17.39 -13.09 -28.23
N PHE F 134 -17.87 -13.70 -29.33
CA PHE F 134 -17.05 -13.91 -30.51
C PHE F 134 -17.30 -12.89 -31.61
N SER F 135 -18.07 -11.84 -31.33
CA SER F 135 -18.15 -10.70 -32.23
C SER F 135 -17.18 -9.58 -31.84
N GLY F 136 -16.42 -9.76 -30.77
CA GLY F 136 -15.49 -8.74 -30.34
C GLY F 136 -16.12 -7.62 -29.54
N ALA F 137 -17.24 -7.86 -28.88
CA ALA F 137 -17.93 -6.78 -28.19
C ALA F 137 -17.31 -6.50 -26.82
N ARG F 138 -17.45 -7.43 -25.89
CA ARG F 138 -16.88 -7.19 -24.56
C ARG F 138 -16.02 -8.32 -24.03
N GLY F 139 -16.39 -9.58 -24.29
CA GLY F 139 -15.79 -10.70 -23.61
C GLY F 139 -14.53 -11.21 -24.26
N ASN F 140 -13.99 -12.29 -23.67
CA ASN F 140 -12.84 -13.01 -24.19
C ASN F 140 -12.98 -14.48 -23.84
N ILE F 141 -12.09 -15.31 -24.40
CA ILE F 141 -12.23 -16.75 -24.28
C ILE F 141 -11.98 -17.22 -22.84
N SER F 142 -11.10 -16.53 -22.10
CA SER F 142 -10.71 -17.01 -20.79
C SER F 142 -11.83 -16.90 -19.76
N GLN F 143 -12.87 -16.12 -20.03
CA GLN F 143 -14.01 -16.00 -19.12
C GLN F 143 -15.14 -16.95 -19.49
N VAL F 144 -15.42 -17.12 -20.78
CA VAL F 144 -16.37 -18.13 -21.22
C VAL F 144 -15.87 -19.51 -20.82
N ARG F 145 -14.56 -19.71 -20.85
CA ARG F 145 -13.96 -20.96 -20.39
C ARG F 145 -14.37 -21.27 -18.95
N GLN F 146 -14.27 -20.28 -18.06
CA GLN F 146 -14.65 -20.50 -16.67
C GLN F 146 -16.16 -20.58 -16.51
N LEU F 147 -16.93 -19.94 -17.40
CA LEU F 147 -18.37 -19.97 -17.28
C LEU F 147 -18.95 -21.33 -17.65
N VAL F 148 -18.49 -21.92 -18.75
CA VAL F 148 -19.09 -23.15 -19.27
C VAL F 148 -18.11 -24.30 -19.39
N GLY F 149 -16.86 -24.12 -19.02
CA GLY F 149 -15.90 -25.21 -19.05
C GLY F 149 -15.48 -25.65 -17.67
N MET F 150 -14.27 -25.28 -17.26
CA MET F 150 -13.80 -25.51 -15.90
C MET F 150 -12.71 -24.51 -15.58
N ARG F 151 -12.59 -24.17 -14.30
CA ARG F 151 -11.68 -23.10 -13.88
C ARG F 151 -10.22 -23.50 -14.06
N GLY F 152 -9.85 -24.69 -13.57
CA GLY F 152 -8.49 -25.15 -13.71
C GLY F 152 -7.59 -24.89 -12.52
N LEU F 153 -6.36 -24.48 -12.78
CA LEU F 153 -5.35 -24.26 -11.76
C LEU F 153 -5.26 -22.78 -11.39
N MET F 154 -4.90 -22.51 -10.14
CA MET F 154 -4.78 -21.17 -9.60
C MET F 154 -3.31 -20.82 -9.36
N ALA F 155 -3.08 -19.57 -8.96
CA ALA F 155 -1.76 -19.09 -8.58
C ALA F 155 -1.89 -18.21 -7.35
N ASN F 156 -0.94 -18.36 -6.43
CA ASN F 156 -0.94 -17.60 -5.18
C ASN F 156 -0.28 -16.24 -5.39
N PRO F 157 -0.37 -15.34 -4.40
CA PRO F 157 0.17 -13.98 -4.61
C PRO F 157 1.63 -13.93 -5.02
N GLN F 158 2.43 -14.92 -4.65
CA GLN F 158 3.84 -14.92 -5.04
C GLN F 158 4.05 -15.38 -6.48
N GLY F 159 3.01 -15.85 -7.16
CA GLY F 159 3.13 -16.26 -8.54
C GLY F 159 3.37 -17.74 -8.77
N GLU F 160 3.20 -18.58 -7.75
CA GLU F 160 3.43 -20.01 -7.87
C GLU F 160 2.12 -20.75 -8.02
N ILE F 161 2.20 -21.93 -8.61
CA ILE F 161 1.02 -22.72 -8.97
C ILE F 161 0.67 -23.66 -7.84
N ILE F 162 -0.65 -23.86 -7.64
CA ILE F 162 -1.17 -24.80 -6.66
C ILE F 162 -1.65 -26.04 -7.41
N ASP F 163 -1.26 -27.22 -6.92
CA ASP F 163 -1.47 -28.46 -7.65
C ASP F 163 -2.90 -28.98 -7.60
N LEU F 164 -3.76 -28.41 -6.76
CA LEU F 164 -5.14 -28.87 -6.67
C LEU F 164 -6.01 -28.05 -7.62
N PRO F 165 -6.61 -28.65 -8.64
CA PRO F 165 -7.42 -27.89 -9.59
C PRO F 165 -8.87 -27.78 -9.15
N ILE F 166 -9.59 -26.87 -9.80
CA ILE F 166 -11.03 -26.71 -9.64
C ILE F 166 -11.70 -27.32 -10.85
N LYS F 167 -12.45 -28.39 -10.63
CA LYS F 167 -13.02 -29.18 -11.72
C LYS F 167 -14.43 -28.77 -12.09
N THR F 168 -14.99 -27.75 -11.45
CA THR F 168 -16.32 -27.27 -11.73
C THR F 168 -16.25 -25.90 -12.41
N ASN F 169 -17.40 -25.43 -12.87
CA ASN F 169 -17.56 -24.10 -13.43
C ASN F 169 -18.65 -23.35 -12.66
N PHE F 170 -18.93 -22.12 -13.10
CA PHE F 170 -19.85 -21.28 -12.36
C PHE F 170 -21.31 -21.69 -12.55
N ARG F 171 -21.66 -22.29 -13.69
CA ARG F 171 -23.04 -22.73 -13.89
C ARG F 171 -23.40 -23.90 -12.98
N GLU F 172 -22.41 -24.70 -12.59
CA GLU F 172 -22.67 -25.86 -11.74
C GLU F 172 -22.54 -25.53 -10.25
N GLY F 173 -21.60 -24.68 -9.89
CA GLY F 173 -21.40 -24.31 -8.50
C GLY F 173 -20.19 -24.98 -7.87
N LEU F 174 -19.43 -24.21 -7.10
CA LEU F 174 -18.23 -24.72 -6.44
C LEU F 174 -18.57 -25.35 -5.10
N THR F 175 -17.60 -26.07 -4.54
CA THR F 175 -17.69 -26.62 -3.20
C THR F 175 -16.90 -25.72 -2.24
N VAL F 176 -16.83 -26.13 -0.98
CA VAL F 176 -16.15 -25.32 0.03
C VAL F 176 -14.66 -25.28 -0.21
N THR F 177 -14.06 -26.44 -0.51
CA THR F 177 -12.62 -26.50 -0.76
C THR F 177 -12.22 -25.67 -1.97
N GLU F 178 -13.01 -25.74 -3.03
CA GLU F 178 -12.68 -24.99 -4.24
C GLU F 178 -12.84 -23.48 -4.03
N TYR F 179 -13.81 -23.08 -3.22
CA TYR F 179 -13.93 -21.67 -2.86
C TYR F 179 -12.73 -21.21 -2.04
N ILE F 180 -12.29 -22.04 -1.09
CA ILE F 180 -11.09 -21.71 -0.32
C ILE F 180 -9.89 -21.56 -1.25
N ILE F 181 -9.80 -22.42 -2.27
CA ILE F 181 -8.69 -22.33 -3.22
C ILE F 181 -8.79 -21.05 -4.05
N SER F 182 -10.00 -20.68 -4.48
CA SER F 182 -10.18 -19.47 -5.28
C SER F 182 -9.85 -18.21 -4.49
N SER F 183 -10.00 -18.26 -3.17
CA SER F 183 -9.62 -17.11 -2.33
C SER F 183 -8.16 -16.71 -2.57
N TYR F 184 -7.29 -17.67 -2.87
CA TYR F 184 -5.88 -17.35 -3.12
C TYR F 184 -5.70 -16.51 -4.37
N GLY F 185 -6.38 -16.85 -5.46
CA GLY F 185 -6.32 -16.03 -6.65
C GLY F 185 -6.92 -14.65 -6.43
N ALA F 186 -8.01 -14.59 -5.66
CA ALA F 186 -8.58 -13.29 -5.33
C ALA F 186 -7.58 -12.41 -4.58
N ARG F 187 -6.90 -12.99 -3.59
CA ARG F 187 -5.89 -12.24 -2.84
C ARG F 187 -4.73 -11.84 -3.74
N LYS F 188 -4.32 -12.73 -4.65
CA LYS F 188 -3.24 -12.40 -5.58
C LYS F 188 -3.59 -11.17 -6.41
N GLY F 189 -4.80 -11.14 -6.98
CA GLY F 189 -5.21 -9.99 -7.75
C GLY F 189 -5.28 -8.73 -6.92
N LEU F 190 -5.84 -8.84 -5.70
CA LEU F 190 -5.96 -7.67 -4.83
C LEU F 190 -4.60 -7.09 -4.49
N VAL F 191 -3.63 -7.95 -4.16
CA VAL F 191 -2.30 -7.46 -3.81
C VAL F 191 -1.59 -6.90 -5.03
N ASP F 192 -1.79 -7.52 -6.19
CA ASP F 192 -1.15 -7.03 -7.41
C ASP F 192 -1.63 -5.64 -7.79
N THR F 193 -2.93 -5.38 -7.62
CA THR F 193 -3.47 -4.09 -8.07
C THR F 193 -2.83 -2.92 -7.31
N ALA F 194 -2.67 -3.04 -5.99
CA ALA F 194 -2.15 -1.95 -5.17
C ALA F 194 -0.98 -2.45 -4.33
N LEU F 195 0.21 -2.45 -4.95
CA LEU F 195 1.50 -2.76 -4.34
C LEU F 195 2.55 -2.88 -5.45
N ARG F 196 2.15 -3.44 -6.59
CA ARG F 196 3.04 -3.62 -7.73
C ARG F 196 2.97 -2.48 -8.73
N THR F 197 2.06 -1.52 -8.56
CA THR F 197 1.93 -0.43 -9.51
C THR F 197 3.02 0.63 -9.34
N ALA F 198 3.80 0.58 -8.26
CA ALA F 198 4.85 1.56 -8.05
C ALA F 198 6.03 1.32 -8.99
N ASP F 199 6.29 0.06 -9.37
CA ASP F 199 7.43 -0.24 -10.23
C ASP F 199 7.27 0.40 -11.59
N SER F 200 6.07 0.32 -12.18
CA SER F 200 5.84 0.90 -13.50
C SER F 200 5.93 2.42 -13.46
N GLY F 201 5.42 3.04 -12.40
CA GLY F 201 5.53 4.49 -12.27
C GLY F 201 6.97 4.94 -12.10
N TYR F 202 7.75 4.21 -11.31
CA TYR F 202 9.17 4.53 -11.17
C TYR F 202 9.89 4.39 -12.51
N LEU F 203 9.59 3.32 -13.25
CA LEU F 203 10.22 3.12 -14.55
C LEU F 203 9.88 4.23 -15.52
N THR F 204 8.60 4.64 -15.57
CA THR F 204 8.23 5.69 -16.51
C THR F 204 8.79 7.05 -16.10
N ARG F 205 8.92 7.31 -14.79
CA ARG F 205 9.57 8.55 -14.38
C ARG F 205 11.03 8.58 -14.80
N ARG F 206 11.74 7.45 -14.62
CA ARG F 206 13.12 7.38 -15.06
C ARG F 206 13.24 7.56 -16.57
N LEU F 207 12.33 6.93 -17.32
CA LEU F 207 12.35 7.05 -18.77
C LEU F 207 12.11 8.49 -19.21
N VAL F 208 11.17 9.18 -18.56
CA VAL F 208 10.90 10.57 -18.89
C VAL F 208 12.11 11.43 -18.58
N ASP F 209 12.78 11.16 -17.46
CA ASP F 209 13.93 11.98 -17.07
C ASP F 209 15.12 11.77 -18.00
N VAL F 210 15.32 10.55 -18.50
CA VAL F 210 16.54 10.28 -19.26
C VAL F 210 16.53 10.98 -20.63
N SER F 211 15.36 11.25 -21.20
CA SER F 211 15.27 11.71 -22.58
C SER F 211 14.25 12.84 -22.72
N GLN F 212 14.37 13.87 -21.88
CA GLN F 212 13.45 14.99 -21.91
C GLN F 212 13.93 16.14 -22.80
N ASP F 213 15.08 16.00 -23.46
CA ASP F 213 15.65 17.10 -24.25
C ASP F 213 15.88 16.72 -25.71
N VAL F 214 15.24 15.66 -26.19
CA VAL F 214 15.36 15.26 -27.58
C VAL F 214 14.27 15.97 -28.37
N ILE F 215 14.67 16.93 -29.20
CA ILE F 215 13.74 17.76 -29.96
C ILE F 215 14.29 17.91 -31.37
N ILE F 216 13.39 17.86 -32.36
CA ILE F 216 13.79 17.98 -33.76
C ILE F 216 14.26 19.41 -34.01
N HIS F 217 15.53 19.55 -34.36
CA HIS F 217 16.14 20.85 -34.66
C HIS F 217 16.76 20.96 -36.03
N GLU F 218 17.00 19.84 -36.71
CA GLU F 218 17.73 19.81 -37.97
C GLU F 218 16.90 19.15 -39.06
N VAL F 219 17.15 19.54 -40.30
CA VAL F 219 16.42 18.99 -41.43
C VAL F 219 17.10 17.76 -42.00
N ASP F 220 18.42 17.82 -42.20
CA ASP F 220 19.17 16.71 -42.77
C ASP F 220 20.60 16.76 -42.26
N CYS F 221 21.18 15.58 -42.04
CA CYS F 221 22.55 15.47 -41.57
C CYS F 221 23.51 14.90 -42.62
N GLY F 222 23.00 14.31 -43.69
CA GLY F 222 23.85 13.76 -44.73
C GLY F 222 24.61 12.53 -44.27
N THR F 223 23.90 11.46 -43.97
CA THR F 223 24.48 10.23 -43.45
C THR F 223 24.13 9.06 -44.36
N SER F 224 25.12 8.20 -44.59
CA SER F 224 24.90 6.95 -45.32
C SER F 224 24.75 5.74 -44.40
N ARG F 225 24.93 5.91 -43.10
CA ARG F 225 24.79 4.82 -42.16
C ARG F 225 23.32 4.47 -41.93
N GLY F 226 23.08 3.26 -41.48
CA GLY F 226 21.72 2.83 -41.25
C GLY F 226 21.67 1.52 -40.50
N LEU F 227 20.46 0.95 -40.43
CA LEU F 227 20.20 -0.29 -39.72
C LEU F 227 19.49 -1.27 -40.65
N PHE F 228 19.67 -2.56 -40.37
CA PHE F 228 19.07 -3.62 -41.16
C PHE F 228 17.80 -4.10 -40.46
N VAL F 229 16.71 -4.20 -41.22
CA VAL F 229 15.40 -4.55 -40.72
C VAL F 229 14.91 -5.79 -41.45
N GLU F 230 14.41 -6.76 -40.70
CA GLU F 230 13.82 -7.97 -41.23
C GLU F 230 12.61 -8.34 -40.38
N ALA F 231 11.97 -9.44 -40.71
CA ALA F 231 10.81 -9.90 -39.95
C ALA F 231 11.24 -10.55 -38.64
N MET F 232 10.29 -10.69 -37.73
CA MET F 232 10.52 -11.35 -36.45
C MET F 232 9.85 -12.72 -36.50
N THR F 233 10.65 -13.77 -36.51
CA THR F 233 10.16 -15.14 -36.63
C THR F 233 10.63 -15.97 -35.45
N ASP F 234 9.92 -17.09 -35.23
CA ASP F 234 10.29 -18.10 -34.22
C ASP F 234 10.32 -19.43 -34.95
N GLY F 235 11.52 -19.86 -35.36
CA GLY F 235 11.64 -21.07 -36.14
C GLY F 235 11.17 -20.87 -37.56
N ASP F 236 10.03 -21.46 -37.91
CA ASP F 236 9.43 -21.31 -39.22
C ASP F 236 8.14 -20.51 -39.21
N ARG F 237 7.77 -19.95 -38.06
CA ARG F 237 6.56 -19.15 -37.92
C ARG F 237 6.93 -17.68 -37.79
N ILE F 238 6.22 -16.83 -38.51
CA ILE F 238 6.47 -15.40 -38.49
C ILE F 238 5.59 -14.75 -37.42
N LEU F 239 6.21 -14.21 -36.39
CA LEU F 239 5.48 -13.51 -35.34
C LEU F 239 5.16 -12.07 -35.73
N ILE F 240 6.07 -11.40 -36.43
CA ILE F 240 5.86 -10.04 -36.90
C ILE F 240 6.36 -9.94 -38.33
N PRO F 241 5.51 -9.58 -39.29
CA PRO F 241 5.94 -9.51 -40.69
C PRO F 241 6.83 -8.29 -40.92
N ILE F 242 7.45 -8.28 -42.10
CA ILE F 242 8.35 -7.19 -42.46
C ILE F 242 7.59 -5.98 -42.99
N SER F 243 6.37 -6.15 -43.47
CA SER F 243 5.61 -5.00 -43.97
C SER F 243 5.17 -4.08 -42.83
N GLN F 244 4.89 -4.66 -41.66
CA GLN F 244 4.48 -3.84 -40.53
C GLN F 244 5.63 -3.02 -39.97
N ARG F 245 6.86 -3.52 -40.10
CA ARG F 245 8.01 -2.84 -39.53
C ARG F 245 8.60 -1.75 -40.43
N LEU F 246 8.27 -1.76 -41.72
CA LEU F 246 8.87 -0.83 -42.67
C LEU F 246 8.03 0.43 -42.88
N LEU F 247 6.87 0.54 -42.25
CA LEU F 247 5.97 1.67 -42.50
C LEU F 247 6.49 2.92 -41.81
N GLY F 248 6.73 3.97 -42.58
CA GLY F 248 7.17 5.24 -42.04
C GLY F 248 8.66 5.44 -41.93
N ARG F 249 9.46 4.58 -42.55
CA ARG F 249 10.92 4.65 -42.45
C ARG F 249 11.51 5.13 -43.77
N VAL F 250 12.69 5.72 -43.68
CA VAL F 250 13.40 6.27 -44.83
C VAL F 250 14.52 5.32 -45.22
N THR F 251 14.59 4.96 -46.50
CA THR F 251 15.60 4.02 -46.96
C THR F 251 16.98 4.67 -47.00
N ALA F 252 17.99 3.89 -46.65
CA ALA F 252 19.38 4.34 -46.71
C ALA F 252 20.09 3.92 -47.99
N GLU F 253 19.49 3.02 -48.77
CA GLU F 253 20.09 2.55 -50.01
C GLU F 253 18.98 2.13 -50.97
N ALA F 254 19.34 2.01 -52.24
CA ALA F 254 18.37 1.62 -53.26
C ALA F 254 17.94 0.16 -53.07
N VAL F 255 16.67 -0.10 -53.41
CA VAL F 255 16.07 -1.42 -53.26
C VAL F 255 15.86 -2.01 -54.65
N LEU F 256 16.38 -3.21 -54.86
CA LEU F 256 16.32 -3.88 -56.16
C LEU F 256 15.51 -5.17 -56.06
N ASP F 257 14.68 -5.40 -57.05
CA ASP F 257 13.96 -6.67 -57.15
C ASP F 257 14.95 -7.79 -57.41
N PRO F 258 14.88 -8.91 -56.68
CA PRO F 258 15.77 -10.05 -56.97
C PRO F 258 15.44 -10.75 -58.28
N SER F 259 14.32 -10.43 -58.92
CA SER F 259 13.93 -11.07 -60.17
C SER F 259 14.51 -10.35 -61.39
N THR F 260 14.20 -9.07 -61.53
CA THR F 260 14.61 -8.27 -62.68
C THR F 260 15.41 -7.06 -62.21
N ASP F 261 15.70 -6.16 -63.16
CA ASP F 261 16.45 -4.95 -62.88
C ASP F 261 15.57 -3.82 -62.33
N GLU F 262 14.28 -4.08 -62.11
CA GLU F 262 13.38 -3.04 -61.64
C GLU F 262 13.79 -2.56 -60.25
N VAL F 263 13.63 -1.26 -60.02
CA VAL F 263 13.92 -0.64 -58.73
C VAL F 263 12.60 -0.26 -58.09
N LEU F 264 12.36 -0.76 -56.87
CA LEU F 264 11.15 -0.45 -56.13
C LEU F 264 11.22 0.89 -55.41
N ALA F 265 12.41 1.28 -54.95
CA ALA F 265 12.57 2.53 -54.23
C ALA F 265 14.00 3.01 -54.38
N GLU F 266 14.21 4.30 -54.11
CA GLU F 266 15.52 4.93 -54.21
C GLU F 266 16.07 5.16 -52.81
N ALA F 267 17.23 5.83 -52.74
CA ALA F 267 17.88 6.13 -51.47
C ALA F 267 17.35 7.45 -50.94
N GLY F 268 16.70 7.40 -49.77
CA GLY F 268 16.09 8.58 -49.19
C GLY F 268 14.62 8.69 -49.56
N GLN F 269 13.89 7.58 -49.43
CA GLN F 269 12.48 7.52 -49.79
C GLN F 269 11.70 6.91 -48.64
N ASP F 270 10.66 7.61 -48.19
CA ASP F 270 9.80 7.08 -47.14
C ASP F 270 8.87 6.01 -47.70
N ILE F 271 8.49 5.07 -46.83
CA ILE F 271 7.71 3.90 -47.22
C ILE F 271 6.31 4.04 -46.67
N ASN F 272 5.32 4.07 -47.56
CA ASN F 272 3.91 4.02 -47.17
C ASN F 272 3.44 2.56 -47.16
N GLU F 273 2.13 2.36 -47.05
CA GLU F 273 1.61 1.01 -46.92
C GLU F 273 1.76 0.22 -48.21
N ASP F 274 1.43 0.82 -49.35
CA ASP F 274 1.48 0.10 -50.61
C ASP F 274 2.91 -0.30 -50.98
N LEU F 275 3.88 0.58 -50.73
CA LEU F 275 5.27 0.24 -51.03
C LEU F 275 5.76 -0.89 -50.14
N ALA F 276 5.38 -0.88 -48.86
CA ALA F 276 5.76 -1.97 -47.97
C ALA F 276 5.15 -3.29 -48.42
N ASN F 277 3.88 -3.25 -48.84
CA ASN F 277 3.24 -4.46 -49.34
C ASN F 277 3.93 -4.97 -50.60
N ARG F 278 4.30 -4.06 -51.50
CA ARG F 278 5.01 -4.46 -52.71
C ARG F 278 6.37 -5.07 -52.39
N ILE F 279 7.07 -4.50 -51.40
CA ILE F 279 8.38 -5.03 -51.01
C ILE F 279 8.23 -6.42 -50.42
N GLU F 280 7.24 -6.61 -49.54
CA GLU F 280 7.06 -7.93 -48.93
C GLU F 280 6.62 -8.97 -49.95
N LYS F 281 5.74 -8.59 -50.88
CA LYS F 281 5.20 -9.56 -51.82
C LYS F 281 6.24 -10.09 -52.79
N ALA F 282 7.28 -9.29 -53.08
CA ALA F 282 8.30 -9.65 -54.06
C ALA F 282 9.56 -10.21 -53.42
N GLY F 283 9.42 -10.96 -52.33
CA GLY F 283 10.58 -11.50 -51.65
C GLY F 283 11.17 -10.48 -50.69
N ILE F 284 12.48 -10.30 -50.76
CA ILE F 284 13.23 -9.30 -49.98
C ILE F 284 13.16 -9.63 -48.49
N LYS F 285 14.30 -10.04 -47.94
CA LYS F 285 14.35 -10.45 -46.54
C LYS F 285 14.98 -9.42 -45.61
N LYS F 286 15.81 -8.51 -46.13
CA LYS F 286 16.43 -7.47 -45.33
C LYS F 286 16.36 -6.14 -46.05
N VAL F 287 16.12 -5.06 -45.30
CA VAL F 287 16.09 -3.71 -45.87
C VAL F 287 16.89 -2.78 -44.97
N LYS F 288 17.69 -1.92 -45.58
CA LYS F 288 18.49 -0.95 -44.82
C LYS F 288 17.76 0.38 -44.76
N VAL F 289 17.62 0.93 -43.54
CA VAL F 289 16.85 2.14 -43.31
C VAL F 289 17.64 3.10 -42.43
N ARG F 290 17.23 4.36 -42.46
CA ARG F 290 17.80 5.37 -41.58
C ARG F 290 17.21 5.23 -40.19
N SER F 291 18.06 5.36 -39.17
CA SER F 291 17.64 5.13 -37.79
C SER F 291 18.18 6.24 -36.91
N PRO F 292 17.47 6.56 -35.81
CA PRO F 292 18.03 7.50 -34.83
C PRO F 292 19.23 6.94 -34.09
N LEU F 293 19.47 5.63 -34.16
CA LEU F 293 20.65 5.04 -33.53
C LEU F 293 21.94 5.47 -34.22
N THR F 294 21.88 5.85 -35.50
CA THR F 294 23.08 6.13 -36.29
C THR F 294 23.08 7.55 -36.84
N CYS F 295 22.28 8.45 -36.30
CA CYS F 295 22.25 9.81 -36.79
C CYS F 295 23.55 10.54 -36.44
N GLU F 296 24.03 11.36 -37.37
CA GLU F 296 25.26 12.12 -37.20
C GLU F 296 25.00 13.57 -36.82
N ALA F 297 23.76 13.93 -36.49
CA ALA F 297 23.45 15.30 -36.12
C ALA F 297 24.14 15.66 -34.81
N ALA F 298 24.64 16.90 -34.72
CA ALA F 298 25.29 17.37 -33.50
C ALA F 298 24.27 18.00 -32.56
N ARG F 299 23.19 17.26 -32.31
CA ARG F 299 22.18 17.62 -31.32
C ARG F 299 21.52 16.34 -30.81
N SER F 300 20.28 16.09 -31.23
CA SER F 300 19.61 14.83 -30.88
C SER F 300 19.30 13.97 -32.08
N VAL F 301 18.46 14.44 -33.02
CA VAL F 301 18.08 13.69 -34.21
C VAL F 301 17.69 14.71 -35.27
N CYS F 302 17.78 14.29 -36.54
CA CYS F 302 17.34 15.11 -37.64
C CYS F 302 16.00 14.61 -38.17
N GLN F 303 15.36 15.43 -39.01
CA GLN F 303 14.04 15.09 -39.52
C GLN F 303 14.08 13.92 -40.49
N LYS F 304 15.18 13.76 -41.23
CA LYS F 304 15.27 12.69 -42.22
C LYS F 304 15.54 11.34 -41.59
N CYS F 305 16.26 11.30 -40.47
CA CYS F 305 16.58 10.03 -39.81
C CYS F 305 15.45 9.53 -38.90
N TYR F 306 14.45 10.36 -38.62
CA TYR F 306 13.32 9.94 -37.79
C TYR F 306 12.21 9.31 -38.63
N GLY F 307 11.69 10.05 -39.60
CA GLY F 307 10.67 9.53 -40.49
C GLY F 307 9.29 10.09 -40.22
N TRP F 308 8.27 9.25 -40.35
CA TRP F 308 6.89 9.68 -40.15
C TRP F 308 6.61 9.96 -38.68
N SER F 309 5.55 10.73 -38.44
CA SER F 309 4.94 10.84 -37.13
C SER F 309 3.67 9.99 -37.14
N LEU F 310 3.56 9.03 -36.23
CA LEU F 310 2.55 8.00 -36.34
C LEU F 310 1.13 8.52 -36.13
N ALA F 311 0.97 9.64 -35.44
CA ALA F 311 -0.37 10.18 -35.21
C ALA F 311 -0.93 10.87 -36.44
N HIS F 312 -0.08 11.40 -37.31
CA HIS F 312 -0.52 12.17 -38.47
C HIS F 312 -0.19 11.53 -39.81
N ALA F 313 0.56 10.43 -39.83
CA ALA F 313 0.86 9.67 -41.05
C ALA F 313 1.59 10.53 -42.08
N GLN F 314 2.58 11.31 -41.62
CA GLN F 314 3.43 12.08 -42.51
C GLN F 314 4.69 12.46 -41.73
N MET F 315 5.62 13.12 -42.42
CA MET F 315 6.91 13.46 -41.82
C MET F 315 6.72 14.39 -40.63
N VAL F 316 7.66 14.29 -39.67
CA VAL F 316 7.57 15.10 -38.46
C VAL F 316 7.68 16.58 -38.79
N ASP F 317 7.17 17.40 -37.89
CA ASP F 317 7.33 18.84 -37.96
C ASP F 317 8.56 19.26 -37.17
N MET F 318 9.17 20.36 -37.57
CA MET F 318 10.34 20.87 -36.87
C MET F 318 9.91 21.51 -35.56
N GLY F 319 10.50 21.03 -34.46
CA GLY F 319 10.13 21.49 -33.14
C GLY F 319 9.30 20.52 -32.34
N GLU F 320 9.38 19.22 -32.62
CA GLU F 320 8.61 18.20 -31.92
C GLU F 320 9.42 17.61 -30.79
N ALA F 321 8.79 17.43 -29.63
CA ALA F 321 9.40 16.76 -28.48
C ALA F 321 9.11 15.27 -28.60
N VAL F 322 10.06 14.55 -29.19
CA VAL F 322 9.86 13.12 -29.43
C VAL F 322 10.28 12.24 -28.26
N GLY F 323 11.15 12.73 -27.37
CA GLY F 323 11.56 11.94 -26.23
C GLY F 323 10.41 11.71 -25.26
N ILE F 324 9.60 12.74 -25.00
CA ILE F 324 8.45 12.59 -24.13
C ILE F 324 7.46 11.59 -24.71
N ILE F 325 7.22 11.69 -26.02
CA ILE F 325 6.30 10.76 -26.68
C ILE F 325 6.81 9.34 -26.58
N ALA F 326 8.11 9.14 -26.82
CA ALA F 326 8.68 7.80 -26.71
C ALA F 326 8.54 7.25 -25.29
N ALA F 327 8.85 8.08 -24.28
CA ALA F 327 8.81 7.62 -22.90
C ALA F 327 7.41 7.23 -22.48
N GLN F 328 6.42 8.07 -22.79
CA GLN F 328 5.06 7.76 -22.37
C GLN F 328 4.35 6.81 -23.32
N SER F 329 4.94 6.48 -24.46
CA SER F 329 4.45 5.36 -25.26
C SER F 329 4.97 4.04 -24.73
N ILE F 330 6.22 4.02 -24.26
CA ILE F 330 6.77 2.80 -23.68
C ILE F 330 6.14 2.50 -22.32
N GLY F 331 5.97 3.52 -21.47
CA GLY F 331 5.62 3.26 -20.08
C GLY F 331 4.14 3.06 -19.79
N GLU F 332 3.25 3.31 -20.73
CA GLU F 332 1.82 3.26 -20.44
C GLU F 332 1.23 1.85 -20.42
N PRO F 333 1.47 1.00 -21.43
CA PRO F 333 0.80 -0.31 -21.46
C PRO F 333 1.09 -1.19 -20.25
N GLY F 334 2.32 -1.16 -19.73
CA GLY F 334 2.62 -1.98 -18.57
C GLY F 334 1.85 -1.54 -17.33
N THR F 335 1.77 -0.24 -17.08
CA THR F 335 1.00 0.26 -15.95
C THR F 335 -0.48 -0.04 -16.12
N GLN F 336 -0.99 0.08 -17.34
CA GLN F 336 -2.40 -0.25 -17.56
C GLN F 336 -2.67 -1.74 -17.36
N LEU F 337 -1.75 -2.59 -17.80
CA LEU F 337 -1.97 -4.03 -17.70
C LEU F 337 -1.79 -4.53 -16.26
N THR F 338 -0.98 -3.83 -15.45
CA THR F 338 -0.82 -4.23 -14.06
C THR F 338 -2.13 -4.12 -13.28
N MET F 339 -2.97 -3.14 -13.62
CA MET F 339 -4.20 -2.87 -12.88
C MET F 339 -5.40 -3.63 -13.42
N ARG F 340 -5.23 -4.49 -14.43
CA ARG F 340 -6.31 -5.29 -14.97
C ARG F 340 -6.13 -6.77 -14.68
N THR F 341 -5.34 -7.11 -13.66
CA THR F 341 -5.05 -8.52 -13.39
C THR F 341 -6.26 -9.24 -12.81
N PHE F 342 -7.07 -8.55 -12.01
CA PHE F 342 -8.19 -9.19 -11.32
C PHE F 342 -9.34 -9.55 -12.27
N HIS F 343 -9.26 -9.16 -13.54
CA HIS F 343 -10.36 -9.42 -14.47
C HIS F 343 -10.53 -10.90 -14.79
N THR F 344 -9.55 -11.74 -14.47
CA THR F 344 -9.60 -13.16 -14.78
C THR F 344 -9.44 -14.03 -13.55
N GLY F 345 -9.67 -13.48 -12.36
CA GLY F 345 -9.47 -14.23 -11.14
C GLY F 345 -8.00 -14.38 -10.81
N GLY F 346 -7.54 -15.62 -10.71
CA GLY F 346 -6.13 -15.88 -10.48
C GLY F 346 -5.63 -17.07 -11.28
N VAL F 347 -6.27 -17.34 -12.42
CA VAL F 347 -5.96 -18.53 -13.17
C VAL F 347 -4.52 -18.50 -13.68
N PHE F 348 -3.97 -19.68 -13.94
CA PHE F 348 -2.62 -19.83 -14.45
C PHE F 348 -2.63 -19.84 -15.97
N THR F 349 -1.85 -18.94 -16.57
CA THR F 349 -1.79 -18.82 -18.02
C THR F 349 -0.82 -19.87 -18.56
N GLY F 350 -1.35 -20.84 -19.30
CA GLY F 350 -0.54 -21.95 -19.75
C GLY F 350 0.35 -21.61 -20.94
N GLU F 351 1.50 -22.27 -20.98
CA GLU F 351 2.42 -22.17 -22.11
C GLU F 351 3.23 -23.47 -22.13
N THR F 352 2.85 -24.38 -23.01
CA THR F 352 3.40 -25.73 -23.02
C THR F 352 4.38 -25.91 -24.18
N ALA F 353 5.00 -27.09 -24.21
CA ALA F 353 5.95 -27.44 -25.26
C ALA F 353 5.22 -27.80 -26.54
N ARG F 354 5.98 -27.93 -27.63
CA ARG F 354 5.42 -28.25 -28.94
C ARG F 354 5.61 -29.74 -29.20
N LEU F 355 4.50 -30.44 -29.46
CA LEU F 355 4.50 -31.89 -29.65
C LEU F 355 4.38 -32.23 -31.13
N LEU F 356 5.17 -33.20 -31.57
CA LEU F 356 5.05 -33.76 -32.92
C LEU F 356 4.39 -35.12 -32.83
N ARG F 357 3.30 -35.29 -33.57
CA ARG F 357 2.48 -36.49 -33.50
C ARG F 357 2.47 -37.21 -34.83
N ALA F 358 2.39 -38.55 -34.76
CA ALA F 358 2.30 -39.35 -35.97
C ALA F 358 0.86 -39.36 -36.47
N PRO F 359 0.61 -38.97 -37.72
CA PRO F 359 -0.77 -38.96 -38.23
C PRO F 359 -1.34 -40.36 -38.40
N VAL F 360 -0.55 -41.27 -38.98
CA VAL F 360 -0.99 -42.64 -39.24
C VAL F 360 0.09 -43.60 -38.75
N ALA F 361 -0.32 -44.85 -38.54
CA ALA F 361 0.58 -45.86 -38.02
C ALA F 361 1.63 -46.26 -39.06
N GLY F 362 2.72 -46.83 -38.57
CA GLY F 362 3.80 -47.23 -39.45
C GLY F 362 5.06 -47.58 -38.68
N THR F 363 6.20 -47.45 -39.35
CA THR F 363 7.50 -47.74 -38.77
C THR F 363 8.43 -46.55 -38.98
N ILE F 364 9.42 -46.44 -38.10
CA ILE F 364 10.34 -45.31 -38.08
C ILE F 364 11.64 -45.71 -38.79
N LYS F 365 12.09 -44.86 -39.72
CA LYS F 365 13.30 -45.11 -40.49
C LYS F 365 14.51 -44.34 -40.00
N LEU F 366 14.30 -43.16 -39.39
CA LEU F 366 15.37 -42.30 -38.92
C LEU F 366 16.25 -41.84 -40.07
N GLY F 367 17.43 -41.29 -39.76
CA GLY F 367 18.31 -40.77 -40.78
C GLY F 367 19.74 -41.25 -40.66
N LYS F 368 20.67 -40.55 -41.33
CA LYS F 368 22.08 -40.91 -41.31
C LYS F 368 22.94 -39.94 -40.53
N LYS F 369 22.47 -38.72 -40.29
CA LYS F 369 23.18 -37.76 -39.46
C LYS F 369 22.65 -37.73 -38.03
N ALA F 370 21.78 -38.66 -37.67
CA ALA F 370 21.14 -38.67 -36.36
C ALA F 370 22.15 -39.02 -35.28
N ARG F 371 22.51 -38.05 -34.45
CA ARG F 371 23.37 -38.26 -33.29
C ARG F 371 22.58 -37.92 -32.05
N THR F 372 22.45 -38.88 -31.13
CA THR F 372 21.60 -38.75 -29.96
C THR F 372 22.34 -39.25 -28.73
N ARG F 373 21.85 -38.81 -27.57
CA ARG F 373 22.39 -39.22 -26.28
C ARG F 373 21.25 -39.63 -25.35
N PRO F 374 21.50 -40.56 -24.43
CA PRO F 374 20.50 -40.87 -23.41
C PRO F 374 20.20 -39.65 -22.56
N TYR F 375 18.93 -39.51 -22.16
CA TYR F 375 18.49 -38.28 -21.52
C TYR F 375 17.34 -38.60 -20.57
N ARG F 376 17.22 -37.80 -19.52
CA ARG F 376 16.13 -37.92 -18.55
C ARG F 376 15.30 -36.65 -18.59
N THR F 377 14.03 -36.79 -18.93
CA THR F 377 13.15 -35.65 -19.09
C THR F 377 12.73 -35.10 -17.72
N ARG F 378 11.96 -34.02 -17.75
CA ARG F 378 11.49 -33.38 -16.52
C ARG F 378 10.33 -34.11 -15.87
N HIS F 379 9.72 -35.07 -16.56
CA HIS F 379 8.64 -35.88 -15.98
C HIS F 379 9.14 -37.19 -15.40
N GLY F 380 10.43 -37.47 -15.46
CA GLY F 380 10.96 -38.71 -14.94
C GLY F 380 10.91 -39.85 -15.93
N GLU F 381 11.29 -39.57 -17.18
CA GLU F 381 11.27 -40.56 -18.24
C GLU F 381 12.63 -40.64 -18.91
N GLU F 382 12.91 -41.77 -19.55
CA GLU F 382 14.14 -41.99 -20.28
C GLU F 382 13.87 -41.82 -21.77
N ALA F 383 14.64 -40.95 -22.42
CA ALA F 383 14.44 -40.65 -23.83
C ALA F 383 15.80 -40.35 -24.45
N LEU F 384 15.78 -39.80 -25.66
CA LEU F 384 17.00 -39.46 -26.39
C LEU F 384 17.00 -37.97 -26.71
N LEU F 385 18.14 -37.33 -26.48
CA LEU F 385 18.34 -35.92 -26.79
C LEU F 385 19.16 -35.81 -28.06
N ALA F 386 18.70 -34.98 -28.99
CA ALA F 386 19.36 -34.82 -30.27
C ALA F 386 20.58 -33.92 -30.16
N GLU F 387 21.56 -34.15 -31.05
CA GLU F 387 22.77 -33.36 -31.10
C GLU F 387 22.96 -32.61 -32.41
N ALA F 388 22.15 -32.90 -33.42
CA ALA F 388 22.22 -32.19 -34.69
C ALA F 388 20.89 -32.37 -35.42
N ASN F 389 20.62 -31.48 -36.36
CA ASN F 389 19.39 -31.57 -37.14
C ASN F 389 19.43 -32.78 -38.05
N PHE F 390 18.28 -33.43 -38.22
CA PHE F 390 18.17 -34.56 -39.14
C PHE F 390 16.71 -34.70 -39.56
N ASP F 391 16.39 -35.82 -40.20
CA ASP F 391 15.05 -36.07 -40.72
C ASP F 391 14.54 -37.42 -40.23
N LEU F 392 13.27 -37.44 -39.85
CA LEU F 392 12.58 -38.65 -39.43
C LEU F 392 11.62 -39.07 -40.54
N VAL F 393 11.68 -40.34 -40.93
CA VAL F 393 10.87 -40.87 -42.03
C VAL F 393 9.87 -41.85 -41.43
N LEU F 394 8.59 -41.61 -41.67
CA LEU F 394 7.50 -42.48 -41.23
C LEU F 394 6.84 -43.06 -42.48
N GLU F 395 6.98 -44.37 -42.66
CA GLU F 395 6.41 -45.06 -43.81
C GLU F 395 5.16 -45.81 -43.39
N GLY F 396 4.18 -45.86 -44.29
CA GLY F 396 2.92 -46.52 -44.01
C GLY F 396 2.50 -47.48 -45.10
N LYS F 397 1.20 -47.78 -45.17
CA LYS F 397 0.68 -48.68 -46.19
C LYS F 397 0.87 -48.09 -47.58
N GLY F 398 0.53 -46.80 -47.75
CA GLY F 398 0.69 -46.15 -49.04
C GLY F 398 1.08 -44.69 -48.91
N ARG F 399 1.49 -44.28 -47.71
CA ARG F 399 1.84 -42.90 -47.43
C ARG F 399 3.17 -42.85 -46.70
N LYS F 400 4.09 -42.01 -47.20
CA LYS F 400 5.41 -41.84 -46.60
C LYS F 400 5.61 -40.36 -46.29
N GLU F 401 5.96 -40.06 -45.05
CA GLU F 401 6.09 -38.68 -44.58
C GLU F 401 7.47 -38.46 -43.99
N THR F 402 7.94 -37.22 -44.08
CA THR F 402 9.23 -36.81 -43.53
C THR F 402 9.03 -35.61 -42.63
N PHE F 403 9.73 -35.60 -41.50
CA PHE F 403 9.72 -34.49 -40.56
C PHE F 403 11.16 -34.05 -40.28
N ALA F 404 11.34 -32.77 -40.01
CA ALA F 404 12.65 -32.21 -39.72
C ALA F 404 12.80 -32.00 -38.22
N ILE F 405 13.86 -32.56 -37.64
CA ILE F 405 14.12 -32.46 -36.21
C ILE F 405 15.36 -31.60 -36.02
N LEU F 406 15.22 -30.56 -35.19
CA LEU F 406 16.30 -29.63 -34.93
C LEU F 406 17.14 -30.09 -33.75
N GLN F 407 18.16 -29.31 -33.42
CA GLN F 407 19.05 -29.65 -32.32
C GLN F 407 18.44 -29.24 -30.99
N GLY F 408 18.60 -30.10 -29.98
CA GLY F 408 18.13 -29.84 -28.64
C GLY F 408 16.80 -30.46 -28.28
N SER F 409 16.02 -30.88 -29.28
CA SER F 409 14.73 -31.50 -29.01
C SER F 409 14.91 -32.97 -28.63
N THR F 410 13.92 -33.50 -27.93
CA THR F 410 13.96 -34.85 -27.41
C THR F 410 13.12 -35.79 -28.27
N ILE F 411 13.59 -37.02 -28.44
CA ILE F 411 12.94 -38.03 -29.26
C ILE F 411 12.59 -39.22 -28.37
N PHE F 412 11.34 -39.68 -28.48
CA PHE F 412 10.85 -40.78 -27.65
C PHE F 412 10.85 -42.12 -28.36
N VAL F 413 11.35 -42.18 -29.60
CA VAL F 413 11.29 -43.40 -30.40
C VAL F 413 12.68 -43.72 -30.95
N GLN F 414 12.81 -44.92 -31.51
CA GLN F 414 14.06 -45.36 -32.12
C GLN F 414 13.80 -45.81 -33.56
N ASP F 415 14.79 -46.44 -34.19
CA ASP F 415 14.64 -46.93 -35.55
C ASP F 415 14.11 -48.35 -35.54
N GLY F 416 13.04 -48.59 -36.28
CA GLY F 416 12.46 -49.91 -36.43
C GLY F 416 11.23 -50.17 -35.58
N ASP F 417 10.87 -49.26 -34.68
CA ASP F 417 9.70 -49.46 -33.85
C ASP F 417 8.42 -49.33 -34.68
N LYS F 418 7.36 -49.95 -34.20
CA LYS F 418 6.05 -49.94 -34.85
C LYS F 418 5.18 -48.93 -34.12
N VAL F 419 5.23 -47.69 -34.59
CA VAL F 419 4.48 -46.60 -33.95
C VAL F 419 3.02 -46.67 -34.41
N ALA F 420 2.10 -46.57 -33.46
CA ALA F 420 0.68 -46.59 -33.76
C ALA F 420 0.24 -45.20 -34.22
N ALA F 421 -1.06 -44.98 -34.35
CA ALA F 421 -1.58 -43.72 -34.80
C ALA F 421 -1.75 -42.75 -33.63
N GLU F 422 -1.55 -41.46 -33.92
CA GLU F 422 -1.68 -40.39 -32.92
C GLU F 422 -0.76 -40.63 -31.73
N ALA F 423 0.49 -40.96 -32.02
CA ALA F 423 1.50 -41.21 -31.00
C ALA F 423 2.56 -40.12 -31.03
N ILE F 424 3.07 -39.76 -29.84
CA ILE F 424 4.05 -38.70 -29.73
C ILE F 424 5.40 -39.20 -30.25
N LEU F 425 6.05 -38.39 -31.08
CA LEU F 425 7.36 -38.71 -31.62
C LEU F 425 8.48 -37.84 -31.08
N ALA F 426 8.26 -36.53 -30.97
CA ALA F 426 9.28 -35.61 -30.51
C ALA F 426 8.63 -34.42 -29.84
N GLU F 427 9.43 -33.69 -29.06
CA GLU F 427 8.92 -32.55 -28.31
C GLU F 427 9.97 -31.44 -28.30
N VAL F 428 9.53 -30.22 -28.55
CA VAL F 428 10.36 -29.03 -28.48
C VAL F 428 9.99 -28.29 -27.19
N PRO F 429 10.88 -28.22 -26.20
CA PRO F 429 10.52 -27.62 -24.91
C PRO F 429 10.47 -26.09 -24.99
N VAL F 430 9.85 -25.49 -23.98
CA VAL F 430 9.70 -24.04 -23.93
C VAL F 430 11.05 -23.39 -23.65
N SER F 431 11.15 -22.12 -24.06
CA SER F 431 12.38 -21.35 -23.88
C SER F 431 12.39 -20.67 -22.51
N GLY F 432 13.59 -20.36 -22.04
CA GLY F 432 13.76 -19.74 -20.74
C GLY F 432 13.93 -18.23 -20.81
N ARG F 433 14.04 -17.70 -22.03
CA ARG F 433 14.21 -16.27 -22.21
C ARG F 433 12.91 -15.54 -21.89
N THR F 434 12.95 -14.21 -22.02
CA THR F 434 11.84 -13.31 -21.72
C THR F 434 11.39 -13.38 -20.27
N LYS F 435 12.15 -14.07 -19.41
CA LYS F 435 11.89 -14.13 -17.98
C LYS F 435 13.20 -13.92 -17.24
N ARG F 436 13.10 -13.46 -15.99
CA ARG F 436 14.28 -13.18 -15.19
C ARG F 436 14.71 -14.44 -14.45
N THR F 437 16.02 -14.61 -14.32
CA THR F 437 16.60 -15.77 -13.65
C THR F 437 16.86 -15.45 -12.19
N VAL F 438 16.44 -16.36 -11.31
CA VAL F 438 16.57 -16.17 -9.87
C VAL F 438 17.37 -17.32 -9.27
N GLU F 439 17.57 -17.29 -7.96
CA GLU F 439 18.27 -18.36 -7.27
C GLU F 439 17.37 -19.60 -7.17
N LYS F 440 18.01 -20.75 -6.98
CA LYS F 440 17.32 -22.03 -7.01
C LYS F 440 16.71 -22.35 -5.66
N ALA F 441 15.79 -23.31 -5.67
CA ALA F 441 15.09 -23.75 -4.46
C ALA F 441 15.60 -25.11 -4.02
N THR F 442 15.44 -25.39 -2.73
CA THR F 442 15.96 -26.61 -2.11
C THR F 442 14.87 -27.30 -1.31
N LYS F 443 14.99 -28.63 -1.22
CA LYS F 443 14.02 -29.43 -0.48
C LYS F 443 14.72 -30.64 0.13
N ASP F 444 14.52 -30.85 1.44
CA ASP F 444 15.14 -31.96 2.13
C ASP F 444 14.33 -33.24 1.94
N VAL F 445 15.02 -34.37 1.95
CA VAL F 445 14.40 -35.69 1.84
C VAL F 445 14.72 -36.47 3.11
N ALA F 446 13.69 -36.96 3.79
CA ALA F 446 13.83 -37.73 5.01
C ALA F 446 13.41 -39.17 4.78
N THR F 447 13.65 -40.01 5.79
CA THR F 447 13.38 -41.44 5.71
C THR F 447 12.40 -41.85 6.80
N ASP F 448 11.55 -42.83 6.48
CA ASP F 448 10.60 -43.38 7.42
C ASP F 448 11.01 -44.77 7.92
N LEU F 449 12.22 -45.20 7.61
CA LEU F 449 12.75 -46.49 8.05
C LEU F 449 14.00 -46.25 8.90
N ALA F 450 14.65 -47.35 9.29
CA ALA F 450 15.89 -47.26 10.06
C ALA F 450 16.72 -48.49 9.76
N GLY F 451 17.89 -48.28 9.18
CA GLY F 451 18.74 -49.42 8.83
C GLY F 451 19.95 -49.01 8.01
N GLU F 452 20.43 -49.96 7.21
CA GLU F 452 21.64 -49.80 6.44
C GLU F 452 21.36 -49.11 5.11
N ILE F 453 22.41 -48.55 4.52
CA ILE F 453 22.31 -47.74 3.30
C ILE F 453 23.09 -48.43 2.19
N ARG F 454 22.52 -48.40 0.97
CA ARG F 454 23.18 -48.94 -0.21
C ARG F 454 22.99 -48.01 -1.38
N PHE F 455 24.01 -47.89 -2.22
CA PHE F 455 23.98 -47.07 -3.43
C PHE F 455 23.88 -47.98 -4.65
N GLN F 456 23.06 -47.56 -5.63
CA GLN F 456 22.89 -48.33 -6.86
C GLN F 456 23.70 -47.76 -8.02
N ASP F 457 23.46 -46.51 -8.38
CA ASP F 457 24.22 -45.86 -9.45
C ASP F 457 24.73 -44.47 -9.09
N ILE F 458 24.47 -44.00 -7.87
CA ILE F 458 24.91 -42.66 -7.49
C ILE F 458 26.43 -42.62 -7.44
N VAL F 459 27.01 -41.55 -7.97
CA VAL F 459 28.46 -41.37 -7.96
C VAL F 459 28.81 -40.09 -7.22
N PRO F 460 29.37 -40.18 -6.02
CA PRO F 460 29.68 -38.96 -5.25
C PRO F 460 30.87 -38.20 -5.82
N GLU F 461 30.93 -36.93 -5.45
CA GLU F 461 32.04 -36.05 -5.82
C GLU F 461 32.32 -35.10 -4.67
N GLU F 462 33.60 -34.80 -4.44
CA GLU F 462 34.03 -33.98 -3.32
C GLU F 462 34.45 -32.60 -3.84
N LYS F 463 33.95 -31.56 -3.18
CA LYS F 463 34.30 -30.18 -3.50
C LYS F 463 34.68 -29.45 -2.23
N THR F 464 35.62 -28.50 -2.36
CA THR F 464 36.11 -27.73 -1.23
C THR F 464 35.91 -26.24 -1.49
N ASP F 465 35.83 -25.48 -0.39
CA ASP F 465 35.68 -24.04 -0.43
C ASP F 465 37.00 -23.38 -0.06
N ARG F 466 36.97 -22.05 0.09
CA ARG F 466 38.16 -21.28 0.41
C ARG F 466 38.40 -21.17 1.91
N GLN F 467 37.83 -22.07 2.70
CA GLN F 467 38.02 -22.06 4.15
C GLN F 467 38.36 -23.44 4.72
N GLY F 468 38.36 -24.49 3.90
CA GLY F 468 38.69 -25.81 4.36
C GLY F 468 37.53 -26.74 4.63
N ASN F 469 36.31 -26.34 4.29
CA ASN F 469 35.14 -27.18 4.49
C ASN F 469 34.86 -28.00 3.23
N THR F 470 34.44 -29.24 3.42
CA THR F 470 34.17 -30.16 2.32
C THR F 470 32.68 -30.48 2.27
N THR F 471 32.14 -30.57 1.05
CA THR F 471 30.77 -30.96 0.83
C THR F 471 30.74 -31.97 -0.31
N ARG F 472 29.77 -32.89 -0.27
CA ARG F 472 29.68 -33.96 -1.26
C ARG F 472 28.47 -33.72 -2.17
N ILE F 473 28.71 -33.80 -3.47
CA ILE F 473 27.69 -33.57 -4.49
C ILE F 473 27.54 -34.83 -5.30
N ALA F 474 26.29 -35.20 -5.62
CA ALA F 474 26.03 -36.38 -6.44
C ALA F 474 26.29 -36.04 -7.90
N GLN F 475 27.37 -36.58 -8.45
CA GLN F 475 27.67 -36.35 -9.86
C GLN F 475 26.72 -37.09 -10.77
N ARG F 476 26.37 -38.32 -10.43
CA ARG F 476 25.39 -39.11 -11.16
C ARG F 476 24.34 -39.61 -10.18
N GLY F 477 23.07 -39.30 -10.48
CA GLY F 477 21.99 -39.72 -9.61
C GLY F 477 21.57 -41.15 -9.83
N GLY F 478 20.68 -41.62 -8.96
CA GLY F 478 20.24 -43.00 -9.02
C GLY F 478 19.28 -43.37 -7.90
N LEU F 479 19.48 -44.54 -7.31
CA LEU F 479 18.61 -45.04 -6.26
C LEU F 479 19.41 -45.27 -4.98
N LEU F 480 18.82 -44.86 -3.86
CA LEU F 480 19.40 -45.02 -2.53
C LEU F 480 18.49 -45.96 -1.75
N TRP F 481 19.03 -47.11 -1.35
CA TRP F 481 18.25 -48.15 -0.69
C TRP F 481 18.51 -48.14 0.80
N VAL F 482 17.43 -48.24 1.58
CA VAL F 482 17.50 -48.40 3.03
C VAL F 482 17.00 -49.78 3.36
N LEU F 483 17.85 -50.58 4.02
CA LEU F 483 17.55 -51.95 4.39
C LEU F 483 17.24 -52.01 5.88
N ALA F 484 16.14 -52.69 6.23
CA ALA F 484 15.59 -52.63 7.57
C ALA F 484 16.52 -53.27 8.59
N GLY F 485 16.41 -52.79 9.83
CA GLY F 485 17.19 -53.32 10.93
C GLY F 485 16.88 -52.56 12.20
N ASP F 486 17.55 -52.95 13.27
CA ASP F 486 17.42 -52.28 14.57
C ASP F 486 18.72 -51.54 14.86
N VAL F 487 18.64 -50.22 15.01
CA VAL F 487 19.82 -49.37 15.12
C VAL F 487 20.03 -48.99 16.58
N TYR F 488 21.22 -49.26 17.08
CA TYR F 488 21.62 -48.93 18.45
C TYR F 488 22.63 -47.79 18.41
N ASN F 489 22.43 -46.80 19.27
CA ASN F 489 23.27 -45.60 19.31
C ASN F 489 24.24 -45.70 20.48
N LEU F 490 25.53 -45.81 20.16
CA LEU F 490 26.57 -45.85 21.19
C LEU F 490 27.20 -44.47 21.37
N LEU F 491 26.37 -43.54 21.84
CA LEU F 491 26.82 -42.16 22.02
C LEU F 491 27.96 -42.00 23.02
N PRO F 492 27.95 -42.62 24.21
CA PRO F 492 29.03 -42.34 25.17
C PRO F 492 30.42 -42.64 24.65
N GLY F 493 30.58 -43.63 23.78
CA GLY F 493 31.86 -43.99 23.22
C GLY F 493 32.40 -45.36 23.62
N ALA F 494 31.55 -46.27 24.06
CA ALA F 494 32.00 -47.59 24.47
C ALA F 494 32.49 -48.40 23.27
N GLU F 495 33.60 -49.10 23.47
CA GLU F 495 34.10 -49.99 22.42
C GLU F 495 33.21 -51.22 22.31
N PRO F 496 32.83 -51.63 21.10
CA PRO F 496 31.95 -52.80 20.97
C PRO F 496 32.65 -54.09 21.41
N THR F 497 31.84 -55.01 21.93
CA THR F 497 32.33 -56.33 22.32
C THR F 497 31.89 -57.44 21.37
N VAL F 498 30.84 -57.22 20.59
CA VAL F 498 30.39 -58.19 19.60
C VAL F 498 30.95 -57.80 18.24
N LYS F 499 31.08 -58.78 17.36
CA LYS F 499 31.58 -58.57 16.02
C LYS F 499 30.51 -59.00 15.00
N ASN F 500 30.86 -58.88 13.73
CA ASN F 500 29.92 -59.19 12.66
C ASN F 500 29.60 -60.67 12.62
N GLY F 501 28.36 -60.98 12.27
CA GLY F 501 27.93 -62.37 12.14
C GLY F 501 27.89 -63.14 13.44
N ASP F 502 27.41 -62.54 14.51
CA ASP F 502 27.31 -63.19 15.81
C ASP F 502 25.85 -63.21 16.26
N ARG F 503 25.36 -64.40 16.61
CA ARG F 503 24.00 -64.54 17.11
C ARG F 503 23.96 -64.10 18.57
N VAL F 504 22.99 -63.24 18.91
CA VAL F 504 22.87 -62.70 20.26
C VAL F 504 21.44 -62.86 20.74
N GLU F 505 21.29 -63.09 22.04
CA GLU F 505 20.01 -63.20 22.70
C GLU F 505 19.78 -62.01 23.61
N VAL F 506 18.55 -61.89 24.11
CA VAL F 506 18.19 -60.78 24.98
C VAL F 506 19.01 -60.86 26.26
N GLY F 507 19.61 -59.73 26.65
CA GLY F 507 20.46 -59.65 27.81
C GLY F 507 21.94 -59.69 27.50
N ASP F 508 22.32 -60.12 26.30
CA ASP F 508 23.73 -60.15 25.92
C ASP F 508 24.27 -58.73 25.82
N VAL F 509 25.50 -58.54 26.30
CA VAL F 509 26.11 -57.21 26.26
C VAL F 509 26.52 -56.88 24.82
N LEU F 510 26.74 -55.59 24.59
CA LEU F 510 27.17 -55.12 23.28
C LEU F 510 28.45 -54.29 23.31
N ALA F 511 28.63 -53.46 24.34
CA ALA F 511 29.80 -52.59 24.42
C ALA F 511 30.06 -52.23 25.86
N GLU F 512 31.28 -51.79 26.13
CA GLU F 512 31.71 -51.41 27.46
C GLU F 512 32.71 -50.27 27.37
N THR F 513 32.81 -49.50 28.44
CA THR F 513 33.71 -48.36 28.51
C THR F 513 35.00 -48.75 29.24
N LYS F 514 35.92 -47.79 29.33
CA LYS F 514 37.22 -47.99 29.95
C LYS F 514 37.57 -46.82 30.86
N LEU F 515 36.63 -46.43 31.72
CA LEU F 515 36.84 -45.31 32.63
C LEU F 515 37.88 -45.71 33.67
N THR F 516 39.11 -45.23 33.48
CA THR F 516 40.22 -45.57 34.35
C THR F 516 40.90 -44.29 34.84
N THR F 517 41.53 -44.40 36.01
CA THR F 517 42.26 -43.28 36.60
C THR F 517 43.50 -43.83 37.30
N GLU F 518 44.29 -42.92 37.87
CA GLU F 518 45.54 -43.29 38.49
C GLU F 518 45.32 -44.10 39.77
N ARG F 519 46.29 -44.94 40.09
CA ARG F 519 46.39 -45.65 41.37
C ARG F 519 45.30 -46.70 41.56
N GLY F 520 44.86 -47.34 40.48
CA GLY F 520 43.86 -48.38 40.60
C GLY F 520 44.39 -49.62 41.28
N GLY F 521 43.46 -50.47 41.71
CA GLY F 521 43.82 -51.68 42.43
C GLY F 521 42.70 -52.26 43.27
N THR F 522 42.99 -52.53 44.53
CA THR F 522 42.00 -53.07 45.46
C THR F 522 41.31 -51.95 46.22
N VAL F 523 40.03 -52.17 46.57
CA VAL F 523 39.24 -51.12 47.20
C VAL F 523 39.74 -50.84 48.61
N ARG F 524 39.97 -51.89 49.40
CA ARG F 524 40.35 -51.78 50.81
C ARG F 524 39.48 -50.77 51.54
N MET F 525 38.18 -51.09 51.62
CA MET F 525 37.18 -50.27 52.32
C MET F 525 37.15 -48.84 51.79
N GLY F 526 37.10 -48.72 50.47
CA GLY F 526 37.01 -47.43 49.83
C GLY F 526 35.74 -47.24 48.99
N GLU F 527 34.62 -47.73 49.50
CA GLU F 527 33.36 -47.65 48.77
C GLU F 527 32.76 -46.24 48.86
N ASP F 528 32.01 -45.88 47.83
CA ASP F 528 31.41 -44.56 47.70
C ASP F 528 29.92 -44.69 47.42
N ASN F 529 29.23 -43.54 47.47
CA ASN F 529 27.81 -43.44 47.14
C ASN F 529 26.95 -44.30 48.06
N GLY F 530 27.05 -44.04 49.36
CA GLY F 530 26.19 -44.68 50.34
C GLY F 530 26.32 -46.19 50.38
N SER F 531 27.54 -46.71 50.26
CA SER F 531 27.78 -48.14 50.28
C SER F 531 28.46 -48.60 51.56
N SER F 532 29.58 -47.99 51.92
CA SER F 532 30.28 -48.28 53.16
C SER F 532 30.18 -47.10 54.11
N THR F 533 30.66 -47.31 55.34
CA THR F 533 30.60 -46.25 56.35
C THR F 533 31.46 -45.07 55.96
N HIS F 534 32.65 -45.32 55.40
CA HIS F 534 33.57 -44.27 54.99
C HIS F 534 33.17 -43.82 53.58
N ARG F 535 32.20 -42.90 53.52
CA ARG F 535 31.67 -42.47 52.24
C ARG F 535 32.68 -41.64 51.45
N GLU F 536 33.35 -40.69 52.12
CA GLU F 536 34.33 -39.84 51.47
C GLU F 536 35.52 -40.69 51.05
N VAL F 537 35.80 -40.74 49.75
CA VAL F 537 36.84 -41.60 49.18
C VAL F 537 37.90 -40.72 48.54
N GLU F 538 39.15 -40.97 48.92
CA GLU F 538 40.29 -40.22 48.40
C GLU F 538 41.35 -41.16 47.84
N ILE F 539 42.55 -40.63 47.59
CA ILE F 539 43.68 -41.38 47.03
C ILE F 539 43.85 -42.73 47.72
N ILE F 540 43.56 -42.77 49.03
CA ILE F 540 43.63 -43.96 49.89
C ILE F 540 44.90 -44.75 49.61
N THR F 541 45.98 -44.03 49.32
CA THR F 541 47.30 -44.62 49.09
C THR F 541 48.34 -44.19 50.11
N ALA F 542 48.28 -42.94 50.57
CA ALA F 542 49.17 -42.44 51.60
C ALA F 542 48.44 -42.14 52.90
N SER F 543 47.32 -41.42 52.85
CA SER F 543 46.46 -41.15 54.00
C SER F 543 47.23 -40.42 55.10
N VAL F 544 47.69 -39.22 54.78
CA VAL F 544 48.39 -38.36 55.73
C VAL F 544 47.44 -37.99 56.86
N VAL F 545 47.72 -38.50 58.07
CA VAL F 545 46.86 -38.31 59.23
C VAL F 545 47.74 -38.02 60.44
N LEU F 546 47.36 -37.02 61.23
CA LEU F 546 48.00 -36.73 62.51
C LEU F 546 46.95 -36.82 63.61
N ASP F 547 47.29 -37.49 64.70
CA ASP F 547 46.37 -37.75 65.79
C ASP F 547 46.64 -36.77 66.94
N THR F 548 45.99 -37.01 68.08
CA THR F 548 46.15 -36.19 69.29
C THR F 548 45.81 -34.72 69.03
N ALA F 549 44.65 -34.50 68.40
CA ALA F 549 44.14 -33.16 68.12
C ALA F 549 42.66 -33.07 68.48
N THR F 550 42.31 -33.57 69.65
CA THR F 550 40.92 -33.53 70.11
C THR F 550 40.55 -32.10 70.49
N VAL F 551 39.46 -31.59 69.90
CA VAL F 551 38.98 -30.24 70.17
C VAL F 551 37.48 -30.32 70.47
N LYS F 552 36.98 -29.26 71.10
CA LYS F 552 35.58 -29.19 71.49
C LYS F 552 34.83 -28.27 70.52
N ALA F 553 33.53 -28.13 70.74
CA ALA F 553 32.67 -27.29 69.91
C ALA F 553 31.74 -26.46 70.78
N GLU F 554 32.27 -25.89 71.86
CA GLU F 554 31.47 -25.07 72.74
C GLU F 554 31.25 -23.68 72.15
N ALA F 555 30.29 -22.96 72.72
CA ALA F 555 29.94 -21.61 72.29
C ALA F 555 30.10 -20.61 73.44
N SER F 556 31.05 -20.86 74.33
CA SER F 556 31.28 -20.02 75.49
C SER F 556 32.62 -19.31 75.36
N GLN F 557 32.83 -18.32 76.23
CA GLN F 557 34.05 -17.50 76.24
C GLN F 557 34.29 -16.87 74.87
N GLY F 558 33.21 -16.43 74.22
CA GLY F 558 33.28 -15.89 72.89
C GLY F 558 32.32 -16.58 71.96
N ARG F 559 32.82 -17.11 70.85
CA ARG F 559 31.98 -17.89 69.95
C ARG F 559 32.55 -19.26 69.64
N GLU F 560 33.88 -19.39 69.55
CA GLU F 560 34.52 -20.68 69.31
C GLU F 560 35.81 -20.81 70.10
N HIS F 561 35.91 -20.16 71.26
CA HIS F 561 37.12 -20.16 72.07
C HIS F 561 37.00 -21.21 73.17
N TYR F 562 37.99 -22.10 73.24
CA TYR F 562 38.01 -23.16 74.25
C TYR F 562 39.44 -23.63 74.43
N VAL F 563 39.67 -24.33 75.54
CA VAL F 563 40.99 -24.84 75.87
C VAL F 563 41.22 -26.13 75.09
N ILE F 564 42.39 -26.24 74.45
CA ILE F 564 42.77 -27.41 73.67
C ILE F 564 43.94 -28.09 74.38
N GLU F 565 43.78 -29.37 74.70
CA GLU F 565 44.82 -30.13 75.39
C GLU F 565 45.71 -30.82 74.36
N THR F 566 46.57 -30.00 73.73
CA THR F 566 47.50 -30.49 72.73
C THR F 566 48.73 -31.10 73.42
N LYS F 567 49.78 -31.36 72.65
CA LYS F 567 51.01 -31.90 73.22
C LYS F 567 51.63 -30.92 74.22
N GLY F 568 51.65 -29.64 73.87
CA GLY F 568 52.19 -28.63 74.77
C GLY F 568 51.23 -28.14 75.83
N GLY F 569 49.99 -28.58 75.80
CA GLY F 569 49.00 -28.13 76.78
C GLY F 569 48.70 -26.65 76.70
N GLN F 570 48.62 -26.10 75.48
CA GLN F 570 48.39 -24.69 75.26
C GLN F 570 47.31 -24.50 74.21
N ARG F 571 46.63 -23.36 74.28
CA ARG F 571 45.56 -23.05 73.34
C ARG F 571 46.16 -22.72 71.98
N PHE F 572 46.02 -23.65 71.03
CA PHE F 572 46.46 -23.43 69.67
C PHE F 572 45.35 -22.74 68.87
N ASN F 573 45.70 -21.65 68.20
CA ASN F 573 44.73 -20.85 67.47
C ASN F 573 44.40 -21.55 66.16
N LEU F 574 43.17 -22.07 66.06
CA LEU F 574 42.71 -22.73 64.84
C LEU F 574 42.14 -21.66 63.90
N LEU F 575 43.06 -20.88 63.33
CA LEU F 575 42.68 -19.81 62.40
C LEU F 575 42.44 -20.31 60.98
N ALA F 576 42.72 -21.59 60.70
CA ALA F 576 42.47 -22.17 59.39
C ALA F 576 41.18 -22.99 59.47
N ALA F 577 40.06 -22.31 59.26
CA ALA F 577 38.75 -22.92 59.34
C ALA F 577 38.12 -23.02 57.95
N PRO F 578 37.28 -24.01 57.70
CA PRO F 578 36.61 -24.10 56.39
C PRO F 578 35.71 -22.90 56.15
N GLY F 579 35.66 -22.48 54.89
CA GLY F 579 34.86 -21.34 54.50
C GLY F 579 35.50 -19.99 54.74
N THR F 580 36.73 -19.95 55.27
CA THR F 580 37.43 -18.71 55.56
C THR F 580 38.39 -18.30 54.45
N LYS F 581 38.46 -19.06 53.36
CA LYS F 581 39.35 -18.77 52.23
C LYS F 581 40.80 -18.67 52.69
N VAL F 582 41.30 -19.79 53.22
CA VAL F 582 42.69 -19.83 53.69
C VAL F 582 43.63 -19.86 52.50
N THR F 583 44.87 -19.46 52.74
CA THR F 583 45.91 -19.43 51.72
C THR F 583 47.11 -20.26 52.16
N THR F 584 47.97 -20.57 51.19
CA THR F 584 49.19 -21.31 51.50
C THR F 584 50.11 -20.45 52.35
N GLY F 585 50.59 -21.02 53.45
CA GLY F 585 51.39 -20.26 54.39
C GLY F 585 50.61 -19.17 55.10
N HIS F 586 49.36 -19.42 55.46
CA HIS F 586 48.57 -18.45 56.19
C HIS F 586 49.05 -18.34 57.63
N VAL F 587 48.64 -17.27 58.29
CA VAL F 587 49.06 -17.01 59.67
C VAL F 587 48.13 -17.75 60.61
N VAL F 588 48.42 -19.02 60.86
CA VAL F 588 47.58 -19.86 61.72
C VAL F 588 48.45 -20.46 62.81
N ALA F 589 49.76 -20.56 62.55
CA ALA F 589 50.70 -21.16 63.50
C ALA F 589 50.94 -20.32 64.74
N GLU F 590 50.26 -19.19 64.90
CA GLU F 590 50.48 -18.35 66.07
C GLU F 590 49.88 -18.98 67.32
N LEU F 591 50.62 -18.90 68.42
CA LEU F 591 50.16 -19.33 69.73
C LEU F 591 49.61 -18.13 70.49
N ILE F 592 49.32 -18.32 71.77
CA ILE F 592 48.81 -17.27 72.64
C ILE F 592 49.98 -16.67 73.39
N ASP F 593 50.16 -15.35 73.29
CA ASP F 593 51.23 -14.63 73.96
C ASP F 593 50.60 -13.75 75.04
N SER F 594 50.65 -14.22 76.28
CA SER F 594 50.04 -13.52 77.41
C SER F 594 51.06 -12.76 78.23
N ARG F 595 52.08 -13.45 78.75
CA ARG F 595 53.06 -12.86 79.65
C ARG F 595 54.50 -12.95 79.17
N TYR F 596 54.78 -13.73 78.13
CA TYR F 596 56.13 -13.82 77.57
C TYR F 596 56.32 -12.91 76.37
N ARG F 597 55.45 -11.92 76.20
CA ARG F 597 55.54 -10.98 75.09
C ARG F 597 56.55 -9.89 75.42
N THR F 598 57.48 -9.65 74.49
CA THR F 598 58.48 -8.61 74.67
C THR F 598 57.81 -7.24 74.65
N GLN F 599 57.72 -6.61 75.82
CA GLN F 599 57.02 -5.33 75.94
C GLN F 599 57.68 -4.25 75.10
N THR F 600 58.94 -3.90 75.44
CA THR F 600 59.67 -2.94 74.62
C THR F 600 60.24 -3.59 73.37
N GLY F 601 60.65 -4.86 73.46
CA GLY F 601 61.18 -5.58 72.33
C GLY F 601 62.59 -5.17 71.97
N GLY F 602 63.07 -5.74 70.86
CA GLY F 602 64.40 -5.45 70.37
C GLY F 602 64.41 -5.12 68.89
N LEU F 603 64.93 -3.95 68.54
CA LEU F 603 64.97 -3.55 67.14
C LEU F 603 65.98 -4.37 66.35
N LEU F 604 65.88 -4.30 65.03
CA LEU F 604 66.72 -5.07 64.14
C LEU F 604 67.98 -4.28 63.80
N LYS F 605 69.13 -4.92 63.90
CA LYS F 605 70.42 -4.32 63.60
C LYS F 605 71.11 -5.08 62.48
N TYR F 606 72.21 -4.52 61.99
CA TYR F 606 73.04 -5.11 60.96
C TYR F 606 74.49 -5.16 61.39
N SER F 607 74.73 -5.41 62.67
CA SER F 607 76.09 -5.40 63.21
C SER F 607 76.72 -6.78 63.23
N GLY F 608 76.09 -7.74 63.92
CA GLY F 608 76.68 -9.05 64.08
C GLY F 608 75.82 -10.19 63.57
N VAL F 609 75.12 -9.97 62.45
CA VAL F 609 74.30 -11.02 61.87
C VAL F 609 75.20 -12.03 61.16
N GLU F 610 74.99 -13.31 61.45
CA GLU F 610 75.76 -14.39 60.85
C GLU F 610 74.91 -15.10 59.80
N ILE F 611 75.45 -15.23 58.59
CA ILE F 611 74.76 -15.90 57.50
C ILE F 611 75.73 -16.89 56.84
N SER F 612 75.17 -17.97 56.30
CA SER F 612 75.94 -18.96 55.55
C SER F 612 75.51 -19.03 54.10
N LYS F 613 74.21 -19.20 53.84
CA LYS F 613 73.69 -19.23 52.48
C LYS F 613 72.46 -18.34 52.29
N LYS F 614 71.97 -17.70 53.34
CA LYS F 614 70.73 -16.92 53.28
C LYS F 614 71.04 -15.42 53.32
N GLY F 615 69.99 -14.64 53.12
CA GLY F 615 70.12 -13.20 53.13
C GLY F 615 68.77 -12.52 53.06
N ARG F 616 68.80 -11.22 52.75
CA ARG F 616 67.59 -10.45 52.58
C ARG F 616 67.40 -9.98 51.13
N ALA F 617 67.97 -10.71 50.18
CA ALA F 617 67.88 -10.33 48.77
C ALA F 617 66.44 -10.47 48.29
N LYS F 618 65.93 -9.42 47.65
CA LYS F 618 64.57 -9.36 47.11
C LYS F 618 63.60 -9.63 48.26
N ALA F 619 62.65 -10.54 48.13
CA ALA F 619 61.66 -10.82 49.16
C ALA F 619 62.06 -12.10 49.89
N LYS F 620 62.84 -11.96 50.96
CA LYS F 620 63.23 -13.08 51.80
C LYS F 620 62.52 -13.05 53.16
N GLN F 621 61.52 -12.18 53.32
CA GLN F 621 60.80 -12.03 54.59
C GLN F 621 61.76 -11.80 55.75
N GLY F 622 62.68 -10.85 55.57
CA GLY F 622 63.61 -10.50 56.62
C GLY F 622 64.71 -11.53 56.81
N TYR F 623 65.42 -11.36 57.92
CA TYR F 623 66.56 -12.23 58.27
C TYR F 623 66.05 -13.45 59.01
N GLU F 624 66.04 -14.59 58.33
CA GLU F 624 65.74 -15.87 58.96
C GLU F 624 67.06 -16.56 59.32
N VAL F 625 67.23 -16.84 60.61
CA VAL F 625 68.45 -17.47 61.12
C VAL F 625 68.06 -18.70 61.92
N THR F 626 68.78 -19.80 61.67
CA THR F 626 68.56 -21.04 62.41
C THR F 626 69.23 -21.02 63.78
N LYS F 627 70.45 -20.48 63.87
CA LYS F 627 71.15 -20.43 65.14
C LYS F 627 70.49 -19.45 66.10
N GLY F 628 70.08 -18.29 65.60
CA GLY F 628 69.47 -17.27 66.44
C GLY F 628 70.43 -16.15 66.77
N GLY F 629 70.29 -15.01 66.09
CA GLY F 629 71.16 -13.89 66.34
C GLY F 629 70.89 -13.25 67.69
N THR F 630 71.97 -12.78 68.32
CA THR F 630 71.88 -12.13 69.64
C THR F 630 71.75 -10.63 69.41
N LEU F 631 70.53 -10.10 69.56
CA LEU F 631 70.26 -8.69 69.41
C LEU F 631 70.05 -8.05 70.77
N LEU F 632 70.62 -6.86 70.96
CA LEU F 632 70.55 -6.18 72.23
C LEU F 632 69.11 -5.75 72.50
N TRP F 633 68.65 -5.99 73.73
CA TRP F 633 67.30 -5.64 74.15
C TRP F 633 67.30 -4.21 74.70
N ILE F 634 66.62 -3.31 74.01
CA ILE F 634 66.57 -1.90 74.39
C ILE F 634 65.21 -1.65 75.04
N PRO F 635 65.16 -1.38 76.35
CA PRO F 635 63.89 -1.06 77.03
C PRO F 635 63.62 0.45 77.04
N GLU F 636 63.52 1.04 75.86
CA GLU F 636 63.32 2.48 75.71
C GLU F 636 61.83 2.76 75.53
N GLU F 637 61.19 3.28 76.58
CA GLU F 637 59.81 3.75 76.49
C GLU F 637 59.79 5.26 76.23
N THR F 638 60.45 5.64 75.13
CA THR F 638 60.55 7.03 74.70
C THR F 638 59.70 7.19 73.45
N HIS F 639 58.64 7.99 73.55
CA HIS F 639 57.70 8.18 72.46
C HIS F 639 57.48 9.66 72.20
N GLU F 640 57.08 9.97 70.98
CA GLU F 640 56.88 11.36 70.55
C GLU F 640 55.47 11.82 70.94
N VAL F 641 55.25 11.91 72.25
CA VAL F 641 53.97 12.36 72.80
C VAL F 641 54.08 13.87 72.98
N ASN F 642 53.70 14.61 71.94
CA ASN F 642 53.77 16.06 71.94
C ASN F 642 52.65 16.62 72.80
N LYS F 643 52.96 16.86 74.08
CA LYS F 643 51.99 17.47 74.97
C LYS F 643 51.81 18.94 74.64
N ASP F 644 50.61 19.45 74.95
CA ASP F 644 50.29 20.86 74.72
C ASP F 644 50.79 21.67 75.90
N ILE F 645 52.01 22.22 75.78
CA ILE F 645 52.60 23.00 76.86
C ILE F 645 51.91 24.35 77.06
N SER F 646 51.08 24.78 76.11
CA SER F 646 50.39 26.05 76.25
C SER F 646 49.38 26.02 77.39
N LEU F 647 48.75 24.87 77.64
CA LEU F 647 47.76 24.74 78.69
C LEU F 647 48.34 24.16 79.97
N LEU F 648 48.96 22.98 79.89
CA LEU F 648 49.57 22.34 81.05
C LEU F 648 51.06 22.67 81.05
N ASN F 649 51.37 23.88 81.51
CA ASN F 649 52.76 24.30 81.62
C ASN F 649 53.48 23.50 82.69
N VAL F 650 54.77 23.27 82.48
CA VAL F 650 55.60 22.48 83.37
C VAL F 650 56.59 23.41 84.04
N GLU F 651 56.57 23.43 85.38
CA GLU F 651 57.50 24.27 86.13
C GLU F 651 58.87 23.60 86.25
N ASP F 652 58.91 22.42 86.87
CA ASP F 652 60.14 21.63 86.98
C ASP F 652 60.03 20.31 86.26
N GLY F 653 59.02 19.50 86.57
CA GLY F 653 58.85 18.21 85.92
C GLY F 653 59.98 17.25 86.13
N GLN F 654 60.70 17.37 87.24
CA GLN F 654 61.83 16.47 87.49
C GLN F 654 61.37 15.06 87.82
N LEU F 655 60.30 14.93 88.61
CA LEU F 655 59.77 13.63 89.01
C LEU F 655 58.98 13.05 87.84
N VAL F 656 59.69 12.34 86.96
CA VAL F 656 59.07 11.69 85.81
C VAL F 656 58.87 10.23 86.20
N GLU F 657 57.69 9.93 86.74
CA GLU F 657 57.38 8.58 87.21
C GLU F 657 56.21 7.95 86.47
N ALA F 658 55.09 8.67 86.33
CA ALA F 658 53.88 8.12 85.75
C ALA F 658 53.60 8.67 84.36
N GLY F 659 53.52 9.97 84.21
CA GLY F 659 53.19 10.57 82.93
C GLY F 659 52.55 11.93 83.12
N THR F 660 52.31 12.60 81.99
CA THR F 660 51.72 13.94 82.03
C THR F 660 50.19 13.90 82.02
N GLU F 661 49.60 13.37 80.95
CA GLU F 661 48.14 13.36 80.78
C GLU F 661 47.68 12.02 80.22
N VAL F 662 48.10 10.91 80.84
CA VAL F 662 47.83 9.59 80.26
C VAL F 662 46.33 9.35 80.16
N VAL F 663 45.62 9.30 81.30
CA VAL F 663 44.16 9.21 81.19
C VAL F 663 43.46 10.32 81.97
N LYS F 664 43.47 10.26 83.31
CA LYS F 664 43.02 11.42 84.06
C LYS F 664 44.00 11.87 85.14
N ASP F 665 44.28 10.98 86.11
CA ASP F 665 45.19 11.29 87.21
C ASP F 665 46.28 10.22 87.34
N ILE F 666 45.87 8.96 87.36
CA ILE F 666 46.79 7.84 87.56
C ILE F 666 47.33 7.46 86.19
N PHE F 667 48.54 7.91 85.88
CA PHE F 667 49.09 7.70 84.55
C PHE F 667 49.71 6.32 84.41
N CYS F 668 50.78 6.06 85.14
CA CYS F 668 51.39 4.74 85.20
C CYS F 668 51.65 4.27 86.63
N GLN F 669 52.03 5.19 87.51
CA GLN F 669 52.40 4.89 88.89
C GLN F 669 52.03 6.11 89.73
N THR F 670 52.64 6.22 90.92
CA THR F 670 52.46 7.40 91.75
C THR F 670 52.66 8.67 90.92
N THR F 671 51.93 9.73 91.31
CA THR F 671 51.85 10.93 90.49
C THR F 671 53.23 11.52 90.21
N GLY F 672 53.59 11.54 88.93
CA GLY F 672 54.83 12.14 88.49
C GLY F 672 54.70 12.80 87.13
N ILE F 673 55.12 14.05 87.02
CA ILE F 673 54.93 14.85 85.82
C ILE F 673 56.20 14.84 84.99
N VAL F 674 56.05 14.57 83.68
CA VAL F 674 57.20 14.58 82.79
C VAL F 674 57.66 16.01 82.54
N SER F 675 58.94 16.16 82.22
CA SER F 675 59.55 17.47 82.00
C SER F 675 59.32 18.01 80.60
N VAL F 676 58.60 17.26 79.75
CA VAL F 676 58.30 17.61 78.36
C VAL F 676 59.52 18.23 77.68
N THR F 677 60.55 17.42 77.47
CA THR F 677 61.79 17.90 76.87
C THR F 677 61.53 18.49 75.49
N GLN F 678 62.13 19.65 75.23
CA GLN F 678 61.94 20.40 74.00
C GLN F 678 63.29 20.66 73.34
N ASN F 679 63.27 21.46 72.27
CA ASN F 679 64.46 21.82 71.54
C ASN F 679 64.34 23.28 71.12
N ASN F 680 65.22 23.71 70.22
CA ASN F 680 65.25 25.10 69.75
C ASN F 680 64.05 25.34 68.84
N ASP F 681 62.97 25.88 69.41
CA ASP F 681 61.71 26.22 68.76
C ASP F 681 60.95 25.00 68.27
N ILE F 682 61.47 23.79 68.46
CA ILE F 682 60.80 22.55 68.11
C ILE F 682 60.87 21.60 69.30
N LEU F 683 60.34 20.40 69.12
CA LEU F 683 60.34 19.37 70.15
C LEU F 683 61.28 18.25 69.76
N ARG F 684 61.54 17.36 70.72
CA ARG F 684 62.45 16.24 70.53
C ARG F 684 61.84 15.00 71.19
N GLU F 685 62.65 13.96 71.32
CA GLU F 685 62.21 12.75 71.99
C GLU F 685 62.02 13.00 73.48
N ILE F 686 60.91 12.54 74.03
CA ILE F 686 60.56 12.75 75.42
C ILE F 686 60.52 11.40 76.12
N VAL F 687 61.26 11.27 77.22
CA VAL F 687 61.32 10.02 77.96
C VAL F 687 60.08 9.90 78.85
N ILE F 688 59.34 8.81 78.67
CA ILE F 688 58.16 8.55 79.47
C ILE F 688 58.40 7.47 80.51
N LYS F 689 59.39 6.60 80.32
CA LYS F 689 59.70 5.57 81.30
C LYS F 689 60.10 6.22 82.63
N PRO F 690 59.73 5.63 83.76
CA PRO F 690 60.03 6.27 85.06
C PRO F 690 61.51 6.52 85.28
N GLY F 691 62.38 5.59 84.86
CA GLY F 691 63.80 5.82 85.00
C GLY F 691 64.25 5.82 86.45
N ASP F 692 65.48 6.29 86.64
CA ASP F 692 66.07 6.42 87.97
C ASP F 692 67.18 7.46 87.91
N VAL F 693 67.42 8.12 89.03
CA VAL F 693 68.45 9.14 89.12
C VAL F 693 69.80 8.44 89.26
N HIS F 694 70.63 8.54 88.23
CA HIS F 694 71.93 7.89 88.20
C HIS F 694 72.98 8.85 87.64
N VAL F 695 72.97 10.08 88.14
CA VAL F 695 73.83 11.15 87.65
C VAL F 695 75.19 11.09 88.34
N LEU F 696 75.45 9.98 89.02
CA LEU F 696 76.64 9.84 89.86
C LEU F 696 77.93 10.09 89.09
N ASP F 697 78.26 9.23 88.13
CA ASP F 697 79.52 9.37 87.40
C ASP F 697 79.54 8.44 86.20
N ASP F 698 80.16 8.90 85.11
CA ASP F 698 80.52 8.09 83.95
C ASP F 698 79.38 7.24 83.42
N PRO F 699 78.38 7.85 82.76
CA PRO F 699 77.29 7.05 82.19
C PRO F 699 77.73 6.16 81.05
N ASP F 700 78.46 6.73 80.08
CA ASP F 700 78.88 5.99 78.90
C ASP F 700 80.38 5.71 78.85
N THR F 701 81.18 6.33 79.71
CA THR F 701 82.63 6.14 79.73
C THR F 701 83.07 5.53 81.05
N ALA F 702 82.26 4.63 81.60
CA ALA F 702 82.60 3.97 82.85
C ALA F 702 83.62 2.85 82.61
N ALA F 703 83.99 2.16 83.69
CA ALA F 703 84.92 1.05 83.56
C ALA F 703 84.32 -0.09 82.73
N LYS F 704 83.04 -0.40 82.97
CA LYS F 704 82.38 -1.45 82.22
C LYS F 704 81.97 -1.02 80.82
N TYR F 705 81.84 0.28 80.57
CA TYR F 705 81.38 0.79 79.28
C TYR F 705 82.60 1.05 78.40
N ASP F 706 83.03 0.02 77.68
CA ASP F 706 84.13 0.12 76.74
C ASP F 706 83.73 -0.50 75.41
N GLU F 707 84.22 0.08 74.31
CA GLU F 707 83.90 -0.37 72.96
C GLU F 707 82.39 -0.46 72.76
N GLY F 708 81.75 0.70 72.89
CA GLY F 708 80.29 0.77 72.79
C GLY F 708 79.63 0.61 74.16
N ARG F 709 78.89 -0.50 74.33
CA ARG F 709 78.22 -0.80 75.59
C ARG F 709 78.92 -1.90 76.37
N LEU F 710 79.08 -3.07 75.77
CA LEU F 710 79.76 -4.22 76.37
C LEU F 710 79.25 -4.49 77.78
N VAL F 711 77.94 -4.69 77.89
CA VAL F 711 77.31 -4.96 79.18
C VAL F 711 77.47 -6.44 79.51
N ASN F 712 78.01 -6.72 80.69
CA ASN F 712 78.25 -8.09 81.14
C ASN F 712 77.34 -8.39 82.32
N ALA F 713 76.59 -9.48 82.22
CA ALA F 713 75.66 -9.85 83.30
C ALA F 713 76.41 -10.18 84.59
N GLY F 714 77.52 -10.91 84.48
CA GLY F 714 78.26 -11.33 85.66
C GLY F 714 78.97 -10.20 86.36
N GLU F 715 79.97 -9.61 85.70
CA GLU F 715 80.74 -8.54 86.32
C GLU F 715 79.94 -7.25 86.36
N GLU F 716 80.11 -6.50 87.45
CA GLU F 716 79.43 -5.24 87.65
C GLU F 716 80.33 -4.07 87.25
N VAL F 717 79.83 -2.85 87.46
CA VAL F 717 80.62 -1.66 87.19
C VAL F 717 81.75 -1.51 88.19
N PHE F 718 81.67 -2.22 89.32
CA PHE F 718 82.68 -2.15 90.38
C PHE F 718 82.54 -3.41 91.24
N PRO F 719 83.65 -4.08 91.56
CA PRO F 719 83.56 -5.30 92.37
C PRO F 719 82.95 -5.03 93.73
N GLY F 720 81.77 -5.60 93.97
CA GLY F 720 81.04 -5.38 95.20
C GLY F 720 79.68 -4.73 95.02
N LEU F 721 79.25 -4.45 93.79
CA LEU F 721 77.96 -3.83 93.55
C LEU F 721 76.83 -4.84 93.71
N THR F 722 75.61 -4.34 93.81
CA THR F 722 74.45 -5.19 94.01
C THR F 722 74.13 -5.94 92.73
N ALA F 723 74.19 -7.27 92.79
CA ALA F 723 73.89 -8.15 91.66
C ALA F 723 72.76 -9.11 92.01
N GLU F 724 71.71 -8.58 92.64
CA GLU F 724 70.59 -9.43 93.06
C GLU F 724 69.88 -10.04 91.86
N GLN F 725 69.61 -9.24 90.83
CA GLN F 725 68.93 -9.72 89.63
C GLN F 725 69.76 -9.54 88.38
N LEU F 726 70.27 -8.33 88.13
CA LEU F 726 71.06 -8.05 86.93
C LEU F 726 71.75 -6.70 87.12
N VAL F 727 72.65 -6.39 86.19
CA VAL F 727 73.41 -5.14 86.24
C VAL F 727 73.36 -4.46 84.88
N TRP F 728 72.50 -4.96 83.99
CA TRP F 728 72.37 -4.38 82.66
C TRP F 728 71.92 -2.92 82.74
N ALA F 729 72.53 -2.07 81.92
CA ALA F 729 72.28 -0.63 81.93
C ALA F 729 71.98 -0.15 80.52
N GLU F 730 71.49 1.08 80.43
CA GLU F 730 71.12 1.70 79.16
C GLU F 730 72.12 2.81 78.84
N ALA F 731 72.67 2.77 77.62
CA ALA F 731 73.63 3.79 77.21
C ALA F 731 72.95 5.12 76.91
N VAL F 732 71.75 5.08 76.32
CA VAL F 732 71.07 6.30 75.93
C VAL F 732 70.54 7.02 77.17
N ASP F 733 70.85 8.30 77.29
CA ASP F 733 70.43 9.11 78.43
C ASP F 733 69.26 10.02 78.15
N GLY F 734 69.16 10.58 76.94
CA GLY F 734 68.11 11.53 76.64
C GLY F 734 68.48 12.96 77.01
N THR F 735 67.91 13.44 78.12
CA THR F 735 68.19 14.80 78.58
C THR F 735 68.48 14.80 80.08
N ASP F 736 68.57 15.99 80.67
CA ASP F 736 68.78 16.18 82.10
C ASP F 736 70.10 15.55 82.55
N GLY F 737 71.19 16.03 81.94
CA GLY F 737 72.52 15.65 82.34
C GLY F 737 72.86 14.21 81.99
N PRO F 738 73.94 13.71 82.57
CA PRO F 738 74.38 12.32 82.30
C PRO F 738 73.59 11.29 83.11
N LEU F 739 72.31 11.13 82.75
CA LEU F 739 71.45 10.18 83.45
C LEU F 739 71.69 8.78 82.91
N LEU F 740 72.27 7.91 83.75
CA LEU F 740 72.65 6.57 83.30
C LEU F 740 71.44 5.70 82.95
N LEU F 741 70.35 5.81 83.71
CA LEU F 741 69.12 5.06 83.44
C LEU F 741 69.39 3.55 83.48
N LEU F 742 69.70 3.09 84.69
CA LEU F 742 69.94 1.67 84.95
C LEU F 742 68.72 0.85 84.55
N ARG F 743 68.83 0.03 83.51
CA ARG F 743 67.71 -0.75 82.98
C ARG F 743 68.07 -2.22 82.89
N PRO F 744 67.62 -3.03 83.84
CA PRO F 744 67.80 -4.48 83.70
C PRO F 744 67.05 -5.01 82.48
N VAL F 745 67.63 -6.02 81.84
CA VAL F 745 67.09 -6.58 80.61
C VAL F 745 66.38 -7.89 80.95
N GLN F 746 65.11 -8.00 80.55
CA GLN F 746 64.31 -9.20 80.78
C GLN F 746 64.20 -9.97 79.48
N GLU F 747 64.53 -11.26 79.53
CA GLU F 747 64.50 -12.13 78.36
C GLU F 747 63.60 -13.33 78.64
N LEU F 748 63.33 -14.09 77.57
CA LEU F 748 62.49 -15.28 77.68
C LEU F 748 63.21 -16.36 78.48
N VAL F 749 62.42 -17.22 79.12
CA VAL F 749 62.99 -18.26 79.98
C VAL F 749 63.84 -19.23 79.17
N ILE F 750 63.24 -19.81 78.12
CA ILE F 750 63.89 -20.82 77.27
C ILE F 750 64.53 -21.89 78.14
N PRO F 751 63.75 -22.72 78.85
CA PRO F 751 64.35 -23.74 79.72
C PRO F 751 65.06 -24.82 78.92
N ASP F 752 64.39 -25.35 77.91
CA ASP F 752 64.95 -26.41 77.08
C ASP F 752 64.17 -26.46 75.77
N GLU F 753 64.43 -27.49 74.97
CA GLU F 753 63.74 -27.64 73.70
C GLU F 753 62.31 -28.12 73.93
N PRO F 754 61.31 -27.45 73.36
CA PRO F 754 59.94 -27.90 73.54
C PRO F 754 59.72 -29.24 72.86
N PRO F 755 58.74 -30.02 73.31
CA PRO F 755 58.46 -31.32 72.65
C PRO F 755 58.06 -31.12 71.20
N VAL F 756 58.90 -31.62 70.30
CA VAL F 756 58.64 -31.49 68.87
C VAL F 756 57.46 -32.37 68.49
N PRO F 757 56.44 -31.85 67.82
CA PRO F 757 55.30 -32.69 67.42
C PRO F 757 55.73 -33.79 66.46
N SER F 758 55.08 -34.94 66.59
CA SER F 758 55.34 -36.08 65.71
C SER F 758 54.69 -35.80 64.36
N GLN F 759 55.50 -35.46 63.36
CA GLN F 759 55.02 -35.05 62.06
C GLN F 759 55.58 -35.93 60.94
N ASP F 760 55.58 -37.25 61.15
CA ASP F 760 56.08 -38.21 60.16
C ASP F 760 55.01 -39.28 59.97
N SER F 761 54.12 -39.07 59.02
CA SER F 761 53.07 -40.02 58.70
C SER F 761 53.53 -40.91 57.54
N SER F 762 52.61 -41.69 56.98
CA SER F 762 52.92 -42.63 55.90
C SER F 762 53.11 -41.86 54.59
N GLN F 763 54.30 -41.27 54.46
CA GLN F 763 54.66 -40.52 53.26
C GLN F 763 55.47 -41.38 52.29
N GLU F 764 54.89 -42.51 51.90
CA GLU F 764 55.56 -43.43 50.98
C GLU F 764 54.94 -43.45 49.60
N SER F 765 53.82 -42.77 49.38
CA SER F 765 53.11 -42.81 48.11
C SER F 765 53.44 -41.54 47.31
N SER F 766 54.31 -41.68 46.31
CA SER F 766 54.65 -40.59 45.40
C SER F 766 55.18 -39.36 46.14
N SER F 767 55.94 -39.61 47.22
CA SER F 767 56.58 -38.54 47.99
C SER F 767 55.57 -37.49 48.45
N ARG F 768 54.42 -37.96 48.93
CA ARG F 768 53.33 -37.07 49.36
C ARG F 768 53.51 -36.78 50.85
N SER F 769 54.07 -35.61 51.14
CA SER F 769 54.31 -35.16 52.51
C SER F 769 53.57 -33.83 52.72
N ILE F 770 52.53 -33.86 53.54
CA ILE F 770 51.79 -32.66 53.90
C ILE F 770 51.93 -32.47 55.41
N ARG F 771 52.98 -31.77 55.81
CA ARG F 771 53.34 -31.57 57.21
C ARG F 771 53.83 -30.14 57.42
N LEU F 772 53.93 -29.76 58.69
CA LEU F 772 54.34 -28.43 59.09
C LEU F 772 55.83 -28.41 59.42
N ARG F 773 56.46 -27.26 59.16
CA ARG F 773 57.88 -27.08 59.41
C ARG F 773 58.08 -26.49 60.81
N ALA F 774 59.31 -26.08 61.11
CA ALA F 774 59.66 -25.53 62.42
C ALA F 774 60.47 -24.25 62.27
N VAL F 775 60.01 -23.36 61.38
CA VAL F 775 60.66 -22.08 61.16
C VAL F 775 59.76 -20.97 61.66
N GLN F 776 60.37 -19.82 61.96
CA GLN F 776 59.65 -18.67 62.48
C GLN F 776 59.79 -17.41 61.63
N ARG F 777 60.83 -17.31 60.81
CA ARG F 777 61.04 -16.20 59.86
C ARG F 777 61.14 -14.89 60.65
N LEU F 778 60.78 -13.77 60.04
CA LEU F 778 60.94 -12.46 60.65
C LEU F 778 59.99 -11.50 59.93
N GLN F 779 59.00 -10.97 60.64
CA GLN F 779 57.93 -10.21 60.00
C GLN F 779 57.74 -8.81 60.57
N PHE F 780 58.71 -8.27 61.32
CA PHE F 780 58.59 -6.92 61.90
C PHE F 780 59.96 -6.27 61.87
N GLN F 781 60.24 -5.50 60.81
CA GLN F 781 61.50 -4.79 60.74
C GLN F 781 61.37 -3.34 61.19
N ASP F 782 60.64 -2.53 60.44
CA ASP F 782 60.42 -1.14 60.82
C ASP F 782 58.94 -0.78 60.89
N GLY F 783 58.19 -1.10 59.83
CA GLY F 783 56.83 -0.64 59.69
C GLY F 783 55.78 -1.64 60.12
N GLU F 784 56.07 -2.93 59.93
CA GLU F 784 55.14 -3.95 60.39
C GLU F 784 55.03 -3.96 61.91
N ARG F 785 56.13 -3.68 62.60
CA ARG F 785 56.09 -3.49 64.04
C ARG F 785 55.55 -2.09 64.35
N ILE F 786 54.61 -2.01 65.28
CA ILE F 786 53.99 -0.74 65.64
C ILE F 786 54.94 0.03 66.54
N LYS F 787 55.35 1.22 66.11
CA LYS F 787 56.26 2.07 66.88
C LYS F 787 55.42 2.94 67.81
N SER F 788 55.01 2.34 68.93
CA SER F 788 54.18 3.03 69.92
C SER F 788 54.33 2.29 71.26
N VAL F 789 53.55 2.76 72.24
CA VAL F 789 53.57 2.12 73.55
C VAL F 789 52.96 0.74 73.48
N GLU F 790 51.90 0.57 72.68
CA GLU F 790 51.24 -0.71 72.56
C GLU F 790 52.19 -1.77 72.01
N GLY F 791 52.07 -2.99 72.52
CA GLY F 791 52.94 -4.08 72.12
C GLY F 791 52.13 -5.24 71.55
N VAL F 792 52.69 -5.90 70.54
CA VAL F 792 52.07 -7.06 69.93
C VAL F 792 53.04 -8.22 69.99
N ASP F 793 52.64 -9.38 69.46
CA ASP F 793 53.50 -10.56 69.44
C ASP F 793 54.65 -10.33 68.47
N LEU F 794 55.81 -9.99 69.01
CA LEU F 794 57.00 -9.82 68.18
C LEU F 794 57.50 -11.17 67.69
N LEU F 795 58.13 -11.16 66.52
CA LEU F 795 58.66 -12.36 65.88
C LEU F 795 57.54 -13.39 65.66
N ARG F 796 56.59 -13.00 64.82
CA ARG F 796 55.40 -13.81 64.57
C ARG F 796 55.79 -15.20 64.11
N THR F 797 55.10 -16.21 64.67
CA THR F 797 55.38 -17.60 64.36
C THR F 797 54.71 -17.97 63.04
N GLN F 798 55.51 -18.27 62.02
CA GLN F 798 54.98 -18.65 60.72
C GLN F 798 55.96 -19.60 60.04
N LEU F 799 55.42 -20.70 59.51
CA LEU F 799 56.22 -21.69 58.79
C LEU F 799 55.87 -21.66 57.32
N VAL F 800 56.89 -21.60 56.48
CA VAL F 800 56.71 -21.55 55.03
C VAL F 800 56.72 -22.97 54.49
N LEU F 801 55.69 -23.33 53.75
CA LEU F 801 55.53 -24.69 53.23
C LEU F 801 55.79 -24.69 51.72
N GLU F 802 56.71 -25.55 51.28
CA GLU F 802 56.99 -25.74 49.87
C GLU F 802 56.84 -27.20 49.46
N SER F 803 56.12 -28.00 50.26
CA SER F 803 55.93 -29.40 49.93
C SER F 803 55.07 -29.55 48.69
N GLU F 804 55.49 -30.45 47.79
CA GLU F 804 54.78 -30.71 46.54
C GLU F 804 54.63 -29.43 45.72
N GLU F 805 55.77 -28.90 45.28
CA GLU F 805 55.79 -27.69 44.47
C GLU F 805 54.97 -27.89 43.20
N GLY F 806 54.18 -26.88 42.84
CA GLY F 806 53.25 -26.97 41.75
C GLY F 806 51.87 -27.45 42.13
N SER F 807 51.69 -27.94 43.37
CA SER F 807 50.39 -28.35 43.87
C SER F 807 50.11 -27.83 45.28
N SER F 808 51.01 -27.02 45.85
CA SER F 808 50.85 -26.46 47.18
C SER F 808 50.17 -25.10 47.16
N GLN F 809 49.61 -24.70 46.01
CA GLN F 809 48.93 -23.41 45.92
C GLN F 809 47.75 -23.34 46.88
N LEU F 810 46.96 -24.41 46.97
CA LEU F 810 45.85 -24.43 47.91
C LEU F 810 46.32 -24.79 49.31
N SER F 811 46.89 -25.96 49.48
CA SER F 811 47.43 -26.46 50.75
C SER F 811 46.39 -26.54 51.86
N ALA F 812 45.11 -26.34 51.54
CA ALA F 812 44.06 -26.42 52.54
C ALA F 812 43.67 -27.85 52.87
N ASP F 813 44.01 -28.80 52.01
CA ASP F 813 43.67 -30.21 52.18
C ASP F 813 42.17 -30.39 52.39
N ILE F 814 41.79 -30.96 53.53
CA ILE F 814 40.38 -31.13 53.89
C ILE F 814 40.22 -30.69 55.34
N GLU F 815 39.20 -29.85 55.59
CA GLU F 815 38.89 -29.37 56.93
C GLU F 815 37.54 -29.91 57.42
N LEU F 816 37.15 -31.10 56.95
CA LEU F 816 35.91 -31.71 57.37
C LEU F 816 35.99 -32.14 58.82
N LEU F 817 34.83 -32.47 59.40
CA LEU F 817 34.71 -32.89 60.79
C LEU F 817 35.68 -34.03 61.09
N PRO F 818 36.71 -33.79 61.91
CA PRO F 818 37.75 -34.79 62.13
C PRO F 818 37.32 -35.81 63.17
N ASP F 819 37.34 -37.09 62.78
CA ASP F 819 37.06 -38.19 63.69
C ASP F 819 37.95 -39.37 63.32
N SER F 820 38.22 -40.22 64.30
CA SER F 820 39.07 -41.37 64.06
C SER F 820 38.31 -42.44 63.28
N LYS F 821 39.00 -43.54 62.97
CA LYS F 821 38.39 -44.60 62.19
C LYS F 821 37.37 -45.38 63.02
N ASP F 822 37.85 -46.11 64.04
CA ASP F 822 36.95 -46.85 64.90
C ASP F 822 36.24 -45.91 65.88
N PRO F 823 36.99 -45.08 66.66
CA PRO F 823 36.29 -44.15 67.56
C PRO F 823 36.04 -42.81 66.88
N GLU F 824 35.48 -41.86 67.65
CA GLU F 824 35.21 -40.51 67.14
C GLU F 824 36.13 -39.48 67.78
N THR F 825 37.38 -39.86 68.05
CA THR F 825 38.34 -38.92 68.60
C THR F 825 38.76 -37.92 67.53
N LEU F 826 38.68 -36.62 67.86
CA LEU F 826 38.98 -35.58 66.89
C LEU F 826 40.47 -35.54 66.58
N ARG F 827 40.78 -35.15 65.34
CA ARG F 827 42.15 -35.12 64.85
C ARG F 827 42.29 -33.87 63.98
N LEU F 828 43.36 -33.81 63.18
CA LEU F 828 43.55 -32.76 62.19
C LEU F 828 44.01 -33.43 60.90
N GLN F 829 43.05 -33.85 60.08
CA GLN F 829 43.37 -34.54 58.83
C GLN F 829 43.81 -33.53 57.77
N LEU F 830 44.83 -33.92 57.00
CA LEU F 830 45.43 -33.07 55.99
C LEU F 830 45.64 -33.84 54.69
N VAL F 831 44.60 -34.54 54.26
CA VAL F 831 44.66 -35.36 53.06
C VAL F 831 44.23 -34.54 51.85
N ILE F 832 44.78 -34.87 50.69
CA ILE F 832 44.46 -34.18 49.45
C ILE F 832 43.21 -34.80 48.84
N ILE F 833 42.37 -33.96 48.25
CA ILE F 833 41.11 -34.43 47.67
C ILE F 833 41.38 -35.21 46.40
N GLU F 834 40.66 -36.33 46.23
CA GLU F 834 40.69 -37.14 45.01
C GLU F 834 39.26 -37.40 44.58
N PRO F 835 38.62 -36.44 43.91
CA PRO F 835 37.22 -36.62 43.52
C PRO F 835 37.04 -37.75 42.52
N VAL F 836 35.86 -38.37 42.56
CA VAL F 836 35.49 -39.44 41.64
C VAL F 836 34.20 -39.02 40.94
N VAL F 837 34.16 -39.22 39.62
CA VAL F 837 33.03 -38.84 38.78
C VAL F 837 32.29 -40.10 38.37
N ILE F 838 30.99 -40.14 38.66
CA ILE F 838 30.13 -41.26 38.28
C ILE F 838 28.84 -40.73 37.70
N ARG F 839 28.17 -41.57 36.93
CA ARG F 839 26.92 -41.22 36.26
C ARG F 839 25.81 -42.18 36.70
N ARG F 840 24.64 -42.04 36.08
CA ARG F 840 23.49 -42.89 36.38
C ARG F 840 23.16 -43.75 35.16
N ASP F 841 22.06 -44.48 35.26
CA ASP F 841 21.67 -45.46 34.25
C ASP F 841 20.28 -45.12 33.69
N VAL F 842 20.04 -45.58 32.47
CA VAL F 842 18.77 -45.38 31.79
C VAL F 842 18.10 -46.75 31.60
N ALA F 843 16.77 -46.73 31.49
CA ALA F 843 16.03 -47.98 31.43
C ALA F 843 16.06 -48.61 30.04
N SER F 844 15.49 -47.92 29.04
CA SER F 844 15.44 -48.39 27.67
C SER F 844 14.79 -47.31 26.81
N ASP F 845 14.92 -47.47 25.50
CA ASP F 845 14.37 -46.51 24.55
C ASP F 845 14.48 -47.11 23.15
N THR F 846 13.70 -46.55 22.22
CA THR F 846 13.73 -47.00 20.84
C THR F 846 15.02 -46.62 20.11
N THR F 847 15.81 -45.69 20.66
CA THR F 847 17.05 -45.27 20.03
C THR F 847 18.25 -46.07 20.57
N HIS F 848 18.47 -46.03 21.87
CA HIS F 848 19.60 -46.70 22.50
C HIS F 848 19.11 -47.84 23.38
N GLY F 849 20.05 -48.73 23.72
CA GLY F 849 19.73 -49.91 24.50
C GLY F 849 19.70 -49.65 25.99
N SER F 850 19.40 -50.72 26.72
CA SER F 850 19.31 -50.65 28.18
C SER F 850 20.70 -50.53 28.81
N THR F 851 20.81 -49.70 29.84
CA THR F 851 22.05 -49.50 30.57
C THR F 851 21.88 -50.02 31.99
N HIS F 852 22.81 -50.88 32.41
CA HIS F 852 22.78 -51.46 33.74
C HIS F 852 24.16 -51.35 34.38
N THR F 853 24.19 -51.21 35.70
CA THR F 853 25.45 -51.11 36.43
C THR F 853 26.23 -52.43 36.30
N GLU F 854 27.43 -52.35 35.73
CA GLU F 854 28.25 -53.53 35.54
C GLU F 854 28.82 -53.99 36.88
N LEU F 855 28.87 -55.32 37.06
CA LEU F 855 29.50 -55.91 38.24
C LEU F 855 31.02 -56.03 38.00
N ARG F 856 31.64 -54.87 37.82
CA ARG F 856 33.07 -54.78 37.57
C ARG F 856 33.81 -54.58 38.89
N VAL F 857 35.09 -54.24 38.81
CA VAL F 857 35.92 -53.99 39.98
C VAL F 857 36.03 -52.49 40.18
N LYS F 858 35.01 -51.75 39.71
CA LYS F 858 34.96 -50.30 39.83
C LYS F 858 35.37 -49.83 41.23
N ASP F 859 34.98 -50.59 42.26
CA ASP F 859 35.44 -50.33 43.62
C ASP F 859 36.82 -50.95 43.79
N GLY F 860 37.83 -50.22 43.30
CA GLY F 860 39.20 -50.55 43.61
C GLY F 860 40.16 -49.48 43.12
N GLN F 861 40.99 -48.97 44.05
CA GLN F 861 42.00 -47.97 43.68
C GLN F 861 43.07 -48.00 44.78
N LYS F 862 44.18 -48.71 44.50
CA LYS F 862 45.26 -48.75 45.47
C LYS F 862 46.57 -48.21 44.94
N VAL F 863 47.16 -48.82 43.91
CA VAL F 863 48.53 -48.49 43.53
C VAL F 863 48.68 -48.23 42.03
N LYS F 864 48.31 -49.21 41.21
CA LYS F 864 48.71 -49.25 39.82
C LYS F 864 47.84 -48.31 38.96
N PRO F 865 48.42 -47.72 37.91
CA PRO F 865 47.61 -46.92 36.98
C PRO F 865 46.54 -47.78 36.32
N GLY F 866 45.36 -47.18 36.15
CA GLY F 866 44.23 -47.90 35.58
C GLY F 866 43.30 -48.41 36.67
N ALA F 867 42.17 -47.74 36.86
CA ALA F 867 41.26 -48.08 37.94
C ALA F 867 40.00 -48.80 37.48
N VAL F 868 39.81 -48.93 36.16
CA VAL F 868 38.66 -49.61 35.53
C VAL F 868 37.38 -49.43 36.33
N ILE F 869 36.91 -48.18 36.44
CA ILE F 869 35.70 -47.87 37.20
C ILE F 869 34.54 -47.86 36.21
N ALA F 870 34.76 -48.46 35.04
CA ALA F 870 33.71 -48.52 34.03
C ALA F 870 32.52 -49.33 34.54
N CYS F 871 31.32 -48.76 34.38
CA CYS F 871 30.09 -49.39 34.85
C CYS F 871 28.98 -49.31 33.80
N THR F 872 29.34 -49.12 32.53
CA THR F 872 28.36 -48.95 31.46
C THR F 872 28.24 -50.23 30.65
N GLN F 873 27.01 -50.71 30.48
CA GLN F 873 26.74 -51.88 29.67
C GLN F 873 25.49 -51.62 28.83
N ILE F 874 25.46 -52.21 27.64
CA ILE F 874 24.33 -52.10 26.73
C ILE F 874 23.86 -53.51 26.38
N GLN F 875 22.57 -53.77 26.56
CA GLN F 875 22.00 -55.08 26.33
C GLN F 875 20.98 -55.04 25.21
N CYS F 876 20.86 -56.15 24.49
CA CYS F 876 19.92 -56.24 23.39
C CYS F 876 18.49 -56.39 23.89
N LYS F 877 17.54 -56.11 23.00
CA LYS F 877 16.13 -56.32 23.27
C LYS F 877 15.48 -57.34 22.35
N GLU F 878 16.14 -57.76 21.29
CA GLU F 878 15.62 -58.75 20.36
C GLU F 878 16.73 -59.73 20.02
N ALA F 879 16.42 -60.68 19.13
CA ALA F 879 17.35 -61.70 18.70
C ALA F 879 17.65 -61.54 17.23
N GLY F 880 18.92 -61.46 16.88
CA GLY F 880 19.29 -61.28 15.50
C GLY F 880 20.78 -61.38 15.30
N VAL F 881 21.24 -60.86 14.16
CA VAL F 881 22.65 -60.89 13.80
C VAL F 881 23.21 -59.47 13.85
N VAL F 882 24.50 -59.35 14.15
CA VAL F 882 25.15 -58.07 14.38
C VAL F 882 25.79 -57.59 13.09
N ARG F 883 25.52 -56.33 12.71
CA ARG F 883 26.05 -55.71 11.52
C ARG F 883 26.46 -54.28 11.84
N GLY F 884 27.24 -53.69 10.93
CA GLY F 884 27.64 -52.31 11.03
C GLY F 884 29.06 -52.08 11.52
N ILE F 885 29.75 -53.13 11.96
CA ILE F 885 31.13 -52.98 12.41
C ILE F 885 31.99 -52.56 11.23
N GLN F 886 32.83 -51.55 11.45
CA GLN F 886 33.66 -50.98 10.40
C GLN F 886 35.12 -51.02 10.81
N GLU F 887 36.00 -51.03 9.81
CA GLU F 887 37.44 -51.02 10.03
C GLU F 887 37.97 -49.64 10.38
N GLY F 888 37.13 -48.61 10.34
CA GLY F 888 37.58 -47.27 10.69
C GLY F 888 38.07 -47.20 12.13
N SER F 889 39.11 -46.39 12.34
CA SER F 889 39.77 -46.30 13.63
C SER F 889 38.93 -45.45 14.58
N GLU F 890 38.35 -46.10 15.58
CA GLU F 890 37.63 -45.42 16.67
C GLU F 890 36.52 -44.53 16.14
N ALA F 891 35.83 -44.98 15.10
CA ALA F 891 34.72 -44.26 14.49
C ALA F 891 33.46 -45.11 14.49
N VAL F 892 33.23 -45.85 15.58
CA VAL F 892 32.07 -46.72 15.72
C VAL F 892 31.11 -46.04 16.68
N ARG F 893 29.96 -45.60 16.16
CA ARG F 893 28.95 -44.94 16.96
C ARG F 893 27.59 -45.60 16.90
N ARG F 894 27.39 -46.58 16.01
CA ARG F 894 26.10 -47.23 15.86
C ARG F 894 26.29 -48.71 15.58
N LEU F 895 25.27 -49.49 15.92
CA LEU F 895 25.24 -50.93 15.69
C LEU F 895 23.92 -51.29 15.01
N LEU F 896 23.90 -52.42 14.32
CA LEU F 896 22.70 -52.89 13.65
C LEU F 896 22.42 -54.32 14.11
N VAL F 897 21.17 -54.60 14.45
CA VAL F 897 20.73 -55.94 14.81
C VAL F 897 19.62 -56.33 13.84
N GLU F 898 19.83 -57.43 13.13
CA GLU F 898 18.87 -57.96 12.17
C GLU F 898 18.05 -59.05 12.87
N ARG F 899 16.77 -58.77 13.09
CA ARG F 899 15.88 -59.68 13.79
C ARG F 899 15.17 -60.58 12.78
N GLU F 900 14.16 -61.32 13.24
CA GLU F 900 13.40 -62.20 12.35
C GLU F 900 12.27 -61.46 11.65
N ARG F 901 11.75 -60.39 12.24
CA ARG F 901 10.68 -59.62 11.62
C ARG F 901 11.18 -58.79 10.44
N ASP F 902 12.50 -58.68 10.25
CA ASP F 902 13.06 -57.91 9.15
C ASP F 902 13.12 -58.70 7.84
N CYS F 903 12.70 -59.96 7.85
CA CYS F 903 12.71 -60.80 6.66
C CYS F 903 11.29 -61.24 6.34
N VAL F 904 11.03 -61.47 5.06
CA VAL F 904 9.72 -61.88 4.58
C VAL F 904 9.88 -63.11 3.70
N THR F 905 9.11 -64.15 3.98
CA THR F 905 9.09 -65.38 3.19
C THR F 905 7.75 -65.47 2.49
N LEU F 906 7.76 -65.54 1.17
CA LEU F 906 6.54 -65.63 0.38
C LEU F 906 6.64 -66.78 -0.61
N ASP F 907 5.55 -67.52 -0.75
CA ASP F 907 5.47 -68.66 -1.66
C ASP F 907 4.65 -68.25 -2.88
N LEU F 908 5.32 -67.64 -3.86
CA LEU F 908 4.66 -67.20 -5.07
C LEU F 908 4.75 -68.24 -6.18
N ASP F 909 5.97 -68.56 -6.61
CA ASP F 909 6.21 -69.52 -7.68
C ASP F 909 7.71 -69.78 -7.74
N VAL F 910 8.12 -70.57 -8.72
CA VAL F 910 9.54 -70.80 -8.99
C VAL F 910 10.08 -69.65 -9.83
N THR F 911 11.31 -69.24 -9.54
CA THR F 911 11.91 -68.15 -10.28
C THR F 911 12.23 -68.56 -11.71
N ALA F 912 12.88 -69.71 -11.88
CA ALA F 912 13.21 -70.26 -13.20
C ALA F 912 13.96 -69.25 -14.06
N ALA F 913 14.87 -68.50 -13.42
CA ALA F 913 15.64 -67.48 -14.11
C ALA F 913 17.06 -67.44 -13.54
N THR F 914 17.98 -66.96 -14.36
CA THR F 914 19.39 -66.85 -13.97
C THR F 914 19.75 -65.46 -13.46
N GLN F 915 18.78 -64.55 -13.35
CA GLN F 915 19.01 -63.18 -12.93
C GLN F 915 18.60 -62.94 -11.48
N LEU F 916 18.44 -63.99 -10.68
CA LEU F 916 17.97 -63.85 -9.31
C LEU F 916 19.01 -64.38 -8.32
N GLN F 917 20.27 -64.01 -8.51
CA GLN F 917 21.32 -64.40 -7.58
C GLN F 917 21.10 -63.71 -6.23
N PRO F 918 21.65 -64.27 -5.16
CA PRO F 918 21.53 -63.61 -3.85
C PRO F 918 22.14 -62.22 -3.88
N GLY F 919 21.52 -61.30 -3.14
CA GLY F 919 21.91 -59.91 -3.15
C GLY F 919 21.27 -59.07 -4.23
N SER F 920 20.42 -59.66 -5.07
CA SER F 920 19.73 -58.88 -6.10
C SER F 920 18.65 -58.00 -5.47
N LEU F 921 18.41 -56.86 -6.11
CA LEU F 921 17.42 -55.90 -5.65
C LEU F 921 16.26 -55.83 -6.64
N ILE F 922 15.04 -56.02 -6.15
CA ILE F 922 13.83 -55.96 -6.96
C ILE F 922 12.98 -54.82 -6.44
N VAL F 923 12.47 -54.00 -7.35
CA VAL F 923 11.71 -52.80 -7.01
C VAL F 923 10.25 -53.07 -7.35
N ALA F 924 9.45 -53.34 -6.31
CA ALA F 924 7.99 -53.46 -6.41
C ALA F 924 7.53 -54.29 -7.59
N GLY F 925 6.41 -53.89 -8.20
CA GLY F 925 5.86 -54.59 -9.34
C GLY F 925 6.77 -54.57 -10.55
N THR F 926 7.29 -55.74 -10.91
CA THR F 926 8.20 -55.85 -12.05
C THR F 926 8.01 -57.22 -12.68
N GLN F 927 8.47 -57.33 -13.93
CA GLN F 927 8.32 -58.57 -14.71
C GLN F 927 9.54 -59.45 -14.45
N LEU F 928 9.42 -60.33 -13.45
CA LEU F 928 10.50 -61.27 -13.14
C LEU F 928 10.47 -62.47 -14.08
N VAL F 929 9.36 -63.21 -14.08
CA VAL F 929 9.17 -64.34 -14.97
C VAL F 929 7.97 -64.02 -15.87
N ASP F 930 7.62 -64.94 -16.77
CA ASP F 930 6.52 -64.69 -17.70
C ASP F 930 5.24 -64.30 -16.98
N GLY F 931 5.01 -64.87 -15.80
CA GLY F 931 3.88 -64.52 -14.96
C GLY F 931 4.30 -63.87 -13.66
N ILE F 932 3.35 -63.84 -12.71
CA ILE F 932 3.46 -63.33 -11.35
C ILE F 932 4.43 -62.17 -11.20
N ILE F 933 3.90 -60.95 -11.08
CA ILE F 933 4.73 -59.79 -10.80
C ILE F 933 5.19 -59.81 -9.35
N ALA F 934 6.22 -59.02 -9.06
CA ALA F 934 6.77 -58.97 -7.70
C ALA F 934 5.90 -58.09 -6.83
N PRO F 935 5.35 -58.61 -5.73
CA PRO F 935 4.46 -57.78 -4.91
C PRO F 935 5.19 -56.72 -4.09
N GLU F 936 6.33 -57.07 -3.49
CA GLU F 936 7.05 -56.16 -2.63
C GLU F 936 8.47 -55.96 -3.15
N SER F 937 9.16 -55.00 -2.54
CA SER F 937 10.53 -54.67 -2.90
C SER F 937 11.47 -55.06 -1.77
N GLY F 938 12.62 -55.62 -2.13
CA GLY F 938 13.57 -56.03 -1.12
C GLY F 938 14.82 -56.59 -1.76
N GLU F 939 15.64 -57.24 -0.93
CA GLU F 939 16.89 -57.84 -1.35
C GLU F 939 16.77 -59.35 -1.29
N VAL F 940 17.15 -60.02 -2.37
CA VAL F 940 17.01 -61.47 -2.46
C VAL F 940 17.99 -62.15 -1.51
N ARG F 941 17.48 -63.06 -0.68
CA ARG F 941 18.30 -63.76 0.30
C ARG F 941 18.39 -65.25 0.00
N ALA F 942 17.26 -65.94 -0.13
CA ALA F 942 17.23 -67.38 -0.39
C ALA F 942 16.11 -67.70 -1.34
N ILE F 943 16.44 -68.33 -2.46
CA ILE F 943 15.45 -68.74 -3.45
C ILE F 943 15.16 -70.22 -3.27
N ALA F 944 13.91 -70.58 -3.49
CA ALA F 944 13.44 -71.95 -3.36
C ALA F 944 12.55 -72.27 -4.55
N PRO F 945 12.41 -73.55 -4.90
CA PRO F 945 11.49 -73.91 -5.99
C PRO F 945 10.04 -73.53 -5.70
N GLY F 946 9.67 -73.34 -4.43
CA GLY F 946 8.33 -72.95 -4.10
C GLY F 946 8.24 -71.69 -3.26
N GLN F 947 9.35 -71.29 -2.65
CA GLN F 947 9.37 -70.16 -1.74
C GLN F 947 10.39 -69.12 -2.20
N LEU F 948 10.40 -67.99 -1.50
CA LEU F 948 11.34 -66.91 -1.75
C LEU F 948 11.50 -66.09 -0.48
N GLN F 949 12.73 -65.72 -0.16
CA GLN F 949 13.06 -64.97 1.04
C GLN F 949 13.63 -63.61 0.66
N LEU F 950 13.13 -62.55 1.29
CA LEU F 950 13.56 -61.19 0.99
C LEU F 950 13.81 -60.44 2.29
N ARG F 951 14.66 -59.43 2.20
CA ARG F 951 14.91 -58.49 3.29
C ARG F 951 14.20 -57.18 2.96
N ILE F 952 13.41 -56.67 3.92
CA ILE F 952 12.60 -55.48 3.65
C ILE F 952 13.50 -54.30 3.37
N ALA F 953 13.22 -53.61 2.27
CA ALA F 953 14.04 -52.47 1.84
C ALA F 953 13.15 -51.43 1.19
N ARG F 954 13.66 -50.20 1.12
CA ARG F 954 12.92 -49.08 0.55
C ARG F 954 13.86 -48.22 -0.29
N PRO F 955 13.55 -48.00 -1.56
CA PRO F 955 14.38 -47.12 -2.41
C PRO F 955 13.88 -45.69 -2.45
N TYR F 956 14.83 -44.78 -2.67
CA TYR F 956 14.56 -43.36 -2.89
C TYR F 956 15.31 -42.91 -4.13
N ARG F 957 14.74 -41.97 -4.86
CA ARG F 957 15.33 -41.48 -6.09
C ARG F 957 16.14 -40.22 -5.80
N VAL F 958 17.39 -40.20 -6.26
CA VAL F 958 18.30 -39.08 -6.07
C VAL F 958 18.63 -38.51 -7.43
N SER F 959 18.33 -37.22 -7.62
CA SER F 959 18.59 -36.56 -8.88
C SER F 959 20.02 -36.03 -8.92
N GLN F 960 20.47 -35.68 -10.12
CA GLN F 960 21.84 -35.22 -10.32
C GLN F 960 21.98 -33.78 -9.82
N GLY F 961 23.01 -33.55 -9.01
CA GLY F 961 23.27 -32.24 -8.45
C GLY F 961 22.85 -32.06 -7.01
N ALA F 962 22.32 -33.09 -6.36
CA ALA F 962 21.90 -32.99 -4.99
C ALA F 962 23.09 -33.07 -4.04
N VAL F 963 22.84 -32.69 -2.79
CA VAL F 963 23.84 -32.74 -1.72
C VAL F 963 23.60 -33.98 -0.88
N LEU F 964 24.63 -34.78 -0.70
CA LEU F 964 24.53 -36.05 0.03
C LEU F 964 24.93 -35.85 1.48
N HIS F 965 24.05 -36.26 2.39
CA HIS F 965 24.30 -36.15 3.82
C HIS F 965 24.70 -37.48 4.45
N VAL F 966 24.78 -38.56 3.66
CA VAL F 966 25.08 -39.88 4.19
C VAL F 966 26.15 -40.52 3.31
N GLU F 967 26.84 -41.51 3.88
CA GLU F 967 27.86 -42.27 3.17
C GLU F 967 27.26 -43.59 2.70
N ASP F 968 28.07 -44.36 1.98
CA ASP F 968 27.59 -45.57 1.33
C ASP F 968 27.07 -46.60 2.32
N LYS F 969 27.95 -47.18 3.13
CA LYS F 969 27.56 -48.21 4.09
C LYS F 969 27.32 -47.60 5.47
N GLY F 970 26.39 -46.63 5.52
CA GLY F 970 26.07 -45.95 6.75
C GLY F 970 24.82 -46.51 7.43
N LEU F 971 24.59 -46.02 8.66
CA LEU F 971 23.42 -46.38 9.44
C LEU F 971 22.64 -45.12 9.77
N VAL F 972 21.32 -45.18 9.62
CA VAL F 972 20.45 -44.04 9.86
C VAL F 972 19.29 -44.46 10.74
N GLN F 973 18.71 -43.48 11.42
CA GLN F 973 17.51 -43.66 12.23
C GLN F 973 16.32 -43.04 11.53
N ARG F 974 15.13 -43.34 12.05
CA ARG F 974 13.90 -42.82 11.45
C ARG F 974 13.86 -41.30 11.56
N GLY F 975 13.46 -40.65 10.47
CA GLY F 975 13.39 -39.20 10.43
C GLY F 975 14.69 -38.50 10.08
N ASP F 976 15.73 -39.24 9.68
CA ASP F 976 17.00 -38.63 9.32
C ASP F 976 16.95 -38.07 7.90
N ASN F 977 17.66 -36.97 7.68
CA ASN F 977 17.72 -36.36 6.37
C ASN F 977 18.70 -37.12 5.48
N LEU F 978 18.27 -37.44 4.27
CA LEU F 978 19.11 -38.18 3.32
C LEU F 978 19.84 -37.24 2.36
N VAL F 979 19.08 -36.46 1.58
CA VAL F 979 19.65 -35.55 0.58
C VAL F 979 18.89 -34.24 0.59
N LEU F 980 19.41 -33.29 -0.18
CA LEU F 980 18.79 -31.97 -0.36
C LEU F 980 18.71 -31.70 -1.86
N LEU F 981 17.54 -31.89 -2.44
CA LEU F 981 17.35 -31.66 -3.86
C LEU F 981 17.35 -30.17 -4.16
N VAL F 982 17.97 -29.81 -5.28
CA VAL F 982 18.03 -28.43 -5.77
C VAL F 982 17.34 -28.37 -7.12
N PHE F 983 16.41 -27.42 -7.27
CA PHE F 983 15.57 -27.39 -8.45
C PHE F 983 15.13 -25.94 -8.72
N GLU F 984 14.33 -25.77 -9.76
CA GLU F 984 13.78 -24.48 -10.16
C GLU F 984 12.27 -24.49 -9.98
N ARG F 985 11.76 -23.51 -9.25
CA ARG F 985 10.33 -23.44 -8.97
C ARG F 985 9.56 -23.08 -10.24
N ALA F 986 8.31 -23.55 -10.29
CA ALA F 986 7.43 -23.30 -11.43
C ALA F 986 6.56 -22.08 -11.14
N LYS F 987 6.51 -21.16 -12.09
CA LYS F 987 5.76 -19.92 -11.94
C LYS F 987 4.87 -19.72 -13.16
N THR F 988 4.03 -18.69 -13.10
CA THR F 988 3.08 -18.40 -14.15
C THR F 988 3.71 -17.49 -15.20
N GLY F 989 2.91 -17.03 -16.16
CA GLY F 989 3.38 -16.08 -17.15
C GLY F 989 3.08 -14.68 -16.67
N ASP F 990 2.16 -13.98 -17.34
CA ASP F 990 1.53 -12.79 -16.79
C ASP F 990 2.49 -11.60 -16.73
N ILE F 991 1.94 -10.39 -16.72
CA ILE F 991 2.75 -9.17 -16.86
C ILE F 991 3.62 -8.92 -15.62
N ILE F 992 3.23 -9.45 -14.46
CA ILE F 992 3.99 -9.18 -13.23
C ILE F 992 5.38 -9.79 -13.33
N GLN F 993 5.54 -10.89 -14.06
CA GLN F 993 6.82 -11.53 -14.24
C GLN F 993 7.56 -11.09 -15.50
N GLY F 994 7.00 -10.15 -16.26
CA GLY F 994 7.64 -9.69 -17.48
C GLY F 994 8.38 -8.38 -17.35
N LEU F 995 7.82 -7.46 -16.56
CA LEU F 995 8.46 -6.16 -16.37
C LEU F 995 9.85 -6.24 -15.74
N PRO F 996 10.12 -7.08 -14.73
CA PRO F 996 11.49 -7.13 -14.18
C PRO F 996 12.57 -7.42 -15.21
N ARG F 997 12.28 -8.25 -16.22
CA ARG F 997 13.25 -8.48 -17.28
C ARG F 997 13.53 -7.20 -18.06
N ILE F 998 12.49 -6.42 -18.34
CA ILE F 998 12.67 -5.15 -19.04
C ILE F 998 13.51 -4.20 -18.21
N GLU F 999 13.22 -4.12 -16.90
CA GLU F 999 13.98 -3.23 -16.04
C GLU F 999 15.45 -3.66 -15.94
N GLU F 1000 15.69 -4.97 -15.90
CA GLU F 1000 17.05 -5.47 -15.89
C GLU F 1000 17.78 -5.14 -17.19
N LEU F 1001 17.08 -5.25 -18.32
CA LEU F 1001 17.69 -4.94 -19.61
C LEU F 1001 18.04 -3.47 -19.74
N LEU F 1002 17.12 -2.59 -19.32
CA LEU F 1002 17.32 -1.15 -19.50
C LEU F 1002 18.27 -0.53 -18.49
N GLU F 1003 18.70 -1.28 -17.47
CA GLU F 1003 19.61 -0.78 -16.47
C GLU F 1003 21.02 -1.32 -16.61
N ALA F 1004 21.26 -2.22 -17.57
CA ALA F 1004 22.58 -2.80 -17.83
C ALA F 1004 23.16 -3.44 -16.56
N ARG F 1005 22.46 -4.45 -16.07
CA ARG F 1005 22.85 -5.19 -14.88
C ARG F 1005 23.40 -6.56 -15.27
N LYS F 1006 23.98 -7.25 -14.29
CA LYS F 1006 24.68 -8.49 -14.54
C LYS F 1006 23.72 -9.68 -14.45
N PRO F 1007 23.52 -10.45 -15.52
CA PRO F 1007 22.73 -11.69 -15.43
C PRO F 1007 23.50 -12.81 -14.76
N LYS F 1008 22.91 -14.02 -14.71
CA LYS F 1008 23.44 -15.14 -13.95
C LYS F 1008 23.77 -16.36 -14.83
N GLU F 1009 24.09 -16.14 -16.10
CA GLU F 1009 24.31 -17.27 -17.01
C GLU F 1009 25.14 -16.80 -18.22
N ALA F 1010 25.17 -17.64 -19.25
CA ALA F 1010 25.71 -17.40 -20.59
C ALA F 1010 27.23 -17.52 -20.66
N CYS F 1011 27.71 -18.15 -21.74
CA CYS F 1011 29.13 -18.24 -22.05
C CYS F 1011 29.33 -17.76 -23.48
N ILE F 1012 30.27 -16.83 -23.67
CA ILE F 1012 30.43 -16.11 -24.92
C ILE F 1012 31.82 -16.42 -25.48
N LEU F 1013 31.87 -16.73 -26.79
CA LEU F 1013 33.14 -17.01 -27.45
C LEU F 1013 33.90 -15.70 -27.67
N ALA F 1014 35.21 -15.73 -27.41
CA ALA F 1014 36.02 -14.52 -27.35
C ALA F 1014 36.90 -14.31 -28.58
N ARG F 1015 36.73 -15.10 -29.64
CA ARG F 1015 37.61 -14.95 -30.80
C ARG F 1015 36.93 -15.48 -32.05
N ARG F 1016 37.37 -14.97 -33.20
CA ARG F 1016 36.87 -15.30 -34.53
C ARG F 1016 36.85 -16.79 -34.83
N PRO F 1017 38.03 -17.48 -34.89
CA PRO F 1017 38.13 -18.79 -35.55
C PRO F 1017 36.93 -19.29 -36.34
N GLY F 1018 36.20 -20.26 -35.80
CA GLY F 1018 35.06 -20.81 -36.50
C GLY F 1018 35.11 -22.30 -36.77
N VAL F 1019 35.80 -23.05 -35.90
CA VAL F 1019 35.73 -24.51 -35.91
C VAL F 1019 35.67 -24.98 -34.46
N ALA F 1020 34.58 -25.62 -34.08
CA ALA F 1020 34.34 -26.03 -32.70
C ALA F 1020 34.17 -27.54 -32.62
N HIS F 1021 34.86 -28.17 -31.68
CA HIS F 1021 34.75 -29.60 -31.41
C HIS F 1021 34.22 -29.80 -30.01
N ILE F 1022 33.11 -30.55 -29.89
CA ILE F 1022 32.44 -30.67 -28.61
C ILE F 1022 33.26 -31.49 -27.62
N ASN F 1023 33.88 -32.57 -28.10
CA ASN F 1023 34.81 -33.37 -27.30
C ASN F 1023 34.14 -33.91 -26.03
N TYR F 1024 33.16 -34.78 -26.24
CA TYR F 1024 32.51 -35.48 -25.14
C TYR F 1024 33.51 -36.34 -24.39
N SER F 1025 33.85 -35.95 -23.16
CA SER F 1025 34.82 -36.67 -22.36
C SER F 1025 34.10 -37.68 -21.47
N ASP F 1026 34.86 -38.30 -20.56
CA ASP F 1026 34.27 -39.24 -19.63
C ASP F 1026 33.52 -38.47 -18.53
N ASP F 1027 32.67 -39.21 -17.80
CA ASP F 1027 31.82 -38.70 -16.73
C ASP F 1027 31.19 -37.35 -17.07
N ASP F 1028 30.79 -37.18 -18.32
CA ASP F 1028 30.08 -35.99 -18.80
C ASP F 1028 30.82 -34.71 -18.43
N ALA F 1029 32.03 -34.57 -18.99
CA ALA F 1029 32.85 -33.38 -18.84
C ALA F 1029 33.02 -32.77 -20.23
N ILE F 1030 32.09 -31.90 -20.59
CA ILE F 1030 32.05 -31.32 -21.95
C ILE F 1030 32.96 -30.11 -21.99
N ASP F 1031 33.89 -30.10 -22.94
CA ASP F 1031 34.81 -28.98 -23.14
C ASP F 1031 34.82 -28.63 -24.62
N ILE F 1032 34.38 -27.42 -24.95
CA ILE F 1032 34.38 -26.95 -26.33
C ILE F 1032 35.77 -26.44 -26.68
N GLN F 1033 36.28 -26.86 -27.84
CA GLN F 1033 37.58 -26.42 -28.34
C GLN F 1033 37.38 -25.70 -29.66
N VAL F 1034 37.69 -24.41 -29.68
CA VAL F 1034 37.50 -23.57 -30.85
C VAL F 1034 38.88 -23.32 -31.47
N ILE F 1035 39.02 -23.68 -32.74
CA ILE F 1035 40.32 -23.74 -33.40
C ILE F 1035 40.41 -22.63 -34.44
N GLU F 1036 41.44 -21.81 -34.32
CA GLU F 1036 41.68 -20.71 -35.23
C GLU F 1036 42.34 -21.21 -36.53
N ALA F 1037 42.40 -20.33 -37.53
CA ALA F 1037 43.13 -20.65 -38.74
C ALA F 1037 44.63 -20.72 -38.50
N ASP F 1038 45.12 -20.04 -37.45
CA ASP F 1038 46.53 -20.06 -37.11
C ASP F 1038 46.90 -21.14 -36.11
N GLY F 1039 45.93 -21.76 -35.45
CA GLY F 1039 46.19 -22.83 -34.51
C GLY F 1039 45.88 -22.55 -33.06
N THR F 1040 45.22 -21.45 -32.74
CA THR F 1040 44.85 -21.16 -31.36
C THR F 1040 43.69 -22.07 -30.93
N GLN F 1041 43.55 -22.24 -29.61
CA GLN F 1041 42.69 -23.28 -29.07
C GLN F 1041 41.57 -22.80 -28.17
N ALA F 1042 41.73 -21.66 -27.49
CA ALA F 1042 40.67 -21.08 -26.64
C ALA F 1042 40.31 -21.98 -25.46
N ASP F 1043 39.75 -23.16 -25.73
CA ASP F 1043 39.48 -24.18 -24.71
C ASP F 1043 38.47 -23.67 -23.66
N TYR F 1044 37.25 -23.43 -24.12
CA TYR F 1044 36.17 -23.04 -23.22
C TYR F 1044 35.55 -24.28 -22.56
N PRO F 1045 35.53 -24.36 -21.24
CA PRO F 1045 34.86 -25.48 -20.57
C PRO F 1045 33.39 -25.19 -20.27
N VAL F 1046 32.59 -26.26 -20.30
CA VAL F 1046 31.15 -26.17 -20.09
C VAL F 1046 30.81 -26.66 -18.68
N GLY F 1047 29.73 -26.11 -18.12
CA GLY F 1047 29.31 -26.47 -16.79
C GLY F 1047 28.43 -27.69 -16.76
N PRO F 1048 27.98 -28.05 -15.56
CA PRO F 1048 27.15 -29.26 -15.42
C PRO F 1048 25.72 -29.07 -15.92
N GLY F 1049 25.15 -27.88 -15.78
CA GLY F 1049 23.77 -27.67 -16.16
C GLY F 1049 23.61 -26.56 -17.19
N GLN F 1050 24.54 -26.48 -18.14
CA GLN F 1050 24.49 -25.47 -19.18
C GLN F 1050 24.18 -26.12 -20.52
N PRO F 1051 22.97 -25.95 -21.05
CA PRO F 1051 22.64 -26.55 -22.34
C PRO F 1051 23.46 -25.96 -23.47
N LEU F 1052 23.68 -26.75 -24.51
CA LEU F 1052 24.42 -26.32 -25.68
C LEU F 1052 23.46 -25.94 -26.80
N ILE F 1053 23.84 -24.93 -27.59
CA ILE F 1053 23.04 -24.46 -28.69
C ILE F 1053 23.79 -24.49 -30.01
N ILE F 1054 24.86 -25.30 -30.08
CA ILE F 1054 25.64 -25.47 -31.30
C ILE F 1054 25.82 -26.97 -31.56
N SER F 1055 26.36 -27.29 -32.73
CA SER F 1055 26.64 -28.66 -33.12
C SER F 1055 28.14 -28.83 -33.33
N ASP F 1056 28.53 -30.00 -33.81
CA ASP F 1056 29.94 -30.31 -34.04
C ASP F 1056 30.34 -29.90 -35.45
N GLY F 1057 31.54 -29.33 -35.57
CA GLY F 1057 32.03 -28.89 -36.85
C GLY F 1057 31.39 -27.62 -37.37
N GLU F 1058 30.81 -26.81 -36.49
CA GLU F 1058 30.11 -25.60 -36.89
C GLU F 1058 31.08 -24.42 -36.89
N THR F 1059 30.73 -23.40 -37.68
CA THR F 1059 31.51 -22.18 -37.79
C THR F 1059 30.91 -21.12 -36.86
N VAL F 1060 31.76 -20.48 -36.07
CA VAL F 1060 31.33 -19.53 -35.05
C VAL F 1060 32.07 -18.22 -35.24
N ASP F 1061 31.46 -17.15 -34.74
CA ASP F 1061 31.98 -15.79 -34.88
C ASP F 1061 32.35 -15.22 -33.53
N ALA F 1062 33.13 -14.14 -33.56
CA ALA F 1062 33.53 -13.47 -32.33
C ALA F 1062 32.30 -12.90 -31.62
N GLY F 1063 32.24 -13.11 -30.31
CA GLY F 1063 31.13 -12.62 -29.52
C GLY F 1063 29.85 -13.40 -29.64
N GLN F 1064 29.87 -14.57 -30.28
CA GLN F 1064 28.68 -15.38 -30.47
C GLN F 1064 28.49 -16.33 -29.29
N ALA F 1065 27.26 -16.43 -28.79
CA ALA F 1065 26.98 -17.27 -27.65
C ALA F 1065 27.15 -18.74 -27.98
N LEU F 1066 27.48 -19.53 -26.96
CA LEU F 1066 27.75 -20.95 -27.13
C LEU F 1066 26.82 -21.84 -26.33
N THR F 1067 26.50 -21.49 -25.08
CA THR F 1067 25.79 -22.40 -24.18
C THR F 1067 24.55 -21.77 -23.57
N ASP F 1068 23.82 -20.96 -24.35
CA ASP F 1068 22.50 -20.45 -23.96
C ASP F 1068 22.53 -19.55 -22.72
N GLY F 1069 21.43 -18.84 -22.49
CA GLY F 1069 21.31 -17.98 -21.33
C GLY F 1069 21.31 -16.51 -21.70
N PRO F 1070 21.11 -15.64 -20.70
CA PRO F 1070 21.12 -14.19 -20.95
C PRO F 1070 22.55 -13.67 -20.97
N ALA F 1071 22.94 -13.04 -22.09
CA ALA F 1071 24.30 -12.57 -22.25
C ALA F 1071 24.59 -11.37 -21.35
N ASN F 1072 25.83 -11.28 -20.90
CA ASN F 1072 26.28 -10.13 -20.13
C ASN F 1072 26.72 -9.03 -21.08
N PRO F 1073 26.06 -7.87 -21.10
CA PRO F 1073 26.37 -6.86 -22.12
C PRO F 1073 27.64 -6.07 -21.88
N HIS F 1074 28.26 -6.20 -20.71
CA HIS F 1074 29.44 -5.38 -20.41
C HIS F 1074 30.72 -5.98 -20.95
N ASP F 1075 30.84 -7.31 -20.98
CA ASP F 1075 32.02 -7.95 -21.54
C ASP F 1075 31.92 -8.23 -23.03
N LEU F 1076 30.70 -8.30 -23.57
CA LEU F 1076 30.54 -8.37 -25.03
C LEU F 1076 31.10 -7.12 -25.69
N LEU F 1077 30.90 -5.96 -25.08
CA LEU F 1077 31.47 -4.72 -25.60
C LEU F 1077 32.99 -4.79 -25.60
N GLU F 1078 33.59 -5.31 -24.52
CA GLU F 1078 35.04 -5.42 -24.45
C GLU F 1078 35.57 -6.38 -25.52
N ILE F 1079 34.89 -7.51 -25.71
CA ILE F 1079 35.32 -8.47 -26.73
C ILE F 1079 35.27 -7.84 -28.11
N TYR F 1080 34.16 -7.17 -28.42
CA TYR F 1080 34.03 -6.52 -29.72
C TYR F 1080 35.10 -5.44 -29.91
N TYR F 1081 35.35 -4.64 -28.87
CA TYR F 1081 36.34 -3.58 -28.97
C TYR F 1081 37.72 -4.15 -29.25
N ASP F 1082 38.13 -5.19 -28.51
CA ASP F 1082 39.44 -5.78 -28.73
C ASP F 1082 39.56 -6.37 -30.13
N TYR F 1083 38.54 -7.14 -30.55
CA TYR F 1083 38.61 -7.79 -31.85
C TYR F 1083 38.68 -6.76 -32.98
N PHE F 1084 37.86 -5.71 -32.92
CA PHE F 1084 37.85 -4.73 -33.99
C PHE F 1084 39.06 -3.81 -33.94
N ARG F 1085 39.59 -3.52 -32.75
CA ARG F 1085 40.81 -2.75 -32.66
C ARG F 1085 41.99 -3.49 -33.27
N GLU F 1086 42.08 -4.80 -33.02
CA GLU F 1086 43.11 -5.58 -33.69
C GLU F 1086 42.86 -5.65 -35.19
N GLN F 1087 41.60 -5.85 -35.60
CA GLN F 1087 41.29 -6.03 -37.01
C GLN F 1087 41.44 -4.74 -37.80
N LEU F 1088 40.98 -3.63 -37.25
CA LEU F 1088 41.03 -2.34 -37.92
C LEU F 1088 42.24 -1.54 -37.44
N GLY F 1089 42.43 -0.36 -38.03
CA GLY F 1089 43.55 0.49 -37.67
C GLY F 1089 43.34 1.34 -36.44
N GLU F 1090 42.31 2.19 -36.46
CA GLU F 1090 42.06 3.17 -35.41
C GLU F 1090 41.04 2.64 -34.42
N ASP F 1091 40.78 3.43 -33.38
CA ASP F 1091 39.81 3.05 -32.36
C ASP F 1091 38.47 3.77 -32.49
N TYR F 1092 38.39 4.82 -33.31
CA TYR F 1092 37.11 5.46 -33.60
C TYR F 1092 36.16 4.48 -34.29
N GLU F 1093 36.64 3.82 -35.35
CA GLU F 1093 35.81 2.87 -36.06
C GLU F 1093 35.47 1.66 -35.20
N ALA F 1094 36.44 1.20 -34.39
CA ALA F 1094 36.18 0.07 -33.50
C ALA F 1094 35.10 0.40 -32.49
N ALA F 1095 35.17 1.58 -31.88
CA ALA F 1095 34.14 1.99 -30.94
C ALA F 1095 32.78 2.10 -31.62
N LEU F 1096 32.75 2.67 -32.83
CA LEU F 1096 31.49 2.79 -33.56
C LEU F 1096 30.88 1.41 -33.81
N GLU F 1097 31.70 0.47 -34.27
CA GLU F 1097 31.21 -0.87 -34.60
C GLU F 1097 30.68 -1.58 -33.36
N SER F 1098 31.45 -1.54 -32.26
CA SER F 1098 31.03 -2.22 -31.04
C SER F 1098 29.72 -1.64 -30.51
N LEU F 1099 29.63 -0.31 -30.48
CA LEU F 1099 28.42 0.32 -29.98
C LEU F 1099 27.22 -0.02 -30.86
N ARG F 1100 27.42 -0.06 -32.18
CA ARG F 1100 26.33 -0.39 -33.08
C ARG F 1100 25.81 -1.80 -32.83
N ARG F 1101 26.73 -2.78 -32.69
CA ARG F 1101 26.30 -4.15 -32.46
C ARG F 1101 25.55 -4.29 -31.14
N VAL F 1102 26.06 -3.65 -30.07
CA VAL F 1102 25.40 -3.73 -28.78
C VAL F 1102 24.02 -3.09 -28.83
N GLN F 1103 23.91 -1.95 -29.54
CA GLN F 1103 22.62 -1.28 -29.66
C GLN F 1103 21.59 -2.18 -30.34
N ALA F 1104 21.98 -2.82 -31.43
CA ALA F 1104 21.06 -3.71 -32.13
C ALA F 1104 20.62 -4.85 -31.23
N LEU F 1105 21.56 -5.46 -30.50
CA LEU F 1105 21.20 -6.55 -29.60
C LEU F 1105 20.19 -6.09 -28.55
N LEU F 1106 20.43 -4.93 -27.93
CA LEU F 1106 19.54 -4.45 -26.88
C LEU F 1106 18.15 -4.18 -27.41
N VAL F 1107 18.06 -3.52 -28.57
CA VAL F 1107 16.75 -3.19 -29.14
C VAL F 1107 15.97 -4.46 -29.45
N ASN F 1108 16.64 -5.45 -30.07
CA ASN F 1108 15.93 -6.69 -30.39
C ASN F 1108 15.46 -7.41 -29.15
N GLU F 1109 16.29 -7.47 -28.11
CA GLU F 1109 15.89 -8.15 -26.88
C GLU F 1109 14.66 -7.50 -26.25
N VAL F 1110 14.68 -6.17 -26.15
CA VAL F 1110 13.56 -5.47 -25.52
C VAL F 1110 12.28 -5.68 -26.33
N GLN F 1111 12.37 -5.58 -27.67
CA GLN F 1111 11.17 -5.76 -28.49
C GLN F 1111 10.62 -7.18 -28.37
N SER F 1112 11.51 -8.19 -28.32
CA SER F 1112 11.03 -9.55 -28.17
C SER F 1112 10.33 -9.76 -26.83
N VAL F 1113 10.91 -9.23 -25.75
CA VAL F 1113 10.29 -9.38 -24.44
C VAL F 1113 8.91 -8.73 -24.42
N TYR F 1114 8.78 -7.54 -25.04
CA TYR F 1114 7.47 -6.90 -25.10
C TYR F 1114 6.50 -7.69 -25.96
N GLN F 1115 6.97 -8.27 -27.06
CA GLN F 1115 6.09 -9.04 -27.94
C GLN F 1115 5.64 -10.35 -27.30
N SER F 1116 6.34 -10.85 -26.29
CA SER F 1116 5.90 -12.06 -25.61
C SER F 1116 4.48 -11.90 -25.06
N GLN F 1117 4.14 -10.70 -24.59
CA GLN F 1117 2.77 -10.38 -24.20
C GLN F 1117 2.03 -9.80 -25.41
N GLY F 1118 0.84 -9.25 -25.17
CA GLY F 1118 0.03 -8.73 -26.27
C GLY F 1118 0.17 -7.24 -26.45
N ILE F 1119 1.40 -6.73 -26.35
CA ILE F 1119 1.68 -5.30 -26.45
C ILE F 1119 2.41 -5.05 -27.76
N ASP F 1120 1.99 -4.00 -28.48
CA ASP F 1120 2.58 -3.63 -29.77
C ASP F 1120 3.05 -2.18 -29.69
N ILE F 1121 4.36 -1.98 -29.87
CA ILE F 1121 4.97 -0.66 -29.85
C ILE F 1121 5.91 -0.53 -31.05
N SER F 1122 5.96 0.65 -31.64
CA SER F 1122 6.89 0.92 -32.72
C SER F 1122 8.32 0.95 -32.19
N ASP F 1123 9.27 0.69 -33.10
CA ASP F 1123 10.68 0.59 -32.72
C ASP F 1123 11.39 1.94 -32.62
N LYS F 1124 10.79 2.99 -33.16
CA LYS F 1124 11.40 4.32 -33.09
C LYS F 1124 11.59 4.76 -31.66
N HIS F 1125 10.59 4.52 -30.81
CA HIS F 1125 10.67 4.94 -29.41
C HIS F 1125 11.79 4.21 -28.69
N ILE F 1126 11.90 2.90 -28.91
CA ILE F 1126 12.95 2.13 -28.25
C ILE F 1126 14.32 2.54 -28.74
N GLU F 1127 14.45 2.83 -30.04
CA GLU F 1127 15.74 3.32 -30.56
C GLU F 1127 16.10 4.67 -29.95
N VAL F 1128 15.12 5.56 -29.81
CA VAL F 1128 15.37 6.87 -29.21
C VAL F 1128 15.85 6.70 -27.78
N ILE F 1129 15.21 5.80 -27.02
CA ILE F 1129 15.63 5.58 -25.64
C ILE F 1129 17.03 4.96 -25.57
N VAL F 1130 17.30 3.99 -26.44
CA VAL F 1130 18.57 3.27 -26.38
C VAL F 1130 19.74 4.16 -26.78
N ARG F 1131 19.52 5.10 -27.70
CA ARG F 1131 20.61 5.96 -28.15
C ARG F 1131 21.23 6.76 -27.00
N GLN F 1132 20.42 7.12 -26.00
CA GLN F 1132 20.91 7.98 -24.93
C GLN F 1132 21.88 7.26 -23.99
N MET F 1133 21.96 5.94 -24.05
CA MET F 1133 22.79 5.17 -23.14
C MET F 1133 23.95 4.45 -23.82
N THR F 1134 24.19 4.73 -25.11
CA THR F 1134 25.29 4.12 -25.86
C THR F 1134 26.02 5.17 -26.68
N SER F 1135 26.31 6.33 -26.07
CA SER F 1135 26.89 7.43 -26.82
C SER F 1135 28.01 8.15 -26.07
N LYS F 1136 28.62 7.53 -25.07
CA LYS F 1136 29.69 8.15 -24.31
C LYS F 1136 30.93 7.27 -24.33
N VAL F 1137 32.02 7.81 -23.77
CA VAL F 1137 33.30 7.12 -23.79
C VAL F 1137 34.11 7.60 -22.58
N ARG F 1138 34.94 6.71 -22.05
CA ARG F 1138 35.77 7.00 -20.88
C ARG F 1138 37.18 7.31 -21.34
N ILE F 1139 37.73 8.41 -20.82
CA ILE F 1139 39.02 8.94 -21.27
C ILE F 1139 40.14 8.24 -20.54
N ASP F 1140 41.15 7.78 -21.29
CA ASP F 1140 42.35 7.17 -20.75
C ASP F 1140 43.55 8.01 -21.17
N ASP F 1141 44.34 8.44 -20.18
CA ASP F 1141 45.60 9.18 -20.30
C ASP F 1141 45.60 10.19 -21.44
N GLY F 1142 44.71 11.19 -21.34
CA GLY F 1142 44.71 12.29 -22.28
C GLY F 1142 46.07 12.94 -22.39
N GLY F 1143 46.56 13.11 -23.63
CA GLY F 1143 47.92 13.54 -23.86
C GLY F 1143 48.24 14.91 -23.31
N ASP F 1144 47.61 15.95 -23.87
CA ASP F 1144 47.84 17.31 -23.43
C ASP F 1144 46.58 18.17 -23.38
N THR F 1145 45.47 17.72 -23.94
CA THR F 1145 44.24 18.48 -23.89
C THR F 1145 43.65 18.46 -22.48
N ILE F 1146 42.54 19.19 -22.31
CA ILE F 1146 41.89 19.28 -20.99
C ILE F 1146 40.94 18.09 -20.90
N MET F 1147 41.49 16.94 -20.54
CA MET F 1147 40.72 15.71 -20.36
C MET F 1147 41.48 14.83 -19.36
N LEU F 1148 41.02 14.82 -18.12
CA LEU F 1148 41.66 13.98 -17.13
C LEU F 1148 41.12 12.55 -17.21
N PRO F 1149 41.96 11.56 -16.92
CA PRO F 1149 41.49 10.17 -16.94
C PRO F 1149 40.38 9.94 -15.93
N GLY F 1150 39.43 9.07 -16.29
CA GLY F 1150 38.30 8.79 -15.45
C GLY F 1150 37.06 9.59 -15.73
N GLU F 1151 37.06 10.40 -16.79
CA GLU F 1151 35.92 11.23 -17.15
C GLU F 1151 35.12 10.59 -18.28
N LEU F 1152 33.86 10.98 -18.39
CA LEU F 1152 32.96 10.51 -19.44
C LEU F 1152 32.67 11.65 -20.40
N HIS F 1153 32.93 11.44 -21.68
CA HIS F 1153 32.75 12.46 -22.69
C HIS F 1153 32.03 11.88 -23.90
N GLU F 1154 31.34 12.75 -24.63
CA GLU F 1154 30.70 12.33 -25.87
C GLU F 1154 31.75 11.90 -26.88
N LEU F 1155 31.41 10.90 -27.69
CA LEU F 1155 32.34 10.39 -28.69
C LEU F 1155 32.65 11.44 -29.76
N ARG F 1156 31.63 12.17 -30.21
CA ARG F 1156 31.82 13.15 -31.27
C ARG F 1156 32.73 14.28 -30.81
N GLU F 1157 32.56 14.73 -29.56
CA GLU F 1157 33.41 15.80 -29.04
C GLU F 1157 34.87 15.37 -28.98
N VAL F 1158 35.13 14.15 -28.51
CA VAL F 1158 36.50 13.65 -28.43
C VAL F 1158 37.09 13.51 -29.82
N TYR F 1159 36.29 13.03 -30.78
CA TYR F 1159 36.76 12.89 -32.14
C TYR F 1159 37.13 14.24 -32.74
N ASN F 1160 36.28 15.24 -32.55
CA ASN F 1160 36.56 16.57 -33.07
C ASN F 1160 37.79 17.19 -32.42
N SER F 1161 37.92 17.03 -31.10
CA SER F 1161 39.09 17.57 -30.40
C SER F 1161 40.37 16.91 -30.89
N ASN F 1162 40.35 15.59 -31.06
CA ASN F 1162 41.53 14.89 -31.57
C ASN F 1162 41.86 15.31 -32.99
N ASN F 1163 40.83 15.47 -33.83
CA ASN F 1163 41.07 15.90 -35.21
C ASN F 1163 41.71 17.28 -35.26
N THR F 1164 41.21 18.21 -34.44
CA THR F 1164 41.80 19.54 -34.41
C THR F 1164 43.22 19.51 -33.84
N MET F 1165 43.44 18.72 -32.79
CA MET F 1165 44.72 18.74 -32.08
C MET F 1165 45.82 18.06 -32.88
N ALA F 1166 45.49 16.97 -33.58
CA ALA F 1166 46.51 16.23 -34.33
C ALA F 1166 46.96 16.96 -35.59
N LEU F 1167 46.30 18.06 -35.96
CA LEU F 1167 46.71 18.81 -37.14
C LEU F 1167 48.13 19.34 -37.00
N THR F 1168 48.48 19.84 -35.80
CA THR F 1168 49.85 20.28 -35.56
C THR F 1168 50.79 19.09 -35.40
N GLY F 1169 50.34 18.03 -34.72
CA GLY F 1169 51.16 16.84 -34.57
C GLY F 1169 51.52 16.49 -33.14
N MET F 1170 50.66 16.81 -32.19
CA MET F 1170 50.88 16.44 -30.80
C MET F 1170 50.19 15.11 -30.49
N ALA F 1171 50.31 14.64 -29.25
CA ALA F 1171 49.83 13.31 -28.88
C ALA F 1171 48.35 13.37 -28.52
N PRO F 1172 47.50 12.56 -29.16
CA PRO F 1172 46.07 12.53 -28.80
C PRO F 1172 45.79 11.71 -27.55
N ALA F 1173 44.52 11.57 -27.19
CA ALA F 1173 44.08 10.87 -26.00
C ALA F 1173 43.55 9.49 -26.36
N GLN F 1174 43.50 8.60 -25.36
CA GLN F 1174 42.92 7.29 -25.56
C GLN F 1174 41.55 7.22 -24.90
N PHE F 1175 40.78 6.19 -25.23
CA PHE F 1175 39.45 6.08 -24.67
C PHE F 1175 38.94 4.65 -24.77
N THR F 1176 37.84 4.39 -24.06
CA THR F 1176 37.18 3.09 -24.06
C THR F 1176 35.67 3.30 -24.02
N PRO F 1177 34.92 2.66 -24.92
CA PRO F 1177 33.45 2.82 -24.89
C PRO F 1177 32.84 2.20 -23.64
N VAL F 1178 31.71 2.77 -23.21
CA VAL F 1178 31.02 2.33 -22.01
C VAL F 1178 29.52 2.26 -22.27
N LEU F 1179 28.84 1.47 -21.43
CA LEU F 1179 27.39 1.33 -21.45
C LEU F 1179 26.86 1.71 -20.07
N LEU F 1180 26.00 2.73 -20.02
CA LEU F 1180 25.74 3.44 -18.77
C LEU F 1180 24.54 2.91 -18.00
N GLY F 1181 23.34 2.97 -18.58
CA GLY F 1181 22.14 2.68 -17.83
C GLY F 1181 21.20 3.87 -17.77
N ILE F 1182 19.92 3.61 -17.47
CA ILE F 1182 18.91 4.65 -17.60
C ILE F 1182 19.04 5.72 -16.52
N THR F 1183 19.43 5.35 -15.31
CA THR F 1183 19.53 6.32 -14.23
C THR F 1183 20.94 6.88 -14.04
N LYS F 1184 21.96 6.14 -14.46
CA LYS F 1184 23.32 6.67 -14.39
C LYS F 1184 23.57 7.70 -15.49
N ALA F 1185 22.96 7.53 -16.65
CA ALA F 1185 23.15 8.48 -17.74
C ALA F 1185 22.41 9.78 -17.49
N SER F 1186 21.30 9.75 -16.76
CA SER F 1186 20.50 10.94 -16.51
C SER F 1186 21.03 11.79 -15.37
N LEU F 1187 21.95 11.27 -14.56
CA LEU F 1187 22.60 12.05 -13.52
C LEU F 1187 23.91 12.68 -13.98
N ASN F 1188 24.29 12.49 -15.23
CA ASN F 1188 25.51 13.06 -15.79
C ASN F 1188 25.21 14.13 -16.83
N THR F 1189 24.10 14.85 -16.65
CA THR F 1189 23.69 15.88 -17.60
C THR F 1189 24.50 17.16 -17.39
N ASN F 1190 24.36 18.08 -18.34
CA ASN F 1190 25.12 19.33 -18.32
C ASN F 1190 24.50 20.39 -17.41
N SER F 1191 23.26 20.21 -16.96
CA SER F 1191 22.58 21.17 -16.12
C SER F 1191 22.38 20.59 -14.73
N PHE F 1192 22.82 21.33 -13.71
CA PHE F 1192 22.63 20.87 -12.34
C PHE F 1192 21.21 21.09 -11.84
N ILE F 1193 20.45 22.01 -12.47
CA ILE F 1193 19.08 22.26 -12.03
C ILE F 1193 18.19 21.05 -12.34
N SER F 1194 18.34 20.47 -13.53
CA SER F 1194 17.52 19.31 -13.89
C SER F 1194 17.95 18.06 -13.14
N ALA F 1195 19.25 17.94 -12.81
CA ALA F 1195 19.71 16.79 -12.06
C ALA F 1195 19.34 16.89 -10.58
N ALA F 1196 19.26 18.11 -10.05
CA ALA F 1196 18.89 18.28 -8.65
C ALA F 1196 17.43 17.97 -8.40
N SER F 1197 16.57 18.20 -9.40
CA SER F 1197 15.14 17.95 -9.25
C SER F 1197 14.75 16.52 -9.58
N PHE F 1198 15.72 15.65 -9.89
CA PHE F 1198 15.44 14.25 -10.16
C PHE F 1198 15.70 13.39 -8.93
N GLN F 1199 16.93 13.40 -8.41
CA GLN F 1199 17.30 12.57 -7.28
C GLN F 1199 18.55 13.15 -6.63
N GLU F 1200 18.75 12.81 -5.36
CA GLU F 1200 19.98 13.10 -4.63
C GLU F 1200 20.34 14.59 -4.70
N THR F 1201 19.45 15.41 -4.11
CA THR F 1201 19.59 16.85 -4.23
C THR F 1201 20.86 17.36 -3.58
N THR F 1202 21.15 16.90 -2.36
CA THR F 1202 22.23 17.50 -1.58
C THR F 1202 23.60 17.20 -2.20
N ARG F 1203 23.82 15.95 -2.62
CA ARG F 1203 25.10 15.60 -3.23
C ARG F 1203 25.34 16.38 -4.52
N VAL F 1204 24.31 16.47 -5.37
CA VAL F 1204 24.43 17.20 -6.63
C VAL F 1204 24.71 18.66 -6.37
N LEU F 1205 24.00 19.27 -5.43
CA LEU F 1205 24.21 20.68 -5.14
C LEU F 1205 25.58 20.94 -4.54
N THR F 1206 26.06 20.04 -3.68
CA THR F 1206 27.40 20.19 -3.11
C THR F 1206 28.46 20.13 -4.19
N GLU F 1207 28.36 19.14 -5.09
CA GLU F 1207 29.33 19.03 -6.16
C GLU F 1207 29.28 20.24 -7.09
N ALA F 1208 28.08 20.73 -7.41
CA ALA F 1208 27.95 21.90 -8.28
C ALA F 1208 28.54 23.14 -7.62
N ALA F 1209 28.31 23.31 -6.31
CA ALA F 1209 28.88 24.46 -5.62
C ALA F 1209 30.40 24.37 -5.56
N ILE F 1210 30.94 23.17 -5.37
CA ILE F 1210 32.40 23.01 -5.35
C ILE F 1210 33.00 23.33 -6.72
N GLU F 1211 32.36 22.87 -7.79
CA GLU F 1211 32.90 23.07 -9.12
C GLU F 1211 32.57 24.44 -9.72
N GLY F 1212 31.66 25.20 -9.10
CA GLY F 1212 31.30 26.51 -9.63
C GLY F 1212 30.61 26.44 -10.98
N LYS F 1213 29.63 25.54 -11.10
CA LYS F 1213 28.96 25.30 -12.37
C LYS F 1213 27.95 26.41 -12.68
N SER F 1214 27.57 26.49 -13.95
CA SER F 1214 26.55 27.42 -14.41
C SER F 1214 25.59 26.70 -15.34
N ASP F 1215 24.34 27.18 -15.39
CA ASP F 1215 23.28 26.55 -16.15
C ASP F 1215 22.71 27.53 -17.16
N TRP F 1216 22.69 27.14 -18.43
CA TRP F 1216 22.29 28.03 -19.52
C TRP F 1216 20.85 27.82 -19.97
N LEU F 1217 20.08 27.01 -19.25
CA LEU F 1217 18.63 26.89 -19.44
C LEU F 1217 18.28 26.41 -20.85
N ARG F 1218 18.72 25.19 -21.17
CA ARG F 1218 18.38 24.53 -22.43
C ARG F 1218 17.51 23.31 -22.15
N GLY F 1219 16.47 23.15 -22.96
CA GLY F 1219 15.58 22.00 -22.83
C GLY F 1219 14.47 22.23 -21.82
N LEU F 1220 13.50 21.31 -21.84
CA LEU F 1220 12.38 21.39 -20.93
C LEU F 1220 12.86 21.11 -19.50
N LYS F 1221 11.91 21.17 -18.56
CA LYS F 1221 12.11 20.98 -17.13
C LYS F 1221 12.92 22.10 -16.50
N GLU F 1222 13.40 23.06 -17.28
CA GLU F 1222 14.13 24.22 -16.76
C GLU F 1222 13.45 25.53 -17.09
N ASN F 1223 12.82 25.65 -18.27
CA ASN F 1223 11.96 26.79 -18.53
C ASN F 1223 10.63 26.68 -17.80
N VAL F 1224 10.25 25.47 -17.39
CA VAL F 1224 9.05 25.30 -16.59
C VAL F 1224 9.28 25.83 -15.18
N ILE F 1225 10.46 25.57 -14.61
CA ILE F 1225 10.74 26.01 -13.24
C ILE F 1225 10.81 27.52 -13.16
N ILE F 1226 11.44 28.17 -14.15
CA ILE F 1226 11.55 29.63 -14.13
C ILE F 1226 10.36 30.32 -14.80
N GLY F 1227 9.53 29.59 -15.54
CA GLY F 1227 8.32 30.16 -16.10
C GLY F 1227 8.49 30.86 -17.43
N ARG F 1228 9.16 30.19 -18.37
CA ARG F 1228 9.36 30.72 -19.71
C ARG F 1228 8.71 29.81 -20.74
N LEU F 1229 8.73 30.25 -21.99
CA LEU F 1229 8.21 29.45 -23.09
C LEU F 1229 9.14 28.28 -23.36
N ILE F 1230 8.59 27.07 -23.42
CA ILE F 1230 9.39 25.87 -23.69
C ILE F 1230 9.88 25.94 -25.13
N PRO F 1231 11.06 25.41 -25.43
CA PRO F 1231 11.61 25.58 -26.78
C PRO F 1231 11.06 24.61 -27.81
N ALA F 1232 9.94 23.96 -27.49
CA ALA F 1232 9.32 22.99 -28.38
C ALA F 1232 7.90 23.41 -28.72
N GLY F 1233 7.45 23.01 -29.90
CA GLY F 1233 6.08 23.31 -30.30
C GLY F 1233 5.95 24.72 -30.84
N THR F 1234 4.93 25.44 -30.36
CA THR F 1234 4.69 26.80 -30.81
C THR F 1234 5.70 27.78 -30.23
N GLY F 1235 6.44 27.39 -29.20
CA GLY F 1235 7.46 28.24 -28.62
C GLY F 1235 8.85 27.91 -29.14
N PHE F 1236 8.90 27.29 -30.33
CA PHE F 1236 10.17 26.85 -30.90
C PHE F 1236 11.12 28.02 -31.12
N LYS F 1237 10.61 29.12 -31.65
CA LYS F 1237 11.44 30.31 -31.87
C LYS F 1237 10.80 31.55 -31.26
N GLU G 19 45.94 16.82 51.23
CA GLU G 19 44.68 16.12 51.05
C GLU G 19 44.41 15.84 49.57
N LYS G 20 43.89 14.65 49.29
CA LYS G 20 43.61 14.23 47.92
C LYS G 20 42.24 14.68 47.42
N ALA G 21 41.48 15.38 48.25
CA ALA G 21 40.17 15.88 47.86
C ALA G 21 40.34 16.98 46.83
N ARG G 22 39.89 16.73 45.60
CA ARG G 22 39.99 17.68 44.50
C ARG G 22 38.60 18.20 44.14
N TRP G 23 38.59 19.28 43.36
CA TRP G 23 37.36 19.94 42.94
C TRP G 23 36.97 19.49 41.54
N TYR G 24 35.71 19.11 41.38
CA TYR G 24 35.16 18.69 40.10
C TYR G 24 33.87 19.44 39.83
N ALA G 25 33.51 19.51 38.56
CA ALA G 25 32.26 20.14 38.12
C ALA G 25 31.32 19.07 37.60
N VAL G 26 30.05 19.16 37.99
CA VAL G 26 29.04 18.18 37.65
C VAL G 26 27.92 18.88 36.89
N GLN G 27 27.53 18.29 35.75
CA GLN G 27 26.45 18.83 34.94
C GLN G 27 25.11 18.34 35.48
N VAL G 28 24.18 19.29 35.70
CA VAL G 28 22.88 18.96 36.27
C VAL G 28 21.78 19.48 35.36
N ALA G 29 20.53 19.28 35.76
CA ALA G 29 19.41 19.75 34.97
C ALA G 29 19.28 21.27 35.08
N SER G 30 18.42 21.84 34.24
CA SER G 30 18.20 23.27 34.23
C SER G 30 17.30 23.64 35.41
N GLY G 31 17.75 24.60 36.22
CA GLY G 31 16.99 25.01 37.38
C GLY G 31 16.79 23.92 38.41
N CYS G 32 17.75 22.99 38.52
CA CYS G 32 17.65 21.87 39.43
C CYS G 32 18.95 21.71 40.21
N GLU G 33 19.58 22.82 40.56
CA GLU G 33 20.85 22.79 41.26
C GLU G 33 20.69 22.73 42.77
N LYS G 34 19.77 23.50 43.33
CA LYS G 34 19.50 23.44 44.76
C LYS G 34 18.98 22.07 45.17
N ARG G 35 18.08 21.50 44.35
CA ARG G 35 17.58 20.17 44.63
C ARG G 35 18.70 19.14 44.59
N VAL G 36 19.58 19.24 43.61
CA VAL G 36 20.71 18.31 43.51
C VAL G 36 21.62 18.45 44.73
N LYS G 37 21.91 19.68 45.14
CA LYS G 37 22.76 19.90 46.30
C LYS G 37 22.16 19.27 47.55
N ALA G 38 20.88 19.56 47.81
CA ALA G 38 20.23 19.03 49.01
C ALA G 38 20.18 17.51 48.97
N THR G 39 19.79 16.94 47.83
CA THR G 39 19.68 15.48 47.74
C THR G 39 21.04 14.82 47.92
N LEU G 40 22.08 15.37 47.29
CA LEU G 40 23.40 14.76 47.38
C LEU G 40 23.95 14.85 48.81
N GLU G 41 23.79 15.99 49.47
CA GLU G 41 24.28 16.09 50.84
C GLU G 41 23.50 15.16 51.76
N GLN G 42 22.19 15.05 51.58
CA GLN G 42 21.40 14.13 52.40
C GLN G 42 21.83 12.68 52.18
N ARG G 43 22.04 12.29 50.92
CA ARG G 43 22.47 10.93 50.63
C ARG G 43 23.85 10.63 51.22
N VAL G 44 24.79 11.58 51.08
CA VAL G 44 26.14 11.34 51.59
C VAL G 44 26.15 11.32 53.11
N GLN G 45 25.24 12.06 53.75
CA GLN G 45 25.15 11.99 55.20
C GLN G 45 24.54 10.68 55.66
N THR G 46 23.46 10.24 55.00
CA THR G 46 22.77 9.02 55.42
C THR G 46 23.55 7.76 55.05
N LEU G 47 24.53 7.85 54.16
CA LEU G 47 25.35 6.71 53.78
C LEU G 47 26.66 6.64 54.54
N ASP G 48 26.90 7.58 55.44
CA ASP G 48 28.13 7.62 56.25
C ASP G 48 29.39 7.68 55.39
N ALA G 49 29.29 8.32 54.23
CA ALA G 49 30.41 8.50 53.32
C ALA G 49 30.90 9.94 53.29
N ALA G 50 30.82 10.65 54.43
CA ALA G 50 31.23 12.05 54.47
C ALA G 50 32.74 12.21 54.33
N ASN G 51 33.51 11.14 54.52
CA ASN G 51 34.96 11.23 54.36
C ASN G 51 35.37 11.27 52.90
N ARG G 52 34.59 10.68 52.01
CA ARG G 52 34.92 10.71 50.58
C ARG G 52 34.45 12.01 49.94
N ILE G 53 33.16 12.32 50.07
CA ILE G 53 32.60 13.56 49.55
C ILE G 53 32.53 14.56 50.69
N LEU G 54 33.27 15.67 50.58
CA LEU G 54 33.37 16.63 51.66
C LEU G 54 32.32 17.74 51.55
N GLN G 55 32.32 18.50 50.46
CA GLN G 55 31.42 19.64 50.37
C GLN G 55 31.04 19.89 48.92
N VAL G 56 29.75 20.14 48.71
CA VAL G 56 29.21 20.52 47.41
C VAL G 56 28.77 21.98 47.50
N GLU G 57 28.77 22.66 46.35
CA GLU G 57 28.50 24.09 46.34
C GLU G 57 27.97 24.52 44.98
N ILE G 58 27.25 25.64 45.00
CA ILE G 58 26.75 26.32 43.81
C ILE G 58 27.16 27.79 43.90
N PRO G 59 28.31 28.18 43.33
CA PRO G 59 28.78 29.56 43.48
C PRO G 59 27.77 30.56 42.92
N GLU G 60 27.62 31.67 43.63
CA GLU G 60 26.70 32.73 43.27
C GLU G 60 27.40 34.08 43.37
N THR G 61 26.78 35.11 42.80
CA THR G 61 27.33 36.44 42.88
C THR G 61 26.19 37.45 42.85
N PRO G 62 26.11 38.37 43.80
CA PRO G 62 25.10 39.43 43.74
C PRO G 62 25.50 40.51 42.75
N ILE G 63 24.59 40.81 41.82
CA ILE G 63 24.80 41.81 40.79
C ILE G 63 23.56 42.70 40.74
N VAL G 64 23.76 43.95 40.35
CA VAL G 64 22.65 44.91 40.24
C VAL G 64 21.58 44.35 39.31
N LYS G 65 20.33 44.42 39.75
CA LYS G 65 19.19 43.80 39.10
C LYS G 65 18.06 44.81 38.91
N LEU G 66 18.40 45.95 38.30
CA LEU G 66 17.49 47.09 38.15
C LEU G 66 16.07 46.68 37.84
N LYS G 67 15.15 47.11 38.70
CA LYS G 67 13.74 46.78 38.60
C LYS G 67 13.04 47.78 37.68
N LYS G 68 11.70 47.84 37.74
CA LYS G 68 10.93 48.73 36.88
C LYS G 68 11.45 50.16 36.93
N ASP G 69 11.79 50.65 38.12
CA ASP G 69 12.33 51.99 38.27
C ASP G 69 13.85 51.95 38.19
N GLY G 70 14.50 53.07 38.53
CA GLY G 70 15.94 53.14 38.46
C GLY G 70 16.69 52.44 39.58
N SER G 71 15.98 51.98 40.61
CA SER G 71 16.63 51.29 41.71
C SER G 71 17.06 49.88 41.28
N ARG G 72 18.22 49.47 41.75
CA ARG G 72 18.76 48.15 41.44
C ARG G 72 18.40 47.17 42.54
N GLN G 73 17.81 46.03 42.15
CA GLN G 73 17.47 45.00 43.12
C GLN G 73 18.73 44.34 43.69
N SER G 74 19.81 44.29 42.90
CA SER G 74 21.08 43.71 43.33
C SER G 74 20.90 42.28 43.83
N ALA G 75 20.34 41.45 42.97
CA ALA G 75 20.03 40.07 43.32
C ALA G 75 21.17 39.15 42.94
N GLU G 76 21.17 37.96 43.53
CA GLU G 76 22.22 36.98 43.29
C GLU G 76 21.91 36.13 42.07
N GLU G 77 22.89 35.95 41.20
CA GLU G 77 22.77 35.06 40.06
C GLU G 77 23.95 34.11 40.03
N LYS G 78 23.74 32.96 39.39
CA LYS G 78 24.77 31.94 39.31
C LYS G 78 25.85 32.35 38.32
N VAL G 79 27.09 31.99 38.62
CA VAL G 79 28.19 32.26 37.71
C VAL G 79 28.34 31.16 36.67
N PHE G 80 27.90 29.93 36.98
CA PHE G 80 27.92 28.81 36.05
C PHE G 80 26.53 28.19 36.06
N PRO G 81 25.60 28.72 35.24
CA PRO G 81 24.21 28.25 35.29
C PRO G 81 24.02 26.87 34.66
N GLY G 82 24.23 25.82 35.45
CA GLY G 82 24.06 24.47 34.95
C GLY G 82 25.04 23.46 35.54
N TYR G 83 26.02 23.94 36.31
CA TYR G 83 27.03 23.08 36.90
C TYR G 83 27.09 23.31 38.40
N VAL G 84 27.49 22.26 39.12
CA VAL G 84 27.67 22.32 40.57
C VAL G 84 29.06 21.81 40.91
N LEU G 85 29.71 22.43 41.89
CA LEU G 85 31.07 22.08 42.25
C LEU G 85 31.07 21.10 43.42
N VAL G 86 31.96 20.11 43.35
CA VAL G 86 32.03 19.05 44.36
C VAL G 86 33.49 18.86 44.76
N ARG G 87 33.78 18.85 46.05
CA ARG G 87 35.09 18.51 46.57
C ARG G 87 35.05 17.06 47.06
N MET G 88 35.88 16.21 46.46
CA MET G 88 35.81 14.79 46.78
C MET G 88 37.11 14.11 46.39
N ILE G 89 37.32 12.92 46.95
CA ILE G 89 38.41 12.04 46.54
C ILE G 89 37.87 11.08 45.50
N LEU G 90 38.43 11.13 44.30
CA LEU G 90 37.90 10.37 43.17
C LEU G 90 38.21 8.89 43.35
N ASP G 91 37.21 8.14 43.80
CA ASP G 91 37.31 6.69 43.92
C ASP G 91 36.11 6.07 43.20
N ASP G 92 36.23 4.77 42.91
CA ASP G 92 35.23 4.09 42.10
C ASP G 92 33.85 4.12 42.75
N ASP G 93 33.79 3.77 44.04
CA ASP G 93 32.49 3.71 44.72
C ASP G 93 31.85 5.08 44.81
N ALA G 94 32.63 6.10 45.19
CA ALA G 94 32.10 7.45 45.26
C ALA G 94 31.61 7.92 43.90
N TRP G 95 32.34 7.57 42.84
CA TRP G 95 31.86 7.83 41.49
C TRP G 95 30.52 7.18 41.24
N GLN G 96 30.34 5.95 41.71
CA GLN G 96 29.06 5.26 41.51
C GLN G 96 27.93 5.96 42.25
N ILE G 97 28.16 6.39 43.50
CA ILE G 97 27.11 7.12 44.22
C ILE G 97 26.80 8.43 43.52
N VAL G 98 27.83 9.17 43.10
CA VAL G 98 27.59 10.48 42.49
C VAL G 98 26.83 10.33 41.18
N ARG G 99 27.20 9.36 40.34
CA ARG G 99 26.54 9.21 39.05
C ARG G 99 25.12 8.69 39.16
N ASN G 100 24.76 8.10 40.30
CA ASN G 100 23.41 7.58 40.50
C ASN G 100 22.45 8.62 41.07
N THR G 101 22.94 9.81 41.39
CA THR G 101 22.07 10.84 41.92
C THR G 101 21.10 11.34 40.85
N PRO G 102 19.84 11.54 41.17
CA PRO G 102 18.89 12.08 40.19
C PRO G 102 19.25 13.50 39.78
N HIS G 103 18.82 13.86 38.57
CA HIS G 103 19.02 15.20 38.00
C HIS G 103 20.49 15.51 37.78
N VAL G 104 21.30 14.48 37.56
CA VAL G 104 22.72 14.63 37.25
C VAL G 104 22.97 13.94 35.92
N ILE G 105 23.53 14.68 34.97
CA ILE G 105 23.75 14.13 33.62
C ILE G 105 25.03 13.32 33.58
N ASN G 106 26.16 13.96 33.83
CA ASN G 106 27.47 13.33 33.79
C ASN G 106 28.48 14.27 34.41
N PHE G 107 29.72 13.77 34.55
CA PHE G 107 30.83 14.60 34.98
C PHE G 107 31.25 15.54 33.85
N VAL G 108 32.28 16.34 34.12
CA VAL G 108 32.87 17.23 33.13
C VAL G 108 34.34 16.85 32.99
N GLY G 109 34.76 16.56 31.75
CA GLY G 109 36.14 16.17 31.52
C GLY G 109 36.45 15.89 30.07
N ALA G 110 37.22 14.82 29.81
CA ALA G 110 37.65 14.47 28.48
C ALA G 110 36.76 13.37 27.92
N GLU G 111 36.05 13.68 26.84
CA GLU G 111 35.16 12.73 26.21
C GLU G 111 35.97 11.65 25.47
N GLN G 112 35.37 10.47 25.33
CA GLN G 112 36.00 9.35 24.66
C GLN G 112 35.09 8.81 23.56
N LYS G 113 35.71 8.26 22.53
CA LYS G 113 34.97 7.74 21.39
C LYS G 113 34.18 6.50 21.77
N ARG G 114 32.91 6.47 21.36
CA ARG G 114 32.08 5.30 21.62
C ARG G 114 32.56 4.13 20.76
N PRO G 115 32.82 2.96 21.35
CA PRO G 115 33.35 1.84 20.56
C PRO G 115 32.44 1.41 19.42
N TYR G 116 31.21 1.04 19.73
CA TYR G 116 30.26 0.57 18.73
C TYR G 116 28.92 1.25 18.93
N GLY G 117 28.24 1.56 17.83
CA GLY G 117 26.94 2.20 17.89
C GLY G 117 27.04 3.70 18.04
N ARG G 118 25.87 4.33 18.14
CA ARG G 118 25.77 5.76 18.29
C ARG G 118 25.68 6.14 19.77
N GLY G 119 25.48 7.42 20.04
CA GLY G 119 25.36 7.92 21.40
C GLY G 119 26.68 8.44 21.93
N ARG G 120 26.61 8.94 23.17
CA ARG G 120 27.78 9.50 23.81
C ARG G 120 28.68 8.40 24.37
N GLY G 121 29.92 8.78 24.66
CA GLY G 121 30.92 7.88 25.20
C GLY G 121 31.07 8.01 26.69
N HIS G 122 32.28 7.71 27.18
CA HIS G 122 32.59 7.76 28.60
C HIS G 122 33.43 9.00 28.88
N VAL G 123 33.01 9.79 29.86
CA VAL G 123 33.66 11.05 30.20
C VAL G 123 34.60 10.81 31.37
N LYS G 124 35.89 11.06 31.16
CA LYS G 124 36.87 10.95 32.23
C LYS G 124 36.93 12.26 33.02
N PRO G 125 36.69 12.24 34.33
CA PRO G 125 36.66 13.49 35.09
C PRO G 125 38.03 14.15 35.15
N MET G 126 38.02 15.48 35.31
CA MET G 126 39.25 16.25 35.42
C MET G 126 39.08 17.36 36.45
N PRO G 127 39.98 17.46 37.41
CA PRO G 127 39.87 18.49 38.45
C PRO G 127 40.23 19.87 37.93
N LEU G 128 39.74 20.88 38.65
CA LEU G 128 40.08 22.26 38.37
C LEU G 128 41.48 22.58 38.87
N SER G 129 42.22 23.37 38.11
CA SER G 129 43.59 23.72 38.48
C SER G 129 43.59 24.59 39.73
N PRO G 130 44.69 24.58 40.50
CA PRO G 130 44.74 25.41 41.72
C PRO G 130 44.54 26.89 41.46
N GLY G 131 45.08 27.41 40.36
CA GLY G 131 44.89 28.82 40.05
C GLY G 131 43.44 29.16 39.80
N GLU G 132 42.76 28.34 39.00
CA GLU G 132 41.35 28.57 38.75
C GLU G 132 40.54 28.49 40.03
N VAL G 133 40.69 27.40 40.78
CA VAL G 133 39.90 27.21 42.00
C VAL G 133 40.19 28.31 43.01
N GLY G 134 41.39 28.89 42.96
CA GLY G 134 41.63 30.10 43.74
C GLY G 134 40.86 31.29 43.21
N ARG G 135 40.77 31.41 41.88
CA ARG G 135 40.09 32.56 41.29
C ARG G 135 38.59 32.55 41.57
N ILE G 136 37.94 31.39 41.37
CA ILE G 136 36.50 31.32 41.67
C ILE G 136 36.24 31.56 43.14
N PHE G 137 37.03 30.96 44.01
CA PHE G 137 36.86 31.15 45.45
C PHE G 137 37.60 32.38 45.95
N LYS G 138 37.36 33.51 45.29
CA LYS G 138 37.98 34.79 45.62
C LYS G 138 39.48 34.70 45.79
MG MG K . -15.71 1.04 -13.74
ZN ZN L . 8.51 55.59 14.71
ZN ZN M . 20.16 12.18 -39.34
N1 CTP N . -7.21 3.19 -10.27
C2 CTP N . -5.91 3.63 -10.08
N3 CTP N . -5.21 3.19 -9.01
C4 CTP N . -5.77 2.33 -8.15
C5 CTP N . -7.09 1.87 -8.33
C6 CTP N . -7.78 2.31 -9.39
O2 CTP N . -5.42 4.43 -10.90
N4 CTP N . -5.04 1.93 -7.12
C1' CTP N . -7.97 3.68 -11.45
C2' CTP N . -7.43 3.13 -12.78
O2' CTP N . -7.76 4.01 -13.82
C3' CTP N . -8.17 1.80 -12.85
C4' CTP N . -9.56 2.20 -12.34
O4' CTP N . -9.30 3.24 -11.35
O3' CTP N . -8.25 1.30 -14.19
C5' CTP N . -10.37 1.09 -11.71
O5' CTP N . -11.63 0.98 -12.41
PA CTP N . -12.83 0.16 -11.73
O1A CTP N . -14.13 0.72 -12.19
O2A CTP N . -12.58 0.06 -10.26
O3A CTP N . -12.62 -1.27 -12.39
PB CTP N . -12.51 -1.73 -13.92
O1B CTP N . -12.89 -0.58 -14.79
O2B CTP N . -11.19 -2.40 -14.12
O3B CTP N . -13.66 -2.83 -13.99
PG CTP N . -15.26 -2.74 -13.87
O1G CTP N . -15.81 -3.61 -14.97
O2G CTP N . -15.60 -3.25 -12.49
O3G CTP N . -15.61 -1.28 -14.04
#